data_5L13
#
_entry.id   5L13
#
_cell.length_a   99.412
_cell.length_b   127.049
_cell.length_c   294.847
_cell.angle_alpha   90.000
_cell.angle_beta   90.000
_cell.angle_gamma   90.000
#
_symmetry.space_group_name_H-M   'P 21 21 21'
#
loop_
_entity.id
_entity.type
_entity.pdbx_description
1 polymer 'Aldehyde dehydrogenase, mitochondrial'
2 non-polymer 'SODIUM ION'
3 non-polymer 1,2-ETHANEDIOL
4 non-polymer GUANIDINE
5 non-polymer 2,3,5-trimethyl-6-propyl-7H-furo[3,2-g][1]benzopyran-7-one
6 water water
#
_entity_poly.entity_id   1
_entity_poly.type   'polypeptide(L)'
_entity_poly.pdbx_seq_one_letter_code
;MLRAAARFGPRLGRRLLSAAATQAVPAPNQQPEVFCNQIFINNEWHDAVSRKTFPTVNPSTGEVICQVAEGDKEDVDKAV
KAARAAFQLGSPWRRMDASHRGRLLNRLADLIERDRTYLAALETLDNGKPYVISYLVDLDMVLKCLRYYAGWADKYHGKT
IPIDGDFFSYTRHEPVGVCGQIIPWNFPLLMQAWKLGPALATGNVVVMKVAEQTPLTALYVANLIKEAGFPPGVVNIVPG
FGPTAGAAIASHEDVDKVAFTGSTEIGRVIQVAAGSSNLKRVTLELGGKSPNIIMSDADMDWAVEQAHFALFFNQGQCCC
AGSRTFVQEDIYDEFVERSVARAKSRVVGNPFDSKTEQGPQVDETQFKKILGYINTGKQEGAKLLCGGGIAADRGYFIQP
TVFGDVQDGMTIAKEEIFGPVMQILKFKTIEEVVGRANNSTYGLAAAVFTKDLDKANYLSQALQAGTVWVNCYDVFGAQS
PFGGYKMSGSGRELGEYGLQAYTEVKTVTVKVPQKNS
;
_entity_poly.pdbx_strand_id   A,B,C,D,E,F,G,H
#
loop_
_chem_comp.id
_chem_comp.type
_chem_comp.name
_chem_comp.formula
6ZE non-polymer 2,3,5-trimethyl-6-propyl-7H-furo[3,2-g][1]benzopyran-7-one 'C17 H18 O3'
EDO non-polymer 1,2-ETHANEDIOL 'C2 H6 O2'
GAI non-polymer GUANIDINE 'C H5 N3'
NA non-polymer 'SODIUM ION' 'Na 1'
#
# COMPACT_ATOMS: atom_id res chain seq x y z
N ALA A 24 59.86 2.82 -48.47
CA ALA A 24 60.10 1.34 -48.37
C ALA A 24 58.85 0.62 -48.84
N VAL A 25 58.47 0.87 -50.09
CA VAL A 25 57.28 0.29 -50.67
C VAL A 25 57.62 -0.99 -51.47
N PRO A 26 56.89 -2.08 -51.23
CA PRO A 26 57.22 -3.27 -51.99
C PRO A 26 56.97 -3.05 -53.48
N ALA A 27 57.69 -3.82 -54.28
CA ALA A 27 57.62 -3.71 -55.73
C ALA A 27 56.25 -4.20 -56.19
N PRO A 28 55.61 -3.43 -57.07
CA PRO A 28 54.29 -3.89 -57.47
C PRO A 28 54.33 -4.95 -58.55
N ASN A 29 53.34 -5.84 -58.54
CA ASN A 29 52.94 -6.49 -59.78
C ASN A 29 52.16 -5.47 -60.62
N GLN A 30 52.73 -5.09 -61.77
CA GLN A 30 52.13 -4.10 -62.66
C GLN A 30 51.03 -4.67 -63.55
N GLN A 31 50.90 -6.00 -63.58
CA GLN A 31 49.79 -6.65 -64.26
C GLN A 31 49.06 -7.59 -63.31
N PRO A 32 48.42 -7.03 -62.27
CA PRO A 32 47.75 -7.85 -61.26
C PRO A 32 46.53 -8.56 -61.83
N GLU A 33 46.38 -9.81 -61.42
CA GLU A 33 45.30 -10.67 -61.88
C GLU A 33 43.99 -10.30 -61.16
N VAL A 34 42.88 -10.43 -61.88
CA VAL A 34 41.56 -10.15 -61.33
C VAL A 34 40.82 -11.43 -61.05
N PHE A 35 40.40 -11.62 -59.80
CA PHE A 35 39.69 -12.83 -59.36
C PHE A 35 38.19 -12.62 -59.17
N CYS A 36 37.77 -11.37 -59.01
CA CYS A 36 36.40 -11.07 -58.59
C CYS A 36 35.81 -10.03 -59.52
N ASN A 37 34.72 -10.39 -60.20
CA ASN A 37 34.11 -9.48 -61.13
C ASN A 37 32.61 -9.70 -61.27
N GLN A 38 31.98 -10.27 -60.26
CA GLN A 38 30.57 -10.61 -60.29
C GLN A 38 29.86 -9.85 -59.19
N ILE A 39 28.59 -10.21 -58.97
CA ILE A 39 27.77 -9.63 -57.94
C ILE A 39 27.93 -10.48 -56.70
N PHE A 40 28.01 -9.82 -55.54
CA PHE A 40 28.20 -10.50 -54.28
C PHE A 40 26.95 -10.42 -53.44
N ILE A 41 26.31 -11.56 -53.22
CA ILE A 41 25.09 -11.63 -52.42
C ILE A 41 25.16 -12.91 -51.61
N ASN A 42 24.87 -12.82 -50.31
CA ASN A 42 24.92 -14.00 -49.43
C ASN A 42 26.24 -14.76 -49.50
N ASN A 43 27.34 -14.02 -49.52
CA ASN A 43 28.68 -14.59 -49.52
C ASN A 43 28.92 -15.52 -50.73
N GLU A 44 28.22 -15.25 -51.82
CA GLU A 44 28.30 -16.06 -53.05
C GLU A 44 28.41 -15.13 -54.26
N TRP A 45 29.07 -15.59 -55.31
CA TRP A 45 29.20 -14.78 -56.51
C TRP A 45 28.12 -15.12 -57.52
N HIS A 46 27.52 -14.09 -58.10
CA HIS A 46 26.51 -14.30 -59.14
C HIS A 46 26.63 -13.31 -60.31
N ASP A 47 26.24 -13.79 -61.48
CA ASP A 47 26.02 -12.95 -62.64
C ASP A 47 24.75 -12.16 -62.44
N ALA A 48 24.64 -11.08 -63.20
CA ALA A 48 23.37 -10.38 -63.28
C ALA A 48 22.34 -11.33 -63.91
N VAL A 49 21.09 -11.18 -63.52
CA VAL A 49 19.99 -11.95 -64.09
C VAL A 49 19.92 -11.83 -65.63
N SER A 50 20.15 -10.62 -66.14
CA SER A 50 20.28 -10.38 -67.59
C SER A 50 21.52 -11.04 -68.24
N ARG A 51 22.51 -11.38 -67.43
CA ARG A 51 23.80 -11.90 -67.89
C ARG A 51 24.62 -10.85 -68.65
N LYS A 52 24.25 -9.59 -68.54
CA LYS A 52 25.02 -8.51 -69.14
C LYS A 52 26.29 -8.24 -68.33
N THR A 53 27.34 -7.83 -69.03
CA THR A 53 28.57 -7.41 -68.41
C THR A 53 29.00 -6.08 -69.00
N PHE A 54 29.81 -5.33 -68.25
CA PHE A 54 30.42 -4.12 -68.78
C PHE A 54 31.93 -4.16 -68.62
N PRO A 55 32.65 -3.49 -69.53
CA PRO A 55 34.10 -3.44 -69.40
C PRO A 55 34.55 -2.40 -68.39
N THR A 56 35.55 -2.76 -67.58
CA THR A 56 36.28 -1.76 -66.80
C THR A 56 37.63 -1.53 -67.44
N VAL A 57 38.03 -0.28 -67.55
CA VAL A 57 39.24 0.11 -68.29
C VAL A 57 40.39 0.60 -67.42
N ASN A 58 41.62 0.36 -67.87
CA ASN A 58 42.82 0.93 -67.28
C ASN A 58 43.07 2.32 -67.87
N PRO A 59 42.89 3.39 -67.08
CA PRO A 59 43.00 4.73 -67.64
C PRO A 59 44.41 5.12 -68.06
N SER A 60 45.42 4.33 -67.71
CA SER A 60 46.77 4.66 -68.15
C SER A 60 47.02 4.17 -69.57
N THR A 61 46.22 3.22 -70.03
CA THR A 61 46.41 2.66 -71.38
C THR A 61 45.20 2.81 -72.30
N GLY A 62 44.01 2.95 -71.73
CA GLY A 62 42.78 2.93 -72.51
C GLY A 62 42.29 1.53 -72.82
N GLU A 63 43.00 0.52 -72.31
CA GLU A 63 42.63 -0.89 -72.56
C GLU A 63 41.70 -1.49 -71.53
N VAL A 64 40.88 -2.44 -71.96
CA VAL A 64 39.94 -3.13 -71.09
C VAL A 64 40.71 -4.09 -70.21
N ILE A 65 40.31 -4.16 -68.94
CA ILE A 65 40.97 -5.00 -67.94
C ILE A 65 40.24 -6.33 -67.89
N CYS A 66 38.94 -6.24 -67.64
CA CYS A 66 38.08 -7.39 -67.69
C CYS A 66 36.62 -6.96 -67.78
N GLN A 67 35.74 -7.94 -67.83
CA GLN A 67 34.30 -7.70 -67.86
C GLN A 67 33.84 -7.83 -66.44
N VAL A 68 32.78 -7.10 -66.12
CA VAL A 68 32.21 -7.13 -64.79
C VAL A 68 30.70 -7.26 -64.93
N ALA A 69 30.09 -8.03 -64.02
CA ALA A 69 28.63 -8.21 -63.99
C ALA A 69 27.91 -6.89 -63.89
N GLU A 70 26.90 -6.72 -64.73
CA GLU A 70 26.17 -5.48 -64.80
C GLU A 70 24.81 -5.55 -64.06
N GLY A 71 24.87 -5.32 -62.76
CA GLY A 71 23.68 -5.36 -61.94
C GLY A 71 22.66 -4.31 -62.33
N ASP A 72 21.39 -4.66 -62.11
CA ASP A 72 20.27 -3.78 -62.39
C ASP A 72 19.28 -3.91 -61.23
N LYS A 73 18.15 -3.22 -61.34
CA LYS A 73 17.08 -3.29 -60.32
C LYS A 73 16.80 -4.71 -59.76
N GLU A 74 16.71 -5.71 -60.62
CA GLU A 74 16.43 -7.08 -60.14
C GLU A 74 17.56 -7.70 -59.27
N ASP A 75 18.79 -7.31 -59.51
CA ASP A 75 19.92 -7.81 -58.70
C ASP A 75 19.98 -7.08 -57.34
N VAL A 76 19.73 -5.78 -57.36
CA VAL A 76 19.49 -5.02 -56.13
C VAL A 76 18.33 -5.60 -55.34
N ASP A 77 17.22 -5.94 -55.99
CA ASP A 77 16.10 -6.61 -55.29
C ASP A 77 16.58 -7.86 -54.54
N LYS A 78 17.40 -8.70 -55.19
CA LYS A 78 17.87 -9.93 -54.55
C LYS A 78 18.81 -9.62 -53.38
N ALA A 79 19.58 -8.55 -53.51
CA ALA A 79 20.55 -8.18 -52.49
C ALA A 79 19.85 -7.66 -51.26
N VAL A 80 18.80 -6.87 -51.48
CA VAL A 80 18.04 -6.30 -50.38
C VAL A 80 17.34 -7.42 -49.64
N LYS A 81 16.86 -8.44 -50.35
CA LYS A 81 16.19 -9.57 -49.70
C LYS A 81 17.16 -10.34 -48.81
N ALA A 82 18.38 -10.50 -49.31
CA ALA A 82 19.44 -11.16 -48.56
C ALA A 82 19.86 -10.36 -47.30
N ALA A 83 19.92 -9.04 -47.45
CA ALA A 83 20.20 -8.14 -46.32
C ALA A 83 19.10 -8.19 -45.28
N ARG A 84 17.87 -8.12 -45.74
CA ARG A 84 16.71 -8.13 -44.84
C ARG A 84 16.68 -9.41 -44.01
N ALA A 85 16.92 -10.54 -44.66
CA ALA A 85 16.90 -11.85 -44.01
C ALA A 85 17.97 -11.93 -42.93
N ALA A 86 19.14 -11.40 -43.22
CA ALA A 86 20.24 -11.42 -42.27
C ALA A 86 19.99 -10.49 -41.08
N PHE A 87 19.15 -9.48 -41.27
CA PHE A 87 18.82 -8.52 -40.21
C PHE A 87 17.57 -8.92 -39.40
N GLN A 88 16.99 -10.09 -39.68
CA GLN A 88 15.84 -10.57 -38.93
C GLN A 88 16.23 -10.84 -37.50
N LEU A 89 15.34 -10.48 -36.58
CA LEU A 89 15.51 -10.76 -35.15
C LEU A 89 15.74 -12.27 -34.97
N GLY A 90 16.77 -12.60 -34.18
CA GLY A 90 17.15 -13.99 -33.94
C GLY A 90 18.27 -14.51 -34.82
N SER A 91 18.69 -13.73 -35.81
CA SER A 91 19.67 -14.20 -36.78
C SER A 91 21.07 -14.11 -36.16
N PRO A 92 22.05 -14.84 -36.74
CA PRO A 92 23.43 -14.69 -36.23
C PRO A 92 23.92 -13.23 -36.16
N TRP A 93 23.68 -12.45 -37.19
CA TRP A 93 24.13 -11.05 -37.15
C TRP A 93 23.45 -10.27 -36.02
N ARG A 94 22.16 -10.50 -35.79
CA ARG A 94 21.48 -9.74 -34.73
C ARG A 94 21.89 -10.21 -33.32
N ARG A 95 22.21 -11.48 -33.18
CA ARG A 95 22.52 -12.06 -31.85
C ARG A 95 23.97 -11.90 -31.43
N MET A 96 24.82 -11.66 -32.40
CA MET A 96 26.23 -11.56 -32.16
C MET A 96 26.50 -10.41 -31.20
N ASP A 97 27.35 -10.70 -30.20
CA ASP A 97 27.82 -9.71 -29.23
C ASP A 97 28.43 -8.53 -29.99
N ALA A 98 28.22 -7.30 -29.51
CA ALA A 98 28.71 -6.15 -30.21
C ALA A 98 30.23 -6.20 -30.30
N SER A 99 30.89 -6.62 -29.21
CA SER A 99 32.35 -6.80 -29.22
C SER A 99 32.83 -7.75 -30.31
N HIS A 100 31.99 -8.72 -30.68
CA HIS A 100 32.38 -9.67 -31.72
C HIS A 100 32.28 -9.03 -33.11
N ARG A 101 31.34 -8.11 -33.30
CA ARG A 101 31.35 -7.29 -34.52
C ARG A 101 32.70 -6.57 -34.69
N GLY A 102 33.25 -6.06 -33.60
CA GLY A 102 34.56 -5.41 -33.62
C GLY A 102 35.67 -6.35 -34.01
N ARG A 103 35.63 -7.57 -33.49
CA ARG A 103 36.60 -8.61 -33.87
C ARG A 103 36.60 -8.85 -35.36
N LEU A 104 35.40 -8.92 -35.96
CA LEU A 104 35.28 -9.23 -37.38
C LEU A 104 35.85 -8.11 -38.22
N LEU A 105 35.60 -6.87 -37.83
CA LEU A 105 36.22 -5.76 -38.49
C LEU A 105 37.74 -5.76 -38.36
N ASN A 106 38.24 -6.14 -37.19
CA ASN A 106 39.68 -6.23 -37.01
C ASN A 106 40.28 -7.37 -37.81
N ARG A 107 39.55 -8.45 -37.96
CA ARG A 107 39.98 -9.55 -38.81
C ARG A 107 40.00 -9.10 -40.28
N LEU A 108 38.96 -8.38 -40.71
CA LEU A 108 38.90 -7.88 -42.07
C LEU A 108 40.09 -6.98 -42.34
N ALA A 109 40.41 -6.09 -41.41
CA ALA A 109 41.61 -5.26 -41.55
C ALA A 109 42.89 -6.10 -41.70
N ASP A 110 43.04 -7.17 -40.93
CA ASP A 110 44.25 -8.00 -41.04
C ASP A 110 44.37 -8.68 -42.41
N LEU A 111 43.25 -9.13 -42.95
CA LEU A 111 43.23 -9.72 -44.27
C LEU A 111 43.62 -8.71 -45.34
N ILE A 112 43.07 -7.50 -45.24
CA ILE A 112 43.40 -6.42 -46.17
C ILE A 112 44.90 -6.13 -46.07
N GLU A 113 45.43 -6.15 -44.85
CA GLU A 113 46.85 -5.90 -44.64
C GLU A 113 47.72 -7.01 -45.24
N ARG A 114 47.31 -8.26 -45.02
CA ARG A 114 47.98 -9.39 -45.70
C ARG A 114 48.05 -9.17 -47.22
N ASP A 115 46.92 -8.73 -47.82
CA ASP A 115 46.83 -8.51 -49.27
C ASP A 115 47.09 -7.06 -49.75
N ARG A 116 47.79 -6.27 -48.94
CA ARG A 116 48.02 -4.84 -49.24
C ARG A 116 48.73 -4.53 -50.58
N THR A 117 49.80 -5.27 -50.88
CA THR A 117 50.55 -5.07 -52.09
C THR A 117 49.67 -5.32 -53.32
N TYR A 118 48.98 -6.45 -53.32
CA TYR A 118 48.03 -6.75 -54.39
C TYR A 118 46.92 -5.67 -54.52
N LEU A 119 46.27 -5.32 -53.43
CA LEU A 119 45.17 -4.34 -53.50
C LEU A 119 45.61 -2.95 -54.01
N ALA A 120 46.77 -2.50 -53.58
CA ALA A 120 47.27 -1.18 -54.03
C ALA A 120 47.53 -1.20 -55.54
N ALA A 121 48.08 -2.30 -56.02
CA ALA A 121 48.36 -2.49 -57.42
C ALA A 121 47.06 -2.48 -58.22
N LEU A 122 46.09 -3.26 -57.77
CA LEU A 122 44.80 -3.33 -58.41
C LEU A 122 44.08 -1.98 -58.39
N GLU A 123 44.20 -1.25 -57.29
CA GLU A 123 43.65 0.10 -57.21
C GLU A 123 44.30 0.98 -58.26
N THR A 124 45.63 0.93 -58.36
CA THR A 124 46.34 1.76 -59.34
C THR A 124 45.96 1.41 -60.78
N LEU A 125 45.85 0.12 -61.06
CA LEU A 125 45.48 -0.35 -62.40
C LEU A 125 44.11 0.17 -62.85
N ASP A 126 43.12 0.05 -61.98
CA ASP A 126 41.73 0.36 -62.32
C ASP A 126 41.44 1.89 -62.20
N ASN A 127 42.11 2.58 -61.28
CA ASN A 127 41.80 3.99 -60.97
C ASN A 127 42.84 5.01 -61.49
N GLY A 128 44.10 4.62 -61.58
CA GLY A 128 45.11 5.46 -62.18
C GLY A 128 46.00 6.19 -61.21
N LYS A 129 45.66 6.21 -59.94
CA LYS A 129 46.53 6.90 -58.98
C LYS A 129 47.86 6.18 -58.74
N PRO A 130 48.92 6.97 -58.49
CA PRO A 130 50.26 6.39 -58.34
C PRO A 130 50.29 5.26 -57.31
N TYR A 131 50.93 4.15 -57.67
CA TYR A 131 51.04 2.98 -56.80
C TYR A 131 51.58 3.34 -55.42
N VAL A 132 52.59 4.21 -55.35
CA VAL A 132 53.13 4.60 -54.06
C VAL A 132 52.04 5.22 -53.17
N ILE A 133 51.14 6.00 -53.77
CA ILE A 133 50.06 6.63 -53.03
C ILE A 133 48.96 5.60 -52.66
N SER A 134 48.57 4.74 -53.59
CA SER A 134 47.68 3.61 -53.24
C SER A 134 48.20 2.83 -52.03
N TYR A 135 49.49 2.56 -52.01
CA TYR A 135 50.04 1.73 -50.95
C TYR A 135 50.13 2.45 -49.60
N LEU A 136 50.75 3.64 -49.62
CA LEU A 136 51.10 4.36 -48.41
C LEU A 136 49.99 5.25 -47.90
N VAL A 137 49.04 5.62 -48.75
CA VAL A 137 47.97 6.48 -48.31
C VAL A 137 46.65 5.70 -48.25
N ASP A 138 46.07 5.42 -49.41
CA ASP A 138 44.77 4.79 -49.44
C ASP A 138 44.72 3.55 -48.54
N LEU A 139 45.62 2.60 -48.72
CA LEU A 139 45.51 1.36 -47.96
C LEU A 139 45.79 1.53 -46.49
N ASP A 140 46.73 2.39 -46.17
CA ASP A 140 46.95 2.82 -44.80
C ASP A 140 45.69 3.39 -44.17
N MET A 141 44.99 4.25 -44.91
CA MET A 141 43.80 4.91 -44.37
C MET A 141 42.64 3.93 -44.26
N VAL A 142 42.57 2.97 -45.19
CA VAL A 142 41.56 1.89 -45.12
C VAL A 142 41.73 1.08 -43.84
N LEU A 143 42.95 0.64 -43.57
CA LEU A 143 43.23 -0.15 -42.38
C LEU A 143 42.91 0.63 -41.15
N LYS A 144 43.35 1.88 -41.09
CA LYS A 144 43.09 2.74 -39.94
C LYS A 144 41.60 2.97 -39.66
N CYS A 145 40.82 3.08 -40.74
CA CYS A 145 39.40 3.39 -40.65
C CYS A 145 38.63 2.20 -40.14
N LEU A 146 38.94 1.02 -40.66
CA LEU A 146 38.36 -0.22 -40.19
C LEU A 146 38.71 -0.53 -38.73
N ARG A 147 39.97 -0.34 -38.38
CA ARG A 147 40.40 -0.50 -36.99
C ARG A 147 39.77 0.53 -36.06
N TYR A 148 39.61 1.75 -36.51
CA TYR A 148 38.93 2.73 -35.69
C TYR A 148 37.51 2.32 -35.38
N TYR A 149 36.73 1.94 -36.40
CA TYR A 149 35.34 1.58 -36.19
C TYR A 149 35.16 0.23 -35.52
N ALA A 150 36.09 -0.71 -35.70
CA ALA A 150 36.02 -1.93 -34.87
C ALA A 150 35.92 -1.54 -33.38
N GLY A 151 36.71 -0.56 -32.97
CA GLY A 151 36.66 -0.08 -31.60
C GLY A 151 35.31 0.47 -31.15
N TRP A 152 34.55 1.07 -32.07
CA TRP A 152 33.28 1.69 -31.71
C TRP A 152 32.15 0.72 -31.47
N ALA A 153 32.33 -0.54 -31.90
CA ALA A 153 31.22 -1.49 -32.00
C ALA A 153 30.49 -1.76 -30.70
N ASP A 154 31.21 -1.75 -29.59
CA ASP A 154 30.61 -1.97 -28.26
C ASP A 154 30.64 -0.72 -27.34
N LYS A 155 30.75 0.47 -27.93
CA LYS A 155 30.92 1.71 -27.17
C LYS A 155 29.93 2.83 -27.49
N TYR A 156 28.95 2.59 -28.36
CA TYR A 156 27.96 3.62 -28.66
C TYR A 156 26.72 3.49 -27.75
N HIS A 157 26.91 3.87 -26.50
CA HIS A 157 25.90 3.76 -25.49
C HIS A 157 24.60 4.56 -25.76
N GLY A 158 23.47 3.97 -25.37
CA GLY A 158 22.26 4.72 -25.22
C GLY A 158 22.30 5.42 -23.87
N LYS A 159 21.15 5.86 -23.41
CA LYS A 159 21.07 6.69 -22.22
C LYS A 159 20.05 6.18 -21.25
N THR A 160 20.30 6.42 -19.96
CA THR A 160 19.24 6.35 -18.97
C THR A 160 18.90 7.78 -18.63
N ILE A 161 17.60 8.05 -18.49
CA ILE A 161 17.07 9.38 -18.57
C ILE A 161 16.14 9.69 -17.39
N PRO A 162 16.46 10.77 -16.62
CA PRO A 162 15.70 11.14 -15.43
C PRO A 162 14.35 11.86 -15.69
N ILE A 163 13.42 11.15 -16.30
CA ILE A 163 12.10 11.69 -16.65
C ILE A 163 11.23 11.98 -15.40
N ASP A 164 10.31 12.95 -15.51
CA ASP A 164 9.37 13.31 -14.43
C ASP A 164 8.47 12.13 -14.09
N GLY A 165 8.01 12.04 -12.84
CA GLY A 165 7.04 11.03 -12.43
C GLY A 165 7.62 9.65 -12.20
N ASP A 166 6.76 8.71 -11.83
CA ASP A 166 7.20 7.38 -11.36
C ASP A 166 7.49 6.48 -12.55
N PHE A 167 8.60 6.75 -13.22
CA PHE A 167 8.96 6.00 -14.41
C PHE A 167 10.48 5.88 -14.50
N PHE A 168 10.89 4.80 -15.16
CA PHE A 168 12.26 4.57 -15.59
C PHE A 168 12.28 4.63 -17.11
N SER A 169 13.06 5.55 -17.66
CA SER A 169 13.14 5.75 -19.08
C SER A 169 14.57 5.61 -19.56
N TYR A 170 14.73 4.96 -20.69
CA TYR A 170 16.04 4.82 -21.31
C TYR A 170 15.95 4.71 -22.82
N THR A 171 17.11 4.87 -23.48
CA THR A 171 17.17 4.69 -24.92
C THR A 171 18.04 3.50 -25.29
N ARG A 172 17.60 2.79 -26.32
CA ARG A 172 18.41 1.78 -27.00
C ARG A 172 18.83 2.36 -28.32
N HIS A 173 20.11 2.25 -28.64
CA HIS A 173 20.61 2.59 -29.96
C HIS A 173 20.58 1.32 -30.78
N GLU A 174 19.58 1.21 -31.65
CA GLU A 174 19.42 0.05 -32.50
C GLU A 174 19.98 0.35 -33.88
N PRO A 175 20.36 -0.68 -34.62
CA PRO A 175 20.75 -0.45 -35.99
C PRO A 175 19.58 0.09 -36.82
N VAL A 176 19.89 0.97 -37.79
CA VAL A 176 18.85 1.55 -38.65
C VAL A 176 18.25 0.48 -39.57
N GLY A 177 19.06 -0.43 -40.06
CA GLY A 177 18.52 -1.63 -40.72
C GLY A 177 19.27 -1.88 -42.00
N VAL A 178 18.53 -2.01 -43.10
CA VAL A 178 19.14 -2.26 -44.41
C VAL A 178 19.63 -0.94 -44.96
N CYS A 179 20.93 -0.86 -45.18
CA CYS A 179 21.61 0.39 -45.58
C CYS A 179 22.10 0.35 -47.01
N GLY A 180 21.62 1.29 -47.83
CA GLY A 180 22.04 1.39 -49.21
C GLY A 180 23.23 2.32 -49.29
N GLN A 181 24.32 1.84 -49.87
CA GLN A 181 25.52 2.64 -49.92
C GLN A 181 25.98 2.74 -51.36
N ILE A 182 26.08 3.97 -51.87
CA ILE A 182 26.54 4.22 -53.22
C ILE A 182 27.86 4.96 -53.19
N ILE A 183 28.92 4.28 -53.58
CA ILE A 183 30.26 4.84 -53.40
C ILE A 183 30.92 5.18 -54.75
N PRO A 184 31.76 6.24 -54.77
CA PRO A 184 32.25 6.80 -56.00
C PRO A 184 33.59 6.18 -56.40
N TRP A 185 34.18 6.68 -57.48
CA TRP A 185 35.36 6.11 -58.08
C TRP A 185 36.67 6.78 -57.69
N ASN A 186 36.63 7.95 -57.05
CA ASN A 186 37.88 8.65 -56.78
C ASN A 186 38.68 8.00 -55.68
N PHE A 187 38.02 7.38 -54.71
CA PHE A 187 38.75 6.67 -53.65
C PHE A 187 38.01 5.36 -53.39
N PRO A 188 38.20 4.39 -54.27
CA PRO A 188 37.33 3.23 -54.24
C PRO A 188 37.42 2.45 -52.94
N LEU A 189 38.62 2.10 -52.51
CA LEU A 189 38.80 1.36 -51.25
C LEU A 189 38.54 2.18 -50.00
N LEU A 190 39.04 3.42 -49.95
CA LEU A 190 38.82 4.24 -48.77
C LEU A 190 37.33 4.48 -48.48
N MET A 191 36.57 4.82 -49.51
CA MET A 191 35.12 5.06 -49.35
C MET A 191 34.37 3.82 -48.93
N GLN A 192 34.67 2.68 -49.54
CA GLN A 192 34.10 1.42 -49.09
C GLN A 192 34.35 1.26 -47.57
N ALA A 193 35.56 1.59 -47.11
CA ALA A 193 35.87 1.46 -45.68
C ALA A 193 35.12 2.49 -44.84
N TRP A 194 34.99 3.71 -45.35
CA TRP A 194 34.23 4.77 -44.65
C TRP A 194 32.77 4.44 -44.48
N LYS A 195 32.20 3.63 -45.36
CA LYS A 195 30.79 3.25 -45.28
C LYS A 195 30.62 1.97 -44.49
N LEU A 196 31.45 0.96 -44.75
CA LEU A 196 31.34 -0.33 -44.02
C LEU A 196 31.70 -0.20 -42.56
N GLY A 197 32.74 0.55 -42.26
CA GLY A 197 33.17 0.76 -40.88
C GLY A 197 32.00 1.05 -39.95
N PRO A 198 31.40 2.24 -40.05
CA PRO A 198 30.33 2.58 -39.15
C PRO A 198 29.08 1.69 -39.30
N ALA A 199 28.72 1.30 -40.52
CA ALA A 199 27.50 0.51 -40.68
C ALA A 199 27.61 -0.80 -39.93
N LEU A 200 28.73 -1.49 -40.09
CA LEU A 200 28.90 -2.80 -39.46
C LEU A 200 29.22 -2.68 -37.97
N ALA A 201 29.90 -1.62 -37.54
CA ALA A 201 30.13 -1.41 -36.08
C ALA A 201 28.83 -1.36 -35.32
N THR A 202 27.79 -0.81 -35.95
CA THR A 202 26.48 -0.60 -35.34
C THR A 202 25.47 -1.71 -35.61
N GLY A 203 25.88 -2.76 -36.31
CA GLY A 203 25.02 -3.93 -36.50
C GLY A 203 24.03 -3.78 -37.64
N ASN A 204 24.33 -2.89 -38.58
CA ASN A 204 23.53 -2.78 -39.79
C ASN A 204 23.93 -3.85 -40.80
N VAL A 205 23.19 -3.90 -41.89
CA VAL A 205 23.48 -4.72 -43.05
C VAL A 205 23.48 -3.80 -44.29
N VAL A 206 24.30 -4.12 -45.29
CA VAL A 206 24.45 -3.24 -46.44
C VAL A 206 24.18 -3.86 -47.81
N VAL A 207 23.59 -3.05 -48.66
CA VAL A 207 23.63 -3.29 -50.06
C VAL A 207 24.48 -2.17 -50.62
N MET A 208 25.64 -2.52 -51.16
CA MET A 208 26.61 -1.52 -51.63
C MET A 208 26.70 -1.54 -53.15
N LYS A 209 26.76 -0.35 -53.72
CA LYS A 209 26.82 -0.15 -55.15
C LYS A 209 28.16 0.53 -55.43
N VAL A 210 29.04 -0.15 -56.14
CA VAL A 210 30.35 0.40 -56.46
C VAL A 210 30.35 1.05 -57.83
N ALA A 211 31.31 1.93 -58.04
CA ALA A 211 31.34 2.73 -59.25
C ALA A 211 31.87 1.88 -60.39
N GLU A 212 31.27 2.07 -61.57
CA GLU A 212 31.58 1.31 -62.77
C GLU A 212 33.00 1.56 -63.26
N GLN A 213 33.55 2.73 -62.99
CA GLN A 213 34.90 3.02 -63.37
C GLN A 213 35.88 2.22 -62.52
N THR A 214 35.49 1.87 -61.29
CA THR A 214 36.45 1.29 -60.33
C THR A 214 35.83 0.21 -59.42
N PRO A 215 35.25 -0.85 -60.01
CA PRO A 215 34.59 -1.83 -59.16
C PRO A 215 35.51 -2.90 -58.57
N LEU A 216 36.67 -3.11 -59.17
CA LEU A 216 37.44 -4.32 -58.87
C LEU A 216 37.93 -4.47 -57.42
N THR A 217 38.54 -3.42 -56.88
CA THR A 217 39.05 -3.53 -55.50
C THR A 217 37.93 -3.84 -54.47
N ALA A 218 36.75 -3.27 -54.66
CA ALA A 218 35.66 -3.44 -53.70
C ALA A 218 35.17 -4.87 -53.73
N LEU A 219 35.15 -5.42 -54.93
CA LEU A 219 34.81 -6.80 -55.13
C LEU A 219 35.85 -7.75 -54.53
N TYR A 220 37.13 -7.44 -54.66
CA TYR A 220 38.13 -8.30 -54.00
C TYR A 220 37.93 -8.31 -52.50
N VAL A 221 37.64 -7.14 -51.96
CA VAL A 221 37.43 -6.96 -50.53
C VAL A 221 36.23 -7.76 -50.05
N ALA A 222 35.20 -7.89 -50.89
CA ALA A 222 34.07 -8.80 -50.60
C ALA A 222 34.53 -10.24 -50.36
N ASN A 223 35.55 -10.65 -51.08
CA ASN A 223 36.07 -11.99 -50.89
C ASN A 223 36.73 -12.10 -49.51
N LEU A 224 37.35 -11.03 -49.03
CA LEU A 224 37.91 -11.04 -47.67
C LEU A 224 36.84 -10.91 -46.58
N ILE A 225 35.71 -10.30 -46.92
CA ILE A 225 34.61 -10.19 -45.97
C ILE A 225 34.09 -11.57 -45.63
N LYS A 226 33.93 -12.40 -46.65
CA LYS A 226 33.60 -13.81 -46.48
C LYS A 226 34.65 -14.57 -45.67
N GLU A 227 35.91 -14.47 -46.07
CA GLU A 227 37.04 -15.10 -45.33
C GLU A 227 37.10 -14.69 -43.84
N ALA A 228 36.84 -13.42 -43.56
CA ALA A 228 36.80 -12.90 -42.19
C ALA A 228 35.68 -13.51 -41.36
N GLY A 229 34.63 -14.00 -42.01
CA GLY A 229 33.57 -14.73 -41.30
C GLY A 229 32.29 -13.95 -41.02
N PHE A 230 32.12 -12.80 -41.68
CA PHE A 230 30.83 -12.12 -41.63
C PHE A 230 29.77 -13.05 -42.17
N PRO A 231 28.61 -13.16 -41.48
CA PRO A 231 27.55 -14.05 -41.93
C PRO A 231 26.93 -13.64 -43.28
N PRO A 232 26.38 -14.62 -44.00
CA PRO A 232 25.85 -14.30 -45.32
C PRO A 232 24.75 -13.22 -45.30
N GLY A 233 24.84 -12.24 -46.19
CA GLY A 233 23.77 -11.25 -46.34
C GLY A 233 24.01 -9.96 -45.60
N VAL A 234 25.04 -9.96 -44.76
CA VAL A 234 25.41 -8.80 -44.00
C VAL A 234 25.97 -7.76 -44.94
N VAL A 235 26.90 -8.13 -45.83
CA VAL A 235 27.40 -7.21 -46.88
C VAL A 235 27.13 -7.79 -48.27
N ASN A 236 26.46 -7.02 -49.11
CA ASN A 236 26.18 -7.42 -50.49
C ASN A 236 26.63 -6.31 -51.41
N ILE A 237 27.27 -6.67 -52.52
CA ILE A 237 27.86 -5.68 -53.42
C ILE A 237 27.34 -5.89 -54.84
N VAL A 238 26.79 -4.83 -55.40
CA VAL A 238 26.19 -4.86 -56.72
C VAL A 238 26.93 -3.85 -57.57
N PRO A 239 27.82 -4.32 -58.45
CA PRO A 239 28.33 -3.41 -59.44
C PRO A 239 27.32 -3.26 -60.57
N GLY A 240 27.34 -2.12 -61.24
CA GLY A 240 26.42 -1.79 -62.33
C GLY A 240 26.54 -0.30 -62.59
N PHE A 241 25.53 0.28 -63.24
CA PHE A 241 25.48 1.74 -63.52
C PHE A 241 24.59 2.52 -62.53
N GLY A 242 24.76 3.85 -62.54
CA GLY A 242 24.09 4.75 -61.59
C GLY A 242 22.58 4.82 -61.79
N PRO A 243 22.17 5.11 -63.03
CA PRO A 243 20.73 5.26 -63.34
C PRO A 243 19.94 3.99 -63.13
N THR A 244 20.61 2.84 -63.16
CA THR A 244 19.95 1.56 -63.00
C THR A 244 20.09 1.02 -61.57
N ALA A 245 21.31 0.58 -61.20
CA ALA A 245 21.53 -0.04 -59.87
C ALA A 245 21.48 1.00 -58.72
N GLY A 246 22.07 2.17 -58.96
CA GLY A 246 21.99 3.24 -57.97
C GLY A 246 20.59 3.72 -57.65
N ALA A 247 19.84 4.05 -58.69
CA ALA A 247 18.44 4.51 -58.55
C ALA A 247 17.55 3.44 -57.94
N ALA A 248 17.86 2.17 -58.21
CA ALA A 248 17.11 1.06 -57.63
C ALA A 248 17.19 1.09 -56.11
N ILE A 249 18.40 1.31 -55.59
CA ILE A 249 18.68 1.37 -54.16
C ILE A 249 17.94 2.53 -53.51
N ALA A 250 18.08 3.73 -54.08
CA ALA A 250 17.45 4.91 -53.53
C ALA A 250 15.91 4.82 -53.48
N SER A 251 15.34 4.09 -54.44
CA SER A 251 13.89 3.98 -54.55
C SER A 251 13.29 2.73 -53.94
N HIS A 252 14.12 1.85 -53.41
CA HIS A 252 13.64 0.57 -52.90
C HIS A 252 12.80 0.79 -51.63
N GLU A 253 11.68 0.07 -51.53
CA GLU A 253 10.70 0.22 -50.45
C GLU A 253 11.10 -0.44 -49.11
N ASP A 254 12.15 -1.23 -49.11
CA ASP A 254 12.58 -1.96 -47.93
C ASP A 254 14.05 -1.61 -47.58
N VAL A 255 14.59 -0.55 -48.18
CA VAL A 255 15.88 0.00 -47.81
C VAL A 255 15.61 1.12 -46.81
N ASP A 256 16.21 1.03 -45.63
CA ASP A 256 15.89 1.92 -44.52
C ASP A 256 16.69 3.22 -44.59
N LYS A 257 17.83 3.17 -45.24
CA LYS A 257 18.73 4.31 -45.26
C LYS A 257 19.68 4.27 -46.45
N VAL A 258 19.91 5.42 -47.06
CA VAL A 258 20.78 5.51 -48.20
C VAL A 258 21.87 6.54 -47.96
N ALA A 259 23.10 6.16 -48.30
CA ALA A 259 24.25 7.09 -48.24
C ALA A 259 24.84 7.16 -49.61
N PHE A 260 24.95 8.37 -50.11
CA PHE A 260 25.47 8.62 -51.44
C PHE A 260 26.66 9.56 -51.38
N THR A 261 27.68 9.28 -52.16
CA THR A 261 28.79 10.20 -52.35
C THR A 261 29.00 10.39 -53.84
N GLY A 262 28.97 11.62 -54.31
CA GLY A 262 29.03 11.91 -55.73
C GLY A 262 28.68 13.34 -56.02
N SER A 263 28.04 13.58 -57.16
CA SER A 263 27.77 14.96 -57.60
C SER A 263 26.54 15.56 -56.92
N THR A 264 26.56 16.89 -56.77
CA THR A 264 25.42 17.59 -56.23
C THR A 264 24.16 17.30 -57.03
N GLU A 265 24.27 17.36 -58.35
CA GLU A 265 23.14 17.02 -59.23
C GLU A 265 22.52 15.67 -58.86
N ILE A 266 23.35 14.63 -58.71
CA ILE A 266 22.84 13.27 -58.48
C ILE A 266 22.28 13.18 -57.05
N GLY A 267 22.92 13.89 -56.13
CA GLY A 267 22.41 14.06 -54.77
C GLY A 267 20.92 14.36 -54.71
N ARG A 268 20.45 15.27 -55.55
CA ARG A 268 19.05 15.68 -55.53
C ARG A 268 18.14 14.57 -56.02
N VAL A 269 18.60 13.83 -57.01
CA VAL A 269 17.85 12.67 -57.46
C VAL A 269 17.66 11.66 -56.31
N ILE A 270 18.74 11.44 -55.56
CA ILE A 270 18.75 10.50 -54.45
C ILE A 270 17.70 10.91 -53.42
N GLN A 271 17.70 12.20 -53.04
CA GLN A 271 16.80 12.69 -52.01
C GLN A 271 15.34 12.76 -52.44
N VAL A 272 15.11 13.12 -53.71
CA VAL A 272 13.77 13.04 -54.30
C VAL A 272 13.28 11.59 -54.27
N ALA A 273 14.14 10.67 -54.72
CA ALA A 273 13.79 9.25 -54.75
C ALA A 273 13.46 8.70 -53.35
N ALA A 274 14.18 9.16 -52.33
CA ALA A 274 13.89 8.78 -50.95
C ALA A 274 12.48 9.21 -50.52
N GLY A 275 12.12 10.46 -50.79
CA GLY A 275 10.78 10.94 -50.45
C GLY A 275 9.64 10.38 -51.30
N SER A 276 9.92 10.05 -52.55
CA SER A 276 8.95 9.39 -53.42
C SER A 276 8.70 7.95 -53.04
N SER A 277 9.64 7.31 -52.34
CA SER A 277 9.49 5.89 -52.01
C SER A 277 9.02 5.71 -50.57
N ASN A 278 9.93 5.40 -49.65
CA ASN A 278 9.56 5.02 -48.27
C ASN A 278 10.11 5.95 -47.18
N LEU A 279 10.52 7.15 -47.56
CA LEU A 279 11.07 8.12 -46.58
C LEU A 279 12.30 7.60 -45.84
N LYS A 280 13.04 6.71 -46.50
CA LYS A 280 14.33 6.26 -46.01
C LYS A 280 15.20 7.45 -45.65
N ARG A 281 16.10 7.25 -44.70
CA ARG A 281 16.97 8.32 -44.23
C ARG A 281 18.12 8.53 -45.24
N VAL A 282 18.58 9.76 -45.35
CA VAL A 282 19.53 10.14 -46.39
C VAL A 282 20.74 10.90 -45.84
N THR A 283 21.94 10.47 -46.24
CA THR A 283 23.13 11.29 -46.07
C THR A 283 23.87 11.34 -47.38
N LEU A 284 24.46 12.50 -47.64
CA LEU A 284 25.03 12.83 -48.92
C LEU A 284 26.38 13.48 -48.68
N GLU A 285 27.36 13.07 -49.46
CA GLU A 285 28.65 13.77 -49.51
C GLU A 285 28.81 14.20 -50.96
N LEU A 286 28.69 15.49 -51.22
CA LEU A 286 28.59 15.98 -52.58
C LEU A 286 29.83 16.82 -52.98
N GLY A 287 29.69 17.68 -53.98
CA GLY A 287 30.82 18.43 -54.49
C GLY A 287 31.24 19.60 -53.65
N GLY A 288 32.29 20.29 -54.12
CA GLY A 288 32.76 21.50 -53.49
C GLY A 288 33.56 22.38 -54.42
N LYS A 289 33.78 23.60 -53.99
CA LYS A 289 34.67 24.54 -54.69
C LYS A 289 35.46 25.23 -53.59
N SER A 290 36.20 24.41 -52.87
CA SER A 290 36.76 24.80 -51.56
C SER A 290 37.83 25.89 -51.62
N PRO A 291 37.69 26.92 -50.77
CA PRO A 291 38.65 27.99 -50.73
C PRO A 291 39.91 27.68 -49.89
N ASN A 292 41.07 28.01 -50.42
CA ASN A 292 42.30 27.88 -49.72
C ASN A 292 42.90 29.29 -49.61
N ILE A 293 42.83 29.88 -48.41
CA ILE A 293 43.15 31.31 -48.22
C ILE A 293 44.54 31.50 -47.64
N ILE A 294 45.46 32.10 -48.40
CA ILE A 294 46.81 32.33 -47.95
C ILE A 294 46.97 33.80 -47.52
N MET A 295 47.17 34.04 -46.21
CA MET A 295 47.44 35.38 -45.70
C MET A 295 48.90 35.73 -45.97
N SER A 296 49.19 37.02 -46.03
CA SER A 296 50.54 37.50 -46.33
C SER A 296 51.59 37.08 -45.31
N ASP A 297 51.17 36.76 -44.09
CA ASP A 297 52.09 36.33 -43.04
C ASP A 297 52.24 34.79 -42.98
N ALA A 298 51.74 34.09 -43.99
CA ALA A 298 51.97 32.66 -44.05
C ALA A 298 53.43 32.39 -44.35
N ASP A 299 53.88 31.19 -43.98
CA ASP A 299 55.18 30.64 -44.39
C ASP A 299 55.03 30.23 -45.85
N MET A 300 55.66 31.01 -46.71
CA MET A 300 55.50 30.94 -48.15
C MET A 300 55.79 29.54 -48.69
N ASP A 301 56.93 28.99 -48.32
CA ASP A 301 57.36 27.71 -48.86
C ASP A 301 56.37 26.62 -48.50
N TRP A 302 55.96 26.59 -47.24
CA TRP A 302 54.99 25.61 -46.78
C TRP A 302 53.63 25.80 -47.51
N ALA A 303 53.17 27.04 -47.60
CA ALA A 303 51.88 27.35 -48.23
C ALA A 303 51.82 26.98 -49.71
N VAL A 304 52.89 27.24 -50.42
CA VAL A 304 52.97 26.93 -51.83
C VAL A 304 52.87 25.43 -52.01
N GLU A 305 53.63 24.68 -51.22
CA GLU A 305 53.61 23.23 -51.32
C GLU A 305 52.26 22.64 -50.94
N GLN A 306 51.60 23.21 -49.94
CA GLN A 306 50.32 22.70 -49.49
C GLN A 306 49.19 23.10 -50.44
N ALA A 307 49.28 24.29 -51.04
CA ALA A 307 48.27 24.70 -52.00
C ALA A 307 48.35 23.83 -53.23
N HIS A 308 49.58 23.47 -53.58
CA HIS A 308 49.82 22.56 -54.69
C HIS A 308 49.19 21.20 -54.41
N PHE A 309 49.55 20.60 -53.28
CA PHE A 309 48.94 19.35 -52.82
C PHE A 309 47.40 19.46 -52.77
N ALA A 310 46.90 20.56 -52.20
CA ALA A 310 45.46 20.73 -51.98
C ALA A 310 44.68 20.68 -53.25
N LEU A 311 45.29 21.15 -54.33
CA LEU A 311 44.64 21.08 -55.61
C LEU A 311 44.93 19.78 -56.37
N PHE A 312 46.21 19.49 -56.56
CA PHE A 312 46.66 18.46 -57.48
C PHE A 312 46.53 17.03 -56.98
N PHE A 313 46.25 16.86 -55.70
CA PHE A 313 46.25 15.50 -55.17
C PHE A 313 45.22 14.63 -55.90
N ASN A 314 45.61 13.38 -56.19
CA ASN A 314 44.71 12.39 -56.79
C ASN A 314 44.24 12.88 -58.15
N GLN A 315 45.16 13.42 -58.93
CA GLN A 315 44.88 13.95 -60.25
C GLN A 315 43.79 15.02 -60.22
N GLY A 316 43.64 15.68 -59.05
CA GLY A 316 42.65 16.72 -58.89
C GLY A 316 41.27 16.23 -58.54
N GLN A 317 41.12 14.92 -58.37
CA GLN A 317 39.82 14.29 -58.26
C GLN A 317 39.46 14.09 -56.80
N CYS A 318 39.18 15.20 -56.15
CA CYS A 318 38.82 15.25 -54.74
C CYS A 318 37.72 16.28 -54.58
N CYS A 319 36.64 15.85 -53.93
CA CYS A 319 35.51 16.71 -53.57
C CYS A 319 35.96 17.96 -52.79
N CYS A 320 36.94 17.83 -51.92
CA CYS A 320 37.41 18.92 -51.08
C CYS A 320 38.66 19.61 -51.63
N ALA A 321 38.93 19.47 -52.92
CA ALA A 321 40.09 20.14 -53.54
C ALA A 321 40.11 21.64 -53.30
N GLY A 322 41.32 22.18 -53.11
CA GLY A 322 41.54 23.62 -52.94
C GLY A 322 41.55 24.33 -54.30
N SER A 323 40.38 24.39 -54.92
CA SER A 323 40.21 24.88 -56.27
C SER A 323 39.87 26.39 -56.37
N ARG A 324 40.03 27.10 -55.28
CA ARG A 324 40.04 28.55 -55.27
C ARG A 324 41.10 28.96 -54.28
N THR A 325 42.27 29.26 -54.78
CA THR A 325 43.38 29.64 -53.95
C THR A 325 43.42 31.15 -53.82
N PHE A 326 42.82 31.68 -52.77
CA PHE A 326 42.88 33.12 -52.47
C PHE A 326 44.24 33.52 -51.86
N VAL A 327 44.96 34.43 -52.50
CA VAL A 327 46.28 34.85 -52.02
C VAL A 327 46.29 36.35 -51.77
N GLN A 328 46.80 36.79 -50.63
CA GLN A 328 46.80 38.22 -50.31
CA GLN A 328 46.81 38.21 -50.31
C GLN A 328 47.70 38.95 -51.30
N GLU A 329 47.30 40.17 -51.66
CA GLU A 329 47.94 40.92 -52.73
C GLU A 329 49.44 41.19 -52.53
N ASP A 330 49.90 41.36 -51.28
CA ASP A 330 51.31 41.65 -51.05
C ASP A 330 52.24 40.46 -51.37
N ILE A 331 51.71 39.25 -51.39
CA ILE A 331 52.51 38.06 -51.72
C ILE A 331 52.10 37.34 -53.01
N TYR A 332 51.14 37.93 -53.72
CA TYR A 332 50.55 37.28 -54.89
C TYR A 332 51.57 36.87 -55.94
N ASP A 333 52.39 37.82 -56.36
CA ASP A 333 53.29 37.59 -57.48
C ASP A 333 54.31 36.50 -57.19
N GLU A 334 54.91 36.53 -56.01
CA GLU A 334 55.85 35.51 -55.63
C GLU A 334 55.15 34.16 -55.48
N PHE A 335 54.03 34.15 -54.77
CA PHE A 335 53.26 32.94 -54.62
C PHE A 335 52.96 32.33 -55.98
N VAL A 336 52.41 33.14 -56.89
CA VAL A 336 52.05 32.64 -58.21
C VAL A 336 53.25 32.03 -58.90
N GLU A 337 54.37 32.76 -58.90
CA GLU A 337 55.62 32.30 -59.50
C GLU A 337 56.02 30.92 -58.98
N ARG A 338 56.10 30.77 -57.66
CA ARG A 338 56.46 29.50 -57.03
C ARG A 338 55.45 28.39 -57.34
N SER A 339 54.18 28.73 -57.40
CA SER A 339 53.12 27.77 -57.76
C SER A 339 53.31 27.25 -59.17
N VAL A 340 53.64 28.16 -60.09
CA VAL A 340 53.86 27.79 -61.47
C VAL A 340 55.04 26.82 -61.62
N ALA A 341 56.16 27.19 -61.02
CA ALA A 341 57.39 26.39 -61.05
C ALA A 341 57.16 24.98 -60.51
N ARG A 342 56.42 24.89 -59.41
CA ARG A 342 56.08 23.60 -58.83
C ARG A 342 55.16 22.77 -59.75
N ALA A 343 54.16 23.42 -60.32
CA ALA A 343 53.27 22.75 -61.29
C ALA A 343 54.05 22.23 -62.49
N LYS A 344 55.06 23.00 -62.92
CA LYS A 344 55.89 22.62 -64.08
C LYS A 344 56.80 21.43 -63.83
N SER A 345 57.24 21.26 -62.59
CA SER A 345 58.07 20.11 -62.21
C SER A 345 57.27 18.85 -61.86
N ARG A 346 55.94 18.96 -61.76
CA ARG A 346 55.10 17.83 -61.39
C ARG A 346 55.13 16.75 -62.44
N VAL A 347 55.62 15.57 -62.07
CA VAL A 347 55.86 14.49 -63.04
C VAL A 347 54.55 13.76 -63.38
N VAL A 348 54.22 13.74 -64.66
CA VAL A 348 53.02 13.06 -65.17
C VAL A 348 53.44 11.78 -65.87
N GLY A 349 52.79 10.68 -65.57
CA GLY A 349 53.29 9.44 -66.14
C GLY A 349 52.68 8.17 -65.61
N ASN A 350 53.34 7.08 -65.98
CA ASN A 350 52.98 5.75 -65.60
C ASN A 350 52.88 5.71 -64.09
N PRO A 351 51.67 5.34 -63.58
CA PRO A 351 51.44 5.37 -62.15
C PRO A 351 52.19 4.31 -61.37
N PHE A 352 52.64 3.24 -62.02
CA PHE A 352 53.50 2.27 -61.35
C PHE A 352 54.97 2.68 -61.31
N ASP A 353 55.32 3.79 -61.96
CA ASP A 353 56.68 4.27 -61.90
C ASP A 353 56.84 5.09 -60.63
N SER A 354 57.82 4.73 -59.80
CA SER A 354 58.01 5.42 -58.52
C SER A 354 58.21 6.95 -58.61
N LYS A 355 58.67 7.48 -59.75
CA LYS A 355 58.88 8.92 -59.92
C LYS A 355 57.58 9.70 -60.20
N THR A 356 56.56 9.00 -60.67
CA THR A 356 55.30 9.62 -61.04
C THR A 356 54.57 10.23 -59.83
N GLU A 357 54.24 11.52 -59.92
CA GLU A 357 53.34 12.19 -58.97
C GLU A 357 51.90 12.20 -59.48
N GLN A 358 51.74 12.25 -60.80
CA GLN A 358 50.42 12.34 -61.42
C GLN A 358 50.12 11.24 -62.45
N GLY A 359 49.12 10.44 -62.15
CA GLY A 359 48.58 9.45 -63.07
C GLY A 359 47.54 10.06 -64.00
N PRO A 360 46.74 9.21 -64.65
CA PRO A 360 45.69 9.71 -65.51
C PRO A 360 44.43 10.06 -64.75
N GLN A 361 43.55 10.75 -65.45
CA GLN A 361 42.19 10.91 -65.00
C GLN A 361 41.53 9.57 -65.17
N VAL A 362 40.37 9.42 -64.54
CA VAL A 362 39.77 8.12 -64.36
C VAL A 362 39.23 7.55 -65.64
N ASP A 363 38.71 8.41 -66.51
CA ASP A 363 38.10 7.94 -67.75
C ASP A 363 37.92 9.06 -68.76
N GLU A 364 37.45 8.68 -69.96
CA GLU A 364 37.28 9.57 -71.10
C GLU A 364 36.32 10.72 -70.80
N THR A 365 35.20 10.42 -70.17
CA THR A 365 34.23 11.43 -69.80
C THR A 365 34.86 12.54 -68.97
N GLN A 366 35.57 12.18 -67.92
CA GLN A 366 36.24 13.17 -67.07
C GLN A 366 37.33 13.91 -67.82
N PHE A 367 38.14 13.14 -68.53
CA PHE A 367 39.16 13.68 -69.43
C PHE A 367 38.61 14.84 -70.24
N LYS A 368 37.54 14.57 -70.99
CA LYS A 368 36.98 15.55 -71.89
C LYS A 368 36.33 16.68 -71.12
N LYS A 369 35.72 16.34 -70.00
CA LYS A 369 35.06 17.34 -69.19
C LYS A 369 36.09 18.36 -68.67
N ILE A 370 37.28 17.89 -68.29
CA ILE A 370 38.31 18.77 -67.75
C ILE A 370 38.90 19.67 -68.82
N LEU A 371 39.04 19.11 -70.03
CA LEU A 371 39.56 19.86 -71.17
C LEU A 371 38.58 20.97 -71.56
N GLY A 372 37.27 20.71 -71.42
CA GLY A 372 36.25 21.73 -71.67
C GLY A 372 36.39 22.90 -70.70
N TYR A 373 36.64 22.57 -69.44
CA TYR A 373 36.84 23.61 -68.42
C TYR A 373 38.12 24.39 -68.65
N ILE A 374 39.18 23.72 -69.05
CA ILE A 374 40.38 24.43 -69.43
C ILE A 374 40.09 25.44 -70.56
N ASN A 375 39.41 24.96 -71.61
CA ASN A 375 39.00 25.79 -72.74
C ASN A 375 38.15 26.96 -72.26
N THR A 376 37.18 26.69 -71.39
CA THR A 376 36.37 27.75 -70.82
C THR A 376 37.22 28.83 -70.13
N GLY A 377 38.26 28.41 -69.43
CA GLY A 377 39.07 29.34 -68.68
C GLY A 377 39.88 30.27 -69.55
N LYS A 378 40.49 29.70 -70.60
CA LYS A 378 41.19 30.48 -71.61
C LYS A 378 40.25 31.53 -72.22
N GLN A 379 39.02 31.10 -72.52
CA GLN A 379 38.07 31.90 -73.29
C GLN A 379 37.42 33.02 -72.48
N GLU A 380 37.32 32.84 -71.16
CA GLU A 380 36.74 33.89 -70.30
C GLU A 380 37.82 34.80 -69.71
N GLY A 381 39.05 34.69 -70.18
CA GLY A 381 40.07 35.68 -69.86
C GLY A 381 40.86 35.44 -68.59
N ALA A 382 40.77 34.23 -68.04
CA ALA A 382 41.74 33.79 -67.04
C ALA A 382 43.07 33.68 -67.74
N LYS A 383 44.14 34.06 -67.04
CA LYS A 383 45.48 34.02 -67.59
C LYS A 383 46.11 32.62 -67.39
N LEU A 384 46.45 31.96 -68.49
CA LEU A 384 47.03 30.62 -68.45
C LEU A 384 48.53 30.72 -68.19
N LEU A 385 48.96 30.20 -67.05
CA LEU A 385 50.35 30.35 -66.61
C LEU A 385 51.18 29.12 -66.91
N CYS A 386 50.54 27.97 -67.05
CA CYS A 386 51.22 26.78 -67.53
C CYS A 386 50.25 25.68 -67.84
N GLY A 387 50.72 24.66 -68.54
CA GLY A 387 49.91 23.51 -68.93
C GLY A 387 48.86 23.88 -69.96
N GLY A 388 47.65 23.36 -69.78
CA GLY A 388 46.54 23.68 -70.67
C GLY A 388 46.20 22.64 -71.72
N GLY A 389 46.94 21.52 -71.74
CA GLY A 389 46.86 20.56 -72.82
C GLY A 389 46.96 19.10 -72.38
N ILE A 390 46.99 18.22 -73.37
CA ILE A 390 47.05 16.78 -73.14
C ILE A 390 48.52 16.36 -72.96
N ALA A 391 48.78 15.53 -71.97
CA ALA A 391 50.18 15.23 -71.59
C ALA A 391 50.74 13.94 -72.18
N ALA A 392 49.88 13.12 -72.78
CA ALA A 392 50.35 11.93 -73.47
C ALA A 392 49.41 11.46 -74.58
N ASP A 393 49.98 10.64 -75.47
CA ASP A 393 49.27 10.07 -76.62
C ASP A 393 48.42 8.84 -76.24
N ARG A 394 48.54 8.38 -74.99
CA ARG A 394 47.95 7.12 -74.57
C ARG A 394 47.44 7.31 -73.15
N GLY A 395 46.18 6.95 -72.91
CA GLY A 395 45.57 7.11 -71.59
C GLY A 395 44.98 8.50 -71.46
N TYR A 396 44.50 8.85 -70.26
CA TYR A 396 43.80 10.13 -70.05
C TYR A 396 44.63 11.11 -69.21
N PHE A 397 45.82 11.46 -69.69
CA PHE A 397 46.73 12.35 -68.96
C PHE A 397 46.56 13.82 -69.35
N ILE A 398 46.43 14.68 -68.35
CA ILE A 398 46.25 16.12 -68.55
C ILE A 398 47.39 16.84 -67.83
N GLN A 399 47.91 17.86 -68.47
CA GLN A 399 49.01 18.62 -67.93
C GLN A 399 48.57 19.43 -66.70
N PRO A 400 49.41 19.44 -65.66
CA PRO A 400 49.16 20.33 -64.55
C PRO A 400 48.92 21.74 -65.06
N THR A 401 47.76 22.30 -64.76
CA THR A 401 47.39 23.56 -65.34
C THR A 401 47.11 24.55 -64.25
N VAL A 402 47.63 25.76 -64.43
CA VAL A 402 47.41 26.88 -63.49
C VAL A 402 46.90 28.14 -64.21
N PHE A 403 45.80 28.69 -63.69
CA PHE A 403 45.21 29.93 -64.12
C PHE A 403 45.42 31.01 -63.05
N GLY A 404 45.97 32.16 -63.45
CA GLY A 404 46.10 33.31 -62.58
C GLY A 404 45.12 34.41 -62.91
N ASP A 405 45.03 35.41 -62.03
CA ASP A 405 44.10 36.54 -62.17
C ASP A 405 42.65 36.11 -62.37
N VAL A 406 42.24 35.04 -61.69
CA VAL A 406 40.91 34.49 -61.83
C VAL A 406 39.96 35.37 -61.04
N GLN A 407 38.73 35.54 -61.55
CA GLN A 407 37.71 36.40 -60.92
C GLN A 407 36.56 35.55 -60.42
N ASP A 408 35.76 36.09 -59.50
CA ASP A 408 34.70 35.31 -58.86
C ASP A 408 33.59 34.90 -59.80
N GLY A 409 33.32 35.74 -60.81
CA GLY A 409 32.29 35.48 -61.79
C GLY A 409 32.64 34.46 -62.86
N MET A 410 33.92 34.14 -63.01
CA MET A 410 34.34 33.17 -64.01
C MET A 410 33.82 31.80 -63.69
N THR A 411 33.48 31.07 -64.73
CA THR A 411 33.02 29.71 -64.61
C THR A 411 34.02 28.80 -63.87
N ILE A 412 35.32 28.94 -64.15
CA ILE A 412 36.33 28.11 -63.47
C ILE A 412 36.51 28.41 -61.98
N ALA A 413 36.05 29.58 -61.54
CA ALA A 413 35.97 29.93 -60.13
C ALA A 413 34.71 29.40 -59.46
N LYS A 414 33.71 28.99 -60.23
CA LYS A 414 32.40 28.65 -59.68
C LYS A 414 32.09 27.17 -59.68
N GLU A 415 32.43 26.48 -60.76
CA GLU A 415 32.03 25.10 -60.97
C GLU A 415 33.14 24.10 -60.66
N GLU A 416 32.76 22.94 -60.17
CA GLU A 416 33.72 21.89 -59.82
C GLU A 416 34.31 21.23 -61.05
N ILE A 417 35.62 21.40 -61.20
CA ILE A 417 36.38 20.90 -62.34
C ILE A 417 36.81 19.44 -62.16
N PHE A 418 37.28 19.08 -60.95
CA PHE A 418 37.64 17.71 -60.64
C PHE A 418 38.85 17.27 -61.48
N GLY A 419 39.74 18.22 -61.73
CA GLY A 419 40.97 17.96 -62.49
C GLY A 419 42.13 18.77 -61.94
N PRO A 420 43.32 18.56 -62.50
CA PRO A 420 44.54 19.22 -62.09
C PRO A 420 44.61 20.61 -62.65
N VAL A 421 43.62 21.43 -62.31
CA VAL A 421 43.51 22.78 -62.81
C VAL A 421 43.42 23.71 -61.61
N MET A 422 44.43 24.55 -61.42
CA MET A 422 44.50 25.45 -60.28
C MET A 422 43.98 26.82 -60.63
N GLN A 423 43.10 27.38 -59.77
CA GLN A 423 42.67 28.79 -59.86
C GLN A 423 43.31 29.62 -58.76
N ILE A 424 43.94 30.73 -59.13
CA ILE A 424 44.54 31.65 -58.18
C ILE A 424 43.86 33.03 -58.24
N LEU A 425 43.26 33.44 -57.13
CA LEU A 425 42.61 34.73 -57.00
C LEU A 425 43.33 35.58 -55.96
N LYS A 426 43.12 36.87 -56.04
CA LYS A 426 43.85 37.85 -55.27
C LYS A 426 42.85 38.62 -54.44
N PHE A 427 43.23 38.95 -53.22
CA PHE A 427 42.36 39.70 -52.32
C PHE A 427 43.18 40.63 -51.47
N LYS A 428 42.52 41.62 -50.90
CA LYS A 428 43.19 42.62 -50.11
C LYS A 428 43.02 42.35 -48.62
N THR A 429 41.77 42.28 -48.19
CA THR A 429 41.44 42.23 -46.76
C THR A 429 40.74 40.94 -46.31
N ILE A 430 40.84 40.69 -45.02
CA ILE A 430 40.28 39.52 -44.39
C ILE A 430 38.76 39.55 -44.45
N GLU A 431 38.18 40.74 -44.30
CA GLU A 431 36.73 40.90 -44.34
C GLU A 431 36.22 40.59 -45.74
N GLU A 432 36.91 41.10 -46.74
CA GLU A 432 36.60 40.79 -48.14
C GLU A 432 36.69 39.28 -48.42
N VAL A 433 37.79 38.66 -48.06
CA VAL A 433 38.02 37.28 -48.48
C VAL A 433 36.98 36.32 -47.87
N VAL A 434 36.46 36.67 -46.69
CA VAL A 434 35.42 35.87 -46.06
C VAL A 434 34.15 35.82 -46.88
N GLY A 435 33.68 36.99 -47.33
CA GLY A 435 32.50 37.10 -48.16
C GLY A 435 32.68 36.39 -49.49
N ARG A 436 33.86 36.54 -50.08
CA ARG A 436 34.13 35.88 -51.33
C ARG A 436 34.21 34.38 -51.15
N ALA A 437 34.93 33.92 -50.14
CA ALA A 437 35.05 32.48 -49.91
C ALA A 437 33.69 31.83 -49.65
N ASN A 438 32.82 32.55 -48.95
CA ASN A 438 31.52 32.02 -48.58
C ASN A 438 30.47 32.21 -49.67
N ASN A 439 30.81 32.95 -50.72
CA ASN A 439 29.80 33.23 -51.75
C ASN A 439 29.80 32.09 -52.76
N SER A 440 29.08 31.04 -52.42
CA SER A 440 29.11 29.78 -53.12
C SER A 440 27.95 28.95 -52.54
N THR A 441 27.43 28.02 -53.33
CA THR A 441 26.41 27.10 -52.82
C THR A 441 27.11 25.88 -52.22
N TYR A 442 28.42 25.82 -52.37
CA TYR A 442 29.21 24.75 -51.80
C TYR A 442 29.81 25.15 -50.46
N GLY A 443 30.03 24.19 -49.59
CA GLY A 443 30.75 24.43 -48.33
C GLY A 443 31.27 23.13 -47.73
N LEU A 444 32.02 22.36 -48.52
CA LEU A 444 32.53 21.08 -48.07
C LEU A 444 33.77 21.33 -47.20
N ALA A 445 34.73 22.09 -47.71
CA ALA A 445 35.94 22.35 -46.95
C ALA A 445 36.49 23.75 -47.20
N ALA A 446 37.51 24.10 -46.42
CA ALA A 446 38.22 25.35 -46.59
C ALA A 446 39.54 25.25 -45.86
N ALA A 447 40.41 26.23 -46.06
CA ALA A 447 41.69 26.22 -45.39
C ALA A 447 42.20 27.63 -45.21
N VAL A 448 43.00 27.84 -44.17
CA VAL A 448 43.61 29.11 -43.90
C VAL A 448 45.08 28.91 -43.61
N PHE A 449 45.92 29.77 -44.17
CA PHE A 449 47.37 29.69 -43.96
C PHE A 449 47.82 31.00 -43.39
N THR A 450 48.32 30.94 -42.15
CA THR A 450 48.70 32.12 -41.39
C THR A 450 49.44 31.73 -40.13
N LYS A 451 50.34 32.60 -39.69
CA LYS A 451 51.00 32.45 -38.41
C LYS A 451 50.20 33.11 -37.28
N ASP A 452 49.26 33.96 -37.62
CA ASP A 452 48.59 34.76 -36.60
C ASP A 452 47.41 34.03 -35.92
N LEU A 453 47.51 33.90 -34.62
CA LEU A 453 46.50 33.22 -33.84
C LEU A 453 45.07 33.77 -34.14
N ASP A 454 44.93 35.08 -34.04
CA ASP A 454 43.66 35.77 -34.16
C ASP A 454 43.04 35.60 -35.53
N LYS A 455 43.88 35.60 -36.56
CA LYS A 455 43.39 35.47 -37.92
C LYS A 455 42.93 34.07 -38.17
N ALA A 456 43.58 33.10 -37.53
CA ALA A 456 43.22 31.70 -37.70
C ALA A 456 41.87 31.48 -37.03
N ASN A 457 41.73 32.00 -35.83
CA ASN A 457 40.48 31.85 -35.11
C ASN A 457 39.29 32.57 -35.76
N TYR A 458 39.52 33.79 -36.24
CA TYR A 458 38.49 34.56 -36.93
C TYR A 458 37.97 33.80 -38.16
N LEU A 459 38.90 33.39 -39.02
CA LEU A 459 38.57 32.71 -40.25
C LEU A 459 37.97 31.33 -40.05
N SER A 460 38.48 30.57 -39.10
CA SER A 460 37.98 29.19 -38.94
C SER A 460 36.55 29.25 -38.43
N GLN A 461 36.24 30.29 -37.67
CA GLN A 461 34.87 30.53 -37.24
C GLN A 461 33.94 30.98 -38.39
N ALA A 462 34.44 31.89 -39.21
CA ALA A 462 33.60 32.59 -40.18
C ALA A 462 33.32 31.78 -41.43
N LEU A 463 34.23 30.89 -41.80
CA LEU A 463 34.06 30.07 -43.01
C LEU A 463 32.94 29.04 -42.89
N GLN A 464 32.09 28.99 -43.92
CA GLN A 464 30.96 28.11 -43.98
C GLN A 464 31.36 26.80 -44.67
N ALA A 465 32.07 25.96 -43.91
CA ALA A 465 32.57 24.72 -44.45
C ALA A 465 32.58 23.66 -43.38
N GLY A 466 32.30 22.43 -43.77
CA GLY A 466 32.28 21.32 -42.85
C GLY A 466 33.63 20.97 -42.22
N THR A 467 34.72 21.30 -42.90
CA THR A 467 36.04 21.14 -42.36
C THR A 467 36.88 22.35 -42.71
N VAL A 468 37.59 22.90 -41.73
CA VAL A 468 38.51 24.00 -41.98
C VAL A 468 39.88 23.57 -41.52
N TRP A 469 40.83 23.47 -42.46
CA TRP A 469 42.21 23.18 -42.12
C TRP A 469 42.96 24.46 -41.88
N VAL A 470 43.77 24.50 -40.83
CA VAL A 470 44.62 25.65 -40.57
C VAL A 470 46.04 25.19 -40.77
N ASN A 471 46.78 25.88 -41.64
CA ASN A 471 48.17 25.54 -41.99
C ASN A 471 48.41 24.08 -42.44
N CYS A 472 47.38 23.48 -43.01
CA CYS A 472 47.54 22.18 -43.62
C CYS A 472 46.40 21.97 -44.62
N TYR A 473 46.39 20.83 -45.28
CA TYR A 473 45.30 20.53 -46.17
C TYR A 473 45.19 19.04 -46.32
N ASP A 474 43.95 18.58 -46.51
CA ASP A 474 43.63 17.17 -46.72
C ASP A 474 44.17 16.34 -45.59
N VAL A 475 44.04 16.87 -44.36
CA VAL A 475 44.34 16.09 -43.19
C VAL A 475 43.05 15.45 -42.70
N PHE A 476 42.94 14.16 -43.01
CA PHE A 476 41.85 13.33 -42.59
C PHE A 476 42.33 12.36 -41.51
N GLY A 477 41.41 12.05 -40.62
CA GLY A 477 41.62 11.03 -39.61
C GLY A 477 40.28 10.38 -39.34
N ALA A 478 40.30 9.08 -39.10
CA ALA A 478 39.10 8.32 -38.83
C ALA A 478 38.33 8.89 -37.66
N GLN A 479 39.06 9.55 -36.76
CA GLN A 479 38.52 10.15 -35.56
C GLN A 479 37.71 11.44 -35.83
N SER A 480 37.98 12.13 -36.92
CA SER A 480 37.46 13.49 -37.15
C SER A 480 36.39 13.51 -38.24
N PRO A 481 35.25 14.12 -37.93
CA PRO A 481 34.14 14.00 -38.87
C PRO A 481 34.35 14.85 -40.12
N PHE A 482 33.69 14.47 -41.19
CA PHE A 482 33.83 15.14 -42.46
C PHE A 482 32.48 15.16 -43.16
N GLY A 483 32.15 16.32 -43.73
CA GLY A 483 30.94 16.49 -44.53
C GLY A 483 30.70 17.95 -44.85
N GLY A 484 29.62 18.20 -45.57
CA GLY A 484 29.35 19.49 -46.16
C GLY A 484 28.34 20.34 -45.41
N TYR A 485 28.57 21.65 -45.53
CA TYR A 485 27.57 22.67 -45.34
C TYR A 485 26.84 22.89 -46.68
N LYS A 486 25.71 23.59 -46.63
CA LYS A 486 24.95 23.97 -47.81
C LYS A 486 24.73 22.78 -48.76
N MET A 487 25.04 22.92 -50.03
CA MET A 487 24.78 21.87 -50.99
C MET A 487 25.97 20.93 -51.23
N SER A 488 26.98 21.00 -50.36
CA SER A 488 28.07 20.02 -50.36
C SER A 488 27.63 18.75 -49.66
N GLY A 489 26.51 18.79 -48.97
CA GLY A 489 25.96 17.55 -48.45
C GLY A 489 25.18 17.71 -47.18
N SER A 490 24.89 16.58 -46.56
CA SER A 490 24.21 16.56 -45.28
C SER A 490 24.62 15.33 -44.51
N GLY A 491 24.74 15.48 -43.20
CA GLY A 491 25.28 14.44 -42.36
C GLY A 491 26.79 14.49 -42.38
N ARG A 492 27.37 13.69 -41.51
CA ARG A 492 28.80 13.65 -41.31
C ARG A 492 29.26 12.21 -41.40
N GLU A 493 30.39 12.00 -42.04
CA GLU A 493 31.07 10.73 -41.98
C GLU A 493 32.29 10.86 -41.08
N LEU A 494 32.81 9.70 -40.66
CA LEU A 494 33.95 9.55 -39.76
C LEU A 494 33.63 9.97 -38.33
N GLY A 495 34.57 9.66 -37.44
CA GLY A 495 34.40 9.87 -36.01
C GLY A 495 33.17 9.20 -35.40
N GLU A 496 32.87 9.63 -34.18
CA GLU A 496 31.67 9.24 -33.49
C GLU A 496 30.44 9.68 -34.28
N TYR A 497 30.59 10.81 -34.96
CA TYR A 497 29.52 11.41 -35.72
C TYR A 497 29.02 10.50 -36.84
N GLY A 498 29.95 9.76 -37.44
CA GLY A 498 29.62 8.83 -38.50
C GLY A 498 28.70 7.69 -38.07
N LEU A 499 28.53 7.49 -36.76
CA LEU A 499 27.64 6.46 -36.26
C LEU A 499 26.17 6.87 -36.24
N GLN A 500 25.94 8.18 -36.10
CA GLN A 500 24.60 8.75 -35.85
C GLN A 500 23.59 8.37 -36.91
N ALA A 501 24.00 8.43 -38.17
CA ALA A 501 23.09 8.12 -39.27
C ALA A 501 22.80 6.60 -39.38
N TYR A 502 23.64 5.77 -38.78
CA TYR A 502 23.45 4.31 -38.82
C TYR A 502 22.71 3.75 -37.62
N THR A 503 22.17 4.63 -36.78
CA THR A 503 21.51 4.27 -35.52
C THR A 503 20.06 4.75 -35.47
N GLU A 504 19.14 3.85 -35.15
CA GLU A 504 17.73 4.23 -34.90
C GLU A 504 17.53 4.22 -33.41
N VAL A 505 17.05 5.33 -32.85
CA VAL A 505 16.88 5.48 -31.38
C VAL A 505 15.50 5.05 -30.92
N LYS A 506 15.45 4.22 -29.90
CA LYS A 506 14.20 3.72 -29.35
C LYS A 506 14.17 4.15 -27.90
N THR A 507 13.08 4.77 -27.49
CA THR A 507 12.84 5.12 -26.10
C THR A 507 12.02 4.02 -25.45
N VAL A 508 12.41 3.62 -24.26
CA VAL A 508 11.66 2.65 -23.50
C VAL A 508 11.37 3.34 -22.19
N THR A 509 10.10 3.36 -21.83
CA THR A 509 9.64 4.09 -20.68
C THR A 509 8.73 3.18 -19.88
N VAL A 510 9.18 2.87 -18.66
CA VAL A 510 8.61 1.83 -17.84
C VAL A 510 8.03 2.43 -16.57
N LYS A 511 6.79 2.05 -16.23
CA LYS A 511 6.17 2.48 -14.97
C LYS A 511 6.80 1.70 -13.81
N VAL A 512 7.19 2.43 -12.77
CA VAL A 512 7.85 1.86 -11.59
C VAL A 512 7.07 2.21 -10.30
N PRO A 513 7.18 1.36 -9.26
CA PRO A 513 6.40 1.62 -8.05
C PRO A 513 6.66 2.99 -7.42
N GLN A 514 7.90 3.43 -7.37
CA GLN A 514 8.22 4.73 -6.81
C GLN A 514 9.61 5.17 -7.25
N LYS A 515 9.68 6.27 -8.00
CA LYS A 515 10.97 6.82 -8.50
C LYS A 515 11.73 7.56 -7.41
N ASN A 516 13.02 7.25 -7.29
CA ASN A 516 13.93 8.00 -6.42
C ASN A 516 15.17 8.36 -7.21
N SER A 517 15.81 9.47 -6.88
CA SER A 517 17.01 9.91 -7.59
C SER A 517 18.13 8.86 -7.56
N ALA B 24 -6.56 21.84 -9.08
CA ALA B 24 -6.68 23.28 -8.66
C ALA B 24 -6.65 24.21 -9.88
N VAL B 25 -7.73 24.19 -10.66
CA VAL B 25 -7.77 24.86 -11.97
C VAL B 25 -8.60 26.15 -11.93
N PRO B 26 -8.02 27.29 -12.33
CA PRO B 26 -8.80 28.53 -12.31
C PRO B 26 -9.98 28.50 -13.27
N ALA B 27 -11.03 29.26 -12.96
CA ALA B 27 -12.20 29.28 -13.81
C ALA B 27 -11.86 29.98 -15.14
N PRO B 28 -12.19 29.35 -16.27
CA PRO B 28 -11.82 29.94 -17.56
C PRO B 28 -12.73 31.11 -17.96
N ASN B 29 -12.14 32.09 -18.63
CA ASN B 29 -12.90 32.97 -19.49
C ASN B 29 -13.30 32.15 -20.73
N GLN B 30 -14.59 31.84 -20.86
CA GLN B 30 -15.10 31.00 -21.95
C GLN B 30 -15.29 31.71 -23.28
N GLN B 31 -15.03 33.02 -23.32
CA GLN B 31 -15.01 33.80 -24.57
C GLN B 31 -13.81 34.76 -24.51
N PRO B 32 -12.59 34.20 -24.49
CA PRO B 32 -11.40 35.04 -24.39
C PRO B 32 -11.20 35.92 -25.64
N GLU B 33 -10.64 37.08 -25.43
CA GLU B 33 -10.39 38.03 -26.51
C GLU B 33 -9.20 37.63 -27.36
N VAL B 34 -9.30 37.85 -28.67
CA VAL B 34 -8.19 37.66 -29.56
C VAL B 34 -7.49 38.98 -29.80
N PHE B 35 -6.17 39.00 -29.58
CA PHE B 35 -5.32 40.17 -29.80
C PHE B 35 -4.36 40.02 -30.98
N CYS B 36 -4.16 38.81 -31.49
CA CYS B 36 -3.08 38.57 -32.44
C CYS B 36 -3.59 37.68 -33.54
N ASN B 37 -3.63 38.22 -34.75
CA ASN B 37 -4.20 37.51 -35.89
C ASN B 37 -3.53 37.84 -37.21
N GLN B 38 -2.29 38.35 -37.15
CA GLN B 38 -1.56 38.74 -38.35
C GLN B 38 -0.29 37.90 -38.57
N ILE B 39 0.51 38.29 -39.55
CA ILE B 39 1.81 37.69 -39.77
C ILE B 39 2.86 38.34 -38.86
N PHE B 40 3.65 37.52 -38.18
CA PHE B 40 4.69 37.99 -37.28
C PHE B 40 6.07 37.91 -37.96
N ILE B 41 6.62 39.05 -38.34
CA ILE B 41 7.98 39.13 -38.93
C ILE B 41 8.73 40.31 -38.33
N ASN B 42 10.01 40.10 -38.00
CA ASN B 42 10.82 41.12 -37.33
C ASN B 42 10.17 41.76 -36.13
N ASN B 43 9.58 40.93 -35.28
CA ASN B 43 8.90 41.40 -34.07
C ASN B 43 7.78 42.41 -34.36
N GLU B 44 7.11 42.24 -35.49
CA GLU B 44 6.11 43.19 -35.95
C GLU B 44 4.96 42.46 -36.61
N TRP B 45 3.78 43.06 -36.51
CA TRP B 45 2.57 42.44 -37.05
C TRP B 45 2.29 43.06 -38.39
N HIS B 46 2.13 42.22 -39.41
CA HIS B 46 1.87 42.68 -40.78
C HIS B 46 0.69 41.92 -41.33
N ASP B 47 -0.07 42.57 -42.19
CA ASP B 47 -1.07 41.86 -42.99
C ASP B 47 -0.35 41.05 -44.07
N ALA B 48 -1.08 40.14 -44.71
CA ALA B 48 -0.59 39.47 -45.91
C ALA B 48 -0.40 40.48 -47.03
N VAL B 49 0.58 40.23 -47.90
CA VAL B 49 0.80 41.12 -49.03
C VAL B 49 -0.49 41.20 -49.89
N SER B 50 -1.14 40.06 -50.11
CA SER B 50 -2.41 40.02 -50.84
C SER B 50 -3.58 40.71 -50.13
N ARG B 51 -3.43 41.01 -48.84
CA ARG B 51 -4.50 41.45 -47.93
C ARG B 51 -5.60 40.41 -47.66
N LYS B 52 -5.44 39.19 -48.15
CA LYS B 52 -6.43 38.15 -47.90
C LYS B 52 -6.35 37.65 -46.46
N THR B 53 -7.46 37.12 -45.97
CA THR B 53 -7.60 36.59 -44.62
C THR B 53 -8.45 35.33 -44.67
N PHE B 54 -8.30 34.46 -43.69
CA PHE B 54 -9.17 33.28 -43.61
C PHE B 54 -9.78 33.18 -42.23
N PRO B 55 -10.97 32.55 -42.13
CA PRO B 55 -11.60 32.41 -40.83
C PRO B 55 -11.02 31.24 -40.03
N THR B 56 -10.90 31.40 -38.71
CA THR B 56 -10.66 30.24 -37.87
C THR B 56 -11.89 29.99 -37.02
N VAL B 57 -12.23 28.72 -36.88
CA VAL B 57 -13.51 28.35 -36.34
C VAL B 57 -13.40 27.63 -35.00
N ASN B 58 -14.42 27.84 -34.18
CA ASN B 58 -14.56 27.18 -32.92
C ASN B 58 -15.25 25.85 -33.17
N PRO B 59 -14.52 24.73 -33.02
CA PRO B 59 -15.07 23.45 -33.40
C PRO B 59 -16.14 22.96 -32.45
N SER B 60 -16.29 23.61 -31.30
CA SER B 60 -17.41 23.30 -30.42
C SER B 60 -18.74 23.84 -30.92
N THR B 61 -18.73 25.00 -31.57
CA THR B 61 -19.95 25.67 -32.03
C THR B 61 -20.15 25.63 -33.55
N GLY B 62 -19.07 25.38 -34.29
CA GLY B 62 -19.07 25.52 -35.75
C GLY B 62 -18.95 26.96 -36.23
N GLU B 63 -18.83 27.91 -35.30
CA GLU B 63 -18.86 29.34 -35.62
C GLU B 63 -17.46 29.95 -35.70
N VAL B 64 -17.36 31.03 -36.46
CA VAL B 64 -16.11 31.74 -36.69
C VAL B 64 -15.71 32.52 -35.46
N ILE B 65 -14.42 32.48 -35.13
CA ILE B 65 -13.88 33.22 -33.99
C ILE B 65 -13.40 34.56 -34.48
N CYS B 66 -12.58 34.55 -35.52
CA CYS B 66 -12.07 35.76 -36.11
C CYS B 66 -11.45 35.44 -37.46
N GLN B 67 -10.94 36.48 -38.12
CA GLN B 67 -10.20 36.32 -39.36
C GLN B 67 -8.71 36.37 -39.06
N VAL B 68 -7.92 35.71 -39.90
CA VAL B 68 -6.47 35.64 -39.69
C VAL B 68 -5.76 35.84 -41.02
N ALA B 69 -4.68 36.62 -40.99
CA ALA B 69 -3.91 36.94 -42.18
C ALA B 69 -3.48 35.68 -42.92
N GLU B 70 -3.73 35.65 -44.22
CA GLU B 70 -3.43 34.48 -45.05
C GLU B 70 -2.10 34.61 -45.76
N GLY B 71 -1.05 34.07 -45.15
CA GLY B 71 0.28 34.14 -45.71
C GLY B 71 0.42 33.20 -46.89
N ASP B 72 1.20 33.63 -47.86
CA ASP B 72 1.50 32.84 -49.04
C ASP B 72 3.00 32.97 -49.29
N LYS B 73 3.46 32.45 -50.42
CA LYS B 73 4.85 32.53 -50.86
C LYS B 73 5.55 33.87 -50.57
N GLU B 74 4.89 34.97 -50.87
CA GLU B 74 5.54 36.28 -50.75
C GLU B 74 5.83 36.66 -49.31
N ASP B 75 5.03 36.14 -48.40
CA ASP B 75 5.15 36.45 -46.99
C ASP B 75 6.25 35.56 -46.40
N VAL B 76 6.28 34.30 -46.83
CA VAL B 76 7.37 33.39 -46.51
C VAL B 76 8.69 34.00 -46.99
N ASP B 77 8.73 34.51 -48.22
CA ASP B 77 9.97 35.13 -48.72
C ASP B 77 10.46 36.23 -47.79
N LYS B 78 9.53 37.06 -47.28
CA LYS B 78 9.91 38.14 -46.36
C LYS B 78 10.40 37.60 -45.01
N ALA B 79 9.76 36.54 -44.55
CA ALA B 79 10.11 35.94 -43.27
C ALA B 79 11.51 35.34 -43.34
N VAL B 80 11.79 34.67 -44.45
CA VAL B 80 13.08 34.06 -44.64
C VAL B 80 14.17 35.13 -44.72
N LYS B 81 13.88 36.22 -45.41
CA LYS B 81 14.86 37.30 -45.50
C LYS B 81 15.18 37.91 -44.13
N ALA B 82 14.17 38.07 -43.28
CA ALA B 82 14.37 38.63 -41.95
C ALA B 82 15.18 37.67 -41.09
N ALA B 83 14.79 36.40 -41.13
CA ALA B 83 15.53 35.33 -40.44
C ALA B 83 16.99 35.32 -40.87
N ARG B 84 17.21 35.30 -42.17
CA ARG B 84 18.59 35.32 -42.71
C ARG B 84 19.39 36.47 -42.17
N ALA B 85 18.81 37.66 -42.15
CA ALA B 85 19.48 38.85 -41.62
C ALA B 85 19.82 38.73 -40.13
N ALA B 86 18.86 38.27 -39.35
CA ALA B 86 19.05 37.96 -37.94
C ALA B 86 20.17 36.96 -37.71
N PHE B 87 20.36 36.02 -38.64
CA PHE B 87 21.45 35.03 -38.58
C PHE B 87 22.80 35.46 -39.17
N GLN B 88 22.98 36.73 -39.54
CA GLN B 88 24.27 37.15 -40.11
C GLN B 88 25.36 37.18 -39.06
N LEU B 89 26.55 36.76 -39.47
CA LEU B 89 27.72 36.80 -38.61
C LEU B 89 27.85 38.23 -38.05
N GLY B 90 28.07 38.36 -36.75
CA GLY B 90 28.19 39.66 -36.11
C GLY B 90 26.90 40.26 -35.55
N SER B 91 25.78 39.58 -35.73
CA SER B 91 24.47 40.10 -35.34
C SER B 91 24.24 39.86 -33.87
N PRO B 92 23.23 40.53 -33.28
CA PRO B 92 23.00 40.34 -31.85
C PRO B 92 22.67 38.91 -31.48
N TRP B 93 21.88 38.25 -32.32
CA TRP B 93 21.52 36.88 -32.03
C TRP B 93 22.71 35.95 -32.15
N ARG B 94 23.60 36.22 -33.12
CA ARG B 94 24.80 35.36 -33.31
C ARG B 94 25.88 35.62 -32.25
N ARG B 95 25.92 36.83 -31.73
CA ARG B 95 26.97 37.21 -30.80
C ARG B 95 26.63 36.89 -29.34
N MET B 96 25.35 36.64 -29.08
CA MET B 96 24.81 36.44 -27.73
CA MET B 96 24.92 36.52 -27.70
C MET B 96 25.39 35.22 -27.07
N ASP B 97 25.72 35.32 -25.79
CA ASP B 97 26.21 34.18 -25.08
C ASP B 97 25.13 33.10 -25.09
N ALA B 98 25.56 31.86 -25.29
CA ALA B 98 24.68 30.72 -25.27
C ALA B 98 23.86 30.69 -23.98
N SER B 99 24.50 30.93 -22.85
CA SER B 99 23.82 31.01 -21.56
C SER B 99 22.66 32.04 -21.59
N HIS B 100 22.85 33.15 -22.29
CA HIS B 100 21.80 34.16 -22.41
C HIS B 100 20.63 33.74 -23.32
N ARG B 101 20.90 32.88 -24.31
CA ARG B 101 19.81 32.21 -25.00
C ARG B 101 18.89 31.46 -24.04
N GLY B 102 19.50 30.75 -23.09
CA GLY B 102 18.77 30.05 -22.04
C GLY B 102 17.98 31.00 -21.20
N ARG B 103 18.56 32.14 -20.86
CA ARG B 103 17.82 33.11 -20.05
C ARG B 103 16.57 33.55 -20.81
N LEU B 104 16.72 33.86 -22.09
CA LEU B 104 15.56 34.28 -22.94
C LEU B 104 14.42 33.26 -22.96
N LEU B 105 14.78 31.99 -23.17
CA LEU B 105 13.86 30.90 -23.08
C LEU B 105 13.14 30.78 -21.73
N ASN B 106 13.89 30.88 -20.63
CA ASN B 106 13.28 30.86 -19.29
C ASN B 106 12.35 32.05 -19.05
N ARG B 107 12.71 33.21 -19.61
CA ARG B 107 11.84 34.39 -19.55
C ARG B 107 10.54 34.13 -20.35
N LEU B 108 10.68 33.53 -21.53
CA LEU B 108 9.51 33.18 -22.33
C LEU B 108 8.56 32.29 -21.55
N ALA B 109 9.13 31.30 -20.87
CA ALA B 109 8.35 30.41 -20.05
C ALA B 109 7.62 31.16 -18.92
N ASP B 110 8.32 32.07 -18.26
CA ASP B 110 7.68 32.83 -17.20
C ASP B 110 6.49 33.61 -17.73
N LEU B 111 6.63 34.23 -18.90
CA LEU B 111 5.52 34.94 -19.58
C LEU B 111 4.33 34.03 -19.91
N ILE B 112 4.62 32.83 -20.41
CA ILE B 112 3.59 31.86 -20.72
C ILE B 112 2.90 31.39 -19.44
N GLU B 113 3.68 31.26 -18.36
CA GLU B 113 3.11 30.92 -17.06
C GLU B 113 2.25 32.07 -16.51
N ARG B 114 2.66 33.31 -16.72
CA ARG B 114 1.84 34.47 -16.33
C ARG B 114 0.49 34.45 -17.06
N ASP B 115 0.53 34.10 -18.35
CA ASP B 115 -0.63 34.13 -19.21
C ASP B 115 -1.29 32.77 -19.41
N ARG B 116 -1.07 31.88 -18.45
CA ARG B 116 -1.44 30.48 -18.58
C ARG B 116 -2.95 30.25 -18.69
N THR B 117 -3.72 31.05 -17.98
CA THR B 117 -5.16 30.83 -17.88
C THR B 117 -5.78 31.23 -19.20
N TYR B 118 -5.41 32.42 -19.68
CA TYR B 118 -5.78 32.91 -21.00
C TYR B 118 -5.40 31.94 -22.12
N LEU B 119 -4.13 31.54 -22.18
CA LEU B 119 -3.67 30.60 -23.22
C LEU B 119 -4.42 29.26 -23.22
N ALA B 120 -4.64 28.68 -22.06
CA ALA B 120 -5.39 27.45 -21.99
C ALA B 120 -6.80 27.59 -22.54
N ALA B 121 -7.42 28.74 -22.29
CA ALA B 121 -8.81 28.96 -22.68
C ALA B 121 -8.84 29.16 -24.18
N LEU B 122 -7.84 29.88 -24.67
CA LEU B 122 -7.72 30.18 -26.08
C LEU B 122 -7.45 28.91 -26.88
N GLU B 123 -6.54 28.07 -26.38
CA GLU B 123 -6.30 26.77 -26.98
C GLU B 123 -7.61 26.00 -27.10
N THR B 124 -8.40 25.99 -26.05
CA THR B 124 -9.67 25.23 -26.03
C THR B 124 -10.68 25.80 -27.00
N LEU B 125 -10.76 27.11 -27.05
CA LEU B 125 -11.61 27.78 -28.02
C LEU B 125 -11.33 27.36 -29.45
N ASP B 126 -10.05 27.45 -29.84
CA ASP B 126 -9.64 27.24 -31.24
C ASP B 126 -9.58 25.77 -31.62
N ASN B 127 -9.22 24.90 -30.68
CA ASN B 127 -8.93 23.47 -30.98
C ASN B 127 -9.95 22.46 -30.42
N GLY B 128 -10.72 22.83 -29.40
CA GLY B 128 -11.74 21.95 -28.85
C GLY B 128 -11.35 21.00 -27.71
N LYS B 129 -10.10 21.00 -27.28
CA LYS B 129 -9.71 20.09 -26.18
C LYS B 129 -10.16 20.66 -24.85
N PRO B 130 -10.47 19.77 -23.89
CA PRO B 130 -11.07 20.25 -22.65
C PRO B 130 -10.12 21.18 -21.94
N TYR B 131 -10.66 22.28 -21.43
CA TYR B 131 -9.88 23.34 -20.77
C TYR B 131 -9.06 22.84 -19.60
N VAL B 132 -9.61 21.90 -18.86
CA VAL B 132 -8.91 21.28 -17.76
C VAL B 132 -7.59 20.66 -18.25
N ILE B 133 -7.67 19.94 -19.38
CA ILE B 133 -6.53 19.32 -20.01
C ILE B 133 -5.57 20.36 -20.61
N SER B 134 -6.12 21.40 -21.23
CA SER B 134 -5.32 22.48 -21.76
C SER B 134 -4.51 23.13 -20.69
N TYR B 135 -5.12 23.33 -19.52
CA TYR B 135 -4.45 24.00 -18.42
C TYR B 135 -3.45 23.08 -17.72
N LEU B 136 -3.87 21.86 -17.40
CA LEU B 136 -3.08 20.95 -16.57
C LEU B 136 -2.07 20.13 -17.34
N VAL B 137 -2.33 19.85 -18.62
CA VAL B 137 -1.43 19.00 -19.40
C VAL B 137 -0.65 19.83 -20.42
N ASP B 138 -1.35 20.37 -21.42
CA ASP B 138 -0.65 21.06 -22.52
C ASP B 138 0.27 22.19 -22.03
N LEU B 139 -0.28 23.10 -21.23
CA LEU B 139 0.46 24.27 -20.80
C LEU B 139 1.59 23.96 -19.82
N ASP B 140 1.31 23.05 -18.89
CA ASP B 140 2.35 22.44 -18.08
C ASP B 140 3.51 21.94 -18.94
N MET B 141 3.19 21.14 -19.96
CA MET B 141 4.21 20.50 -20.78
C MET B 141 4.96 21.51 -21.62
N VAL B 142 4.27 22.56 -22.04
CA VAL B 142 4.89 23.69 -22.73
C VAL B 142 5.95 24.32 -21.84
N LEU B 143 5.59 24.54 -20.57
CA LEU B 143 6.48 25.21 -19.64
C LEU B 143 7.69 24.33 -19.39
N LYS B 144 7.45 23.05 -19.16
CA LYS B 144 8.53 22.08 -18.95
C LYS B 144 9.49 21.92 -20.11
N CYS B 145 8.97 22.06 -21.32
CA CYS B 145 9.73 21.84 -22.51
C CYS B 145 10.67 22.99 -22.76
N LEU B 146 10.13 24.19 -22.67
CA LEU B 146 10.92 25.39 -22.82
C LEU B 146 12.00 25.50 -21.75
N ARG B 147 11.62 25.20 -20.50
CA ARG B 147 12.57 25.25 -19.38
C ARG B 147 13.63 24.16 -19.47
N TYR B 148 13.29 23.03 -20.07
CA TYR B 148 14.27 21.99 -20.27
C TYR B 148 15.30 22.43 -21.31
N TYR B 149 14.82 22.90 -22.44
CA TYR B 149 15.70 23.30 -23.51
C TYR B 149 16.47 24.57 -23.20
N ALA B 150 15.98 25.40 -22.31
CA ALA B 150 16.76 26.55 -21.80
C ALA B 150 18.09 26.09 -21.13
N GLY B 151 18.04 24.92 -20.50
CA GLY B 151 19.19 24.29 -19.89
C GLY B 151 20.25 23.79 -20.85
N TRP B 152 19.84 23.44 -22.07
CA TRP B 152 20.74 22.83 -23.04
C TRP B 152 21.55 23.88 -23.82
N ALA B 153 21.14 25.14 -23.71
CA ALA B 153 21.64 26.18 -24.57
C ALA B 153 23.16 26.30 -24.49
N ASP B 154 23.74 26.04 -23.32
CA ASP B 154 25.18 26.20 -23.16
C ASP B 154 25.85 24.90 -22.75
N LYS B 155 25.26 23.79 -23.16
CA LYS B 155 25.73 22.48 -22.71
C LYS B 155 25.90 21.43 -23.80
N TYR B 156 25.65 21.78 -25.05
CA TYR B 156 25.73 20.82 -26.14
C TYR B 156 27.10 20.96 -26.78
N HIS B 157 28.09 20.44 -26.09
CA HIS B 157 29.46 20.61 -26.47
C HIS B 157 29.86 19.91 -27.77
N GLY B 158 30.82 20.47 -28.46
CA GLY B 158 31.55 19.72 -29.46
C GLY B 158 32.73 19.00 -28.80
N LYS B 159 33.68 18.54 -29.61
CA LYS B 159 34.68 17.58 -29.15
C LYS B 159 36.10 17.98 -29.53
N THR B 160 37.07 17.61 -28.70
CA THR B 160 38.47 17.63 -29.05
C THR B 160 38.91 16.19 -29.30
N ILE B 161 39.63 16.01 -30.40
CA ILE B 161 39.77 14.72 -31.02
C ILE B 161 41.24 14.37 -31.20
N PRO B 162 41.63 13.18 -30.73
CA PRO B 162 43.03 12.75 -30.74
C PRO B 162 43.40 12.10 -32.08
N ILE B 163 43.49 12.97 -33.08
CA ILE B 163 43.82 12.58 -34.45
C ILE B 163 45.32 12.24 -34.57
N ASP B 164 45.66 11.30 -35.45
CA ASP B 164 47.07 10.95 -35.72
C ASP B 164 47.87 12.14 -36.22
N GLY B 165 49.20 12.08 -36.06
CA GLY B 165 50.09 13.11 -36.59
C GLY B 165 50.08 14.40 -35.79
N ASP B 166 50.81 15.41 -36.27
CA ASP B 166 50.99 16.60 -35.47
C ASP B 166 49.90 17.61 -35.73
N PHE B 167 48.73 17.32 -35.20
CA PHE B 167 47.57 18.17 -35.39
C PHE B 167 46.71 18.25 -34.15
N PHE B 168 46.04 19.39 -34.00
CA PHE B 168 44.99 19.52 -33.01
C PHE B 168 43.67 19.61 -33.76
N SER B 169 42.74 18.70 -33.47
CA SER B 169 41.48 18.66 -34.16
C SER B 169 40.33 18.78 -33.19
N TYR B 170 39.35 19.60 -33.54
CA TYR B 170 38.18 19.74 -32.73
C TYR B 170 36.94 19.99 -33.59
N THR B 171 35.76 19.81 -32.98
CA THR B 171 34.50 20.17 -33.61
C THR B 171 33.79 21.31 -32.87
N ARG B 172 33.11 22.14 -33.66
CA ARG B 172 32.23 23.19 -33.18
C ARG B 172 30.85 22.76 -33.57
N HIS B 173 29.92 22.89 -32.66
CA HIS B 173 28.55 22.59 -32.99
C HIS B 173 27.95 23.94 -33.32
N GLU B 174 27.71 24.22 -34.60
CA GLU B 174 27.19 25.51 -35.05
C GLU B 174 25.71 25.36 -35.32
N PRO B 175 24.95 26.46 -35.35
CA PRO B 175 23.54 26.34 -35.71
C PRO B 175 23.40 25.98 -37.19
N VAL B 176 22.43 25.13 -37.52
CA VAL B 176 22.14 24.80 -38.92
C VAL B 176 21.70 26.03 -39.73
N GLY B 177 21.05 27.02 -39.09
CA GLY B 177 20.71 28.30 -39.76
C GLY B 177 19.22 28.63 -39.78
N VAL B 178 18.67 28.98 -40.94
CA VAL B 178 17.26 29.29 -41.05
C VAL B 178 16.45 28.00 -41.09
N CYS B 179 15.60 27.82 -40.08
CA CYS B 179 14.82 26.61 -39.92
C CYS B 179 13.37 26.87 -40.20
N GLY B 180 12.80 26.08 -41.12
CA GLY B 180 11.39 26.17 -41.43
C GLY B 180 10.66 25.14 -40.62
N GLN B 181 9.65 25.55 -39.87
CA GLN B 181 8.95 24.64 -38.95
C GLN B 181 7.48 24.65 -39.25
N ILE B 182 6.96 23.49 -39.61
CA ILE B 182 5.56 23.38 -39.98
C ILE B 182 4.88 22.56 -38.90
N ILE B 183 4.00 23.19 -38.14
CA ILE B 183 3.43 22.55 -36.96
C ILE B 183 1.93 22.29 -37.09
N PRO B 184 1.48 21.17 -36.50
CA PRO B 184 0.13 20.66 -36.69
C PRO B 184 -0.90 21.30 -35.75
N TRP B 185 -2.15 20.90 -35.91
CA TRP B 185 -3.31 21.45 -35.18
C TRP B 185 -3.73 20.65 -33.97
N ASN B 186 -3.21 19.44 -33.81
CA ASN B 186 -3.62 18.58 -32.68
C ASN B 186 -2.98 18.95 -31.34
N PHE B 187 -1.78 19.54 -31.35
CA PHE B 187 -1.15 20.08 -30.14
C PHE B 187 -0.45 21.39 -30.46
N PRO B 188 -1.23 22.45 -30.69
CA PRO B 188 -0.67 23.70 -31.25
C PRO B 188 0.42 24.33 -30.38
N LEU B 189 0.14 24.53 -29.11
CA LEU B 189 1.12 25.15 -28.20
C LEU B 189 2.28 24.22 -27.92
N LEU B 190 1.97 22.95 -27.63
CA LEU B 190 3.01 22.01 -27.28
C LEU B 190 3.99 21.80 -28.44
N MET B 191 3.45 21.58 -29.63
CA MET B 191 4.29 21.38 -30.80
C MET B 191 5.14 22.57 -31.09
N GLN B 192 4.60 23.77 -30.91
CA GLN B 192 5.35 25.01 -31.05
C GLN B 192 6.54 25.00 -30.07
N ALA B 193 6.27 24.64 -28.83
CA ALA B 193 7.33 24.57 -27.84
C ALA B 193 8.37 23.50 -28.24
N TRP B 194 7.93 22.33 -28.71
CA TRP B 194 8.88 21.27 -29.11
C TRP B 194 9.86 21.72 -30.20
N LYS B 195 9.45 22.64 -31.05
CA LYS B 195 10.26 23.10 -32.15
C LYS B 195 11.05 24.34 -31.77
N LEU B 196 10.43 25.31 -31.09
CA LEU B 196 11.18 26.50 -30.66
C LEU B 196 12.30 26.19 -29.66
N GLY B 197 12.01 25.24 -28.77
CA GLY B 197 12.94 24.87 -27.73
C GLY B 197 14.32 24.63 -28.28
N PRO B 198 14.50 23.53 -29.04
CA PRO B 198 15.83 23.15 -29.48
C PRO B 198 16.40 24.10 -30.52
N ALA B 199 15.53 24.62 -31.38
CA ALA B 199 15.96 25.56 -32.41
C ALA B 199 16.60 26.79 -31.81
N LEU B 200 15.93 27.39 -30.86
CA LEU B 200 16.49 28.60 -30.21
C LEU B 200 17.63 28.26 -29.23
N ALA B 201 17.54 27.09 -28.60
CA ALA B 201 18.57 26.69 -27.67
C ALA B 201 19.90 26.67 -28.39
N THR B 202 19.89 26.21 -29.65
CA THR B 202 21.10 26.00 -30.40
C THR B 202 21.49 27.17 -31.30
N GLY B 203 20.75 28.28 -31.22
CA GLY B 203 21.15 29.53 -31.91
C GLY B 203 20.60 29.66 -33.33
N ASN B 204 19.60 28.86 -33.69
CA ASN B 204 19.01 28.99 -35.00
C ASN B 204 18.03 30.16 -35.01
N VAL B 205 17.50 30.45 -36.18
CA VAL B 205 16.41 31.41 -36.37
C VAL B 205 15.32 30.68 -37.12
N VAL B 206 14.06 31.06 -36.93
CA VAL B 206 13.01 30.23 -37.48
C VAL B 206 11.93 30.94 -38.24
N VAL B 207 11.41 30.20 -39.21
CA VAL B 207 10.24 30.59 -39.95
C VAL B 207 9.21 29.51 -39.75
N MET B 208 8.15 29.85 -39.04
CA MET B 208 7.22 28.85 -38.57
C MET B 208 5.84 29.04 -39.21
N LYS B 209 5.31 27.96 -39.74
CA LYS B 209 4.02 27.96 -40.37
C LYS B 209 3.09 27.23 -39.44
N VAL B 210 2.09 27.91 -38.91
CA VAL B 210 1.10 27.28 -38.02
C VAL B 210 -0.12 26.83 -38.80
N ALA B 211 -0.85 25.86 -38.25
CA ALA B 211 -1.98 25.26 -38.95
C ALA B 211 -3.16 26.21 -38.95
N GLU B 212 -3.89 26.24 -40.07
CA GLU B 212 -5.02 27.13 -40.29
C GLU B 212 -6.14 26.84 -39.31
N GLN B 213 -6.23 25.60 -38.85
CA GLN B 213 -7.27 25.24 -37.89
C GLN B 213 -7.05 25.84 -36.51
N THR B 214 -5.79 26.13 -36.14
CA THR B 214 -5.43 26.49 -34.78
C THR B 214 -4.27 27.49 -34.71
N PRO B 215 -4.38 28.62 -35.42
CA PRO B 215 -3.28 29.58 -35.49
C PRO B 215 -3.10 30.47 -34.25
N LEU B 216 -4.16 30.61 -33.46
CA LEU B 216 -4.25 31.76 -32.54
C LEU B 216 -3.32 31.67 -31.33
N THR B 217 -3.18 30.50 -30.73
CA THR B 217 -2.28 30.36 -29.58
C THR B 217 -0.80 30.65 -29.92
N ALA B 218 -0.34 30.20 -31.09
CA ALA B 218 1.03 30.45 -31.54
C ALA B 218 1.28 31.92 -31.87
N LEU B 219 0.25 32.60 -32.33
CA LEU B 219 0.36 34.00 -32.62
C LEU B 219 0.49 34.79 -31.33
N TYR B 220 -0.31 34.45 -30.33
CA TYR B 220 -0.18 35.13 -29.04
C TYR B 220 1.23 34.91 -28.42
N VAL B 221 1.74 33.69 -28.52
CA VAL B 221 3.06 33.39 -28.01
C VAL B 221 4.12 34.26 -28.68
N ALA B 222 3.94 34.57 -29.96
CA ALA B 222 4.93 35.39 -30.69
C ALA B 222 5.04 36.73 -30.01
N ASN B 223 3.88 37.23 -29.57
CA ASN B 223 3.83 38.48 -28.84
C ASN B 223 4.66 38.43 -27.55
N LEU B 224 4.65 37.27 -26.90
CA LEU B 224 5.45 37.03 -25.70
C LEU B 224 6.92 36.90 -26.03
N ILE B 225 7.21 36.34 -27.20
CA ILE B 225 8.59 36.24 -27.67
C ILE B 225 9.20 37.62 -27.83
N LYS B 226 8.41 38.53 -28.37
CA LYS B 226 8.85 39.90 -28.47
C LYS B 226 9.11 40.46 -27.07
N GLU B 227 8.13 40.29 -26.19
CA GLU B 227 8.22 40.78 -24.80
C GLU B 227 9.46 40.27 -24.06
N ALA B 228 9.77 38.98 -24.22
CA ALA B 228 10.92 38.35 -23.58
C ALA B 228 12.24 38.96 -24.01
N GLY B 229 12.25 39.60 -25.18
CA GLY B 229 13.43 40.32 -25.66
C GLY B 229 14.23 39.59 -26.74
N PHE B 230 13.65 38.59 -27.40
CA PHE B 230 14.34 37.97 -28.53
C PHE B 230 14.57 39.00 -29.63
N PRO B 231 15.75 39.00 -30.25
CA PRO B 231 15.97 39.96 -31.31
C PRO B 231 15.07 39.74 -32.52
N PRO B 232 14.73 40.82 -33.25
CA PRO B 232 13.80 40.67 -34.37
C PRO B 232 14.34 39.78 -35.45
N GLY B 233 13.49 38.95 -36.03
CA GLY B 233 13.91 38.07 -37.09
C GLY B 233 14.33 36.70 -36.57
N VAL B 234 14.53 36.57 -35.28
CA VAL B 234 14.86 35.28 -34.71
C VAL B 234 13.69 34.30 -34.82
N VAL B 235 12.49 34.76 -34.49
CA VAL B 235 11.31 33.93 -34.71
C VAL B 235 10.33 34.68 -35.57
N ASN B 236 9.88 34.06 -36.64
CA ASN B 236 8.91 34.66 -37.56
C ASN B 236 7.80 33.69 -37.76
N ILE B 237 6.55 34.16 -37.70
CA ILE B 237 5.44 33.23 -37.82
C ILE B 237 4.47 33.65 -38.93
N VAL B 238 4.21 32.73 -39.84
CA VAL B 238 3.35 32.96 -41.01
C VAL B 238 2.14 32.04 -40.99
N PRO B 239 0.98 32.53 -40.56
CA PRO B 239 -0.18 31.66 -40.70
C PRO B 239 -0.59 31.57 -42.17
N GLY B 240 -1.35 30.56 -42.54
CA GLY B 240 -1.77 30.40 -43.94
C GLY B 240 -2.17 28.98 -44.24
N PHE B 241 -2.28 28.64 -45.52
CA PHE B 241 -2.59 27.27 -45.94
C PHE B 241 -1.33 26.48 -46.31
N GLY B 242 -1.44 25.16 -46.22
CA GLY B 242 -0.32 24.23 -46.42
C GLY B 242 0.25 24.24 -47.83
N PRO B 243 -0.61 23.98 -48.83
CA PRO B 243 -0.15 23.98 -50.22
C PRO B 243 0.45 25.32 -50.68
N THR B 244 0.30 26.39 -49.89
CA THR B 244 0.84 27.69 -50.27
C THR B 244 2.04 28.05 -49.40
N ALA B 245 1.79 28.35 -48.12
CA ALA B 245 2.83 28.79 -47.20
C ALA B 245 3.77 27.64 -46.84
N GLY B 246 3.19 26.48 -46.58
CA GLY B 246 3.97 25.30 -46.24
C GLY B 246 4.93 24.90 -47.34
N ALA B 247 4.40 24.77 -48.55
CA ALA B 247 5.20 24.43 -49.73
C ALA B 247 6.31 25.46 -50.02
N ALA B 248 6.02 26.74 -49.76
CA ALA B 248 6.97 27.81 -50.00
C ALA B 248 8.18 27.65 -49.09
N ILE B 249 7.93 27.20 -47.87
CA ILE B 249 9.00 26.99 -46.91
C ILE B 249 9.84 25.77 -47.27
N ALA B 250 9.17 24.67 -47.63
CA ALA B 250 9.86 23.47 -48.06
C ALA B 250 10.68 23.63 -49.34
N SER B 251 10.26 24.54 -50.23
CA SER B 251 10.92 24.77 -51.53
C SER B 251 11.95 25.89 -51.56
N HIS B 252 12.07 26.62 -50.45
CA HIS B 252 12.82 27.86 -50.45
C HIS B 252 14.30 27.59 -50.56
N GLU B 253 15.01 28.40 -51.33
CA GLU B 253 16.42 28.14 -51.67
C GLU B 253 17.37 28.56 -50.55
N ASP B 254 16.86 29.33 -49.61
CA ASP B 254 17.64 29.87 -48.53
C ASP B 254 17.17 29.38 -47.15
N VAL B 255 16.34 28.35 -47.13
CA VAL B 255 15.94 27.67 -45.89
C VAL B 255 16.87 26.44 -45.75
N ASP B 256 17.62 26.40 -44.65
CA ASP B 256 18.62 25.38 -44.45
C ASP B 256 18.05 24.06 -43.95
N LYS B 257 16.90 24.11 -43.28
CA LYS B 257 16.35 22.92 -42.62
C LYS B 257 14.84 23.04 -42.45
N VAL B 258 14.14 21.93 -42.59
CA VAL B 258 12.69 21.91 -42.46
C VAL B 258 12.29 20.80 -41.54
N ALA B 259 11.42 21.14 -40.60
CA ALA B 259 10.86 20.18 -39.68
C ALA B 259 9.36 20.19 -39.88
N PHE B 260 8.79 19.02 -40.16
CA PHE B 260 7.35 18.92 -40.44
C PHE B 260 6.74 17.83 -39.57
N THR B 261 5.59 18.14 -38.98
CA THR B 261 4.80 17.16 -38.24
C THR B 261 3.42 17.10 -38.89
N GLY B 262 2.96 15.92 -39.28
CA GLY B 262 1.64 15.80 -39.89
C GLY B 262 1.40 14.44 -40.50
N SER B 263 0.81 14.41 -41.70
CA SER B 263 0.46 13.14 -42.31
C SER B 263 1.64 12.58 -43.12
N THR B 264 1.77 11.25 -43.08
CA THR B 264 2.74 10.54 -43.90
C THR B 264 2.74 11.03 -45.34
N GLU B 265 1.56 11.14 -45.93
CA GLU B 265 1.41 11.59 -47.33
C GLU B 265 2.06 12.95 -47.59
N ILE B 266 1.78 13.93 -46.73
CA ILE B 266 2.34 15.29 -46.90
C ILE B 266 3.85 15.28 -46.59
N GLY B 267 4.30 14.39 -45.71
CA GLY B 267 5.74 14.26 -45.45
C GLY B 267 6.57 13.92 -46.68
N ARG B 268 5.97 13.18 -47.60
CA ARG B 268 6.62 12.81 -48.84
C ARG B 268 6.78 14.02 -49.71
N VAL B 269 5.75 14.86 -49.74
CA VAL B 269 5.81 16.11 -50.49
C VAL B 269 6.94 17.01 -49.99
N ILE B 270 7.18 17.00 -48.68
CA ILE B 270 8.22 17.83 -48.09
C ILE B 270 9.61 17.34 -48.47
N GLN B 271 9.85 16.04 -48.32
CA GLN B 271 11.15 15.43 -48.67
C GLN B 271 11.45 15.69 -50.13
N VAL B 272 10.45 15.43 -50.97
CA VAL B 272 10.57 15.66 -52.41
C VAL B 272 10.92 17.12 -52.68
N ALA B 273 10.22 18.05 -52.04
CA ALA B 273 10.48 19.48 -52.19
C ALA B 273 11.89 19.87 -51.76
N ALA B 274 12.39 19.26 -50.69
CA ALA B 274 13.74 19.58 -50.19
C ALA B 274 14.83 19.16 -51.18
N GLY B 275 14.69 17.95 -51.70
CA GLY B 275 15.58 17.44 -52.74
C GLY B 275 15.50 18.19 -54.06
N SER B 276 14.33 18.72 -54.40
CA SER B 276 14.18 19.51 -55.64
C SER B 276 14.72 20.92 -55.52
N SER B 277 14.87 21.42 -54.30
CA SER B 277 15.32 22.79 -54.11
C SER B 277 16.81 22.80 -53.74
N ASN B 278 17.15 22.97 -52.46
CA ASN B 278 18.54 23.18 -52.06
C ASN B 278 19.12 22.11 -51.14
N LEU B 279 18.53 20.93 -51.11
CA LEU B 279 18.98 19.86 -50.22
C LEU B 279 18.97 20.28 -48.75
N LYS B 280 18.03 21.15 -48.38
CA LYS B 280 17.77 21.45 -46.97
C LYS B 280 17.63 20.12 -46.20
N ARG B 281 18.01 20.13 -44.93
CA ARG B 281 17.93 18.94 -44.09
C ARG B 281 16.47 18.80 -43.66
N VAL B 282 16.03 17.57 -43.43
CA VAL B 282 14.63 17.31 -43.14
C VAL B 282 14.44 16.34 -41.96
N THR B 283 13.55 16.67 -41.02
CA THR B 283 13.06 15.71 -40.00
C THR B 283 11.56 15.69 -40.06
N LEU B 284 10.96 14.53 -39.85
CA LEU B 284 9.52 14.38 -40.00
C LEU B 284 8.95 13.56 -38.86
N GLU B 285 7.82 14.01 -38.34
CA GLU B 285 7.03 13.27 -37.37
C GLU B 285 5.69 13.05 -38.02
N LEU B 286 5.43 11.82 -38.39
CA LEU B 286 4.29 11.50 -39.23
C LEU B 286 3.27 10.66 -38.48
N GLY B 287 2.45 9.89 -39.19
CA GLY B 287 1.41 9.09 -38.54
C GLY B 287 1.89 7.83 -37.82
N GLY B 288 0.92 7.17 -37.18
CA GLY B 288 1.10 5.89 -36.52
C GLY B 288 -0.17 5.04 -36.54
N LYS B 289 0.01 3.75 -36.24
CA LYS B 289 -1.06 2.83 -35.94
C LYS B 289 -0.50 1.94 -34.82
N SER B 290 -0.30 2.58 -33.68
CA SER B 290 0.49 2.04 -32.60
C SER B 290 -0.19 0.89 -31.86
N PRO B 291 0.51 -0.25 -31.71
CA PRO B 291 -0.07 -1.35 -30.98
C PRO B 291 0.14 -1.23 -29.46
N ASN B 292 -0.94 -1.53 -28.74
CA ASN B 292 -1.00 -1.58 -27.29
C ASN B 292 -1.36 -3.02 -26.98
N ILE B 293 -0.42 -3.74 -26.39
CA ILE B 293 -0.45 -5.19 -26.26
C ILE B 293 -0.71 -5.54 -24.82
N ILE B 294 -1.84 -6.19 -24.54
CA ILE B 294 -2.21 -6.55 -23.17
C ILE B 294 -2.03 -8.05 -22.97
N MET B 295 -1.02 -8.43 -22.19
CA MET B 295 -0.78 -9.83 -21.86
C MET B 295 -1.77 -10.30 -20.83
N SER B 296 -1.89 -11.62 -20.67
CA SER B 296 -2.90 -12.20 -19.75
C SER B 296 -2.55 -12.06 -18.25
N ASP B 297 -1.29 -11.75 -17.92
CA ASP B 297 -0.92 -11.47 -16.53
C ASP B 297 -0.89 -9.97 -16.23
N ALA B 298 -1.52 -9.16 -17.07
CA ALA B 298 -1.64 -7.72 -16.81
C ALA B 298 -2.61 -7.41 -15.69
N ASP B 299 -2.33 -6.34 -14.94
CA ASP B 299 -3.29 -5.74 -14.04
C ASP B 299 -4.49 -5.25 -14.87
N MET B 300 -5.60 -5.97 -14.74
CA MET B 300 -6.78 -5.79 -15.57
C MET B 300 -7.32 -4.37 -15.55
N ASP B 301 -7.51 -3.81 -14.35
CA ASP B 301 -8.14 -2.49 -14.21
C ASP B 301 -7.24 -1.36 -14.69
N TRP B 302 -5.99 -1.39 -14.28
CA TRP B 302 -4.99 -0.47 -14.79
C TRP B 302 -4.91 -0.54 -16.32
N ALA B 303 -4.78 -1.76 -16.84
CA ALA B 303 -4.70 -1.96 -18.28
C ALA B 303 -5.91 -1.42 -19.01
N VAL B 304 -7.11 -1.63 -18.48
CA VAL B 304 -8.35 -1.18 -19.11
C VAL B 304 -8.39 0.33 -19.14
N GLU B 305 -8.03 0.95 -18.04
CA GLU B 305 -8.03 2.41 -17.96
C GLU B 305 -6.94 3.03 -18.84
N GLN B 306 -5.78 2.39 -18.91
CA GLN B 306 -4.69 2.93 -19.73
C GLN B 306 -4.97 2.71 -21.23
N ALA B 307 -5.65 1.62 -21.57
CA ALA B 307 -5.98 1.34 -22.96
C ALA B 307 -7.00 2.35 -23.45
N HIS B 308 -7.93 2.67 -22.56
CA HIS B 308 -8.89 3.75 -22.79
C HIS B 308 -8.18 5.08 -23.03
N PHE B 309 -7.34 5.46 -22.09
CA PHE B 309 -6.52 6.66 -22.23
C PHE B 309 -5.71 6.65 -23.54
N ALA B 310 -5.04 5.53 -23.83
CA ALA B 310 -4.19 5.41 -25.03
C ALA B 310 -4.91 5.81 -26.31
N LEU B 311 -6.18 5.45 -26.41
CA LEU B 311 -6.91 5.71 -27.60
C LEU B 311 -7.66 7.04 -27.59
N PHE B 312 -8.40 7.29 -26.52
CA PHE B 312 -9.33 8.41 -26.51
C PHE B 312 -8.72 9.74 -26.17
N PHE B 313 -7.48 9.76 -25.67
CA PHE B 313 -6.91 11.03 -25.27
C PHE B 313 -6.92 12.02 -26.44
N ASN B 314 -7.21 13.28 -26.16
CA ASN B 314 -7.26 14.32 -27.17
C ASN B 314 -8.21 14.01 -28.35
N GLN B 315 -9.39 13.48 -28.04
CA GLN B 315 -10.40 13.15 -29.04
C GLN B 315 -9.88 12.20 -30.10
N GLY B 316 -8.97 11.30 -29.71
CA GLY B 316 -8.39 10.34 -30.63
C GLY B 316 -7.34 10.96 -31.54
N GLN B 317 -7.02 12.24 -31.31
CA GLN B 317 -6.19 13.00 -32.23
C GLN B 317 -4.72 13.04 -31.78
N CYS B 318 -4.14 11.85 -31.69
CA CYS B 318 -2.74 11.65 -31.38
C CYS B 318 -2.10 10.72 -32.40
N CYS B 319 -0.94 11.14 -32.90
CA CYS B 319 -0.16 10.36 -33.85
C CYS B 319 0.22 9.00 -33.27
N CYS B 320 0.39 8.96 -31.94
CA CYS B 320 0.74 7.75 -31.20
C CYS B 320 -0.43 7.08 -30.48
N ALA B 321 -1.66 7.41 -30.86
CA ALA B 321 -2.82 6.72 -30.32
C ALA B 321 -2.65 5.20 -30.37
N GLY B 322 -2.98 4.55 -29.26
CA GLY B 322 -3.00 3.10 -29.18
C GLY B 322 -4.28 2.58 -29.81
N SER B 323 -4.28 2.59 -31.15
CA SER B 323 -5.40 2.25 -31.99
C SER B 323 -5.35 0.81 -32.45
N ARG B 324 -4.38 0.03 -32.00
CA ARG B 324 -4.51 -1.42 -32.12
C ARG B 324 -4.31 -2.01 -30.74
N THR B 325 -5.40 -2.46 -30.13
CA THR B 325 -5.35 -3.00 -28.79
C THR B 325 -5.37 -4.48 -28.95
N PHE B 326 -4.24 -5.11 -28.71
CA PHE B 326 -4.11 -6.57 -28.84
C PHE B 326 -4.26 -7.16 -27.45
N VAL B 327 -5.17 -8.11 -27.31
CA VAL B 327 -5.56 -8.62 -26.01
C VAL B 327 -5.47 -10.13 -26.02
N GLN B 328 -4.71 -10.67 -25.07
CA GLN B 328 -4.50 -12.10 -24.99
C GLN B 328 -5.86 -12.77 -24.77
N GLU B 329 -6.06 -13.95 -25.38
CA GLU B 329 -7.37 -14.58 -25.51
C GLU B 329 -8.04 -14.96 -24.19
N ASP B 330 -7.25 -15.31 -23.17
CA ASP B 330 -7.82 -15.68 -21.87
C ASP B 330 -8.44 -14.53 -21.07
N ILE B 331 -8.15 -13.28 -21.43
CA ILE B 331 -8.71 -12.13 -20.73
C ILE B 331 -9.50 -11.23 -21.69
N TYR B 332 -9.71 -11.74 -22.89
CA TYR B 332 -10.36 -10.96 -23.95
C TYR B 332 -11.77 -10.53 -23.59
N ASP B 333 -12.62 -11.47 -23.20
CA ASP B 333 -14.04 -11.14 -22.93
C ASP B 333 -14.19 -10.16 -21.76
N GLU B 334 -13.42 -10.37 -20.69
CA GLU B 334 -13.47 -9.48 -19.52
C GLU B 334 -13.01 -8.05 -19.87
N PHE B 335 -11.91 -7.95 -20.61
CA PHE B 335 -11.32 -6.68 -21.00
C PHE B 335 -12.23 -5.91 -21.95
N VAL B 336 -12.81 -6.63 -22.91
CA VAL B 336 -13.76 -6.03 -23.83
C VAL B 336 -14.95 -5.44 -23.06
N GLU B 337 -15.53 -6.24 -22.19
CA GLU B 337 -16.66 -5.76 -21.37
C GLU B 337 -16.32 -4.48 -20.64
N ARG B 338 -15.20 -4.49 -19.93
CA ARG B 338 -14.80 -3.33 -19.14
C ARG B 338 -14.45 -2.11 -19.98
N SER B 339 -13.82 -2.35 -21.14
CA SER B 339 -13.49 -1.26 -22.08
C SER B 339 -14.75 -0.64 -22.69
N VAL B 340 -15.76 -1.47 -22.98
CA VAL B 340 -17.04 -0.96 -23.49
C VAL B 340 -17.73 -0.08 -22.45
N ALA B 341 -17.78 -0.58 -21.22
CA ALA B 341 -18.41 0.15 -20.14
C ALA B 341 -17.79 1.52 -19.96
N ARG B 342 -16.46 1.57 -19.95
CA ARG B 342 -15.69 2.81 -19.78
C ARG B 342 -15.86 3.80 -20.93
N ALA B 343 -15.87 3.26 -22.14
CA ALA B 343 -16.19 4.04 -23.34
C ALA B 343 -17.58 4.61 -23.25
N LYS B 344 -18.54 3.79 -22.81
CA LYS B 344 -19.93 4.25 -22.64
C LYS B 344 -20.06 5.34 -21.61
N SER B 345 -19.23 5.32 -20.57
CA SER B 345 -19.26 6.33 -19.51
C SER B 345 -18.51 7.62 -19.86
N ARG B 346 -17.76 7.61 -20.96
CA ARG B 346 -17.00 8.79 -21.37
C ARG B 346 -17.90 10.00 -21.67
N VAL B 347 -17.64 11.13 -21.00
CA VAL B 347 -18.49 12.31 -21.14
C VAL B 347 -18.06 13.20 -22.28
N VAL B 348 -18.95 13.31 -23.28
CA VAL B 348 -18.71 14.16 -24.45
C VAL B 348 -19.52 15.46 -24.28
N GLY B 349 -18.93 16.60 -24.59
CA GLY B 349 -19.65 17.85 -24.45
C GLY B 349 -18.80 19.09 -24.53
N ASN B 350 -19.37 20.19 -24.05
CA ASN B 350 -18.68 21.47 -24.01
C ASN B 350 -17.33 21.32 -23.28
N PRO B 351 -16.22 21.68 -23.96
CA PRO B 351 -14.89 21.52 -23.38
C PRO B 351 -14.61 22.43 -22.19
N PHE B 352 -15.34 23.54 -22.10
CA PHE B 352 -15.22 24.44 -20.96
C PHE B 352 -15.92 23.92 -19.70
N ASP B 353 -16.88 23.01 -19.86
CA ASP B 353 -17.46 22.29 -18.72
C ASP B 353 -16.45 21.29 -18.11
N SER B 354 -16.22 21.41 -16.81
CA SER B 354 -15.24 20.59 -16.12
C SER B 354 -15.60 19.11 -16.08
N LYS B 355 -16.87 18.76 -16.31
CA LYS B 355 -17.26 17.36 -16.41
C LYS B 355 -16.80 16.72 -17.74
N THR B 356 -16.46 17.55 -18.73
CA THR B 356 -16.17 17.02 -20.05
C THR B 356 -14.79 16.30 -20.15
N GLU B 357 -14.85 15.02 -20.53
CA GLU B 357 -13.67 14.24 -20.89
C GLU B 357 -13.26 14.40 -22.38
N GLN B 358 -14.24 14.55 -23.26
CA GLN B 358 -14.00 14.58 -24.71
C GLN B 358 -14.72 15.73 -25.38
N GLY B 359 -13.97 16.64 -26.00
CA GLY B 359 -14.48 17.74 -26.81
C GLY B 359 -14.74 17.32 -28.25
N PRO B 360 -14.92 18.29 -29.16
CA PRO B 360 -15.16 17.95 -30.56
C PRO B 360 -13.88 17.68 -31.32
N GLN B 361 -14.05 17.06 -32.49
CA GLN B 361 -12.96 16.90 -33.43
C GLN B 361 -12.62 18.29 -33.95
N VAL B 362 -11.48 18.44 -34.61
CA VAL B 362 -10.92 19.77 -34.84
C VAL B 362 -11.66 20.56 -35.91
N ASP B 363 -12.20 19.85 -36.91
CA ASP B 363 -12.95 20.50 -37.98
C ASP B 363 -13.87 19.52 -38.69
N GLU B 364 -14.61 20.05 -39.66
CA GLU B 364 -15.59 19.25 -40.36
C GLU B 364 -14.97 18.14 -41.19
N THR B 365 -13.81 18.41 -41.75
CA THR B 365 -13.13 17.42 -42.58
C THR B 365 -12.79 16.17 -41.78
N GLN B 366 -12.18 16.38 -40.61
CA GLN B 366 -11.79 15.28 -39.72
C GLN B 366 -13.01 14.55 -39.26
N PHE B 367 -14.03 15.33 -38.87
CA PHE B 367 -15.35 14.82 -38.48
C PHE B 367 -15.87 13.79 -39.48
N LYS B 368 -15.99 14.18 -40.75
CA LYS B 368 -16.56 13.28 -41.77
C LYS B 368 -15.63 12.12 -42.11
N LYS B 369 -14.33 12.39 -42.04
CA LYS B 369 -13.30 11.38 -42.25
C LYS B 369 -13.45 10.24 -41.26
N ILE B 370 -13.68 10.59 -39.99
CA ILE B 370 -13.86 9.58 -38.93
C ILE B 370 -15.17 8.81 -39.08
N LEU B 371 -16.24 9.52 -39.39
CA LEU B 371 -17.50 8.85 -39.70
C LEU B 371 -17.34 7.83 -40.84
N GLY B 372 -16.57 8.23 -41.85
CA GLY B 372 -16.26 7.35 -42.96
C GLY B 372 -15.61 6.04 -42.52
N TYR B 373 -14.66 6.15 -41.58
CA TYR B 373 -13.91 4.98 -41.13
C TYR B 373 -14.80 4.11 -40.29
N ILE B 374 -15.62 4.74 -39.47
CA ILE B 374 -16.59 3.99 -38.70
C ILE B 374 -17.43 3.12 -39.64
N ASN B 375 -18.01 3.74 -40.67
CA ASN B 375 -18.88 3.02 -41.60
C ASN B 375 -18.14 1.88 -42.26
N THR B 376 -16.88 2.14 -42.59
CA THR B 376 -16.01 1.13 -43.17
C THR B 376 -15.77 -0.04 -42.21
N GLY B 377 -15.66 0.23 -40.92
CA GLY B 377 -15.51 -0.85 -39.96
C GLY B 377 -16.77 -1.69 -39.80
N LYS B 378 -17.93 -1.06 -39.94
CA LYS B 378 -19.20 -1.79 -39.94
C LYS B 378 -19.29 -2.71 -41.17
N GLN B 379 -18.97 -2.14 -42.33
CA GLN B 379 -19.04 -2.84 -43.62
C GLN B 379 -18.13 -4.06 -43.69
N GLU B 380 -16.94 -4.00 -43.09
CA GLU B 380 -15.96 -5.06 -43.30
C GLU B 380 -15.92 -6.12 -42.19
N GLY B 381 -16.97 -6.18 -41.37
CA GLY B 381 -17.19 -7.30 -40.46
C GLY B 381 -16.61 -7.16 -39.06
N ALA B 382 -16.15 -5.97 -38.70
CA ALA B 382 -15.81 -5.69 -37.31
C ALA B 382 -17.10 -5.59 -36.51
N LYS B 383 -17.06 -6.10 -35.28
CA LYS B 383 -18.22 -6.10 -34.39
C LYS B 383 -18.30 -4.75 -33.66
N LEU B 384 -19.36 -3.98 -33.89
CA LEU B 384 -19.52 -2.66 -33.29
C LEU B 384 -20.12 -2.77 -31.90
N LEU B 385 -19.36 -2.41 -30.86
CA LEU B 385 -19.79 -2.67 -29.47
C LEU B 385 -20.40 -1.47 -28.73
N CYS B 386 -20.15 -0.26 -29.21
CA CYS B 386 -20.84 0.93 -28.73
C CYS B 386 -20.48 2.08 -29.62
N GLY B 387 -21.15 3.20 -29.44
CA GLY B 387 -20.98 4.34 -30.33
C GLY B 387 -21.41 3.99 -31.75
N GLY B 388 -20.75 4.62 -32.72
CA GLY B 388 -21.02 4.34 -34.12
C GLY B 388 -21.47 5.55 -34.90
N GLY B 389 -21.75 6.67 -34.24
CA GLY B 389 -22.30 7.81 -34.94
C GLY B 389 -22.00 9.16 -34.36
N ILE B 390 -22.77 10.15 -34.83
CA ILE B 390 -22.58 11.51 -34.42
C ILE B 390 -23.20 11.63 -33.03
N ALA B 391 -22.47 12.30 -32.14
CA ALA B 391 -22.93 12.55 -30.79
C ALA B 391 -23.67 13.88 -30.80
N ALA B 392 -23.11 14.84 -31.53
CA ALA B 392 -23.73 16.13 -31.75
C ALA B 392 -23.20 16.73 -33.04
N ASP B 393 -24.08 17.46 -33.72
CA ASP B 393 -23.80 18.11 -35.00
C ASP B 393 -23.63 19.63 -34.84
N ARG B 394 -24.00 20.18 -33.68
CA ARG B 394 -23.54 21.52 -33.27
C ARG B 394 -22.12 21.36 -32.73
N GLY B 395 -21.13 21.83 -33.48
CA GLY B 395 -19.75 21.43 -33.24
C GLY B 395 -19.51 20.05 -33.84
N TYR B 396 -18.33 19.49 -33.64
CA TYR B 396 -17.96 18.29 -34.37
C TYR B 396 -17.74 17.10 -33.45
N PHE B 397 -18.81 16.68 -32.78
CA PHE B 397 -18.74 15.67 -31.73
C PHE B 397 -19.09 14.26 -32.20
N ILE B 398 -18.27 13.29 -31.82
CA ILE B 398 -18.46 11.91 -32.24
C ILE B 398 -18.56 11.01 -31.03
N GLN B 399 -19.41 10.00 -31.11
CA GLN B 399 -19.56 9.06 -30.01
C GLN B 399 -18.30 8.21 -29.89
N PRO B 400 -17.82 8.03 -28.64
CA PRO B 400 -16.83 7.03 -28.32
C PRO B 400 -17.24 5.68 -28.88
N THR B 401 -16.38 5.15 -29.71
CA THR B 401 -16.77 4.02 -30.51
C THR B 401 -15.77 2.92 -30.27
N VAL B 402 -16.27 1.70 -30.14
CA VAL B 402 -15.39 0.57 -29.87
C VAL B 402 -15.76 -0.60 -30.75
N PHE B 403 -14.79 -1.03 -31.55
CA PHE B 403 -14.93 -2.19 -32.42
C PHE B 403 -14.17 -3.37 -31.82
N GLY B 404 -14.81 -4.54 -31.83
CA GLY B 404 -14.20 -5.79 -31.38
C GLY B 404 -14.06 -6.80 -32.50
N ASP B 405 -13.45 -7.94 -32.19
CA ASP B 405 -13.10 -8.97 -33.19
C ASP B 405 -12.52 -8.37 -34.49
N VAL B 406 -11.57 -7.47 -34.32
CA VAL B 406 -10.94 -6.77 -35.44
C VAL B 406 -9.80 -7.64 -35.98
N GLN B 407 -9.70 -7.75 -37.30
CA GLN B 407 -8.66 -8.59 -37.93
C GLN B 407 -7.62 -7.69 -38.59
N ASP B 408 -6.42 -8.23 -38.76
CA ASP B 408 -5.27 -7.43 -39.19
C ASP B 408 -5.48 -6.82 -40.55
N GLY B 409 -6.28 -7.49 -41.39
CA GLY B 409 -6.47 -7.09 -42.78
C GLY B 409 -7.54 -6.04 -42.97
N MET B 410 -8.29 -5.69 -41.93
CA MET B 410 -9.34 -4.68 -42.03
C MET B 410 -8.74 -3.28 -42.15
N THR B 411 -9.35 -2.47 -43.00
CA THR B 411 -9.00 -1.07 -43.14
C THR B 411 -8.82 -0.37 -41.80
N ILE B 412 -9.78 -0.53 -40.89
CA ILE B 412 -9.69 0.13 -39.59
C ILE B 412 -8.53 -0.37 -38.73
N ALA B 413 -7.98 -1.54 -39.06
CA ALA B 413 -6.81 -2.07 -38.38
C ALA B 413 -5.50 -1.60 -39.02
N LYS B 414 -5.59 -0.95 -40.19
CA LYS B 414 -4.39 -0.57 -40.94
C LYS B 414 -4.18 0.95 -41.01
N GLU B 415 -5.25 1.71 -41.24
CA GLU B 415 -5.10 3.11 -41.54
C GLU B 415 -5.33 3.97 -40.30
N GLU B 416 -4.53 5.03 -40.18
CA GLU B 416 -4.69 6.06 -39.13
C GLU B 416 -6.07 6.77 -39.18
N ILE B 417 -6.88 6.56 -38.13
CA ILE B 417 -8.25 7.14 -38.06
C ILE B 417 -8.25 8.55 -37.43
N PHE B 418 -7.46 8.76 -36.38
CA PHE B 418 -7.33 10.09 -35.74
C PHE B 418 -8.64 10.54 -35.10
N GLY B 419 -9.35 9.56 -34.52
CA GLY B 419 -10.63 9.83 -33.87
C GLY B 419 -10.97 8.81 -32.80
N PRO B 420 -12.05 9.04 -32.04
CA PRO B 420 -12.38 8.23 -30.88
C PRO B 420 -12.96 6.90 -31.29
N VAL B 421 -12.15 6.06 -31.91
CA VAL B 421 -12.59 4.78 -32.38
C VAL B 421 -11.56 3.72 -31.98
N MET B 422 -11.98 2.74 -31.19
CA MET B 422 -11.06 1.75 -30.64
C MET B 422 -11.14 0.41 -31.38
N GLN B 423 -9.97 -0.12 -31.73
CA GLN B 423 -9.88 -1.43 -32.36
C GLN B 423 -9.36 -2.40 -31.32
N ILE B 424 -10.09 -3.50 -31.12
CA ILE B 424 -9.69 -4.50 -30.14
C ILE B 424 -9.49 -5.84 -30.83
N LEU B 425 -8.26 -6.33 -30.80
CA LEU B 425 -7.89 -7.57 -31.48
C LEU B 425 -7.47 -8.60 -30.46
N LYS B 426 -7.50 -9.85 -30.87
CA LYS B 426 -7.30 -10.97 -29.97
C LYS B 426 -6.10 -11.74 -30.45
N PHE B 427 -5.30 -12.23 -29.52
CA PHE B 427 -4.12 -12.98 -29.87
C PHE B 427 -3.89 -14.07 -28.87
N LYS B 428 -2.99 -14.98 -29.20
CA LYS B 428 -2.73 -16.15 -28.40
C LYS B 428 -1.29 -16.10 -27.82
N THR B 429 -0.27 -16.19 -28.67
CA THR B 429 1.11 -16.26 -28.19
C THR B 429 1.85 -14.94 -28.35
N ILE B 430 2.91 -14.80 -27.57
CA ILE B 430 3.78 -13.62 -27.60
C ILE B 430 4.57 -13.50 -28.92
N GLU B 431 4.88 -14.64 -29.54
CA GLU B 431 5.60 -14.67 -30.81
C GLU B 431 4.71 -14.18 -31.95
N GLU B 432 3.46 -14.60 -31.90
CA GLU B 432 2.45 -14.18 -32.86
C GLU B 432 2.27 -12.66 -32.83
N VAL B 433 2.04 -12.12 -31.62
CA VAL B 433 1.65 -10.73 -31.51
C VAL B 433 2.77 -9.82 -31.95
N VAL B 434 4.02 -10.27 -31.81
CA VAL B 434 5.15 -9.49 -32.30
C VAL B 434 5.09 -9.37 -33.81
N GLY B 435 4.98 -10.51 -34.50
CA GLY B 435 4.80 -10.51 -35.94
C GLY B 435 3.70 -9.54 -36.37
N ARG B 436 2.55 -9.62 -35.70
CA ARG B 436 1.35 -8.89 -36.09
C ARG B 436 1.40 -7.41 -35.75
N ALA B 437 2.05 -7.09 -34.63
CA ALA B 437 2.22 -5.70 -34.24
C ALA B 437 3.25 -4.98 -35.12
N ASN B 438 4.30 -5.69 -35.53
CA ASN B 438 5.32 -5.11 -36.41
C ASN B 438 4.92 -5.09 -37.87
N ASN B 439 3.83 -5.78 -38.22
CA ASN B 439 3.42 -5.88 -39.62
C ASN B 439 2.64 -4.64 -40.01
N SER B 440 3.35 -3.57 -40.29
CA SER B 440 2.74 -2.28 -40.56
C SER B 440 3.85 -1.39 -41.06
N THR B 441 3.48 -0.40 -41.86
CA THR B 441 4.44 0.55 -42.39
C THR B 441 4.66 1.70 -41.40
N TYR B 442 3.88 1.73 -40.32
CA TYR B 442 4.08 2.69 -39.23
C TYR B 442 4.95 2.11 -38.10
N GLY B 443 5.55 2.97 -37.30
CA GLY B 443 6.32 2.55 -36.13
C GLY B 443 6.63 3.69 -35.15
N LEU B 444 5.62 4.43 -34.73
CA LEU B 444 5.86 5.60 -33.90
C LEU B 444 5.93 5.20 -32.43
N ALA B 445 4.94 4.43 -32.00
CA ALA B 445 4.83 4.06 -30.58
C ALA B 445 4.32 2.64 -30.38
N ALA B 446 4.49 2.12 -29.18
CA ALA B 446 3.97 0.80 -28.84
C ALA B 446 3.87 0.70 -27.32
N ALA B 447 3.00 -0.20 -26.83
CA ALA B 447 2.93 -0.45 -25.40
C ALA B 447 2.75 -1.91 -25.07
N VAL B 448 3.22 -2.27 -23.88
CA VAL B 448 3.11 -3.61 -23.34
C VAL B 448 2.62 -3.54 -21.91
N PHE B 449 1.54 -4.24 -21.60
CA PHE B 449 1.08 -4.41 -20.23
C PHE B 449 1.26 -5.86 -19.80
N THR B 450 2.12 -6.05 -18.80
CA THR B 450 2.43 -7.34 -18.22
C THR B 450 3.07 -7.07 -16.85
N LYS B 451 3.03 -8.07 -15.98
CA LYS B 451 3.75 -8.05 -14.71
C LYS B 451 5.08 -8.77 -14.82
N ASP B 452 5.22 -9.58 -15.87
CA ASP B 452 6.40 -10.42 -16.04
C ASP B 452 7.59 -9.67 -16.64
N LEU B 453 8.72 -9.70 -15.93
CA LEU B 453 9.98 -9.11 -16.37
C LEU B 453 10.45 -9.57 -17.77
N ASP B 454 10.46 -10.87 -18.02
CA ASP B 454 10.95 -11.42 -19.29
C ASP B 454 10.09 -11.01 -20.49
N LYS B 455 8.76 -11.07 -20.35
CA LYS B 455 7.87 -10.66 -21.44
C LYS B 455 8.04 -9.18 -21.82
N ALA B 456 8.15 -8.31 -20.83
CA ALA B 456 8.31 -6.91 -21.10
C ALA B 456 9.66 -6.64 -21.78
N ASN B 457 10.69 -7.38 -21.39
CA ASN B 457 12.02 -7.17 -21.97
C ASN B 457 12.11 -7.74 -23.38
N TYR B 458 11.44 -8.87 -23.59
CA TYR B 458 11.34 -9.47 -24.92
C TYR B 458 10.58 -8.55 -25.86
N LEU B 459 9.44 -8.05 -25.42
CA LEU B 459 8.63 -7.19 -26.29
C LEU B 459 9.22 -5.81 -26.56
N SER B 460 9.82 -5.17 -25.57
CA SER B 460 10.35 -3.83 -25.80
C SER B 460 11.54 -3.86 -26.75
N GLN B 461 12.26 -4.99 -26.78
CA GLN B 461 13.32 -5.14 -27.76
C GLN B 461 12.74 -5.47 -29.16
N ALA B 462 11.74 -6.34 -29.24
CA ALA B 462 11.24 -6.83 -30.53
C ALA B 462 10.33 -5.87 -31.29
N LEU B 463 9.74 -4.91 -30.60
CA LEU B 463 8.79 -4.02 -31.25
C LEU B 463 9.56 -2.96 -32.04
N GLN B 464 9.12 -2.75 -33.29
CA GLN B 464 9.69 -1.80 -34.18
C GLN B 464 8.95 -0.48 -33.98
N ALA B 465 9.30 0.24 -32.93
CA ALA B 465 8.66 1.51 -32.63
C ALA B 465 9.60 2.43 -31.91
N GLY B 466 9.41 3.72 -32.13
CA GLY B 466 10.28 4.75 -31.60
C GLY B 466 10.22 4.89 -30.09
N THR B 467 9.03 4.71 -29.54
CA THR B 467 8.83 4.70 -28.08
C THR B 467 8.04 3.47 -27.72
N VAL B 468 8.53 2.72 -26.73
CA VAL B 468 7.79 1.59 -26.21
C VAL B 468 7.51 1.89 -24.75
N TRP B 469 6.21 1.99 -24.39
CA TRP B 469 5.79 2.20 -23.01
C TRP B 469 5.49 0.86 -22.35
N VAL B 470 6.00 0.64 -21.14
CA VAL B 470 5.67 -0.58 -20.40
C VAL B 470 4.79 -0.28 -19.20
N ASN B 471 3.59 -0.86 -19.18
CA ASN B 471 2.56 -0.62 -18.14
C ASN B 471 2.12 0.83 -18.00
N CYS B 472 2.15 1.55 -19.10
CA CYS B 472 1.75 2.96 -19.11
C CYS B 472 1.53 3.35 -20.57
N TYR B 473 1.14 4.59 -20.82
CA TYR B 473 0.96 5.04 -22.20
C TYR B 473 0.96 6.55 -22.21
N ASP B 474 1.36 7.15 -23.31
CA ASP B 474 1.40 8.61 -23.43
C ASP B 474 2.11 9.25 -22.25
N VAL B 475 3.20 8.64 -21.85
CA VAL B 475 4.12 9.25 -20.92
C VAL B 475 5.22 9.97 -21.71
N PHE B 476 5.16 11.29 -21.70
CA PHE B 476 6.11 12.13 -22.39
C PHE B 476 6.90 12.88 -21.35
N GLY B 477 8.17 13.10 -21.62
CA GLY B 477 8.99 13.95 -20.79
C GLY B 477 9.93 14.65 -21.72
N ALA B 478 10.11 15.95 -21.55
CA ALA B 478 11.01 16.71 -22.39
C ALA B 478 12.41 16.06 -22.48
N GLN B 479 12.76 15.20 -21.52
CA GLN B 479 14.07 14.56 -21.40
C GLN B 479 14.20 13.34 -22.33
N SER B 480 13.08 12.73 -22.70
CA SER B 480 13.06 11.48 -23.44
C SER B 480 12.70 11.68 -24.94
N PRO B 481 13.56 11.18 -25.84
CA PRO B 481 13.31 11.39 -27.26
C PRO B 481 12.03 10.73 -27.75
N PHE B 482 11.49 11.28 -28.84
CA PHE B 482 10.26 10.78 -29.45
C PHE B 482 10.35 10.95 -30.94
N GLY B 483 9.98 9.91 -31.67
CA GLY B 483 9.95 9.98 -33.12
C GLY B 483 9.84 8.61 -33.69
N GLY B 484 9.66 8.52 -35.01
CA GLY B 484 9.23 7.30 -35.65
C GLY B 484 10.26 6.35 -36.25
N TYR B 485 9.89 5.07 -36.27
CA TYR B 485 10.51 4.07 -37.13
C TYR B 485 9.76 4.05 -38.47
N LYS B 486 10.37 3.44 -39.50
CA LYS B 486 9.67 3.22 -40.77
C LYS B 486 9.08 4.53 -41.28
N MET B 487 7.83 4.54 -41.72
CA MET B 487 7.27 5.73 -42.36
C MET B 487 6.55 6.67 -41.39
N SER B 488 6.71 6.39 -40.09
CA SER B 488 6.16 7.25 -39.06
C SER B 488 7.03 8.48 -38.84
N GLY B 489 8.22 8.50 -39.41
CA GLY B 489 9.05 9.68 -39.39
C GLY B 489 10.53 9.41 -39.58
N SER B 490 11.34 10.43 -39.35
CA SER B 490 12.80 10.28 -39.25
C SER B 490 13.33 11.39 -38.37
N GLY B 491 14.31 11.05 -37.55
CA GLY B 491 14.83 11.99 -36.57
C GLY B 491 14.01 11.90 -35.30
N ARG B 492 14.48 12.59 -34.26
CA ARG B 492 13.83 12.55 -32.98
C ARG B 492 13.65 13.94 -32.45
N GLU B 493 12.56 14.12 -31.73
CA GLU B 493 12.33 15.34 -30.97
C GLU B 493 12.53 15.02 -29.49
N LEU B 494 12.69 16.07 -28.70
CA LEU B 494 12.91 15.98 -27.27
C LEU B 494 14.25 15.38 -26.88
N GLY B 495 14.66 15.74 -25.67
CA GLY B 495 15.87 15.23 -25.07
C GLY B 495 17.08 15.83 -25.75
N GLU B 496 18.24 15.29 -25.42
CA GLU B 496 19.47 15.71 -26.07
C GLU B 496 19.38 15.45 -27.59
N TYR B 497 18.66 14.39 -27.96
CA TYR B 497 18.58 13.98 -29.35
C TYR B 497 17.90 15.02 -30.20
N GLY B 498 16.93 15.72 -29.62
CA GLY B 498 16.26 16.81 -30.30
C GLY B 498 17.16 17.94 -30.76
N LEU B 499 18.36 18.01 -30.22
CA LEU B 499 19.32 19.04 -30.61
C LEU B 499 20.09 18.69 -31.86
N GLN B 500 20.17 17.40 -32.18
CA GLN B 500 21.01 16.93 -33.26
C GLN B 500 20.66 17.56 -34.59
N ALA B 501 19.37 17.55 -34.91
CA ALA B 501 18.89 18.06 -36.19
C ALA B 501 19.05 19.58 -36.35
N TYR B 502 19.28 20.30 -35.26
CA TYR B 502 19.44 21.76 -35.31
C TYR B 502 20.90 22.20 -35.24
N THR B 503 21.82 21.24 -35.37
CA THR B 503 23.24 21.52 -35.30
C THR B 503 23.99 21.17 -36.59
N GLU B 504 24.83 22.09 -37.05
CA GLU B 504 25.77 21.79 -38.14
C GLU B 504 27.14 21.63 -37.52
N VAL B 505 27.84 20.55 -37.91
CA VAL B 505 29.10 20.16 -37.33
C VAL B 505 30.28 20.64 -38.17
N LYS B 506 31.17 21.39 -37.54
CA LYS B 506 32.37 21.86 -38.19
C LYS B 506 33.62 21.28 -37.55
N THR B 507 34.49 20.70 -38.36
CA THR B 507 35.73 20.17 -37.88
C THR B 507 36.81 21.19 -38.18
N VAL B 508 37.67 21.45 -37.21
CA VAL B 508 38.79 22.34 -37.41
C VAL B 508 40.07 21.57 -37.08
N THR B 509 40.96 21.45 -38.04
CA THR B 509 42.12 20.64 -37.86
C THR B 509 43.34 21.51 -38.12
N VAL B 510 44.19 21.60 -37.11
CA VAL B 510 45.25 22.60 -37.04
C VAL B 510 46.59 21.91 -36.95
N LYS B 511 47.57 22.39 -37.71
CA LYS B 511 48.93 21.90 -37.64
C LYS B 511 49.61 22.49 -36.40
N VAL B 512 50.20 21.62 -35.57
CA VAL B 512 50.90 22.06 -34.38
C VAL B 512 52.35 21.58 -34.41
N PRO B 513 53.24 22.24 -33.63
CA PRO B 513 54.67 21.95 -33.65
C PRO B 513 55.02 20.52 -33.27
N GLN B 514 54.31 19.98 -32.29
CA GLN B 514 54.57 18.62 -31.80
C GLN B 514 53.42 18.11 -30.93
N LYS B 515 52.71 17.11 -31.41
CA LYS B 515 51.59 16.52 -30.70
C LYS B 515 52.12 15.64 -29.58
N ASN B 516 51.61 15.84 -28.37
CA ASN B 516 51.81 14.88 -27.28
C ASN B 516 50.43 14.53 -26.70
N SER B 517 50.32 13.36 -26.08
CA SER B 517 49.05 12.95 -25.44
C SER B 517 48.57 13.95 -24.37
N ALA C 24 35.53 -27.26 -25.10
CA ALA C 24 36.78 -27.31 -25.93
C ALA C 24 37.94 -26.66 -25.17
N VAL C 25 38.56 -27.44 -24.29
CA VAL C 25 39.70 -26.96 -23.49
C VAL C 25 40.93 -27.80 -23.77
N PRO C 26 42.03 -27.17 -24.25
CA PRO C 26 43.24 -27.95 -24.49
C PRO C 26 43.83 -28.51 -23.21
N ALA C 27 44.42 -29.69 -23.25
CA ALA C 27 45.00 -30.29 -22.05
C ALA C 27 46.10 -29.40 -21.46
N PRO C 28 46.09 -29.23 -20.12
CA PRO C 28 47.09 -28.37 -19.48
C PRO C 28 48.42 -29.06 -19.34
N ASN C 29 49.48 -28.26 -19.37
CA ASN C 29 50.77 -28.65 -18.84
C ASN C 29 50.70 -28.45 -17.34
N GLN C 30 50.81 -29.53 -16.59
CA GLN C 30 50.65 -29.45 -15.13
C GLN C 30 51.94 -29.12 -14.41
N GLN C 31 53.03 -28.95 -15.15
CA GLN C 31 54.28 -28.52 -14.57
C GLN C 31 54.89 -27.56 -15.56
N PRO C 32 54.29 -26.35 -15.65
CA PRO C 32 54.80 -25.34 -16.57
C PRO C 32 56.12 -24.77 -16.11
N GLU C 33 57.06 -24.59 -17.02
CA GLU C 33 58.33 -23.97 -16.68
C GLU C 33 58.10 -22.49 -16.38
N VAL C 34 58.86 -21.97 -15.41
CA VAL C 34 58.85 -20.55 -15.11
C VAL C 34 60.05 -19.88 -15.76
N PHE C 35 59.78 -18.83 -16.55
CA PHE C 35 60.79 -18.07 -17.24
C PHE C 35 61.14 -16.76 -16.54
N CYS C 36 60.13 -16.06 -16.01
CA CYS C 36 60.30 -14.68 -15.53
C CYS C 36 60.08 -14.61 -14.02
N ASN C 37 61.09 -14.15 -13.31
CA ASN C 37 61.00 -14.08 -11.86
C ASN C 37 61.84 -12.93 -11.29
N GLN C 38 61.99 -11.87 -12.06
CA GLN C 38 62.80 -10.76 -11.64
C GLN C 38 61.97 -9.50 -11.65
N ILE C 39 62.60 -8.38 -11.35
CA ILE C 39 61.95 -7.08 -11.40
C ILE C 39 62.08 -6.57 -12.84
N PHE C 40 60.98 -6.03 -13.39
CA PHE C 40 60.91 -5.54 -14.78
C PHE C 40 60.90 -4.04 -14.81
N ILE C 41 61.97 -3.48 -15.33
CA ILE C 41 62.11 -2.05 -15.46
C ILE C 41 62.83 -1.72 -16.77
N ASN C 42 62.29 -0.75 -17.51
CA ASN C 42 62.83 -0.34 -18.81
C ASN C 42 63.01 -1.50 -19.76
N ASN C 43 62.01 -2.37 -19.80
CA ASN C 43 62.05 -3.55 -20.64
C ASN C 43 63.25 -4.49 -20.39
N GLU C 44 63.84 -4.40 -19.20
CA GLU C 44 64.92 -5.30 -18.79
C GLU C 44 64.61 -5.94 -17.44
N TRP C 45 65.24 -7.09 -17.19
CA TRP C 45 65.09 -7.83 -15.95
C TRP C 45 66.23 -7.53 -14.97
N HIS C 46 65.87 -7.29 -13.71
CA HIS C 46 66.79 -6.86 -12.69
C HIS C 46 66.55 -7.70 -11.46
N ASP C 47 67.62 -7.95 -10.70
CA ASP C 47 67.47 -8.45 -9.36
C ASP C 47 67.18 -7.27 -8.45
N ALA C 48 66.67 -7.54 -7.26
CA ALA C 48 66.50 -6.49 -6.28
C ALA C 48 67.87 -5.90 -5.96
N VAL C 49 67.91 -4.62 -5.58
CA VAL C 49 69.18 -4.00 -5.20
C VAL C 49 69.82 -4.75 -4.02
N SER C 50 68.98 -5.23 -3.11
CA SER C 50 69.36 -6.04 -1.95
C SER C 50 69.82 -7.47 -2.29
N ARG C 51 69.58 -7.93 -3.51
CA ARG C 51 69.77 -9.33 -3.93
C ARG C 51 68.85 -10.33 -3.24
N LYS C 52 67.94 -9.89 -2.38
CA LYS C 52 66.98 -10.80 -1.71
C LYS C 52 65.91 -11.35 -2.67
N THR C 53 65.43 -12.55 -2.34
CA THR C 53 64.37 -13.22 -3.07
C THR C 53 63.36 -13.73 -2.07
N PHE C 54 62.17 -14.06 -2.54
CA PHE C 54 61.17 -14.67 -1.68
C PHE C 54 60.56 -15.82 -2.47
N PRO C 55 60.10 -16.86 -1.75
CA PRO C 55 59.46 -18.00 -2.39
C PRO C 55 58.01 -17.72 -2.76
N THR C 56 57.58 -18.19 -3.92
CA THR C 56 56.14 -18.28 -4.17
C THR C 56 55.75 -19.77 -4.16
N VAL C 57 54.63 -20.06 -3.51
CA VAL C 57 54.23 -21.42 -3.21
C VAL C 57 53.05 -21.87 -4.05
N ASN C 58 53.04 -23.17 -4.36
CA ASN C 58 51.90 -23.76 -4.99
C ASN C 58 50.89 -24.12 -3.91
N PRO C 59 49.72 -23.44 -3.90
CA PRO C 59 48.75 -23.68 -2.83
C PRO C 59 48.08 -25.05 -2.83
N SER C 60 48.25 -25.84 -3.89
CA SER C 60 47.73 -27.21 -3.93
C SER C 60 48.68 -28.20 -3.25
N THR C 61 49.97 -27.91 -3.27
CA THR C 61 50.96 -28.81 -2.71
C THR C 61 51.67 -28.27 -1.47
N GLY C 62 51.57 -26.96 -1.24
CA GLY C 62 52.31 -26.31 -0.16
C GLY C 62 53.79 -26.13 -0.44
N GLU C 63 54.26 -26.56 -1.61
CA GLU C 63 55.68 -26.52 -1.94
C GLU C 63 56.03 -25.30 -2.80
N VAL C 64 57.28 -24.90 -2.68
CA VAL C 64 57.85 -23.77 -3.38
C VAL C 64 57.93 -24.06 -4.89
N ILE C 65 57.45 -23.11 -5.71
CA ILE C 65 57.60 -23.18 -7.17
C ILE C 65 58.96 -22.61 -7.58
N CYS C 66 59.27 -21.40 -7.13
CA CYS C 66 60.57 -20.83 -7.36
C CYS C 66 60.83 -19.64 -6.45
N GLN C 67 62.00 -19.06 -6.58
CA GLN C 67 62.34 -17.80 -5.94
C GLN C 67 62.02 -16.63 -6.89
N VAL C 68 61.60 -15.50 -6.32
CA VAL C 68 61.27 -14.30 -7.06
C VAL C 68 61.98 -13.13 -6.39
N ALA C 69 62.53 -12.21 -7.18
CA ALA C 69 63.17 -11.01 -6.66
C ALA C 69 62.24 -10.21 -5.78
N GLU C 70 62.75 -9.81 -4.62
CA GLU C 70 61.97 -9.15 -3.61
C GLU C 70 62.12 -7.65 -3.66
N GLY C 71 61.30 -7.00 -4.47
CA GLY C 71 61.30 -5.54 -4.56
C GLY C 71 61.09 -4.85 -3.21
N ASP C 72 61.86 -3.80 -2.96
CA ASP C 72 61.66 -2.92 -1.83
C ASP C 72 61.66 -1.45 -2.33
N LYS C 73 61.84 -0.52 -1.41
CA LYS C 73 61.76 0.91 -1.70
C LYS C 73 62.70 1.32 -2.83
N GLU C 74 63.98 0.92 -2.73
CA GLU C 74 64.94 1.29 -3.78
C GLU C 74 64.53 0.84 -5.16
N ASP C 75 63.87 -0.31 -5.24
CA ASP C 75 63.46 -0.87 -6.52
C ASP C 75 62.25 -0.11 -7.08
N VAL C 76 61.31 0.22 -6.20
CA VAL C 76 60.25 1.15 -6.54
C VAL C 76 60.82 2.49 -7.02
N ASP C 77 61.86 3.01 -6.37
CA ASP C 77 62.45 4.29 -6.82
C ASP C 77 63.03 4.21 -8.24
N LYS C 78 63.65 3.07 -8.57
CA LYS C 78 64.13 2.86 -9.94
C LYS C 78 63.00 2.77 -10.98
N ALA C 79 61.95 2.04 -10.64
CA ALA C 79 60.80 1.90 -11.51
C ALA C 79 60.11 3.24 -11.75
N VAL C 80 59.86 4.00 -10.68
CA VAL C 80 59.25 5.31 -10.83
C VAL C 80 60.13 6.23 -11.71
N LYS C 81 61.44 6.25 -11.49
CA LYS C 81 62.32 7.05 -12.36
C LYS C 81 62.19 6.68 -13.84
N ALA C 82 62.13 5.40 -14.11
CA ALA C 82 62.05 4.90 -15.46
C ALA C 82 60.71 5.31 -16.11
N ALA C 83 59.61 5.14 -15.37
CA ALA C 83 58.29 5.56 -15.83
C ALA C 83 58.24 7.06 -16.06
N ARG C 84 58.78 7.85 -15.13
CA ARG C 84 58.78 9.32 -15.27
C ARG C 84 59.53 9.74 -16.54
N ALA C 85 60.61 9.05 -16.88
CA ALA C 85 61.38 9.44 -18.06
C ALA C 85 60.62 9.08 -19.33
N ALA C 86 59.91 7.97 -19.28
CA ALA C 86 59.11 7.54 -20.40
C ALA C 86 57.92 8.48 -20.63
N PHE C 87 57.49 9.14 -19.56
CA PHE C 87 56.37 10.08 -19.66
C PHE C 87 56.80 11.51 -20.05
N GLN C 88 58.09 11.76 -20.22
CA GLN C 88 58.52 13.10 -20.61
C GLN C 88 57.91 13.51 -21.95
N LEU C 89 57.46 14.76 -21.99
CA LEU C 89 57.03 15.45 -23.20
C LEU C 89 58.05 15.23 -24.30
N GLY C 90 57.59 14.85 -25.47
CA GLY C 90 58.50 14.58 -26.57
C GLY C 90 58.99 13.15 -26.65
N SER C 91 58.73 12.33 -25.64
CA SER C 91 59.21 10.95 -25.67
C SER C 91 58.41 10.13 -26.67
N PRO C 92 58.91 8.94 -27.04
CA PRO C 92 58.18 8.11 -28.01
C PRO C 92 56.76 7.76 -27.57
N TRP C 93 56.58 7.51 -26.27
CA TRP C 93 55.26 7.18 -25.73
C TRP C 93 54.31 8.38 -25.71
N ARG C 94 54.81 9.57 -25.40
CA ARG C 94 53.94 10.77 -25.43
C ARG C 94 53.57 11.25 -26.84
N ARG C 95 54.48 11.10 -27.80
CA ARG C 95 54.28 11.53 -29.18
C ARG C 95 53.49 10.53 -30.02
N MET C 96 53.48 9.28 -29.57
CA MET C 96 52.83 8.22 -30.30
C MET C 96 51.36 8.54 -30.50
N ASP C 97 50.85 8.26 -31.70
CA ASP C 97 49.43 8.46 -32.03
C ASP C 97 48.51 7.65 -31.10
N ALA C 98 47.44 8.27 -30.63
CA ALA C 98 46.44 7.55 -29.82
C ALA C 98 46.03 6.23 -30.47
N SER C 99 45.83 6.23 -31.77
CA SER C 99 45.45 5.01 -32.47
C SER C 99 46.53 3.92 -32.37
N HIS C 100 47.80 4.31 -32.43
CA HIS C 100 48.89 3.35 -32.26
C HIS C 100 48.98 2.74 -30.86
N ARG C 101 48.53 3.48 -29.83
CA ARG C 101 48.40 2.86 -28.49
C ARG C 101 47.40 1.73 -28.53
N GLY C 102 46.31 1.94 -29.28
CA GLY C 102 45.31 0.90 -29.52
C GLY C 102 45.87 -0.33 -30.21
N ARG C 103 46.74 -0.09 -31.18
CA ARG C 103 47.38 -1.18 -31.93
C ARG C 103 48.25 -1.98 -30.99
N LEU C 104 49.02 -1.29 -30.15
CA LEU C 104 49.91 -2.02 -29.23
C LEU C 104 49.15 -2.92 -28.26
N LEU C 105 48.06 -2.42 -27.72
CA LEU C 105 47.19 -3.20 -26.85
C LEU C 105 46.64 -4.41 -27.55
N ASN C 106 46.13 -4.22 -28.77
CA ASN C 106 45.66 -5.35 -29.57
C ASN C 106 46.77 -6.35 -29.85
N ARG C 107 48.00 -5.86 -30.05
CA ARG C 107 49.18 -6.71 -30.23
C ARG C 107 49.43 -7.53 -28.97
N LEU C 108 49.31 -6.88 -27.82
CA LEU C 108 49.56 -7.55 -26.56
C LEU C 108 48.51 -8.64 -26.37
N ALA C 109 47.27 -8.31 -26.72
CA ALA C 109 46.20 -9.29 -26.65
C ALA C 109 46.44 -10.53 -27.56
N ASP C 110 46.94 -10.28 -28.75
CA ASP C 110 47.28 -11.36 -29.66
C ASP C 110 48.34 -12.27 -29.04
N LEU C 111 49.40 -11.67 -28.51
CA LEU C 111 50.48 -12.43 -27.85
C LEU C 111 49.98 -13.26 -26.64
N ILE C 112 49.12 -12.66 -25.84
CA ILE C 112 48.48 -13.41 -24.76
C ILE C 112 47.65 -14.57 -25.25
N GLU C 113 46.88 -14.35 -26.32
CA GLU C 113 46.09 -15.41 -26.93
C GLU C 113 47.02 -16.53 -27.42
N ARG C 114 48.13 -16.15 -28.04
CA ARG C 114 49.12 -17.12 -28.47
C ARG C 114 49.51 -18.03 -27.32
N ASP C 115 49.86 -17.42 -26.18
CA ASP C 115 50.34 -18.17 -25.02
C ASP C 115 49.22 -18.50 -24.02
N ARG C 116 47.97 -18.57 -24.50
CA ARG C 116 46.83 -18.74 -23.59
C ARG C 116 46.93 -19.96 -22.67
N THR C 117 47.23 -21.10 -23.27
CA THR C 117 47.23 -22.40 -22.60
C THR C 117 48.26 -22.37 -21.49
N TYR C 118 49.45 -21.88 -21.82
CA TYR C 118 50.54 -21.73 -20.86
C TYR C 118 50.14 -20.86 -19.68
N LEU C 119 49.74 -19.63 -19.97
CA LEU C 119 49.38 -18.66 -18.93
C LEU C 119 48.27 -19.21 -18.07
N ALA C 120 47.31 -19.89 -18.68
CA ALA C 120 46.23 -20.47 -17.86
C ALA C 120 46.78 -21.51 -16.88
N ALA C 121 47.78 -22.26 -17.32
CA ALA C 121 48.35 -23.31 -16.48
C ALA C 121 49.15 -22.68 -15.36
N LEU C 122 49.97 -21.71 -15.74
CA LEU C 122 50.80 -21.00 -14.79
C LEU C 122 49.96 -20.30 -13.70
N GLU C 123 48.79 -19.77 -14.06
CA GLU C 123 47.87 -19.17 -13.09
C GLU C 123 47.35 -20.19 -12.07
N THR C 124 46.95 -21.34 -12.57
CA THR C 124 46.46 -22.42 -11.73
C THR C 124 47.56 -22.89 -10.80
N LEU C 125 48.80 -22.94 -11.30
CA LEU C 125 49.93 -23.41 -10.52
C LEU C 125 50.19 -22.51 -9.29
N ASP C 126 50.16 -21.20 -9.51
CA ASP C 126 50.55 -20.22 -8.51
C ASP C 126 49.38 -19.75 -7.68
N ASN C 127 48.16 -19.86 -8.23
CA ASN C 127 46.97 -19.31 -7.56
C ASN C 127 45.98 -20.36 -7.05
N GLY C 128 45.95 -21.54 -7.65
CA GLY C 128 45.09 -22.62 -7.17
C GLY C 128 43.77 -22.81 -7.90
N LYS C 129 43.35 -21.84 -8.70
CA LYS C 129 42.04 -21.96 -9.37
C LYS C 129 42.03 -23.02 -10.47
N PRO C 130 40.87 -23.69 -10.66
CA PRO C 130 40.87 -24.76 -11.65
C PRO C 130 41.33 -24.27 -13.00
N TYR C 131 42.22 -25.03 -13.62
CA TYR C 131 42.68 -24.72 -14.96
C TYR C 131 41.55 -24.45 -15.95
N VAL C 132 40.44 -25.17 -15.85
CA VAL C 132 39.37 -25.02 -16.81
C VAL C 132 38.79 -23.60 -16.69
N ILE C 133 38.71 -23.08 -15.47
CA ILE C 133 38.25 -21.71 -15.25
C ILE C 133 39.34 -20.71 -15.64
N SER C 134 40.60 -21.00 -15.35
CA SER C 134 41.70 -20.14 -15.80
C SER C 134 41.59 -19.88 -17.29
N TYR C 135 41.39 -20.96 -18.04
CA TYR C 135 41.37 -20.91 -19.48
C TYR C 135 40.12 -20.21 -20.03
N LEU C 136 38.95 -20.69 -19.62
CA LEU C 136 37.71 -20.29 -20.24
C LEU C 136 37.15 -19.00 -19.71
N VAL C 137 37.54 -18.63 -18.50
CA VAL C 137 37.00 -17.42 -17.91
C VAL C 137 38.10 -16.36 -17.82
N ASP C 138 39.10 -16.63 -16.97
CA ASP C 138 40.11 -15.64 -16.65
C ASP C 138 40.80 -15.10 -17.89
N LEU C 139 41.27 -16.01 -18.74
CA LEU C 139 41.98 -15.59 -19.92
C LEU C 139 41.08 -15.10 -21.05
N ASP C 140 39.85 -15.60 -21.13
CA ASP C 140 38.88 -15.01 -22.02
C ASP C 140 38.67 -13.52 -21.68
N MET C 141 38.47 -13.24 -20.40
CA MET C 141 38.20 -11.89 -19.94
C MET C 141 39.44 -11.00 -20.07
N VAL C 142 40.62 -11.57 -20.00
CA VAL C 142 41.83 -10.77 -20.20
C VAL C 142 41.86 -10.23 -21.62
N LEU C 143 41.73 -11.15 -22.56
CA LEU C 143 41.75 -10.77 -23.96
C LEU C 143 40.66 -9.70 -24.24
N LYS C 144 39.46 -9.96 -23.76
CA LYS C 144 38.32 -9.06 -23.97
C LYS C 144 38.51 -7.68 -23.39
N CYS C 145 39.13 -7.64 -22.22
CA CYS C 145 39.41 -6.40 -21.54
C CYS C 145 40.40 -5.59 -22.34
N LEU C 146 41.46 -6.27 -22.79
CA LEU C 146 42.52 -5.56 -23.48
C LEU C 146 42.02 -5.09 -24.81
N ARG C 147 41.24 -5.93 -25.48
CA ARG C 147 40.70 -5.58 -26.78
C ARG C 147 39.73 -4.45 -26.66
N TYR C 148 38.92 -4.50 -25.61
CA TYR C 148 37.98 -3.42 -25.33
C TYR C 148 38.71 -2.10 -25.20
N TYR C 149 39.70 -2.04 -24.32
CA TYR C 149 40.41 -0.77 -24.04
C TYR C 149 41.26 -0.29 -25.20
N ALA C 150 41.87 -1.20 -25.95
CA ALA C 150 42.47 -0.83 -27.24
C ALA C 150 41.51 0.04 -28.07
N GLY C 151 40.23 -0.28 -28.05
CA GLY C 151 39.25 0.51 -28.76
C GLY C 151 39.02 1.92 -28.25
N TRP C 152 39.39 2.20 -27.00
CA TRP C 152 39.15 3.51 -26.37
C TRP C 152 40.25 4.50 -26.62
N ALA C 153 41.42 3.99 -26.99
CA ALA C 153 42.62 4.83 -27.01
C ALA C 153 42.44 6.13 -27.79
N ASP C 154 41.74 6.08 -28.93
CA ASP C 154 41.52 7.28 -29.75
C ASP C 154 40.08 7.79 -29.75
N LYS C 155 39.29 7.50 -28.72
CA LYS C 155 37.91 7.93 -28.71
C LYS C 155 37.44 8.68 -27.45
N TYR C 156 38.34 8.94 -26.51
CA TYR C 156 37.93 9.61 -25.26
C TYR C 156 38.09 11.14 -25.37
N HIS C 157 37.14 11.75 -26.04
CA HIS C 157 37.24 13.13 -26.45
C HIS C 157 37.08 14.08 -25.31
N GLY C 158 37.73 15.24 -25.45
CA GLY C 158 37.43 16.40 -24.62
C GLY C 158 36.28 17.13 -25.25
N LYS C 159 36.08 18.37 -24.81
CA LYS C 159 34.90 19.11 -25.24
C LYS C 159 35.25 20.50 -25.73
N THR C 160 34.43 21.03 -26.65
CA THR C 160 34.48 22.44 -26.97
C THR C 160 33.26 23.03 -26.32
N ILE C 161 33.45 24.18 -25.68
CA ILE C 161 32.60 24.64 -24.60
C ILE C 161 32.09 26.05 -24.88
N PRO C 162 30.75 26.26 -24.95
CA PRO C 162 30.24 27.62 -25.27
C PRO C 162 30.23 28.57 -24.06
N ILE C 163 31.43 28.90 -23.57
CA ILE C 163 31.64 29.89 -22.52
C ILE C 163 31.16 31.29 -22.96
N ASP C 164 30.84 32.12 -21.97
CA ASP C 164 30.41 33.50 -22.20
C ASP C 164 31.60 34.32 -22.66
N GLY C 165 31.32 35.40 -23.39
CA GLY C 165 32.34 36.32 -23.78
C GLY C 165 33.03 35.93 -25.07
N ASP C 166 33.99 36.77 -25.45
CA ASP C 166 34.70 36.60 -26.69
C ASP C 166 35.85 35.65 -26.50
N PHE C 167 35.52 34.38 -26.27
CA PHE C 167 36.52 33.36 -25.94
C PHE C 167 36.18 32.06 -26.61
N PHE C 168 37.21 31.27 -26.83
CA PHE C 168 37.04 29.92 -27.32
C PHE C 168 37.60 29.05 -26.21
N SER C 169 36.78 28.14 -25.69
CA SER C 169 37.22 27.31 -24.59
C SER C 169 37.04 25.85 -24.89
N TYR C 170 37.99 25.03 -24.47
CA TYR C 170 37.88 23.62 -24.71
C TYR C 170 38.67 22.87 -23.66
N THR C 171 38.47 21.56 -23.62
CA THR C 171 39.18 20.67 -22.73
C THR C 171 39.96 19.61 -23.48
N ARG C 172 41.16 19.35 -22.96
CA ARG C 172 42.03 18.23 -23.33
C ARG C 172 41.94 17.21 -22.22
N HIS C 173 41.84 15.93 -22.59
CA HIS C 173 41.88 14.85 -21.65
C HIS C 173 43.27 14.28 -21.74
N GLU C 174 44.13 14.66 -20.80
CA GLU C 174 45.53 14.24 -20.81
C GLU C 174 45.73 13.06 -19.85
N PRO C 175 46.84 12.33 -20.00
CA PRO C 175 47.09 11.25 -19.05
C PRO C 175 47.38 11.84 -17.69
N VAL C 176 47.01 11.15 -16.63
CA VAL C 176 47.30 11.61 -15.28
C VAL C 176 48.81 11.52 -14.95
N GLY C 177 49.51 10.57 -15.54
CA GLY C 177 50.96 10.49 -15.38
C GLY C 177 51.48 9.14 -14.92
N VAL C 178 52.27 9.15 -13.85
CA VAL C 178 52.83 7.91 -13.31
C VAL C 178 51.81 7.23 -12.41
N CYS C 179 51.41 6.02 -12.76
CA CYS C 179 50.33 5.35 -12.07
C CYS C 179 50.87 4.15 -11.29
N GLY C 180 50.64 4.14 -9.99
CA GLY C 180 51.01 3.02 -9.16
C GLY C 180 49.80 2.10 -9.08
N GLN C 181 50.03 0.82 -9.34
CA GLN C 181 48.95 -0.10 -9.46
C GLN C 181 49.29 -1.32 -8.63
N ILE C 182 48.50 -1.55 -7.59
CA ILE C 182 48.76 -2.64 -6.67
C ILE C 182 47.68 -3.64 -6.91
N ILE C 183 48.05 -4.77 -7.49
CA ILE C 183 47.02 -5.73 -7.83
C ILE C 183 47.03 -6.98 -6.91
N PRO C 184 45.83 -7.49 -6.60
CA PRO C 184 45.66 -8.54 -5.63
C PRO C 184 45.94 -9.94 -6.20
N TRP C 185 45.81 -10.93 -5.33
CA TRP C 185 46.15 -12.30 -5.66
C TRP C 185 44.97 -13.16 -6.13
N ASN C 186 43.74 -12.67 -6.08
CA ASN C 186 42.59 -13.54 -6.37
C ASN C 186 42.26 -13.67 -7.85
N PHE C 187 42.54 -12.63 -8.64
CA PHE C 187 42.52 -12.73 -10.10
C PHE C 187 43.76 -12.03 -10.63
N PRO C 188 44.90 -12.71 -10.64
CA PRO C 188 46.13 -11.97 -10.94
C PRO C 188 46.21 -11.42 -12.38
N LEU C 189 45.92 -12.26 -13.37
CA LEU C 189 45.96 -11.81 -14.75
C LEU C 189 44.86 -10.80 -15.09
N LEU C 190 43.64 -11.07 -14.64
CA LEU C 190 42.50 -10.24 -14.97
C LEU C 190 42.64 -8.84 -14.39
N MET C 191 42.99 -8.76 -13.11
N MET C 191 43.00 -8.74 -13.12
CA MET C 191 43.19 -7.47 -12.45
CA MET C 191 43.16 -7.45 -12.49
C MET C 191 44.31 -6.70 -13.15
C MET C 191 44.32 -6.69 -13.12
N GLN C 192 45.37 -7.41 -13.53
CA GLN C 192 46.44 -6.82 -14.31
C GLN C 192 45.87 -6.17 -15.59
N ALA C 193 44.96 -6.89 -16.25
CA ALA C 193 44.33 -6.37 -17.46
C ALA C 193 43.44 -5.16 -17.18
N TRP C 194 42.56 -5.30 -16.20
CA TRP C 194 41.66 -4.22 -15.77
C TRP C 194 42.37 -2.93 -15.52
N LYS C 195 43.59 -2.99 -15.00
CA LYS C 195 44.33 -1.78 -14.67
C LYS C 195 45.18 -1.31 -15.84
N LEU C 196 45.86 -2.24 -16.53
CA LEU C 196 46.70 -1.87 -17.68
C LEU C 196 45.86 -1.25 -18.82
N GLY C 197 44.70 -1.86 -19.08
CA GLY C 197 43.84 -1.47 -20.20
C GLY C 197 43.58 0.01 -20.24
N PRO C 198 42.90 0.54 -19.23
CA PRO C 198 42.59 1.95 -19.25
C PRO C 198 43.81 2.84 -19.13
N ALA C 199 44.77 2.45 -18.28
CA ALA C 199 45.95 3.27 -18.03
C ALA C 199 46.70 3.53 -19.30
N LEU C 200 46.89 2.48 -20.10
CA LEU C 200 47.66 2.58 -21.34
C LEU C 200 46.85 3.15 -22.48
N ALA C 201 45.55 2.89 -22.50
CA ALA C 201 44.73 3.43 -23.54
C ALA C 201 44.77 4.94 -23.48
N THR C 202 44.88 5.50 -22.28
CA THR C 202 44.88 6.96 -22.14
C THR C 202 46.29 7.55 -22.07
N GLY C 203 47.32 6.73 -22.27
CA GLY C 203 48.67 7.28 -22.44
C GLY C 203 49.46 7.40 -21.17
N ASN C 204 49.07 6.68 -20.10
CA ASN C 204 49.80 6.74 -18.84
C ASN C 204 50.94 5.78 -18.87
N VAL C 205 51.82 5.93 -17.88
CA VAL C 205 52.86 4.98 -17.60
C VAL C 205 52.61 4.40 -16.23
N VAL C 206 53.11 3.18 -16.02
CA VAL C 206 52.68 2.35 -14.92
C VAL C 206 53.84 1.79 -14.13
N VAL C 207 53.75 1.92 -12.80
CA VAL C 207 54.50 1.06 -11.89
C VAL C 207 53.56 0.12 -11.15
N MET C 208 53.73 -1.17 -11.41
CA MET C 208 52.81 -2.17 -11.00
C MET C 208 53.45 -3.01 -9.91
N LYS C 209 52.73 -3.16 -8.79
CA LYS C 209 53.12 -4.02 -7.69
C LYS C 209 52.20 -5.23 -7.73
N VAL C 210 52.78 -6.41 -7.98
CA VAL C 210 51.99 -7.64 -7.99
C VAL C 210 52.09 -8.37 -6.66
N ALA C 211 51.11 -9.24 -6.40
CA ALA C 211 50.98 -9.94 -5.11
C ALA C 211 52.04 -11.02 -4.92
N GLU C 212 52.56 -11.13 -3.69
CA GLU C 212 53.64 -12.08 -3.37
C GLU C 212 53.19 -13.52 -3.50
N GLN C 213 51.89 -13.74 -3.34
CA GLN C 213 51.31 -15.06 -3.48
C GLN C 213 51.22 -15.47 -4.94
N THR C 214 51.04 -14.49 -5.85
CA THR C 214 50.72 -14.78 -7.26
C THR C 214 51.45 -13.88 -8.24
N PRO C 215 52.79 -13.76 -8.13
CA PRO C 215 53.52 -12.81 -8.99
C PRO C 215 53.84 -13.29 -10.40
N LEU C 216 53.87 -14.60 -10.59
CA LEU C 216 54.49 -15.18 -11.79
C LEU C 216 53.79 -14.89 -13.14
N THR C 217 52.46 -14.95 -13.20
CA THR C 217 51.79 -14.69 -14.49
C THR C 217 51.97 -13.26 -14.98
N ALA C 218 51.97 -12.31 -14.06
CA ALA C 218 52.14 -10.89 -14.42
C ALA C 218 53.55 -10.58 -14.93
N LEU C 219 54.53 -11.26 -14.36
CA LEU C 219 55.91 -11.13 -14.82
C LEU C 219 56.04 -11.71 -16.22
N TYR C 220 55.34 -12.80 -16.52
CA TYR C 220 55.46 -13.36 -17.87
C TYR C 220 54.83 -12.41 -18.88
N VAL C 221 53.70 -11.83 -18.52
CA VAL C 221 53.06 -10.84 -19.40
C VAL C 221 53.96 -9.61 -19.65
N ALA C 222 54.81 -9.29 -18.69
CA ALA C 222 55.75 -8.19 -18.89
C ALA C 222 56.63 -8.45 -20.11
N ASN C 223 57.01 -9.69 -20.27
CA ASN C 223 57.83 -10.12 -21.38
C ASN C 223 57.11 -9.93 -22.71
N LEU C 224 55.82 -10.21 -22.69
CA LEU C 224 54.95 -10.00 -23.82
C LEU C 224 54.73 -8.51 -24.10
N ILE C 225 54.72 -7.70 -23.05
CA ILE C 225 54.60 -6.26 -23.24
C ILE C 225 55.81 -5.79 -24.01
N LYS C 226 56.98 -6.27 -23.64
CA LYS C 226 58.21 -5.98 -24.37
C LYS C 226 58.14 -6.43 -25.84
N GLU C 227 57.76 -7.69 -26.06
CA GLU C 227 57.57 -8.24 -27.41
C GLU C 227 56.53 -7.50 -28.25
N ALA C 228 55.45 -7.02 -27.65
CA ALA C 228 54.45 -6.20 -28.37
C ALA C 228 55.01 -4.84 -28.86
N GLY C 229 56.12 -4.37 -28.28
CA GLY C 229 56.76 -3.15 -28.76
C GLY C 229 56.42 -1.90 -27.96
N PHE C 230 55.94 -2.07 -26.74
CA PHE C 230 55.80 -0.96 -25.83
C PHE C 230 57.18 -0.36 -25.54
N PRO C 231 57.31 0.96 -25.61
CA PRO C 231 58.57 1.59 -25.28
C PRO C 231 59.02 1.28 -23.85
N PRO C 232 60.34 1.28 -23.60
CA PRO C 232 60.88 1.02 -22.25
C PRO C 232 60.43 2.08 -21.24
N GLY C 233 60.10 1.65 -20.04
CA GLY C 233 59.61 2.55 -19.01
C GLY C 233 58.11 2.67 -18.94
N VAL C 234 57.39 2.32 -20.02
CA VAL C 234 55.95 2.51 -20.04
C VAL C 234 55.26 1.60 -19.01
N VAL C 235 55.64 0.32 -18.97
CA VAL C 235 55.15 -0.59 -17.92
C VAL C 235 56.31 -1.18 -17.13
N ASN C 236 56.31 -0.97 -15.82
CA ASN C 236 57.28 -1.55 -14.92
C ASN C 236 56.60 -2.40 -13.85
N ILE C 237 57.15 -3.59 -13.59
CA ILE C 237 56.58 -4.47 -12.57
C ILE C 237 57.59 -4.74 -11.48
N VAL C 238 57.18 -4.52 -10.22
CA VAL C 238 58.02 -4.79 -9.05
C VAL C 238 57.29 -5.83 -8.18
N PRO C 239 57.75 -7.08 -8.16
CA PRO C 239 57.20 -8.01 -7.16
C PRO C 239 57.87 -7.80 -5.81
N GLY C 240 57.16 -8.09 -4.75
CA GLY C 240 57.62 -7.88 -3.39
C GLY C 240 56.45 -7.93 -2.45
N PHE C 241 56.68 -7.46 -1.21
CA PHE C 241 55.69 -7.45 -0.13
C PHE C 241 54.91 -6.12 -0.02
N GLY C 242 53.76 -6.18 0.65
CA GLY C 242 52.87 -5.04 0.84
C GLY C 242 53.46 -3.87 1.64
N PRO C 243 53.87 -4.14 2.89
CA PRO C 243 54.46 -3.11 3.76
C PRO C 243 55.81 -2.55 3.31
N THR C 244 56.43 -3.13 2.26
CA THR C 244 57.66 -2.58 1.69
C THR C 244 57.39 -1.94 0.32
N ALA C 245 57.16 -2.76 -0.70
CA ALA C 245 56.97 -2.27 -2.08
C ALA C 245 55.69 -1.50 -2.26
N GLY C 246 54.59 -2.06 -1.77
CA GLY C 246 53.30 -1.39 -1.83
C GLY C 246 53.33 -0.03 -1.15
N ALA C 247 53.79 0.00 0.10
CA ALA C 247 53.85 1.25 0.86
C ALA C 247 54.74 2.29 0.19
N ALA C 248 55.79 1.84 -0.50
CA ALA C 248 56.71 2.74 -1.16
C ALA C 248 56.07 3.46 -2.36
N ILE C 249 55.14 2.78 -3.03
CA ILE C 249 54.44 3.33 -4.17
C ILE C 249 53.37 4.31 -3.68
N ALA C 250 52.62 3.91 -2.67
CA ALA C 250 51.56 4.74 -2.12
C ALA C 250 52.10 6.04 -1.55
N SER C 251 53.35 6.02 -1.08
CA SER C 251 53.95 7.18 -0.43
C SER C 251 54.90 7.95 -1.32
N HIS C 252 55.16 7.45 -2.52
CA HIS C 252 56.16 8.04 -3.38
C HIS C 252 55.75 9.45 -3.76
N GLU C 253 56.72 10.36 -3.70
CA GLU C 253 56.49 11.79 -3.95
C GLU C 253 56.35 12.14 -5.45
N ASP C 254 56.59 11.18 -6.33
CA ASP C 254 56.53 11.41 -7.78
C ASP C 254 55.59 10.42 -8.52
N VAL C 255 54.70 9.77 -7.77
CA VAL C 255 53.66 8.91 -8.34
C VAL C 255 52.40 9.75 -8.29
N ASP C 256 51.69 9.85 -9.40
CA ASP C 256 50.59 10.80 -9.55
C ASP C 256 49.26 10.17 -9.14
N LYS C 257 49.22 8.85 -9.12
CA LYS C 257 47.97 8.17 -9.00
C LYS C 257 48.22 6.77 -8.49
N VAL C 258 47.32 6.30 -7.63
CA VAL C 258 47.39 4.95 -7.15
C VAL C 258 46.03 4.27 -7.19
N ALA C 259 46.07 3.00 -7.59
CA ALA C 259 44.90 2.17 -7.68
C ALA C 259 45.21 0.91 -6.93
N PHE C 260 44.33 0.56 -6.00
CA PHE C 260 44.53 -0.58 -5.14
C PHE C 260 43.26 -1.41 -5.08
N THR C 261 43.44 -2.72 -5.13
CA THR C 261 42.38 -3.67 -4.93
C THR C 261 42.81 -4.59 -3.81
N GLY C 262 41.96 -4.77 -2.82
CA GLY C 262 42.30 -5.60 -1.68
C GLY C 262 41.35 -5.39 -0.52
N SER C 263 41.88 -5.51 0.69
CA SER C 263 41.06 -5.40 1.88
C SER C 263 40.76 -3.93 2.17
N THR C 264 39.58 -3.70 2.73
CA THR C 264 39.17 -2.38 3.20
C THR C 264 40.19 -1.76 4.15
N GLU C 265 40.69 -2.56 5.10
CA GLU C 265 41.66 -2.10 6.11
C GLU C 265 42.94 -1.53 5.48
N ILE C 266 43.41 -2.19 4.42
CA ILE C 266 44.64 -1.79 3.74
C ILE C 266 44.36 -0.62 2.81
N GLY C 267 43.12 -0.55 2.32
CA GLY C 267 42.66 0.60 1.57
C GLY C 267 42.78 1.88 2.36
N ARG C 268 42.49 1.81 3.66
CA ARG C 268 42.71 2.96 4.55
C ARG C 268 44.17 3.33 4.60
N VAL C 269 45.05 2.35 4.69
CA VAL C 269 46.50 2.62 4.74
C VAL C 269 46.93 3.39 3.47
N ILE C 270 46.34 2.98 2.36
CA ILE C 270 46.63 3.59 1.06
C ILE C 270 46.15 5.05 1.06
N GLN C 271 44.90 5.29 1.49
CA GLN C 271 44.34 6.62 1.37
C GLN C 271 45.02 7.59 2.33
N VAL C 272 45.47 7.09 3.47
CA VAL C 272 46.31 7.88 4.40
C VAL C 272 47.69 8.18 3.81
N ALA C 273 48.29 7.20 3.15
CA ALA C 273 49.60 7.36 2.50
C ALA C 273 49.56 8.43 1.43
N ALA C 274 48.47 8.45 0.70
CA ALA C 274 48.28 9.44 -0.35
C ALA C 274 48.21 10.86 0.23
N GLY C 275 47.45 11.02 1.30
CA GLY C 275 47.34 12.32 1.94
C GLY C 275 48.60 12.74 2.67
N SER C 276 49.33 11.78 3.23
CA SER C 276 50.55 12.08 3.95
C SER C 276 51.68 12.46 3.01
N SER C 277 51.57 12.10 1.72
CA SER C 277 52.66 12.35 0.75
C SER C 277 52.33 13.48 -0.21
N ASN C 278 51.86 13.18 -1.41
CA ASN C 278 51.77 14.21 -2.44
C ASN C 278 50.40 14.39 -3.01
N LEU C 279 49.39 13.99 -2.23
CA LEU C 279 47.99 14.06 -2.67
C LEU C 279 47.81 13.42 -4.02
N LYS C 280 48.39 12.25 -4.19
CA LYS C 280 48.12 11.49 -5.40
C LYS C 280 46.63 11.12 -5.43
N ARG C 281 46.10 10.93 -6.64
CA ARG C 281 44.74 10.48 -6.85
C ARG C 281 44.67 9.02 -6.44
N VAL C 282 43.50 8.61 -5.92
CA VAL C 282 43.29 7.30 -5.36
C VAL C 282 41.98 6.67 -5.85
N THR C 283 42.05 5.43 -6.33
CA THR C 283 40.86 4.62 -6.48
C THR C 283 41.09 3.27 -5.77
N LEU C 284 40.01 2.76 -5.20
CA LEU C 284 40.06 1.55 -4.40
C LEU C 284 38.93 0.58 -4.77
N GLU C 285 39.28 -0.69 -4.89
CA GLU C 285 38.32 -1.79 -4.97
C GLU C 285 38.59 -2.67 -3.77
N LEU C 286 37.67 -2.65 -2.81
CA LEU C 286 37.90 -3.26 -1.51
C LEU C 286 36.95 -4.44 -1.29
N GLY C 287 36.63 -4.78 -0.05
CA GLY C 287 35.78 -5.94 0.21
C GLY C 287 34.29 -5.69 0.04
N GLY C 288 33.52 -6.75 0.23
CA GLY C 288 32.07 -6.65 0.23
C GLY C 288 31.46 -7.79 1.01
N LYS C 289 30.17 -7.68 1.26
CA LYS C 289 29.39 -8.71 1.93
C LYS C 289 28.07 -8.72 1.20
N SER C 290 28.11 -9.16 -0.05
CA SER C 290 27.08 -8.81 -1.02
C SER C 290 25.82 -9.65 -0.88
N PRO C 291 24.66 -9.01 -0.78
CA PRO C 291 23.41 -9.74 -0.60
C PRO C 291 22.87 -10.32 -1.90
N ASN C 292 22.48 -11.58 -1.87
CA ASN C 292 21.82 -12.23 -2.99
C ASN C 292 20.41 -12.61 -2.57
N ILE C 293 19.43 -11.93 -3.16
CA ILE C 293 18.07 -11.95 -2.68
C ILE C 293 17.18 -12.77 -3.61
N ILE C 294 16.62 -13.86 -3.08
CA ILE C 294 15.75 -14.74 -3.82
C ILE C 294 14.30 -14.57 -3.37
N MET C 295 13.46 -14.00 -4.24
CA MET C 295 12.03 -13.87 -3.97
C MET C 295 11.33 -15.20 -4.14
N SER C 296 10.09 -15.28 -3.66
CA SER C 296 9.30 -16.51 -3.76
C SER C 296 8.89 -16.88 -5.18
N ASP C 297 9.01 -15.94 -6.10
CA ASP C 297 8.59 -16.22 -7.46
C ASP C 297 9.80 -16.47 -8.36
N ALA C 298 10.98 -16.56 -7.79
CA ALA C 298 12.17 -16.89 -8.57
C ALA C 298 12.07 -18.29 -9.18
N ASP C 299 12.65 -18.46 -10.36
CA ASP C 299 12.85 -19.79 -10.95
C ASP C 299 13.84 -20.54 -10.05
N MET C 300 13.32 -21.56 -9.37
CA MET C 300 14.02 -22.24 -8.30
C MET C 300 15.36 -22.86 -8.71
N ASP C 301 15.36 -23.69 -9.75
CA ASP C 301 16.60 -24.37 -10.15
C ASP C 301 17.64 -23.34 -10.60
N TRP C 302 17.20 -22.35 -11.39
CA TRP C 302 18.09 -21.30 -11.85
C TRP C 302 18.69 -20.59 -10.62
N ALA C 303 17.83 -20.16 -9.71
CA ALA C 303 18.28 -19.41 -8.52
C ALA C 303 19.24 -20.24 -7.63
N VAL C 304 18.94 -21.52 -7.44
CA VAL C 304 19.83 -22.41 -6.67
C VAL C 304 21.22 -22.58 -7.30
N GLU C 305 21.25 -22.82 -8.62
CA GLU C 305 22.52 -22.95 -9.32
C GLU C 305 23.29 -21.60 -9.31
N GLN C 306 22.62 -20.49 -9.56
CA GLN C 306 23.32 -19.21 -9.58
C GLN C 306 23.81 -18.79 -8.18
N ALA C 307 23.00 -19.05 -7.17
CA ALA C 307 23.37 -18.67 -5.80
C ALA C 307 24.59 -19.46 -5.35
N HIS C 308 24.70 -20.68 -5.83
CA HIS C 308 25.84 -21.51 -5.57
C HIS C 308 27.08 -20.90 -6.21
N PHE C 309 26.97 -20.62 -7.51
CA PHE C 309 28.05 -19.96 -8.24
C PHE C 309 28.47 -18.67 -7.54
N ALA C 310 27.48 -17.88 -7.14
CA ALA C 310 27.67 -16.56 -6.57
C ALA C 310 28.61 -16.57 -5.38
N LEU C 311 28.44 -17.57 -4.52
CA LEU C 311 29.30 -17.68 -3.37
C LEU C 311 30.59 -18.43 -3.68
N PHE C 312 30.49 -19.61 -4.27
CA PHE C 312 31.65 -20.50 -4.36
C PHE C 312 32.65 -20.21 -5.47
N PHE C 313 32.29 -19.39 -6.45
CA PHE C 313 33.22 -19.15 -7.59
C PHE C 313 34.60 -18.74 -7.07
N ASN C 314 35.64 -19.35 -7.60
CA ASN C 314 37.02 -18.98 -7.28
C ASN C 314 37.37 -19.27 -5.81
N GLN C 315 36.83 -20.37 -5.32
CA GLN C 315 37.03 -20.79 -3.94
C GLN C 315 36.52 -19.74 -2.96
N GLY C 316 35.52 -18.98 -3.38
CA GLY C 316 34.92 -18.00 -2.51
C GLY C 316 35.73 -16.75 -2.41
N GLN C 317 36.81 -16.68 -3.19
CA GLN C 317 37.74 -15.57 -3.13
C GLN C 317 37.37 -14.45 -4.12
N CYS C 318 36.14 -13.95 -4.00
CA CYS C 318 35.68 -12.82 -4.76
C CYS C 318 35.20 -11.73 -3.81
N CYS C 319 35.67 -10.53 -4.08
CA CYS C 319 35.26 -9.34 -3.36
C CYS C 319 33.73 -9.21 -3.39
N CYS C 320 33.11 -9.61 -4.48
CA CYS C 320 31.68 -9.45 -4.68
C CYS C 320 30.88 -10.73 -4.50
N ALA C 321 31.42 -11.68 -3.73
CA ALA C 321 30.78 -12.97 -3.50
C ALA C 321 29.40 -12.78 -2.88
N GLY C 322 28.44 -13.58 -3.29
CA GLY C 322 27.07 -13.52 -2.76
C GLY C 322 27.02 -14.23 -1.43
N SER C 323 27.53 -13.53 -0.41
CA SER C 323 27.85 -14.13 0.87
C SER C 323 26.77 -13.86 1.89
N ARG C 324 25.66 -13.26 1.45
CA ARG C 324 24.45 -13.27 2.24
C ARG C 324 23.31 -13.58 1.32
N THR C 325 22.94 -14.84 1.29
CA THR C 325 21.87 -15.32 0.45
C THR C 325 20.55 -15.21 1.23
N PHE C 326 19.87 -14.09 1.06
CA PHE C 326 18.57 -13.88 1.64
C PHE C 326 17.54 -14.62 0.81
N VAL C 327 16.72 -15.44 1.46
CA VAL C 327 15.72 -16.27 0.79
C VAL C 327 14.35 -16.07 1.46
N GLN C 328 13.32 -15.87 0.63
CA GLN C 328 12.00 -15.59 1.15
C GLN C 328 11.42 -16.84 1.80
N GLU C 329 10.73 -16.63 2.93
CA GLU C 329 10.29 -17.73 3.81
C GLU C 329 9.50 -18.88 3.15
N ASP C 330 8.65 -18.58 2.18
CA ASP C 330 7.81 -19.61 1.54
C ASP C 330 8.58 -20.66 0.71
N ILE C 331 9.78 -20.33 0.24
CA ILE C 331 10.59 -21.28 -0.55
C ILE C 331 11.87 -21.68 0.14
N TYR C 332 12.05 -21.20 1.38
CA TYR C 332 13.27 -21.43 2.13
C TYR C 332 13.65 -22.91 2.25
N ASP C 333 12.74 -23.73 2.75
CA ASP C 333 13.06 -25.13 3.07
C ASP C 333 13.58 -25.85 1.84
N GLU C 334 12.85 -25.71 0.73
CA GLU C 334 13.24 -26.31 -0.54
C GLU C 334 14.54 -25.75 -1.10
N PHE C 335 14.72 -24.43 -0.96
CA PHE C 335 15.92 -23.79 -1.48
C PHE C 335 17.15 -24.29 -0.73
N VAL C 336 17.06 -24.37 0.59
CA VAL C 336 18.14 -24.84 1.44
C VAL C 336 18.49 -26.29 1.12
N GLU C 337 17.48 -27.11 0.92
CA GLU C 337 17.68 -28.52 0.64
C GLU C 337 18.48 -28.65 -0.64
N ARG C 338 18.06 -27.92 -1.67
CA ARG C 338 18.73 -27.99 -2.97
C ARG C 338 20.14 -27.40 -2.95
N SER C 339 20.33 -26.32 -2.20
CA SER C 339 21.66 -25.69 -2.09
C SER C 339 22.64 -26.62 -1.38
N VAL C 340 22.17 -27.31 -0.35
CA VAL C 340 22.98 -28.30 0.37
C VAL C 340 23.43 -29.45 -0.53
N ALA C 341 22.48 -30.06 -1.23
CA ALA C 341 22.79 -31.12 -2.18
C ALA C 341 23.88 -30.69 -3.14
N ARG C 342 23.73 -29.50 -3.69
CA ARG C 342 24.66 -28.97 -4.67
C ARG C 342 26.03 -28.74 -4.07
N ALA C 343 26.07 -28.12 -2.89
CA ALA C 343 27.33 -27.93 -2.16
C ALA C 343 28.04 -29.26 -1.88
N LYS C 344 27.29 -30.27 -1.46
CA LYS C 344 27.83 -31.61 -1.18
C LYS C 344 28.39 -32.34 -2.42
N SER C 345 27.90 -31.98 -3.60
CA SER C 345 28.34 -32.62 -4.83
C SER C 345 29.58 -31.91 -5.41
N ARG C 346 29.84 -30.71 -4.92
CA ARG C 346 30.91 -29.88 -5.44
C ARG C 346 32.24 -30.59 -5.27
N VAL C 347 32.94 -30.83 -6.37
CA VAL C 347 34.20 -31.55 -6.32
C VAL C 347 35.42 -30.69 -5.96
N VAL C 348 36.02 -31.01 -4.83
CA VAL C 348 37.22 -30.36 -4.34
C VAL C 348 38.41 -31.18 -4.73
N GLY C 349 39.46 -30.55 -5.23
CA GLY C 349 40.63 -31.32 -5.64
C GLY C 349 41.66 -30.62 -6.52
N ASN C 350 42.57 -31.43 -7.06
CA ASN C 350 43.56 -30.97 -8.02
C ASN C 350 42.93 -30.06 -9.06
N PRO C 351 43.37 -28.80 -9.10
CA PRO C 351 42.77 -27.85 -10.06
C PRO C 351 43.09 -28.18 -11.53
N PHE C 352 44.09 -29.03 -11.76
CA PHE C 352 44.44 -29.45 -13.11
C PHE C 352 43.59 -30.62 -13.62
N ASP C 353 42.87 -31.29 -12.73
CA ASP C 353 41.92 -32.33 -13.13
C ASP C 353 40.62 -31.64 -13.57
N SER C 354 40.10 -32.07 -14.70
CA SER C 354 38.95 -31.43 -15.34
C SER C 354 37.64 -31.55 -14.57
N LYS C 355 37.49 -32.56 -13.72
CA LYS C 355 36.28 -32.69 -12.89
C LYS C 355 36.28 -31.75 -11.68
N THR C 356 37.45 -31.21 -11.33
CA THR C 356 37.58 -30.35 -10.15
C THR C 356 36.84 -29.00 -10.33
N GLU C 357 35.92 -28.70 -9.42
CA GLU C 357 35.25 -27.39 -9.36
C GLU C 357 35.91 -26.44 -8.36
N GLN C 358 36.59 -26.98 -7.36
CA GLN C 358 37.19 -26.15 -6.31
C GLN C 358 38.59 -26.56 -5.95
N GLY C 359 39.53 -25.64 -6.14
CA GLY C 359 40.92 -25.89 -5.79
C GLY C 359 41.13 -25.40 -4.39
N PRO C 360 42.39 -25.19 -4.00
CA PRO C 360 42.68 -24.74 -2.64
C PRO C 360 42.50 -23.23 -2.50
N GLN C 361 42.48 -22.77 -1.25
CA GLN C 361 42.55 -21.36 -0.97
C GLN C 361 44.01 -20.96 -1.22
N VAL C 362 44.29 -19.68 -1.20
CA VAL C 362 45.49 -19.15 -1.82
C VAL C 362 46.76 -19.33 -1.00
N ASP C 363 46.61 -19.36 0.32
CA ASP C 363 47.76 -19.51 1.21
C ASP C 363 47.33 -19.85 2.62
N GLU C 364 48.32 -20.07 3.49
CA GLU C 364 48.07 -20.53 4.85
C GLU C 364 47.32 -19.52 5.70
N THR C 365 47.61 -18.23 5.53
CA THR C 365 46.95 -17.22 6.34
C THR C 365 45.45 -17.21 6.08
N GLN C 366 45.04 -17.15 4.80
CA GLN C 366 43.60 -17.21 4.44
C GLN C 366 42.91 -18.47 4.92
N PHE C 367 43.54 -19.60 4.65
CA PHE C 367 43.10 -20.91 5.11
C PHE C 367 42.74 -20.92 6.59
N LYS C 368 43.67 -20.45 7.42
CA LYS C 368 43.46 -20.40 8.87
C LYS C 368 42.32 -19.45 9.22
N LYS C 369 42.31 -18.30 8.57
CA LYS C 369 41.28 -17.29 8.77
C LYS C 369 39.88 -17.83 8.44
N ILE C 370 39.76 -18.61 7.37
CA ILE C 370 38.45 -19.18 7.00
C ILE C 370 37.99 -20.23 8.00
N LEU C 371 38.86 -21.15 8.38
CA LEU C 371 38.50 -22.10 9.44
C LEU C 371 38.08 -21.35 10.70
N GLY C 372 38.77 -20.23 11.00
CA GLY C 372 38.42 -19.39 12.13
C GLY C 372 36.98 -18.92 12.05
N TYR C 373 36.55 -18.46 10.88
CA TYR C 373 35.15 -18.02 10.74
C TYR C 373 34.15 -19.16 10.80
N ILE C 374 34.51 -20.31 10.25
CA ILE C 374 33.65 -21.46 10.32
C ILE C 374 33.37 -21.76 11.79
N ASN C 375 34.42 -21.80 12.61
CA ASN C 375 34.27 -22.03 14.05
C ASN C 375 33.39 -20.99 14.77
N THR C 376 33.52 -19.71 14.42
CA THR C 376 32.69 -18.68 15.01
CA THR C 376 32.65 -18.67 15.00
C THR C 376 31.20 -18.92 14.66
N GLY C 377 30.95 -19.37 13.42
CA GLY C 377 29.59 -19.65 12.96
C GLY C 377 28.92 -20.79 13.71
N LYS C 378 29.67 -21.87 13.95
CA LYS C 378 29.19 -22.96 14.78
C LYS C 378 28.93 -22.47 16.20
N GLN C 379 29.90 -21.77 16.81
CA GLN C 379 29.75 -21.31 18.19
C GLN C 379 28.61 -20.31 18.38
N GLU C 380 28.35 -19.48 17.38
CA GLU C 380 27.31 -18.45 17.54
C GLU C 380 25.88 -18.96 17.31
N GLY C 381 25.71 -20.24 16.97
CA GLY C 381 24.37 -20.84 16.87
C GLY C 381 23.76 -20.84 15.47
N ALA C 382 24.62 -20.65 14.47
CA ALA C 382 24.24 -20.86 13.10
C ALA C 382 24.22 -22.36 12.89
N LYS C 383 23.40 -22.80 11.95
CA LYS C 383 23.14 -24.22 11.71
C LYS C 383 24.03 -24.72 10.58
N LEU C 384 25.09 -25.43 10.95
CA LEU C 384 25.98 -26.03 9.97
C LEU C 384 25.26 -27.12 9.20
N LEU C 385 25.05 -26.91 7.90
CA LEU C 385 24.28 -27.84 7.07
C LEU C 385 25.15 -28.81 6.30
N CYS C 386 26.37 -28.38 5.95
CA CYS C 386 27.38 -29.30 5.42
C CYS C 386 28.79 -28.75 5.45
N GLY C 387 29.75 -29.66 5.30
CA GLY C 387 31.16 -29.31 5.36
C GLY C 387 31.53 -28.78 6.72
N GLY C 388 32.45 -27.82 6.74
CA GLY C 388 32.83 -27.13 7.97
C GLY C 388 34.21 -27.48 8.50
N GLY C 389 34.95 -28.29 7.75
CA GLY C 389 36.34 -28.56 8.09
C GLY C 389 37.26 -28.58 6.89
N ILE C 390 38.51 -28.90 7.17
CA ILE C 390 39.56 -29.08 6.17
C ILE C 390 39.19 -30.21 5.18
N ALA C 391 39.65 -30.12 3.93
CA ALA C 391 39.32 -31.13 2.90
C ALA C 391 40.49 -31.95 2.38
N ALA C 392 41.70 -31.59 2.79
CA ALA C 392 42.91 -32.33 2.41
C ALA C 392 44.00 -32.03 3.42
N ASP C 393 45.00 -32.87 3.48
CA ASP C 393 46.07 -32.73 4.47
C ASP C 393 47.22 -31.87 3.90
N ARG C 394 47.28 -31.79 2.58
CA ARG C 394 48.33 -31.12 1.81
C ARG C 394 47.66 -29.91 1.20
N GLY C 395 48.30 -28.75 1.30
CA GLY C 395 47.73 -27.55 0.67
C GLY C 395 46.57 -26.95 1.45
N TYR C 396 45.85 -26.02 0.83
CA TYR C 396 44.92 -25.21 1.59
C TYR C 396 43.48 -25.42 1.11
N PHE C 397 43.08 -26.69 1.11
CA PHE C 397 41.76 -27.10 0.69
C PHE C 397 40.73 -27.04 1.83
N ILE C 398 39.54 -26.54 1.56
CA ILE C 398 38.49 -26.41 2.57
C ILE C 398 37.19 -26.95 2.03
N GLN C 399 36.43 -27.63 2.89
CA GLN C 399 35.14 -28.20 2.49
C GLN C 399 34.14 -27.11 2.17
N PRO C 400 33.38 -27.29 1.09
CA PRO C 400 32.27 -26.41 0.80
C PRO C 400 31.33 -26.42 1.97
N THR C 401 31.04 -25.25 2.52
CA THR C 401 30.41 -25.16 3.82
C THR C 401 29.20 -24.26 3.71
N VAL C 402 28.10 -24.69 4.31
CA VAL C 402 26.85 -23.97 4.22
C VAL C 402 26.22 -23.89 5.59
N PHE C 403 25.88 -22.67 6.01
CA PHE C 403 25.24 -22.38 7.28
C PHE C 403 23.86 -21.87 6.99
N GLY C 404 22.88 -22.38 7.75
CA GLY C 404 21.48 -21.93 7.66
C GLY C 404 21.02 -21.17 8.89
N ASP C 405 19.81 -20.64 8.80
CA ASP C 405 19.20 -19.82 9.85
C ASP C 405 20.18 -18.77 10.42
N VAL C 406 20.94 -18.15 9.52
CA VAL C 406 21.90 -17.15 9.93
C VAL C 406 21.18 -15.84 10.31
N GLN C 407 21.69 -15.16 11.33
CA GLN C 407 21.12 -13.92 11.80
C GLN C 407 22.05 -12.77 11.47
N ASP C 408 21.46 -11.59 11.25
CA ASP C 408 22.19 -10.43 10.78
C ASP C 408 23.33 -10.06 11.70
N GLY C 409 23.15 -10.31 13.00
CA GLY C 409 24.17 -10.00 13.98
C GLY C 409 25.32 -10.98 14.12
N MET C 410 25.20 -12.17 13.53
CA MET C 410 26.30 -13.14 13.62
C MET C 410 27.54 -12.68 12.87
N THR C 411 28.73 -13.02 13.35
CA THR C 411 29.99 -12.60 12.71
C THR C 411 30.03 -13.00 11.22
N ILE C 412 29.71 -14.25 10.90
CA ILE C 412 29.72 -14.70 9.50
C ILE C 412 28.71 -14.00 8.58
N ALA C 413 27.76 -13.27 9.16
CA ALA C 413 26.85 -12.43 8.38
C ALA C 413 27.41 -11.02 8.19
N LYS C 414 28.36 -10.64 9.02
CA LYS C 414 28.85 -9.27 9.01
C LYS C 414 30.20 -9.17 8.35
N GLU C 415 31.06 -10.15 8.55
CA GLU C 415 32.44 -10.01 8.10
C GLU C 415 32.72 -10.81 6.82
N GLU C 416 33.64 -10.28 6.02
CA GLU C 416 34.04 -10.90 4.76
C GLU C 416 34.91 -12.13 5.05
N ILE C 417 34.43 -13.28 4.59
CA ILE C 417 35.09 -14.53 4.91
C ILE C 417 36.15 -14.88 3.87
N PHE C 418 35.85 -14.61 2.61
CA PHE C 418 36.74 -14.89 1.47
C PHE C 418 37.07 -16.36 1.30
N GLY C 419 36.08 -17.20 1.59
CA GLY C 419 36.20 -18.63 1.47
C GLY C 419 34.87 -19.26 1.11
N PRO C 420 34.86 -20.59 0.84
CA PRO C 420 33.69 -21.29 0.39
C PRO C 420 32.72 -21.55 1.56
N VAL C 421 32.16 -20.46 2.09
CA VAL C 421 31.29 -20.51 3.23
C VAL C 421 30.04 -19.69 2.93
N MET C 422 28.94 -20.41 2.72
CA MET C 422 27.63 -19.83 2.38
C MET C 422 26.79 -19.56 3.61
N GLN C 423 26.21 -18.35 3.69
CA GLN C 423 25.25 -17.99 4.73
C GLN C 423 23.89 -17.86 4.08
N ILE C 424 22.87 -18.45 4.69
CA ILE C 424 21.52 -18.39 4.15
C ILE C 424 20.61 -17.80 5.22
N LEU C 425 20.06 -16.62 4.91
CA LEU C 425 19.18 -15.94 5.81
C LEU C 425 17.76 -16.05 5.29
N LYS C 426 16.80 -15.85 6.18
CA LYS C 426 15.40 -15.93 5.86
C LYS C 426 14.77 -14.53 5.95
N PHE C 427 13.83 -14.25 5.04
CA PHE C 427 13.10 -12.99 5.08
C PHE C 427 11.66 -13.17 4.62
N LYS C 428 10.79 -12.21 4.99
CA LYS C 428 9.38 -12.26 4.65
C LYS C 428 8.96 -11.20 3.63
N THR C 429 9.26 -9.93 3.88
CA THR C 429 8.81 -8.86 2.99
C THR C 429 9.94 -8.17 2.21
N ILE C 430 9.55 -7.57 1.10
CA ILE C 430 10.47 -6.80 0.28
C ILE C 430 10.98 -5.56 1.00
N GLU C 431 10.17 -4.94 1.85
CA GLU C 431 10.60 -3.75 2.62
C GLU C 431 11.64 -4.15 3.68
N GLU C 432 11.39 -5.27 4.34
CA GLU C 432 12.31 -5.82 5.33
C GLU C 432 13.68 -6.11 4.74
N VAL C 433 13.72 -6.78 3.60
CA VAL C 433 14.98 -7.29 3.04
C VAL C 433 15.91 -6.20 2.48
N VAL C 434 15.33 -5.11 1.98
CA VAL C 434 16.09 -3.96 1.52
C VAL C 434 16.90 -3.42 2.68
N GLY C 435 16.21 -3.20 3.80
CA GLY C 435 16.80 -2.60 5.01
C GLY C 435 17.87 -3.50 5.54
N ARG C 436 17.61 -4.80 5.54
CA ARG C 436 18.60 -5.76 6.01
C ARG C 436 19.79 -5.88 5.05
N ALA C 437 19.54 -5.85 3.75
CA ALA C 437 20.58 -5.92 2.75
C ALA C 437 21.47 -4.68 2.78
N ASN C 438 20.85 -3.51 2.96
CA ASN C 438 21.57 -2.22 2.99
C ASN C 438 22.22 -1.91 4.34
N ASN C 439 21.88 -2.67 5.35
CA ASN C 439 22.50 -2.52 6.65
C ASN C 439 23.89 -3.14 6.69
N SER C 440 24.86 -2.43 6.12
CA SER C 440 26.22 -2.90 5.98
C SER C 440 27.12 -1.71 5.63
N THR C 441 28.37 -1.75 6.04
CA THR C 441 29.37 -0.75 5.65
C THR C 441 29.92 -1.07 4.27
N TYR C 442 29.64 -2.28 3.79
CA TYR C 442 29.99 -2.68 2.44
C TYR C 442 28.85 -2.43 1.45
N GLY C 443 29.21 -2.25 0.18
CA GLY C 443 28.23 -2.10 -0.89
C GLY C 443 28.84 -2.30 -2.27
N LEU C 444 29.44 -3.47 -2.49
CA LEU C 444 30.09 -3.74 -3.76
C LEU C 444 29.09 -4.21 -4.82
N ALA C 445 28.30 -5.20 -4.47
CA ALA C 445 27.38 -5.77 -5.39
C ALA C 445 26.16 -6.28 -4.66
N ALA C 446 25.18 -6.72 -5.43
CA ALA C 446 23.95 -7.27 -4.92
C ALA C 446 23.20 -7.96 -6.06
N ALA C 447 22.25 -8.81 -5.71
CA ALA C 447 21.45 -9.46 -6.75
C ALA C 447 20.03 -9.73 -6.28
N VAL C 448 19.18 -9.93 -7.27
CA VAL C 448 17.76 -10.12 -7.09
C VAL C 448 17.33 -11.16 -8.08
N PHE C 449 16.57 -12.16 -7.60
CA PHE C 449 16.01 -13.16 -8.47
C PHE C 449 14.51 -13.11 -8.34
N THR C 450 13.83 -12.87 -9.45
CA THR C 450 12.41 -12.68 -9.46
C THR C 450 11.93 -12.64 -10.90
N LYS C 451 10.67 -13.01 -11.11
CA LYS C 451 10.04 -12.91 -12.42
C LYS C 451 9.17 -11.66 -12.48
N ASP C 452 9.05 -10.94 -11.37
CA ASP C 452 8.15 -9.78 -11.32
C ASP C 452 8.91 -8.50 -11.69
N LEU C 453 8.38 -7.80 -12.68
CA LEU C 453 8.97 -6.59 -13.19
C LEU C 453 9.17 -5.51 -12.12
N ASP C 454 8.13 -5.27 -11.32
CA ASP C 454 8.14 -4.22 -10.32
C ASP C 454 9.04 -4.51 -9.12
N LYS C 455 9.08 -5.77 -8.71
CA LYS C 455 10.01 -6.16 -7.66
C LYS C 455 11.44 -5.97 -8.14
N ALA C 456 11.77 -6.45 -9.34
CA ALA C 456 13.09 -6.23 -9.87
C ALA C 456 13.44 -4.73 -9.86
N ASN C 457 12.54 -3.90 -10.37
CA ASN C 457 12.82 -2.46 -10.46
C ASN C 457 12.93 -1.80 -9.10
N TYR C 458 12.10 -2.24 -8.16
CA TYR C 458 12.09 -1.68 -6.82
C TYR C 458 13.41 -1.97 -6.12
N LEU C 459 13.83 -3.23 -6.16
CA LEU C 459 15.04 -3.67 -5.50
C LEU C 459 16.31 -3.11 -6.15
N SER C 460 16.43 -3.19 -7.47
CA SER C 460 17.58 -2.60 -8.16
C SER C 460 17.74 -1.09 -7.88
N GLN C 461 16.65 -0.39 -7.66
CA GLN C 461 16.78 1.00 -7.27
C GLN C 461 17.27 1.17 -5.83
N ALA C 462 16.70 0.38 -4.92
CA ALA C 462 16.85 0.54 -3.48
C ALA C 462 18.18 0.03 -2.91
N LEU C 463 18.80 -0.93 -3.56
CA LEU C 463 19.99 -1.55 -2.99
C LEU C 463 21.17 -0.62 -3.13
N GLN C 464 21.95 -0.50 -2.05
CA GLN C 464 23.08 0.39 -2.05
C GLN C 464 24.31 -0.44 -2.47
N ALA C 465 24.40 -0.69 -3.76
CA ALA C 465 25.50 -1.48 -4.30
C ALA C 465 25.89 -0.99 -5.68
N GLY C 466 27.18 -1.13 -5.98
CA GLY C 466 27.76 -0.66 -7.23
C GLY C 466 27.25 -1.39 -8.45
N THR C 467 26.99 -2.67 -8.30
CA THR C 467 26.44 -3.52 -9.34
C THR C 467 25.26 -4.31 -8.77
N VAL C 468 24.15 -4.32 -9.50
CA VAL C 468 23.00 -5.12 -9.11
C VAL C 468 22.71 -6.05 -10.26
N TRP C 469 22.84 -7.35 -10.03
CA TRP C 469 22.50 -8.34 -11.04
C TRP C 469 21.05 -8.76 -10.82
N VAL C 470 20.31 -8.92 -11.90
CA VAL C 470 18.93 -9.37 -11.83
C VAL C 470 18.89 -10.70 -12.56
N ASN C 471 18.46 -11.75 -11.86
CA ASN C 471 18.40 -13.10 -12.40
C ASN C 471 19.69 -13.65 -13.00
N CYS C 472 20.82 -13.18 -12.45
CA CYS C 472 22.13 -13.66 -12.81
C CYS C 472 23.10 -13.27 -11.69
N TYR C 473 24.37 -13.61 -11.84
CA TYR C 473 25.40 -13.21 -10.88
C TYR C 473 26.76 -13.29 -11.55
N ASP C 474 27.70 -12.46 -11.10
CA ASP C 474 29.06 -12.45 -11.64
C ASP C 474 29.07 -12.39 -13.16
N VAL C 475 28.25 -11.49 -13.69
CA VAL C 475 28.22 -11.19 -15.08
C VAL C 475 29.00 -9.91 -15.22
N PHE C 476 30.24 -10.06 -15.64
CA PHE C 476 31.14 -8.97 -15.93
C PHE C 476 31.30 -8.77 -17.44
N GLY C 477 31.41 -7.52 -17.84
CA GLY C 477 31.74 -7.19 -19.23
C GLY C 477 32.65 -6.00 -19.23
N ALA C 478 33.64 -6.00 -20.12
CA ALA C 478 34.57 -4.89 -20.20
C ALA C 478 33.82 -3.56 -20.38
N GLN C 479 32.62 -3.65 -20.95
CA GLN C 479 31.80 -2.49 -21.25
C GLN C 479 31.10 -1.85 -20.02
N SER C 480 30.89 -2.62 -18.95
CA SER C 480 30.05 -2.20 -17.81
C SER C 480 30.87 -1.92 -16.55
N PRO C 481 30.67 -0.74 -15.93
CA PRO C 481 31.53 -0.42 -14.81
C PRO C 481 31.30 -1.32 -13.63
N PHE C 482 32.32 -1.39 -12.79
CA PHE C 482 32.26 -2.19 -11.60
C PHE C 482 32.98 -1.43 -10.49
N GLY C 483 32.39 -1.37 -9.31
CA GLY C 483 33.01 -0.68 -8.19
C GLY C 483 32.11 -0.56 -6.99
N GLY C 484 32.62 0.06 -5.93
CA GLY C 484 31.94 0.02 -4.64
C GLY C 484 31.20 1.30 -4.24
N TYR C 485 30.05 1.10 -3.59
CA TYR C 485 29.44 2.06 -2.68
C TYR C 485 30.07 1.92 -1.28
N LYS C 486 29.96 2.97 -0.47
CA LYS C 486 30.39 2.94 0.93
C LYS C 486 31.88 2.57 1.12
N MET C 487 32.17 1.58 1.96
CA MET C 487 33.54 1.18 2.21
C MET C 487 34.00 0.01 1.33
N SER C 488 33.22 -0.35 0.31
CA SER C 488 33.70 -1.29 -0.69
C SER C 488 34.61 -0.64 -1.73
N GLY C 489 34.79 0.68 -1.69
CA GLY C 489 35.67 1.35 -2.64
C GLY C 489 35.20 2.70 -3.14
N SER C 490 36.04 3.31 -3.98
CA SER C 490 35.75 4.57 -4.63
C SER C 490 36.31 4.52 -6.04
N GLY C 491 35.53 5.04 -6.99
CA GLY C 491 35.87 4.95 -8.40
C GLY C 491 35.29 3.70 -9.02
N ARG C 492 35.34 3.66 -10.33
CA ARG C 492 34.82 2.55 -11.08
C ARG C 492 35.89 2.05 -12.02
N GLU C 493 35.88 0.74 -12.20
CA GLU C 493 36.70 0.16 -13.20
C GLU C 493 35.79 -0.34 -14.32
N LEU C 494 36.41 -0.60 -15.47
CA LEU C 494 35.75 -1.08 -16.66
C LEU C 494 34.85 -0.01 -17.25
N GLY C 495 34.43 -0.28 -18.49
CA GLY C 495 33.63 0.65 -19.28
C GLY C 495 34.31 1.97 -19.56
N GLU C 496 33.53 2.92 -20.05
CA GLU C 496 34.04 4.28 -20.23
C GLU C 496 34.48 4.88 -18.90
N TYR C 497 33.79 4.49 -17.84
CA TYR C 497 34.03 5.01 -16.50
C TYR C 497 35.45 4.75 -16.04
N GLY C 498 35.97 3.58 -16.41
CA GLY C 498 37.32 3.19 -16.08
C GLY C 498 38.44 4.11 -16.57
N LEU C 499 38.14 4.91 -17.57
CA LEU C 499 39.08 5.89 -18.07
C LEU C 499 39.18 7.12 -17.20
N GLN C 500 38.16 7.40 -16.39
CA GLN C 500 38.05 8.72 -15.74
C GLN C 500 39.20 8.95 -14.78
N ALA C 501 39.48 7.94 -13.96
CA ALA C 501 40.58 8.02 -12.99
C ALA C 501 41.98 8.10 -13.62
N TYR C 502 42.08 7.76 -14.91
CA TYR C 502 43.34 7.82 -15.63
C TYR C 502 43.46 9.05 -16.54
N THR C 503 42.59 10.02 -16.32
CA THR C 503 42.55 11.20 -17.16
C THR C 503 42.70 12.46 -16.30
N GLU C 504 43.54 13.37 -16.76
CA GLU C 504 43.66 14.66 -16.12
C GLU C 504 43.06 15.66 -17.11
N VAL C 505 42.16 16.50 -16.63
CA VAL C 505 41.44 17.40 -17.51
C VAL C 505 42.11 18.74 -17.51
N LYS C 506 42.41 19.24 -18.72
CA LYS C 506 42.88 20.63 -18.87
C LYS C 506 41.90 21.46 -19.69
N THR C 507 41.60 22.66 -19.17
CA THR C 507 40.77 23.62 -19.85
C THR C 507 41.70 24.60 -20.54
N VAL C 508 41.51 24.81 -21.83
CA VAL C 508 42.23 25.87 -22.49
C VAL C 508 41.20 26.93 -22.88
N THR C 509 41.44 28.18 -22.52
CA THR C 509 40.53 29.27 -22.83
C THR C 509 41.30 30.39 -23.49
N VAL C 510 40.90 30.70 -24.72
CA VAL C 510 41.62 31.59 -25.61
C VAL C 510 40.78 32.81 -25.97
N LYS C 511 41.37 33.99 -25.90
CA LYS C 511 40.69 35.19 -26.35
C LYS C 511 40.58 35.21 -27.89
N VAL C 512 39.37 35.48 -28.38
CA VAL C 512 39.10 35.61 -29.82
C VAL C 512 38.59 37.01 -30.18
N PRO C 513 38.71 37.42 -31.47
CA PRO C 513 38.28 38.75 -31.87
C PRO C 513 36.80 38.99 -31.65
N GLN C 514 35.98 37.96 -31.94
CA GLN C 514 34.54 38.05 -31.80
C GLN C 514 33.90 36.66 -31.81
N LYS C 515 33.28 36.30 -30.70
CA LYS C 515 32.59 35.03 -30.58
C LYS C 515 31.27 35.09 -31.35
N ASN C 516 31.04 34.08 -32.19
CA ASN C 516 29.75 33.84 -32.79
C ASN C 516 29.32 32.40 -32.52
N SER C 517 28.01 32.18 -32.41
CA SER C 517 27.47 30.84 -32.19
C SER C 517 27.88 29.87 -33.30
N ALA D 24 27.00 50.66 -14.07
CA ALA D 24 25.55 50.65 -13.67
C ALA D 24 25.33 50.05 -12.26
N VAL D 25 26.24 50.35 -11.32
CA VAL D 25 26.27 49.70 -10.00
C VAL D 25 25.49 50.50 -8.93
N PRO D 26 24.46 49.89 -8.31
CA PRO D 26 23.68 50.62 -7.31
C PRO D 26 24.48 50.98 -6.05
N ALA D 27 24.22 52.15 -5.49
CA ALA D 27 24.89 52.67 -4.31
C ALA D 27 24.71 51.76 -3.09
N PRO D 28 25.82 51.36 -2.48
CA PRO D 28 25.78 50.42 -1.36
C PRO D 28 25.40 51.04 -0.01
N ASN D 29 24.75 50.22 0.83
CA ASN D 29 24.73 50.42 2.27
C ASN D 29 26.08 49.94 2.81
N GLN D 30 26.89 50.85 3.34
CA GLN D 30 28.27 50.54 3.79
C GLN D 30 28.34 49.85 5.13
N GLN D 31 27.20 49.77 5.81
CA GLN D 31 27.05 49.07 7.08
C GLN D 31 25.78 48.26 6.94
N PRO D 32 25.80 47.24 6.08
CA PRO D 32 24.61 46.41 5.96
C PRO D 32 24.30 45.71 7.29
N GLU D 33 23.01 45.51 7.54
CA GLU D 33 22.57 44.86 8.74
C GLU D 33 22.75 43.36 8.59
N VAL D 34 23.07 42.68 9.70
CA VAL D 34 23.15 41.24 9.75
C VAL D 34 21.87 40.67 10.32
N PHE D 35 21.26 39.72 9.61
CA PHE D 35 20.02 39.04 10.06
C PHE D 35 20.25 37.58 10.46
N CYS D 36 21.33 36.98 9.99
CA CYS D 36 21.56 35.54 10.14
C CYS D 36 22.93 35.30 10.70
N ASN D 37 22.98 34.72 11.89
CA ASN D 37 24.25 34.50 12.55
C ASN D 37 24.27 33.23 13.37
N GLN D 38 23.47 32.27 12.95
CA GLN D 38 23.32 31.06 13.72
C GLN D 38 23.64 29.83 12.88
N ILE D 39 23.40 28.66 13.43
CA ILE D 39 23.61 27.41 12.72
C ILE D 39 22.29 27.09 11.97
N PHE D 40 22.40 26.59 10.73
CA PHE D 40 21.23 26.33 9.89
C PHE D 40 21.07 24.83 9.65
N ILE D 41 20.06 24.24 10.32
CA ILE D 41 19.76 22.81 10.21
C ILE D 41 18.25 22.56 10.10
N ASN D 42 17.84 21.76 9.12
CA ASN D 42 16.41 21.51 8.86
C ASN D 42 15.58 22.77 8.72
N ASN D 43 16.09 23.70 7.94
CA ASN D 43 15.39 24.96 7.66
C ASN D 43 15.08 25.80 8.90
N GLU D 44 15.75 25.50 10.02
CA GLU D 44 15.62 26.26 11.26
C GLU D 44 16.98 26.76 11.70
N TRP D 45 16.94 27.81 12.53
CA TRP D 45 18.11 28.43 13.09
C TRP D 45 18.34 27.96 14.52
N HIS D 46 19.57 27.56 14.83
CA HIS D 46 19.96 27.01 16.13
C HIS D 46 21.18 27.69 16.62
N ASP D 47 21.27 27.91 17.94
CA ASP D 47 22.55 28.25 18.55
C ASP D 47 23.38 26.98 18.64
N ALA D 48 24.67 27.15 18.87
CA ALA D 48 25.53 26.00 19.17
C ALA D 48 25.04 25.34 20.44
N VAL D 49 25.21 24.03 20.53
CA VAL D 49 24.88 23.29 21.74
C VAL D 49 25.67 23.86 22.91
N SER D 50 26.90 24.28 22.67
CA SER D 50 27.71 24.95 23.67
C SER D 50 27.30 26.39 23.96
N ARG D 51 26.41 26.95 23.13
CA ARG D 51 26.08 28.40 23.08
C ARG D 51 27.25 29.30 22.73
N LYS D 52 28.34 28.75 22.21
CA LYS D 52 29.50 29.58 21.98
C LYS D 52 29.27 30.39 20.74
N THR D 53 29.91 31.56 20.69
CA THR D 53 29.92 32.42 19.55
C THR D 53 31.35 32.92 19.34
N PHE D 54 31.67 33.33 18.12
CA PHE D 54 32.97 33.96 17.84
C PHE D 54 32.71 35.26 17.07
N PRO D 55 33.60 36.22 17.22
CA PRO D 55 33.45 37.47 16.49
C PRO D 55 33.94 37.38 15.04
N THR D 56 33.19 37.95 14.10
CA THR D 56 33.71 38.17 12.76
C THR D 56 34.11 39.64 12.67
N VAL D 57 35.23 39.85 12.00
CA VAL D 57 35.88 41.14 11.84
C VAL D 57 35.76 41.71 10.42
N ASN D 58 35.61 43.03 10.34
CA ASN D 58 35.69 43.76 9.11
C ASN D 58 37.15 44.10 8.86
N PRO D 59 37.78 43.48 7.84
CA PRO D 59 39.22 43.69 7.64
C PRO D 59 39.62 45.11 7.26
N SER D 60 38.67 45.93 6.85
CA SER D 60 38.96 47.33 6.51
C SER D 60 39.23 48.17 7.72
N THR D 61 38.61 47.83 8.86
CA THR D 61 38.70 48.64 10.07
C THR D 61 39.39 48.00 11.27
N GLY D 62 39.50 46.67 11.27
CA GLY D 62 39.96 45.90 12.45
C GLY D 62 38.89 45.65 13.51
N GLU D 63 37.64 45.99 13.22
CA GLU D 63 36.59 46.10 14.23
C GLU D 63 35.60 44.95 14.09
N VAL D 64 35.05 44.50 15.22
CA VAL D 64 34.10 43.36 15.20
C VAL D 64 32.83 43.78 14.52
N ILE D 65 32.39 43.01 13.54
CA ILE D 65 31.08 43.23 12.95
C ILE D 65 29.98 42.74 13.88
N CYS D 66 30.05 41.46 14.23
CA CYS D 66 29.06 40.83 15.09
C CYS D 66 29.56 39.44 15.53
N GLN D 67 28.75 38.71 16.26
CA GLN D 67 29.15 37.42 16.78
C GLN D 67 28.33 36.38 16.07
N VAL D 68 28.91 35.20 15.88
CA VAL D 68 28.25 34.12 15.17
C VAL D 68 28.35 32.84 15.99
N ALA D 69 27.31 32.01 15.92
CA ALA D 69 27.28 30.71 16.55
C ALA D 69 28.48 29.85 16.17
N GLU D 70 29.22 29.35 17.18
CA GLU D 70 30.41 28.56 16.96
C GLU D 70 30.05 27.07 16.97
N GLY D 71 29.86 26.50 15.78
CA GLY D 71 29.61 25.07 15.64
C GLY D 71 30.82 24.23 15.97
N ASP D 72 30.58 23.08 16.58
CA ASP D 72 31.65 22.13 16.93
C ASP D 72 31.17 20.74 16.56
N LYS D 73 31.88 19.71 17.01
CA LYS D 73 31.51 18.32 16.75
C LYS D 73 30.02 17.99 16.93
N GLU D 74 29.41 18.42 18.04
CA GLU D 74 28.01 18.03 18.31
C GLU D 74 27.01 18.66 17.33
N ASP D 75 27.33 19.86 16.83
CA ASP D 75 26.49 20.55 15.84
C ASP D 75 26.67 19.97 14.42
N VAL D 76 27.89 19.63 14.04
CA VAL D 76 28.07 18.83 12.85
C VAL D 76 27.26 17.55 12.89
N ASP D 77 27.28 16.85 14.01
CA ASP D 77 26.57 15.57 14.15
C ASP D 77 25.07 15.75 13.91
N LYS D 78 24.50 16.83 14.45
CA LYS D 78 23.10 17.14 14.26
C LYS D 78 22.80 17.41 12.80
N ALA D 79 23.69 18.18 12.15
CA ALA D 79 23.59 18.46 10.72
C ALA D 79 23.60 17.20 9.86
N VAL D 80 24.55 16.33 10.13
CA VAL D 80 24.69 15.09 9.36
C VAL D 80 23.45 14.25 9.51
N LYS D 81 22.88 14.19 10.71
CA LYS D 81 21.65 13.41 10.97
C LYS D 81 20.46 13.95 10.18
N ALA D 82 20.30 15.28 10.17
CA ALA D 82 19.24 15.94 9.39
C ALA D 82 19.41 15.67 7.90
N ALA D 83 20.62 15.83 7.42
CA ALA D 83 20.94 15.58 6.03
C ALA D 83 20.63 14.13 5.66
N ARG D 84 21.07 13.19 6.49
CA ARG D 84 20.84 11.79 6.23
C ARG D 84 19.34 11.50 6.19
N ALA D 85 18.57 12.18 7.02
CA ALA D 85 17.12 11.94 7.03
C ALA D 85 16.47 12.46 5.75
N ALA D 86 16.94 13.62 5.27
CA ALA D 86 16.38 14.19 4.06
C ALA D 86 16.74 13.34 2.84
N PHE D 87 17.81 12.55 2.97
CA PHE D 87 18.29 11.69 1.90
C PHE D 87 17.69 10.31 1.88
N GLN D 88 16.84 9.98 2.85
CA GLN D 88 16.26 8.63 2.90
C GLN D 88 15.36 8.35 1.69
N LEU D 89 15.34 7.09 1.32
CA LEU D 89 14.57 6.65 0.18
C LEU D 89 13.10 6.92 0.53
N GLY D 90 12.35 7.46 -0.43
CA GLY D 90 10.93 7.83 -0.21
C GLY D 90 10.71 9.25 0.30
N SER D 91 11.78 9.94 0.66
CA SER D 91 11.67 11.29 1.20
C SER D 91 11.29 12.27 0.10
N PRO D 92 10.74 13.42 0.46
CA PRO D 92 10.39 14.42 -0.56
C PRO D 92 11.55 14.78 -1.50
N TRP D 93 12.76 14.95 -0.96
CA TRP D 93 13.92 15.26 -1.79
C TRP D 93 14.27 14.11 -2.73
N ARG D 94 14.23 12.87 -2.26
CA ARG D 94 14.63 11.77 -3.13
C ARG D 94 13.61 11.48 -4.25
N ARG D 95 12.34 11.75 -3.98
CA ARG D 95 11.24 11.49 -4.92
C ARG D 95 10.96 12.63 -5.91
N MET D 96 11.43 13.82 -5.57
CA MET D 96 11.30 15.00 -6.40
C MET D 96 11.84 14.76 -7.83
N ASP D 97 11.08 15.20 -8.82
CA ASP D 97 11.55 15.11 -10.19
C ASP D 97 12.86 15.87 -10.35
N ALA D 98 13.78 15.28 -11.11
CA ALA D 98 15.05 15.97 -11.41
C ALA D 98 14.79 17.39 -11.86
N SER D 99 13.80 17.56 -12.75
CA SER D 99 13.48 18.84 -13.34
C SER D 99 13.07 19.86 -12.27
N HIS D 100 12.39 19.37 -11.24
CA HIS D 100 11.99 20.24 -10.12
C HIS D 100 13.19 20.69 -9.30
N ARG D 101 14.25 19.89 -9.20
CA ARG D 101 15.45 20.42 -8.49
C ARG D 101 16.05 21.61 -9.22
N GLY D 102 15.94 21.59 -10.53
CA GLY D 102 16.37 22.70 -11.34
C GLY D 102 15.50 23.93 -11.15
N ARG D 103 14.19 23.74 -10.98
CA ARG D 103 13.26 24.87 -10.73
C ARG D 103 13.69 25.53 -9.46
N LEU D 104 14.02 24.69 -8.47
CA LEU D 104 14.41 25.19 -7.14
C LEU D 104 15.71 25.93 -7.19
N LEU D 105 16.67 25.41 -7.96
CA LEU D 105 17.94 26.15 -8.14
C LEU D 105 17.77 27.50 -8.82
N ASN D 106 16.93 27.54 -9.84
CA ASN D 106 16.54 28.78 -10.51
C ASN D 106 15.81 29.78 -9.62
N ARG D 107 14.87 29.32 -8.81
CA ARG D 107 14.19 30.18 -7.84
C ARG D 107 15.20 30.81 -6.87
N LEU D 108 16.08 29.98 -6.32
CA LEU D 108 17.18 30.47 -5.47
C LEU D 108 17.96 31.59 -6.15
N ALA D 109 18.36 31.36 -7.39
CA ALA D 109 19.10 32.35 -8.15
C ALA D 109 18.29 33.67 -8.24
N ASP D 110 16.99 33.55 -8.51
CA ASP D 110 16.09 34.73 -8.52
C ASP D 110 16.10 35.45 -7.18
N LEU D 111 16.05 34.70 -6.09
CA LEU D 111 16.13 35.32 -4.74
C LEU D 111 17.45 36.05 -4.50
N ILE D 112 18.55 35.44 -4.89
CA ILE D 112 19.86 36.09 -4.76
C ILE D 112 19.97 37.37 -5.60
N GLU D 113 19.35 37.35 -6.79
CA GLU D 113 19.34 38.53 -7.68
C GLU D 113 18.51 39.68 -7.10
N ARG D 114 17.36 39.35 -6.51
CA ARG D 114 16.53 40.32 -5.78
C ARG D 114 17.35 40.99 -4.70
N ASP D 115 18.08 40.19 -3.92
CA ASP D 115 18.90 40.68 -2.81
C ASP D 115 20.36 40.90 -3.21
N ARG D 116 20.61 41.03 -4.50
CA ARG D 116 21.96 41.22 -5.03
C ARG D 116 22.78 42.34 -4.35
N THR D 117 22.19 43.52 -4.21
CA THR D 117 22.87 44.70 -3.68
C THR D 117 23.29 44.51 -2.23
N TYR D 118 22.37 43.97 -1.45
CA TYR D 118 22.62 43.64 -0.08
C TYR D 118 23.74 42.57 0.03
N LEU D 119 23.64 41.48 -0.74
CA LEU D 119 24.68 40.42 -0.66
C LEU D 119 26.07 40.94 -1.02
N ALA D 120 26.17 41.78 -2.04
CA ALA D 120 27.44 42.33 -2.42
C ALA D 120 28.01 43.23 -1.35
N ALA D 121 27.15 43.97 -0.66
CA ALA D 121 27.63 44.88 0.39
C ALA D 121 28.11 44.07 1.58
N LEU D 122 27.37 43.04 1.91
CA LEU D 122 27.71 42.15 3.00
C LEU D 122 29.04 41.42 2.74
N GLU D 123 29.23 40.95 1.52
CA GLU D 123 30.49 40.31 1.12
C GLU D 123 31.71 41.24 1.30
N THR D 124 31.56 42.48 0.87
CA THR D 124 32.62 43.47 1.02
C THR D 124 32.92 43.73 2.49
N LEU D 125 31.88 43.83 3.30
CA LEU D 125 32.04 44.18 4.71
C LEU D 125 32.88 43.12 5.43
N ASP D 126 32.54 41.86 5.18
CA ASP D 126 33.12 40.72 5.88
C ASP D 126 34.47 40.26 5.32
N ASN D 127 34.66 40.45 4.01
CA ASN D 127 35.78 39.88 3.28
C ASN D 127 36.78 40.92 2.78
N GLY D 128 36.32 42.12 2.49
CA GLY D 128 37.21 43.23 2.17
C GLY D 128 37.34 43.61 0.70
N LYS D 129 36.87 42.78 -0.21
CA LYS D 129 36.98 43.09 -1.64
C LYS D 129 36.08 44.29 -2.07
N PRO D 130 36.54 45.07 -3.06
CA PRO D 130 35.80 46.24 -3.54
C PRO D 130 34.37 45.89 -3.89
N TYR D 131 33.45 46.73 -3.44
CA TYR D 131 32.01 46.49 -3.62
C TYR D 131 31.59 46.32 -5.09
N VAL D 132 32.20 47.13 -5.94
CA VAL D 132 31.97 47.10 -7.36
C VAL D 132 32.28 45.71 -7.92
N ILE D 133 33.37 45.10 -7.45
CA ILE D 133 33.75 43.75 -7.84
C ILE D 133 32.79 42.75 -7.25
N SER D 134 32.40 42.93 -5.99
CA SER D 134 31.43 42.01 -5.35
C SER D 134 30.16 42.00 -6.17
N TYR D 135 29.73 43.20 -6.55
CA TYR D 135 28.49 43.38 -7.31
C TYR D 135 28.57 42.84 -8.73
N LEU D 136 29.58 43.26 -9.49
CA LEU D 136 29.64 42.99 -10.93
C LEU D 136 30.27 41.65 -11.27
N VAL D 137 31.10 41.13 -10.39
CA VAL D 137 31.84 39.91 -10.68
C VAL D 137 31.28 38.77 -9.85
N ASP D 138 31.54 38.80 -8.55
CA ASP D 138 31.14 37.70 -7.68
C ASP D 138 29.68 37.37 -7.82
N LEU D 139 28.80 38.35 -7.60
CA LEU D 139 27.35 38.05 -7.57
C LEU D 139 26.85 37.59 -8.93
N ASP D 140 27.38 38.20 -9.99
CA ASP D 140 27.09 37.80 -11.37
C ASP D 140 27.47 36.33 -11.60
N MET D 141 28.66 35.95 -11.17
CA MET D 141 29.10 34.57 -11.35
C MET D 141 28.26 33.61 -10.50
N VAL D 142 27.87 34.05 -9.31
CA VAL D 142 27.02 33.23 -8.47
C VAL D 142 25.74 32.88 -9.23
N LEU D 143 25.06 33.91 -9.73
CA LEU D 143 23.81 33.75 -10.46
C LEU D 143 23.99 32.81 -11.67
N LYS D 144 25.03 33.07 -12.44
CA LYS D 144 25.33 32.28 -13.62
C LYS D 144 25.64 30.84 -13.29
N CYS D 145 26.33 30.62 -12.19
CA CYS D 145 26.70 29.29 -11.77
C CYS D 145 25.50 28.47 -11.38
N LEU D 146 24.58 29.05 -10.61
CA LEU D 146 23.41 28.29 -10.15
C LEU D 146 22.43 28.04 -11.31
N ARG D 147 22.30 29.06 -12.17
CA ARG D 147 21.44 28.95 -13.33
C ARG D 147 21.99 27.91 -14.28
N TYR D 148 23.31 27.89 -14.42
CA TYR D 148 23.96 26.88 -15.24
C TYR D 148 23.63 25.47 -14.73
N TYR D 149 23.86 25.22 -13.45
CA TYR D 149 23.64 23.91 -12.86
C TYR D 149 22.17 23.53 -12.70
N ALA D 150 21.28 24.50 -12.53
CA ALA D 150 19.83 24.20 -12.59
C ALA D 150 19.52 23.42 -13.86
N GLY D 151 20.21 23.79 -14.94
CA GLY D 151 19.99 23.19 -16.24
C GLY D 151 20.51 21.77 -16.34
N TRP D 152 21.45 21.40 -15.47
CA TRP D 152 22.05 20.03 -15.51
C TRP D 152 21.21 18.99 -14.81
N ALA D 153 20.31 19.45 -13.95
CA ALA D 153 19.62 18.60 -12.99
C ALA D 153 18.98 17.38 -13.58
N ASP D 154 18.42 17.50 -14.79
CA ASP D 154 17.69 16.40 -15.46
C ASP D 154 18.32 16.01 -16.80
N LYS D 155 19.62 16.22 -16.91
CA LYS D 155 20.34 15.97 -18.14
C LYS D 155 21.56 15.08 -17.99
N TYR D 156 21.92 14.70 -16.77
CA TYR D 156 23.14 13.94 -16.57
C TYR D 156 22.90 12.43 -16.74
N HIS D 157 22.84 12.00 -17.99
CA HIS D 157 22.41 10.66 -18.30
C HIS D 157 23.35 9.58 -17.85
N GLY D 158 22.80 8.47 -17.47
CA GLY D 158 23.58 7.24 -17.41
C GLY D 158 23.54 6.65 -18.81
N LYS D 159 23.95 5.39 -18.90
CA LYS D 159 24.19 4.71 -20.15
C LYS D 159 23.48 3.36 -20.23
N THR D 160 23.11 2.97 -21.45
CA THR D 160 22.73 1.60 -21.75
C THR D 160 23.89 1.06 -22.55
N ILE D 161 24.26 -0.18 -22.25
CA ILE D 161 25.59 -0.69 -22.57
C ILE D 161 25.52 -2.03 -23.26
N PRO D 162 26.16 -2.17 -24.44
CA PRO D 162 26.03 -3.41 -25.21
C PRO D 162 27.00 -4.52 -24.72
N ILE D 163 26.64 -5.16 -23.62
CA ILE D 163 27.50 -6.14 -22.97
C ILE D 163 27.39 -7.47 -23.72
N ASP D 164 28.39 -8.36 -23.60
CA ASP D 164 28.34 -9.67 -24.24
C ASP D 164 27.23 -10.50 -23.63
N GLY D 165 26.61 -11.37 -24.42
CA GLY D 165 25.70 -12.37 -23.89
C GLY D 165 24.25 -11.90 -23.74
N ASP D 166 23.41 -12.76 -23.18
CA ASP D 166 21.99 -12.49 -23.12
C ASP D 166 21.65 -11.60 -21.92
N PHE D 167 22.08 -10.35 -22.01
CA PHE D 167 21.91 -9.43 -20.92
C PHE D 167 21.57 -8.05 -21.45
N PHE D 168 20.88 -7.30 -20.60
CA PHE D 168 20.63 -5.87 -20.77
C PHE D 168 21.33 -5.24 -19.60
N SER D 169 22.35 -4.44 -19.88
CA SER D 169 23.10 -3.75 -18.85
C SER D 169 22.93 -2.24 -19.01
N TYR D 170 22.92 -1.53 -17.90
CA TYR D 170 22.81 -0.07 -17.89
C TYR D 170 23.31 0.54 -16.60
N THR D 171 23.48 1.84 -16.61
CA THR D 171 23.97 2.54 -15.45
C THR D 171 23.01 3.62 -15.07
N ARG D 172 22.83 3.76 -13.75
CA ARG D 172 22.11 4.87 -13.16
C ARG D 172 23.13 5.72 -12.46
N HIS D 173 22.98 7.02 -12.65
CA HIS D 173 23.82 7.99 -12.02
C HIS D 173 23.09 8.46 -10.79
N GLU D 174 23.44 7.90 -9.63
CA GLU D 174 22.74 8.18 -8.38
C GLU D 174 23.52 9.25 -7.62
N PRO D 175 22.88 9.93 -6.65
CA PRO D 175 23.63 10.94 -5.90
C PRO D 175 24.60 10.29 -4.90
N VAL D 176 25.73 10.90 -4.63
CA VAL D 176 26.72 10.24 -3.76
C VAL D 176 26.20 10.17 -2.32
N GLY D 177 25.38 11.14 -1.91
CA GLY D 177 24.72 11.12 -0.60
C GLY D 177 24.96 12.38 0.21
N VAL D 178 25.39 12.18 1.45
CA VAL D 178 25.70 13.28 2.35
C VAL D 178 27.08 13.85 2.04
N CYS D 179 27.10 15.09 1.59
CA CYS D 179 28.32 15.75 1.16
C CYS D 179 28.72 16.84 2.15
N GLY D 180 29.88 16.66 2.78
CA GLY D 180 30.51 17.68 3.54
C GLY D 180 31.22 18.61 2.58
N GLN D 181 31.04 19.92 2.77
CA GLN D 181 31.63 20.89 1.88
C GLN D 181 32.20 22.01 2.69
N ILE D 182 33.48 22.30 2.45
CA ILE D 182 34.25 23.18 3.29
C ILE D 182 34.79 24.29 2.44
N ILE D 183 34.29 25.48 2.72
CA ILE D 183 34.31 26.59 1.78
C ILE D 183 35.20 27.66 2.34
N PRO D 184 36.08 28.24 1.51
CA PRO D 184 37.10 29.14 1.98
C PRO D 184 36.59 30.56 2.04
N TRP D 185 37.44 31.46 2.51
CA TRP D 185 37.07 32.86 2.73
C TRP D 185 37.36 33.82 1.60
N ASN D 186 38.06 33.40 0.55
CA ASN D 186 38.46 34.36 -0.50
C ASN D 186 37.35 34.65 -1.48
N PHE D 187 36.51 33.66 -1.77
CA PHE D 187 35.29 33.91 -2.54
C PHE D 187 34.10 33.23 -1.87
N PRO D 188 33.62 33.82 -0.77
CA PRO D 188 32.65 33.13 0.04
C PRO D 188 31.35 32.74 -0.70
N LEU D 189 30.74 33.69 -1.43
CA LEU D 189 29.47 33.40 -2.16
C LEU D 189 29.63 32.52 -3.38
N LEU D 190 30.64 32.83 -4.17
CA LEU D 190 30.87 32.12 -5.40
C LEU D 190 31.23 30.65 -5.13
N MET D 191 32.09 30.40 -4.13
CA MET D 191 32.43 29.01 -3.79
C MET D 191 31.23 28.26 -3.24
N GLN D 192 30.40 28.93 -2.45
CA GLN D 192 29.18 28.33 -1.97
C GLN D 192 28.34 27.87 -3.14
N ALA D 193 28.22 28.74 -4.14
CA ALA D 193 27.52 28.42 -5.38
C ALA D 193 28.20 27.30 -6.18
N TRP D 194 29.52 27.35 -6.32
CA TRP D 194 30.25 26.27 -7.02
C TRP D 194 29.99 24.91 -6.43
N LYS D 195 29.73 24.83 -5.13
CA LYS D 195 29.52 23.56 -4.50
C LYS D 195 28.02 23.19 -4.45
N LEU D 196 27.17 24.16 -4.13
CA LEU D 196 25.75 23.90 -4.00
C LEU D 196 25.17 23.49 -5.33
N GLY D 197 25.58 24.21 -6.37
CA GLY D 197 25.14 23.93 -7.73
C GLY D 197 25.15 22.47 -8.11
N PRO D 198 26.32 21.86 -8.23
CA PRO D 198 26.37 20.47 -8.72
C PRO D 198 25.82 19.48 -7.70
N ALA D 199 26.08 19.75 -6.43
CA ALA D 199 25.55 18.90 -5.37
C ALA D 199 24.03 18.79 -5.46
N LEU D 200 23.35 19.94 -5.53
CA LEU D 200 21.89 19.98 -5.47
C LEU D 200 21.24 19.53 -6.76
N ALA D 201 21.88 19.86 -7.87
CA ALA D 201 21.38 19.45 -9.17
C ALA D 201 21.36 17.93 -9.35
N THR D 202 22.31 17.22 -8.72
CA THR D 202 22.33 15.76 -8.82
C THR D 202 21.59 15.07 -7.71
N GLY D 203 20.98 15.84 -6.81
CA GLY D 203 20.12 15.22 -5.80
C GLY D 203 20.81 14.82 -4.49
N ASN D 204 21.99 15.38 -4.24
CA ASN D 204 22.66 15.21 -2.97
C ASN D 204 22.08 16.10 -1.87
N VAL D 205 22.55 15.84 -0.66
CA VAL D 205 22.32 16.69 0.46
C VAL D 205 23.69 17.06 1.02
N VAL D 206 23.71 18.21 1.68
CA VAL D 206 24.92 18.94 1.98
C VAL D 206 24.95 19.34 3.43
N VAL D 207 26.13 19.20 4.03
CA VAL D 207 26.49 19.85 5.27
C VAL D 207 27.66 20.73 4.92
N MET D 208 27.47 22.04 5.07
CA MET D 208 28.41 23.01 4.58
C MET D 208 29.08 23.67 5.73
N LYS D 209 30.40 23.74 5.70
CA LYS D 209 31.15 24.46 6.71
C LYS D 209 31.72 25.71 6.07
N VAL D 210 31.37 26.88 6.61
CA VAL D 210 31.84 28.14 6.05
C VAL D 210 32.94 28.75 6.89
N ALA D 211 33.78 29.58 6.25
CA ALA D 211 34.99 30.10 6.89
C ALA D 211 34.64 31.11 7.99
N GLU D 212 35.42 31.08 9.05
CA GLU D 212 35.20 31.88 10.22
C GLU D 212 35.38 33.37 9.91
N GLN D 213 36.24 33.66 8.93
CA GLN D 213 36.55 35.01 8.50
C GLN D 213 35.39 35.62 7.74
N THR D 214 34.58 34.79 7.08
CA THR D 214 33.55 35.26 6.18
C THR D 214 32.30 34.38 6.17
N PRO D 215 31.65 34.22 7.33
CA PRO D 215 30.46 33.35 7.38
C PRO D 215 29.13 34.01 7.01
N LEU D 216 29.06 35.33 6.97
CA LEU D 216 27.78 36.02 6.99
C LEU D 216 26.96 35.87 5.73
N THR D 217 27.59 36.03 4.58
CA THR D 217 26.86 35.96 3.33
C THR D 217 26.28 34.58 3.12
N ALA D 218 27.03 33.55 3.50
CA ALA D 218 26.58 32.16 3.30
C ALA D 218 25.33 31.80 4.11
N LEU D 219 25.26 32.41 5.29
CA LEU D 219 24.16 32.22 6.19
C LEU D 219 22.94 32.96 5.69
N TYR D 220 23.12 34.13 5.13
CA TYR D 220 21.96 34.83 4.62
C TYR D 220 21.38 34.00 3.45
N VAL D 221 22.28 33.51 2.59
CA VAL D 221 21.86 32.64 1.51
C VAL D 221 21.10 31.40 1.97
N ALA D 222 21.39 30.90 3.16
CA ALA D 222 20.60 29.78 3.72
C ALA D 222 19.11 30.15 3.93
N ASN D 223 18.88 31.36 4.40
CA ASN D 223 17.55 31.89 4.53
C ASN D 223 16.82 31.83 3.18
N LEU D 224 17.55 32.15 2.10
CA LEU D 224 16.96 32.14 0.77
C LEU D 224 16.71 30.71 0.29
N ILE D 225 17.55 29.79 0.74
CA ILE D 225 17.32 28.37 0.44
C ILE D 225 16.01 27.93 1.06
N LYS D 226 15.82 28.31 2.31
CA LYS D 226 14.54 28.06 2.98
C LYS D 226 13.39 28.66 2.16
N GLU D 227 13.47 29.94 1.84
CA GLU D 227 12.39 30.64 1.11
C GLU D 227 12.14 30.05 -0.29
N ALA D 228 13.18 29.51 -0.93
CA ALA D 228 13.01 28.91 -2.28
C ALA D 228 12.20 27.62 -2.24
N GLY D 229 12.10 27.00 -1.07
CA GLY D 229 11.28 25.79 -0.95
C GLY D 229 12.03 24.47 -0.91
N PHE D 230 13.34 24.51 -0.65
CA PHE D 230 14.06 23.25 -0.50
C PHE D 230 13.62 22.56 0.76
N PRO D 231 13.39 21.24 0.66
CA PRO D 231 12.99 20.49 1.86
C PRO D 231 14.01 20.67 3.02
N PRO D 232 13.53 20.58 4.26
CA PRO D 232 14.44 20.68 5.41
C PRO D 232 15.48 19.56 5.46
N GLY D 233 16.71 19.91 5.79
CA GLY D 233 17.81 18.95 5.85
C GLY D 233 18.64 18.81 4.58
N VAL D 234 18.22 19.43 3.49
CA VAL D 234 18.90 19.23 2.22
C VAL D 234 20.19 20.05 2.22
N VAL D 235 20.08 21.28 2.72
CA VAL D 235 21.24 22.11 2.89
C VAL D 235 21.30 22.50 4.35
N ASN D 236 22.42 22.19 4.99
CA ASN D 236 22.69 22.57 6.38
C ASN D 236 24.01 23.30 6.47
N ILE D 237 24.06 24.38 7.26
CA ILE D 237 25.25 25.21 7.31
C ILE D 237 25.64 25.43 8.74
N VAL D 238 26.91 25.16 9.00
CA VAL D 238 27.50 25.17 10.33
C VAL D 238 28.73 26.06 10.27
N PRO D 239 28.60 27.32 10.72
CA PRO D 239 29.80 28.16 10.86
C PRO D 239 30.71 27.70 12.03
N GLY D 240 31.98 28.10 12.00
CA GLY D 240 32.93 27.77 13.07
C GLY D 240 34.35 27.65 12.57
N PHE D 241 35.19 26.95 13.36
CA PHE D 241 36.64 26.84 13.09
C PHE D 241 37.06 25.50 12.46
N GLY D 242 38.26 25.49 11.87
CA GLY D 242 38.73 24.39 11.05
C GLY D 242 39.02 23.12 11.82
N PRO D 243 39.95 23.19 12.80
CA PRO D 243 40.30 22.06 13.65
C PRO D 243 39.09 21.39 14.31
N THR D 244 38.03 22.14 14.54
CA THR D 244 36.87 21.66 15.26
C THR D 244 35.78 21.15 14.28
N ALA D 245 35.05 22.08 13.67
CA ALA D 245 33.93 21.72 12.78
C ALA D 245 34.38 21.06 11.50
N GLY D 246 35.38 21.62 10.84
CA GLY D 246 35.90 21.05 9.61
C GLY D 246 36.36 19.61 9.76
N ALA D 247 37.19 19.39 10.77
CA ALA D 247 37.68 18.05 11.14
C ALA D 247 36.53 17.10 11.45
N ALA D 248 35.48 17.60 12.08
CA ALA D 248 34.36 16.73 12.41
C ALA D 248 33.71 16.20 11.14
N ILE D 249 33.61 17.04 10.11
CA ILE D 249 32.97 16.62 8.87
C ILE D 249 33.84 15.65 8.11
N ALA D 250 35.16 15.92 8.07
CA ALA D 250 36.08 15.06 7.35
C ALA D 250 36.23 13.69 7.96
N SER D 251 36.13 13.62 9.29
CA SER D 251 36.19 12.35 10.06
C SER D 251 34.83 11.68 10.30
N HIS D 252 33.74 12.29 9.88
CA HIS D 252 32.42 11.71 10.17
C HIS D 252 32.14 10.36 9.45
N GLU D 253 31.65 9.38 10.22
CA GLU D 253 31.44 8.04 9.67
CA GLU D 253 31.36 8.02 9.75
C GLU D 253 30.21 7.98 8.74
N ASP D 254 29.35 8.98 8.77
CA ASP D 254 28.16 8.97 7.92
C ASP D 254 28.12 10.09 6.87
N VAL D 255 29.27 10.72 6.62
CA VAL D 255 29.44 11.62 5.47
C VAL D 255 30.09 10.83 4.34
N ASP D 256 29.48 10.86 3.14
CA ASP D 256 29.88 10.02 2.02
C ASP D 256 30.99 10.64 1.17
N LYS D 257 31.13 11.97 1.26
CA LYS D 257 31.98 12.74 0.35
C LYS D 257 32.33 14.06 0.96
N VAL D 258 33.56 14.50 0.71
CA VAL D 258 33.98 15.76 1.25
C VAL D 258 34.68 16.60 0.19
N ALA D 259 34.36 17.88 0.21
CA ALA D 259 34.90 18.79 -0.75
C ALA D 259 35.51 19.92 0.02
N PHE D 260 36.77 20.21 -0.29
CA PHE D 260 37.51 21.17 0.41
C PHE D 260 38.23 22.07 -0.59
N THR D 261 38.27 23.36 -0.26
CA THR D 261 39.05 24.33 -0.98
C THR D 261 39.80 25.12 0.08
N GLY D 262 41.11 25.16 -0.04
CA GLY D 262 41.93 25.80 0.96
C GLY D 262 43.39 25.61 0.61
N SER D 263 44.23 25.58 1.64
CA SER D 263 45.66 25.42 1.47
C SER D 263 45.99 23.95 1.21
N THR D 264 47.15 23.72 0.62
CA THR D 264 47.65 22.37 0.36
C THR D 264 47.88 21.57 1.65
N GLU D 265 48.41 22.25 2.66
CA GLU D 265 48.72 21.66 3.98
CA GLU D 265 48.73 21.60 3.92
C GLU D 265 47.46 21.07 4.61
N ILE D 266 46.40 21.89 4.65
CA ILE D 266 45.10 21.45 5.21
C ILE D 266 44.45 20.42 4.31
N GLY D 267 44.72 20.48 3.01
CA GLY D 267 44.27 19.44 2.11
C GLY D 267 44.70 18.04 2.52
N ARG D 268 45.91 17.92 3.06
CA ARG D 268 46.43 16.63 3.52
C ARG D 268 45.69 16.16 4.76
N VAL D 269 45.38 17.11 5.63
CA VAL D 269 44.65 16.78 6.83
C VAL D 269 43.31 16.18 6.44
N ILE D 270 42.71 16.71 5.36
CA ILE D 270 41.40 16.25 4.92
C ILE D 270 41.45 14.83 4.36
N GLN D 271 42.43 14.55 3.51
CA GLN D 271 42.54 13.21 2.90
C GLN D 271 42.97 12.12 3.91
N VAL D 272 43.88 12.45 4.82
CA VAL D 272 44.21 11.55 5.92
C VAL D 272 42.94 11.25 6.75
N ALA D 273 42.20 12.28 7.13
CA ALA D 273 40.93 12.07 7.84
C ALA D 273 39.91 11.21 7.04
N ALA D 274 39.88 11.35 5.72
CA ALA D 274 38.95 10.55 4.93
C ALA D 274 39.32 9.09 4.97
N GLY D 275 40.62 8.85 4.89
CA GLY D 275 41.13 7.50 4.85
C GLY D 275 41.10 6.85 6.21
N SER D 276 41.28 7.66 7.26
CA SER D 276 41.26 7.13 8.62
C SER D 276 39.87 6.78 9.08
N SER D 277 38.83 7.38 8.49
CA SER D 277 37.45 7.17 8.92
C SER D 277 36.75 6.16 8.03
N ASN D 278 36.01 6.62 7.02
CA ASN D 278 35.08 5.74 6.28
C ASN D 278 35.31 5.71 4.77
N LEU D 279 36.52 6.07 4.35
CA LEU D 279 36.89 6.08 2.93
C LEU D 279 35.97 6.94 2.06
N LYS D 280 35.47 8.03 2.65
CA LYS D 280 34.64 8.98 1.94
C LYS D 280 35.40 9.50 0.75
N ARG D 281 34.68 9.96 -0.27
CA ARG D 281 35.32 10.44 -1.46
C ARG D 281 35.78 11.86 -1.21
N VAL D 282 36.86 12.25 -1.88
CA VAL D 282 37.51 13.49 -1.59
C VAL D 282 37.79 14.24 -2.86
N THR D 283 37.42 15.52 -2.91
CA THR D 283 37.95 16.39 -3.93
C THR D 283 38.48 17.62 -3.28
N LEU D 284 39.55 18.14 -3.88
CA LEU D 284 40.34 19.20 -3.32
C LEU D 284 40.66 20.25 -4.36
N GLU D 285 40.61 21.51 -3.95
CA GLU D 285 41.04 22.64 -4.74
C GLU D 285 41.99 23.41 -3.88
N LEU D 286 43.27 23.33 -4.17
CA LEU D 286 44.29 23.82 -3.24
C LEU D 286 45.00 25.00 -3.86
N GLY D 287 46.22 25.26 -3.44
CA GLY D 287 46.91 26.46 -3.89
C GLY D 287 47.60 26.29 -5.21
N GLY D 288 48.39 27.31 -5.56
CA GLY D 288 49.06 27.32 -6.84
C GLY D 288 50.17 28.34 -6.87
N LYS D 289 51.06 28.19 -7.82
CA LYS D 289 52.07 29.21 -8.06
C LYS D 289 52.10 29.41 -9.58
N SER D 290 50.95 29.88 -10.10
CA SER D 290 50.63 29.81 -11.53
C SER D 290 51.50 30.71 -12.38
N PRO D 291 52.12 30.16 -13.45
CA PRO D 291 52.99 30.94 -14.30
C PRO D 291 52.22 31.66 -15.41
N ASN D 292 52.53 32.93 -15.59
CA ASN D 292 52.00 33.78 -16.62
C ASN D 292 53.17 34.11 -17.55
N ILE D 293 53.16 33.57 -18.76
CA ILE D 293 54.28 33.61 -19.69
C ILE D 293 54.05 34.61 -20.81
N ILE D 294 54.91 35.62 -20.89
CA ILE D 294 54.76 36.67 -21.86
C ILE D 294 55.86 36.54 -22.91
N MET D 295 55.48 36.14 -24.13
CA MET D 295 56.40 36.05 -25.26
C MET D 295 56.65 37.48 -25.78
N SER D 296 57.76 37.67 -26.48
CA SER D 296 58.14 38.99 -26.95
C SER D 296 57.21 39.54 -28.02
N ASP D 297 56.48 38.66 -28.71
CA ASP D 297 55.48 39.08 -29.72
C ASP D 297 54.07 39.29 -29.16
N ALA D 298 53.90 39.27 -27.85
CA ALA D 298 52.61 39.62 -27.26
C ALA D 298 52.31 41.09 -27.50
N ASP D 299 51.04 41.44 -27.34
CA ASP D 299 50.61 42.83 -27.32
C ASP D 299 51.02 43.43 -25.96
N MET D 300 52.02 44.30 -25.98
CA MET D 300 52.63 44.83 -24.75
C MET D 300 51.61 45.42 -23.78
N ASP D 301 50.79 46.36 -24.23
CA ASP D 301 49.85 47.03 -23.32
C ASP D 301 48.82 46.05 -22.77
N TRP D 302 48.27 45.22 -23.62
CA TRP D 302 47.33 44.22 -23.16
C TRP D 302 47.99 43.27 -22.16
N ALA D 303 49.22 42.83 -22.41
CA ALA D 303 49.86 41.85 -21.52
C ALA D 303 50.22 42.47 -20.17
N VAL D 304 50.57 43.75 -20.17
CA VAL D 304 50.84 44.45 -18.92
C VAL D 304 49.59 44.61 -18.05
N GLU D 305 48.47 44.96 -18.67
CA GLU D 305 47.22 45.09 -17.91
C GLU D 305 46.70 43.74 -17.43
N GLN D 306 46.92 42.69 -18.21
CA GLN D 306 46.44 41.38 -17.82
C GLN D 306 47.31 40.73 -16.78
N ALA D 307 48.61 40.96 -16.85
CA ALA D 307 49.52 40.41 -15.85
C ALA D 307 49.27 41.09 -14.52
N HIS D 308 48.93 42.37 -14.58
CA HIS D 308 48.60 43.12 -13.40
C HIS D 308 47.34 42.59 -12.75
N PHE D 309 46.29 42.43 -13.53
CA PHE D 309 45.05 41.83 -13.07
C PHE D 309 45.29 40.42 -12.52
N ALA D 310 46.02 39.61 -13.28
CA ALA D 310 46.29 38.22 -12.91
C ALA D 310 46.83 38.05 -11.50
N LEU D 311 47.76 38.93 -11.08
CA LEU D 311 48.39 38.84 -9.76
C LEU D 311 47.58 39.59 -8.71
N PHE D 312 47.22 40.85 -8.99
CA PHE D 312 46.58 41.71 -7.99
C PHE D 312 45.08 41.52 -7.74
N PHE D 313 44.36 40.82 -8.61
CA PHE D 313 42.93 40.69 -8.38
C PHE D 313 42.63 40.11 -7.00
N ASN D 314 41.61 40.65 -6.35
CA ASN D 314 41.16 40.17 -5.03
C ASN D 314 42.23 40.28 -3.96
N GLN D 315 43.05 41.32 -4.07
CA GLN D 315 44.13 41.58 -3.13
C GLN D 315 45.17 40.47 -3.17
N GLY D 316 45.26 39.81 -4.33
CA GLY D 316 46.20 38.72 -4.49
C GLY D 316 45.70 37.43 -3.92
N GLN D 317 44.47 37.43 -3.43
CA GLN D 317 43.92 36.26 -2.73
C GLN D 317 43.15 35.31 -3.63
N CYS D 318 43.84 34.86 -4.68
CA CYS D 318 43.32 33.87 -5.59
C CYS D 318 44.30 32.73 -5.62
N CYS D 319 43.78 31.51 -5.52
CA CYS D 319 44.56 30.31 -5.67
C CYS D 319 45.28 30.24 -7.02
N CYS D 320 44.65 30.78 -8.05
CA CYS D 320 45.24 30.75 -9.37
C CYS D 320 45.92 32.07 -9.78
N ALA D 321 46.35 32.87 -8.81
CA ALA D 321 47.04 34.13 -9.13
C ALA D 321 48.26 33.87 -9.99
N GLY D 322 48.47 34.74 -10.97
CA GLY D 322 49.62 34.63 -11.85
C GLY D 322 50.80 35.20 -11.11
N SER D 323 51.37 34.37 -10.24
CA SER D 323 52.37 34.85 -9.28
C SER D 323 53.79 34.54 -9.67
N ARG D 324 53.97 33.92 -10.83
CA ARG D 324 55.25 33.86 -11.52
C ARG D 324 55.03 34.43 -12.93
N THR D 325 55.33 35.71 -13.09
CA THR D 325 55.23 36.39 -14.37
C THR D 325 56.59 36.21 -15.08
N PHE D 326 56.64 35.24 -16.00
CA PHE D 326 57.83 35.01 -16.81
C PHE D 326 57.73 35.87 -18.06
N VAL D 327 58.77 36.65 -18.33
CA VAL D 327 58.78 37.60 -19.42
C VAL D 327 60.04 37.36 -20.25
N GLN D 328 59.88 37.29 -21.57
CA GLN D 328 60.99 37.02 -22.47
CA GLN D 328 61.01 37.02 -22.44
C GLN D 328 62.00 38.19 -22.35
N GLU D 329 63.27 37.85 -22.15
CA GLU D 329 64.36 38.82 -21.91
C GLU D 329 64.40 40.06 -22.80
N ASP D 330 63.93 39.97 -24.04
CA ASP D 330 63.98 41.09 -24.97
C ASP D 330 62.91 42.17 -24.71
N ILE D 331 61.85 41.82 -23.97
CA ILE D 331 60.82 42.79 -23.62
C ILE D 331 60.80 43.11 -22.12
N TYR D 332 61.77 42.58 -21.40
CA TYR D 332 61.77 42.58 -19.94
C TYR D 332 61.90 43.96 -19.34
N ASP D 333 62.88 44.74 -19.75
CA ASP D 333 63.05 46.06 -19.16
C ASP D 333 61.79 46.89 -19.33
N GLU D 334 61.28 46.93 -20.56
CA GLU D 334 60.07 47.66 -20.84
C GLU D 334 58.87 47.08 -20.04
N PHE D 335 58.69 45.76 -20.08
CA PHE D 335 57.54 45.14 -19.39
C PHE D 335 57.53 45.48 -17.90
N VAL D 336 58.69 45.37 -17.27
CA VAL D 336 58.87 45.75 -15.86
C VAL D 336 58.54 47.23 -15.63
N GLU D 337 59.18 48.10 -16.42
CA GLU D 337 58.96 49.53 -16.31
C GLU D 337 57.47 49.88 -16.29
N ARG D 338 56.69 49.31 -17.20
CA ARG D 338 55.23 49.54 -17.27
C ARG D 338 54.46 48.89 -16.12
N SER D 339 54.81 47.66 -15.75
CA SER D 339 54.16 46.98 -14.63
C SER D 339 54.36 47.76 -13.32
N VAL D 340 55.54 48.33 -13.12
CA VAL D 340 55.81 49.13 -11.92
C VAL D 340 54.89 50.37 -11.89
N ALA D 341 54.88 51.12 -12.99
CA ALA D 341 54.00 52.30 -13.14
C ALA D 341 52.53 51.98 -12.84
N ARG D 342 52.08 50.81 -13.27
CA ARG D 342 50.70 50.44 -13.13
C ARG D 342 50.42 50.10 -11.66
N ALA D 343 51.36 49.39 -11.06
CA ALA D 343 51.26 49.01 -9.67
C ALA D 343 51.33 50.22 -8.78
N LYS D 344 52.20 51.17 -9.09
CA LYS D 344 52.25 52.43 -8.30
C LYS D 344 50.96 53.26 -8.34
N SER D 345 50.14 53.04 -9.37
CA SER D 345 48.93 53.83 -9.56
C SER D 345 47.69 53.12 -9.03
N ARG D 346 47.85 51.88 -8.57
CA ARG D 346 46.72 51.09 -8.10
C ARG D 346 46.22 51.71 -6.82
N VAL D 347 44.93 51.98 -6.75
CA VAL D 347 44.38 52.71 -5.61
C VAL D 347 43.99 51.74 -4.50
N VAL D 348 44.59 51.93 -3.34
CA VAL D 348 44.35 51.10 -2.16
C VAL D 348 43.52 51.91 -1.18
N GLY D 349 42.40 51.34 -0.72
CA GLY D 349 41.54 52.08 0.19
C GLY D 349 40.26 51.37 0.57
N ASN D 350 39.31 52.18 1.02
CA ASN D 350 38.01 51.70 1.43
C ASN D 350 37.32 51.01 0.26
N PRO D 351 36.95 49.75 0.43
CA PRO D 351 36.41 48.99 -0.69
C PRO D 351 35.02 49.41 -1.13
N PHE D 352 34.39 50.30 -0.35
CA PHE D 352 33.09 50.86 -0.71
C PHE D 352 33.25 52.12 -1.53
N ASP D 353 34.43 52.72 -1.48
CA ASP D 353 34.74 53.83 -2.37
C ASP D 353 34.88 53.28 -3.81
N SER D 354 34.18 53.90 -4.76
CA SER D 354 34.08 53.39 -6.13
C SER D 354 35.39 53.52 -6.91
N LYS D 355 36.27 54.39 -6.43
CA LYS D 355 37.60 54.55 -7.04
C LYS D 355 38.63 53.51 -6.49
N THR D 356 38.24 52.72 -5.48
CA THR D 356 39.16 51.77 -4.86
C THR D 356 39.33 50.51 -5.71
N GLU D 357 40.57 50.17 -6.03
CA GLU D 357 40.86 48.92 -6.75
C GLU D 357 41.23 47.81 -5.78
N GLN D 358 41.94 48.15 -4.71
CA GLN D 358 42.47 47.16 -3.76
C GLN D 358 42.01 47.41 -2.33
N GLY D 359 41.20 46.49 -1.81
CA GLY D 359 40.84 46.44 -0.41
C GLY D 359 41.96 45.96 0.52
N PRO D 360 41.61 45.63 1.78
CA PRO D 360 42.55 45.04 2.71
C PRO D 360 42.61 43.55 2.50
N GLN D 361 43.65 42.94 3.05
CA GLN D 361 43.73 41.49 3.09
C GLN D 361 42.67 41.05 4.09
N VAL D 362 42.38 39.76 4.15
CA VAL D 362 41.19 39.25 4.83
C VAL D 362 41.28 39.24 6.35
N ASP D 363 42.49 39.04 6.91
CA ASP D 363 42.71 39.06 8.36
C ASP D 363 44.16 39.35 8.76
N GLU D 364 44.38 39.56 10.04
CA GLU D 364 45.70 39.82 10.55
C GLU D 364 46.70 38.72 10.22
N THR D 365 46.27 37.48 10.34
CA THR D 365 47.17 36.35 10.08
C THR D 365 47.77 36.42 8.68
N GLN D 366 46.91 36.65 7.68
CA GLN D 366 47.34 36.76 6.29
C GLN D 366 48.22 37.99 6.09
N PHE D 367 47.76 39.11 6.66
CA PHE D 367 48.51 40.35 6.73
C PHE D 367 49.98 40.12 7.16
N LYS D 368 50.17 39.43 8.28
CA LYS D 368 51.50 39.16 8.80
C LYS D 368 52.28 38.18 7.94
N LYS D 369 51.56 37.20 7.39
CA LYS D 369 52.15 36.21 6.48
C LYS D 369 52.74 36.90 5.21
N ILE D 370 52.03 37.92 4.75
CA ILE D 370 52.44 38.59 3.54
C ILE D 370 53.68 39.45 3.82
N LEU D 371 53.66 40.22 4.90
CA LEU D 371 54.83 40.97 5.35
C LEU D 371 56.08 40.08 5.54
N GLY D 372 55.87 38.87 6.07
CA GLY D 372 56.97 37.88 6.14
C GLY D 372 57.56 37.59 4.78
N TYR D 373 56.69 37.32 3.80
CA TYR D 373 57.12 36.96 2.47
C TYR D 373 57.79 38.11 1.76
N ILE D 374 57.27 39.32 1.93
CA ILE D 374 57.91 40.51 1.40
C ILE D 374 59.33 40.64 1.96
N ASN D 375 59.50 40.51 3.26
CA ASN D 375 60.85 40.57 3.82
C ASN D 375 61.69 39.41 3.33
N THR D 376 61.08 38.24 3.15
CA THR D 376 61.81 37.08 2.65
C THR D 376 62.39 37.40 1.29
N GLY D 377 61.59 37.99 0.42
CA GLY D 377 62.08 38.36 -0.92
C GLY D 377 63.30 39.29 -0.92
N LYS D 378 63.25 40.35 -0.09
CA LYS D 378 64.35 41.32 0.02
C LYS D 378 65.60 40.64 0.52
N GLN D 379 65.45 39.81 1.54
CA GLN D 379 66.54 39.06 2.14
C GLN D 379 67.24 38.11 1.17
N GLU D 380 66.51 37.58 0.20
CA GLU D 380 67.10 36.60 -0.72
C GLU D 380 67.49 37.18 -2.08
N GLY D 381 67.50 38.51 -2.18
CA GLY D 381 68.14 39.20 -3.31
C GLY D 381 67.25 39.60 -4.49
N ALA D 382 65.95 39.32 -4.40
CA ALA D 382 65.01 39.85 -5.37
C ALA D 382 65.05 41.36 -5.29
N LYS D 383 64.84 42.03 -6.41
CA LYS D 383 64.89 43.48 -6.47
C LYS D 383 63.49 44.06 -6.26
N LEU D 384 63.32 44.74 -5.13
CA LEU D 384 62.10 45.46 -4.79
C LEU D 384 61.95 46.68 -5.70
N LEU D 385 60.93 46.68 -6.55
CA LEU D 385 60.74 47.76 -7.51
C LEU D 385 59.74 48.81 -7.03
N CYS D 386 58.86 48.43 -6.11
CA CYS D 386 57.88 49.33 -5.52
C CYS D 386 57.12 48.62 -4.38
N GLY D 387 56.50 49.43 -3.51
CA GLY D 387 55.79 48.94 -2.34
C GLY D 387 56.68 48.28 -1.31
N GLY D 388 56.19 47.19 -0.72
CA GLY D 388 56.97 46.41 0.22
C GLY D 388 56.71 46.70 1.70
N GLY D 389 55.71 47.53 1.96
CA GLY D 389 55.32 47.86 3.32
C GLY D 389 53.81 47.91 3.52
N ILE D 390 53.44 48.53 4.64
CA ILE D 390 52.06 48.62 5.07
C ILE D 390 51.43 49.85 4.46
N ALA D 391 50.20 49.70 3.96
CA ALA D 391 49.56 50.74 3.14
C ALA D 391 48.81 51.78 3.96
N ALA D 392 48.12 51.35 5.00
CA ALA D 392 47.36 52.24 5.87
C ALA D 392 47.66 51.90 7.32
N ASP D 393 47.28 52.81 8.21
CA ASP D 393 47.51 52.65 9.64
C ASP D 393 46.51 51.69 10.30
N ARG D 394 45.33 51.57 9.71
CA ARG D 394 44.26 50.68 10.21
C ARG D 394 43.74 49.79 9.12
N GLY D 395 43.23 48.63 9.51
CA GLY D 395 42.80 47.62 8.55
C GLY D 395 44.00 46.77 8.14
N TYR D 396 43.80 45.83 7.24
CA TYR D 396 44.90 44.95 6.86
C TYR D 396 45.37 45.26 5.45
N PHE D 397 45.79 46.50 5.24
CA PHE D 397 46.16 47.02 3.92
C PHE D 397 47.66 46.91 3.65
N ILE D 398 47.98 46.34 2.50
CA ILE D 398 49.36 46.16 2.06
C ILE D 398 49.56 46.85 0.73
N GLN D 399 50.73 47.49 0.56
CA GLN D 399 51.04 48.22 -0.66
C GLN D 399 51.26 47.24 -1.79
N PRO D 400 50.73 47.56 -2.98
CA PRO D 400 51.05 46.65 -4.08
C PRO D 400 52.55 46.64 -4.30
N THR D 401 53.09 45.43 -4.42
CA THR D 401 54.52 45.22 -4.38
C THR D 401 54.99 44.44 -5.60
N VAL D 402 56.11 44.86 -6.19
CA VAL D 402 56.69 44.17 -7.35
C VAL D 402 58.15 43.86 -7.10
N PHE D 403 58.50 42.60 -7.27
CA PHE D 403 59.88 42.17 -7.25
C PHE D 403 60.38 41.86 -8.67
N GLY D 404 61.51 42.45 -9.03
CA GLY D 404 62.18 42.14 -10.26
C GLY D 404 63.30 41.16 -10.04
N ASP D 405 63.78 40.60 -11.14
CA ASP D 405 64.98 39.79 -11.15
C ASP D 405 64.84 38.57 -10.25
N VAL D 406 63.65 38.01 -10.21
CA VAL D 406 63.36 36.90 -9.33
C VAL D 406 63.93 35.61 -9.94
N GLN D 407 64.44 34.74 -9.10
CA GLN D 407 64.97 33.46 -9.57
C GLN D 407 64.13 32.29 -9.11
N ASP D 408 64.23 31.19 -9.85
CA ASP D 408 63.45 29.98 -9.56
C ASP D 408 63.70 29.43 -8.17
N GLY D 409 64.97 29.49 -7.73
CA GLY D 409 65.38 29.04 -6.39
C GLY D 409 64.88 29.85 -5.20
N MET D 410 64.53 31.11 -5.40
CA MET D 410 63.96 31.91 -4.31
C MET D 410 62.58 31.38 -3.84
N THR D 411 62.38 31.43 -2.53
CA THR D 411 61.12 31.07 -1.87
C THR D 411 59.91 31.89 -2.35
N ILE D 412 60.12 33.16 -2.71
CA ILE D 412 59.00 33.94 -3.26
C ILE D 412 58.61 33.52 -4.66
N ALA D 413 59.47 32.74 -5.32
CA ALA D 413 59.14 32.13 -6.61
C ALA D 413 58.60 30.72 -6.46
N LYS D 414 58.58 30.18 -5.24
CA LYS D 414 58.09 28.80 -5.01
C LYS D 414 56.81 28.73 -4.18
N GLU D 415 56.68 29.59 -3.17
CA GLU D 415 55.60 29.44 -2.18
C GLU D 415 54.51 30.42 -2.48
N GLU D 416 53.27 29.96 -2.33
CA GLU D 416 52.09 30.76 -2.55
C GLU D 416 52.03 31.86 -1.48
N ILE D 417 52.04 33.12 -1.92
CA ILE D 417 52.06 34.29 -1.02
C ILE D 417 50.66 34.79 -0.69
N PHE D 418 49.76 34.76 -1.67
CA PHE D 418 48.36 35.05 -1.44
C PHE D 418 48.15 36.50 -1.01
N GLY D 419 48.96 37.39 -1.59
CA GLY D 419 48.86 38.83 -1.32
C GLY D 419 49.34 39.61 -2.50
N PRO D 420 49.20 40.94 -2.45
CA PRO D 420 49.52 41.83 -3.57
C PRO D 420 51.03 41.95 -3.84
N VAL D 421 51.64 40.83 -4.22
CA VAL D 421 53.08 40.77 -4.44
C VAL D 421 53.39 40.04 -5.74
N MET D 422 54.01 40.78 -6.65
CA MET D 422 54.23 40.36 -8.00
C MET D 422 55.69 39.98 -8.19
N GLN D 423 55.90 38.78 -8.71
CA GLN D 423 57.24 38.29 -9.04
C GLN D 423 57.40 38.35 -10.55
N ILE D 424 58.49 38.96 -11.01
CA ILE D 424 58.79 39.02 -12.43
C ILE D 424 60.13 38.34 -12.71
N LEU D 425 60.03 37.23 -13.43
CA LEU D 425 61.17 36.45 -13.87
C LEU D 425 61.43 36.66 -15.35
N LYS D 426 62.68 36.43 -15.74
CA LYS D 426 63.19 36.63 -17.08
C LYS D 426 63.48 35.24 -17.70
N PHE D 427 63.24 35.11 -19.01
CA PHE D 427 63.60 33.86 -19.70
C PHE D 427 64.05 34.09 -21.16
N LYS D 428 64.63 33.05 -21.73
CA LYS D 428 65.20 33.09 -23.05
C LYS D 428 64.35 32.33 -24.09
N THR D 429 64.23 31.02 -23.94
CA THR D 429 63.54 30.22 -24.95
C THR D 429 62.26 29.57 -24.44
N ILE D 430 61.44 29.17 -25.39
CA ILE D 430 60.18 28.57 -25.08
C ILE D 430 60.38 27.19 -24.45
N GLU D 431 61.47 26.51 -24.76
CA GLU D 431 61.77 25.19 -24.17
C GLU D 431 62.20 25.35 -22.69
N GLU D 432 63.12 26.27 -22.46
CA GLU D 432 63.50 26.66 -21.11
C GLU D 432 62.29 27.01 -20.24
N VAL D 433 61.40 27.86 -20.75
CA VAL D 433 60.32 28.37 -19.89
C VAL D 433 59.28 27.31 -19.53
N VAL D 434 59.11 26.32 -20.38
CA VAL D 434 58.23 25.20 -20.11
C VAL D 434 58.78 24.40 -18.94
N GLY D 435 60.04 24.01 -19.02
CA GLY D 435 60.72 23.36 -17.88
C GLY D 435 60.62 24.10 -16.56
N ARG D 436 60.80 25.42 -16.58
CA ARG D 436 60.80 26.22 -15.34
C ARG D 436 59.40 26.47 -14.81
N ALA D 437 58.46 26.66 -15.73
CA ALA D 437 57.03 26.78 -15.37
C ALA D 437 56.48 25.50 -14.73
N ASN D 438 56.85 24.36 -15.28
CA ASN D 438 56.40 23.06 -14.79
C ASN D 438 57.15 22.52 -13.56
N ASN D 439 58.34 23.08 -13.26
CA ASN D 439 59.12 22.61 -12.12
C ASN D 439 58.57 23.23 -10.88
N SER D 440 57.44 22.69 -10.46
CA SER D 440 56.71 23.16 -9.32
C SER D 440 55.88 21.99 -8.90
N THR D 441 55.55 21.90 -7.62
CA THR D 441 54.58 20.92 -7.09
C THR D 441 53.13 21.40 -7.25
N TYR D 442 52.96 22.66 -7.64
CA TYR D 442 51.65 23.23 -7.96
C TYR D 442 51.34 23.14 -9.44
N GLY D 443 50.06 23.17 -9.79
CA GLY D 443 49.60 23.17 -11.19
C GLY D 443 48.12 23.52 -11.37
N LEU D 444 47.73 24.66 -10.85
CA LEU D 444 46.36 25.06 -10.92
C LEU D 444 46.06 25.72 -12.27
N ALA D 445 46.89 26.67 -12.65
CA ALA D 445 46.62 27.39 -13.85
C ALA D 445 47.91 27.94 -14.47
N ALA D 446 47.76 28.45 -15.69
CA ALA D 446 48.85 29.10 -16.38
C ALA D 446 48.28 30.00 -17.45
N ALA D 447 49.13 30.84 -18.01
CA ALA D 447 48.71 31.64 -19.14
C ALA D 447 49.87 31.91 -20.09
N VAL D 448 49.50 32.23 -21.31
CA VAL D 448 50.41 32.47 -22.37
C VAL D 448 49.94 33.67 -23.15
N PHE D 449 50.84 34.62 -23.36
CA PHE D 449 50.55 35.83 -24.11
C PHE D 449 51.48 35.85 -25.31
N THR D 450 50.85 35.80 -26.47
CA THR D 450 51.53 35.70 -27.75
C THR D 450 50.49 35.92 -28.86
N LYS D 451 50.92 36.52 -29.97
CA LYS D 451 50.12 36.58 -31.19
C LYS D 451 50.34 35.38 -32.08
N ASP D 452 51.33 34.55 -31.78
CA ASP D 452 51.72 33.45 -32.65
C ASP D 452 50.93 32.19 -32.37
N LEU D 453 50.23 31.70 -33.37
CA LEU D 453 49.45 30.46 -33.27
C LEU D 453 50.27 29.23 -32.77
N ASP D 454 51.48 29.04 -33.28
CA ASP D 454 52.25 27.84 -32.91
C ASP D 454 52.75 27.86 -31.47
N LYS D 455 53.11 29.04 -30.98
CA LYS D 455 53.57 29.22 -29.60
C LYS D 455 52.40 29.02 -28.65
N ALA D 456 51.23 29.55 -28.99
CA ALA D 456 50.04 29.33 -28.16
C ALA D 456 49.76 27.85 -27.99
N ASN D 457 49.68 27.13 -29.11
CA ASN D 457 49.37 25.70 -29.10
C ASN D 457 50.45 24.86 -28.45
N TYR D 458 51.72 25.12 -28.72
CA TYR D 458 52.81 24.37 -28.04
C TYR D 458 52.76 24.52 -26.51
N LEU D 459 52.63 25.78 -26.04
CA LEU D 459 52.59 26.08 -24.60
C LEU D 459 51.36 25.55 -23.90
N SER D 460 50.20 25.64 -24.52
CA SER D 460 49.00 25.18 -23.85
C SER D 460 49.00 23.65 -23.72
N GLN D 461 49.65 22.96 -24.65
CA GLN D 461 49.81 21.53 -24.52
C GLN D 461 50.86 21.15 -23.45
N ALA D 462 51.96 21.91 -23.36
CA ALA D 462 53.12 21.54 -22.53
C ALA D 462 52.99 21.91 -21.05
N LEU D 463 52.32 23.00 -20.74
CA LEU D 463 52.15 23.43 -19.37
C LEU D 463 51.32 22.42 -18.55
N GLN D 464 51.85 22.05 -17.37
CA GLN D 464 51.16 21.12 -16.51
C GLN D 464 50.22 21.92 -15.60
N ALA D 465 49.06 22.28 -16.14
CA ALA D 465 48.11 23.10 -15.42
C ALA D 465 46.67 22.81 -15.81
N GLY D 466 45.77 22.88 -14.84
CA GLY D 466 44.40 22.50 -15.08
C GLY D 466 43.63 23.48 -15.95
N THR D 467 44.09 24.74 -15.97
CA THR D 467 43.54 25.75 -16.87
C THR D 467 44.72 26.47 -17.46
N VAL D 468 44.72 26.62 -18.78
CA VAL D 468 45.66 27.52 -19.44
C VAL D 468 44.86 28.55 -20.17
N TRP D 469 45.09 29.81 -19.82
CA TRP D 469 44.50 30.96 -20.51
C TRP D 469 45.48 31.45 -21.57
N VAL D 470 44.94 31.80 -22.73
CA VAL D 470 45.75 32.34 -23.80
C VAL D 470 45.29 33.77 -24.10
N ASN D 471 46.17 34.73 -23.92
CA ASN D 471 45.85 36.15 -24.13
C ASN D 471 44.71 36.67 -23.28
N CYS D 472 44.55 36.06 -22.11
CA CYS D 472 43.61 36.49 -21.11
C CYS D 472 44.04 35.84 -19.82
N TYR D 473 43.32 36.08 -18.74
CA TYR D 473 43.63 35.49 -17.47
C TYR D 473 42.40 35.59 -16.65
N ASP D 474 42.24 34.68 -15.71
CA ASP D 474 41.10 34.71 -14.80
C ASP D 474 39.79 34.80 -15.57
N VAL D 475 39.70 34.07 -16.68
CA VAL D 475 38.43 33.99 -17.40
C VAL D 475 37.73 32.72 -16.96
N PHE D 476 36.66 32.87 -16.16
CA PHE D 476 35.89 31.72 -15.70
C PHE D 476 34.52 31.70 -16.29
N GLY D 477 34.03 30.49 -16.53
CA GLY D 477 32.67 30.29 -16.98
C GLY D 477 32.16 29.04 -16.31
N ALA D 478 30.88 29.05 -15.98
CA ALA D 478 30.24 27.93 -15.35
C ALA D 478 30.36 26.69 -16.21
N GLN D 479 30.58 26.89 -17.51
CA GLN D 479 30.59 25.83 -18.49
C GLN D 479 31.92 25.12 -18.58
N SER D 480 32.99 25.77 -18.15
CA SER D 480 34.31 25.23 -18.31
C SER D 480 34.93 24.80 -16.99
N PRO D 481 35.39 23.55 -16.92
CA PRO D 481 35.91 23.03 -15.66
C PRO D 481 37.13 23.78 -15.13
N PHE D 482 37.43 23.55 -13.86
CA PHE D 482 38.55 24.20 -13.23
C PHE D 482 39.02 23.30 -12.10
N GLY D 483 40.33 23.10 -12.01
CA GLY D 483 40.91 22.26 -10.96
C GLY D 483 42.41 22.09 -11.11
N GLY D 484 43.07 21.47 -10.14
CA GLY D 484 44.52 21.38 -10.15
C GLY D 484 45.11 20.11 -10.76
N TYR D 485 46.27 20.29 -11.39
CA TYR D 485 47.25 19.21 -11.52
C TYR D 485 48.04 19.11 -10.20
N LYS D 486 48.71 17.99 -10.02
CA LYS D 486 49.66 17.80 -8.91
C LYS D 486 49.07 18.13 -7.53
N MET D 487 49.78 18.92 -6.74
CA MET D 487 49.33 19.25 -5.40
C MET D 487 48.46 20.52 -5.35
N SER D 488 48.03 21.00 -6.51
CA SER D 488 47.01 22.05 -6.54
C SER D 488 45.60 21.47 -6.34
N GLY D 489 45.48 20.14 -6.34
CA GLY D 489 44.25 19.49 -5.94
C GLY D 489 43.96 18.26 -6.80
N SER D 490 42.72 17.81 -6.77
CA SER D 490 42.26 16.70 -7.57
C SER D 490 40.75 16.80 -7.84
N GLY D 491 40.35 16.37 -9.01
CA GLY D 491 38.97 16.52 -9.42
C GLY D 491 38.69 17.93 -9.95
N ARG D 492 37.50 18.10 -10.48
CA ARG D 492 37.23 19.30 -11.22
C ARG D 492 35.92 19.95 -10.76
N GLU D 493 35.94 21.26 -10.65
CA GLU D 493 34.73 22.01 -10.45
C GLU D 493 34.30 22.67 -11.75
N LEU D 494 33.02 23.03 -11.80
CA LEU D 494 32.36 23.63 -12.96
C LEU D 494 32.20 22.66 -14.11
N GLY D 495 31.38 23.05 -15.06
CA GLY D 495 31.12 22.26 -16.23
C GLY D 495 30.33 21.00 -15.92
N GLU D 496 30.17 20.19 -16.95
CA GLU D 496 29.73 18.81 -16.79
C GLU D 496 30.64 18.04 -15.82
N TYR D 497 31.92 18.37 -15.83
CA TYR D 497 32.93 17.65 -15.03
C TYR D 497 32.68 17.77 -13.53
N GLY D 498 32.27 18.97 -13.12
CA GLY D 498 31.77 19.22 -11.76
C GLY D 498 30.72 18.27 -11.21
N LEU D 499 30.00 17.54 -12.04
CA LEU D 499 28.97 16.61 -11.55
C LEU D 499 29.52 15.26 -11.18
N GLN D 500 30.69 14.92 -11.72
CA GLN D 500 31.23 13.56 -11.61
C GLN D 500 31.40 13.16 -10.17
N ALA D 501 32.00 14.05 -9.38
CA ALA D 501 32.29 13.80 -7.97
C ALA D 501 31.02 13.74 -7.10
N TYR D 502 29.89 14.20 -7.61
CA TYR D 502 28.64 14.17 -6.86
C TYR D 502 27.73 13.01 -7.32
N THR D 503 28.27 12.09 -8.11
CA THR D 503 27.49 10.99 -8.66
C THR D 503 28.08 9.67 -8.22
N GLU D 504 27.22 8.76 -7.79
CA GLU D 504 27.62 7.37 -7.58
C GLU D 504 27.00 6.53 -8.70
N VAL D 505 27.83 5.72 -9.34
CA VAL D 505 27.41 4.95 -10.47
C VAL D 505 27.04 3.52 -10.06
N LYS D 506 25.81 3.14 -10.41
CA LYS D 506 25.29 1.81 -10.19
C LYS D 506 25.13 1.16 -11.55
N THR D 507 25.66 -0.05 -11.70
CA THR D 507 25.43 -0.86 -12.89
C THR D 507 24.35 -1.86 -12.58
N VAL D 508 23.42 -2.05 -13.51
CA VAL D 508 22.36 -3.02 -13.38
C VAL D 508 22.44 -3.92 -14.57
N THR D 509 22.57 -5.24 -14.36
CA THR D 509 22.73 -6.15 -15.46
C THR D 509 21.68 -7.23 -15.30
N VAL D 510 20.80 -7.31 -16.31
CA VAL D 510 19.60 -8.12 -16.25
C VAL D 510 19.63 -9.21 -17.31
N LYS D 511 19.45 -10.45 -16.89
CA LYS D 511 19.33 -11.57 -17.83
C LYS D 511 18.06 -11.36 -18.65
N VAL D 512 18.15 -11.61 -19.95
CA VAL D 512 17.02 -11.49 -20.86
C VAL D 512 16.94 -12.77 -21.69
N PRO D 513 15.76 -13.04 -22.28
CA PRO D 513 15.61 -14.29 -23.04
C PRO D 513 16.55 -14.42 -24.25
N GLN D 514 16.77 -13.33 -24.95
CA GLN D 514 17.61 -13.35 -26.15
C GLN D 514 18.01 -11.95 -26.58
N LYS D 515 19.30 -11.65 -26.49
CA LYS D 515 19.81 -10.32 -26.81
C LYS D 515 19.88 -10.16 -28.31
N ASN D 516 19.37 -9.05 -28.82
CA ASN D 516 19.48 -8.71 -30.22
C ASN D 516 19.97 -7.27 -30.31
N SER D 517 20.77 -6.99 -31.33
CA SER D 517 21.31 -5.65 -31.54
C SER D 517 20.20 -4.59 -31.70
N GLN E 23 -61.05 -28.19 49.45
CA GLN E 23 -59.75 -27.98 48.74
CA GLN E 23 -59.75 -27.98 48.75
C GLN E 23 -59.23 -29.32 48.22
N ALA E 24 -58.67 -29.33 47.02
CA ALA E 24 -58.21 -30.55 46.37
C ALA E 24 -56.83 -31.03 46.84
N VAL E 25 -56.31 -30.41 47.91
CA VAL E 25 -55.06 -30.84 48.51
C VAL E 25 -55.33 -32.20 49.18
N PRO E 26 -54.57 -33.25 48.80
CA PRO E 26 -54.80 -34.57 49.40
C PRO E 26 -54.47 -34.59 50.88
N ALA E 27 -55.10 -35.51 51.60
CA ALA E 27 -55.03 -35.53 53.06
C ALA E 27 -53.65 -36.01 53.52
N PRO E 28 -53.03 -35.26 54.42
CA PRO E 28 -51.66 -35.58 54.77
C PRO E 28 -51.57 -36.77 55.72
N ASN E 29 -50.45 -37.49 55.68
CA ASN E 29 -50.02 -38.31 56.81
C ASN E 29 -49.31 -37.39 57.79
N GLN E 30 -49.90 -37.19 58.97
CA GLN E 30 -49.38 -36.21 59.93
C GLN E 30 -48.20 -36.74 60.73
N GLN E 31 -47.91 -38.02 60.56
CA GLN E 31 -46.74 -38.65 61.16
C GLN E 31 -45.93 -39.37 60.06
N PRO E 32 -45.37 -38.59 59.11
CA PRO E 32 -44.64 -39.24 58.02
C PRO E 32 -43.38 -39.92 58.53
N GLU E 33 -43.07 -41.06 57.93
CA GLU E 33 -41.88 -41.83 58.27
C GLU E 33 -40.65 -41.17 57.65
N VAL E 34 -39.53 -41.19 58.36
CA VAL E 34 -38.29 -40.64 57.84
C VAL E 34 -37.39 -41.76 57.35
N PHE E 35 -36.88 -41.61 56.13
CA PHE E 35 -36.02 -42.63 55.55
C PHE E 35 -34.56 -42.21 55.50
N CYS E 36 -34.31 -40.92 55.34
CA CYS E 36 -32.98 -40.43 55.02
C CYS E 36 -32.54 -39.48 56.08
N ASN E 37 -31.43 -39.78 56.73
CA ASN E 37 -30.98 -38.96 57.83
C ASN E 37 -29.47 -38.92 57.95
N GLN E 38 -28.81 -39.13 56.83
CA GLN E 38 -27.38 -39.29 56.80
C GLN E 38 -26.73 -38.34 55.78
N ILE E 39 -25.41 -38.39 55.68
CA ILE E 39 -24.64 -37.65 54.70
C ILE E 39 -24.70 -38.36 53.36
N PHE E 40 -24.84 -37.61 52.27
CA PHE E 40 -25.03 -38.18 50.96
C PHE E 40 -23.86 -37.82 50.06
N ILE E 41 -23.08 -38.83 49.68
CA ILE E 41 -21.84 -38.65 48.93
C ILE E 41 -21.69 -39.83 47.96
N ASN E 42 -21.51 -39.53 46.69
CA ASN E 42 -21.37 -40.57 45.67
C ASN E 42 -22.55 -41.50 45.61
N ASN E 43 -23.75 -40.93 45.68
CA ASN E 43 -25.02 -41.70 45.66
C ASN E 43 -25.11 -42.80 46.75
N GLU E 44 -24.48 -42.55 47.89
CA GLU E 44 -24.43 -43.48 49.01
C GLU E 44 -24.57 -42.71 50.33
N TRP E 45 -25.14 -43.37 51.34
CA TRP E 45 -25.43 -42.75 52.63
C TRP E 45 -24.29 -43.06 53.58
N HIS E 46 -23.77 -42.03 54.23
CA HIS E 46 -22.65 -42.16 55.15
C HIS E 46 -23.02 -41.57 56.51
N ASP E 47 -22.50 -42.16 57.58
CA ASP E 47 -22.49 -41.53 58.88
C ASP E 47 -21.38 -40.51 58.90
N ALA E 48 -21.47 -39.58 59.83
CA ALA E 48 -20.39 -38.65 60.04
C ALA E 48 -19.15 -39.44 60.47
N VAL E 49 -17.97 -38.95 60.12
CA VAL E 49 -16.72 -39.54 60.57
C VAL E 49 -16.65 -39.60 62.10
N SER E 50 -17.12 -38.56 62.76
CA SER E 50 -17.17 -38.54 64.22
C SER E 50 -18.20 -39.54 64.81
N ARG E 51 -19.13 -40.00 63.99
CA ARG E 51 -20.28 -40.82 64.44
C ARG E 51 -21.33 -40.03 65.26
N LYS E 52 -21.17 -38.70 65.34
CA LYS E 52 -22.08 -37.86 66.09
C LYS E 52 -23.33 -37.61 65.27
N THR E 53 -24.43 -37.41 65.97
CA THR E 53 -25.69 -37.05 65.38
C THR E 53 -26.29 -35.87 66.16
N PHE E 54 -27.24 -35.18 65.55
CA PHE E 54 -27.99 -34.13 66.23
C PHE E 54 -29.49 -34.31 66.01
N PRO E 55 -30.30 -33.94 67.00
CA PRO E 55 -31.74 -34.07 66.88
C PRO E 55 -32.34 -33.02 65.97
N THR E 56 -33.33 -33.40 65.19
CA THR E 56 -34.17 -32.40 64.52
C THR E 56 -35.57 -32.45 65.12
N VAL E 57 -36.11 -31.26 65.37
CA VAL E 57 -37.31 -31.08 66.18
C VAL E 57 -38.48 -30.61 65.35
N ASN E 58 -39.67 -31.06 65.76
CA ASN E 58 -40.92 -30.62 65.21
C ASN E 58 -41.33 -29.37 65.98
N PRO E 59 -41.22 -28.19 65.35
CA PRO E 59 -41.50 -26.96 66.09
C PRO E 59 -42.96 -26.77 66.58
N SER E 60 -43.92 -27.44 65.96
CA SER E 60 -45.29 -27.49 66.45
C SER E 60 -45.49 -28.20 67.81
N THR E 61 -44.59 -29.14 68.14
CA THR E 61 -44.69 -29.89 69.42
C THR E 61 -43.48 -29.75 70.38
N GLY E 62 -42.34 -29.27 69.89
CA GLY E 62 -41.10 -29.29 70.67
C GLY E 62 -40.43 -30.66 70.76
N GLU E 63 -40.96 -31.66 70.07
CA GLU E 63 -40.48 -33.03 70.19
C GLU E 63 -39.47 -33.36 69.09
N VAL E 64 -38.52 -34.21 69.44
CA VAL E 64 -37.55 -34.74 68.48
C VAL E 64 -38.24 -35.65 67.46
N ILE E 65 -37.96 -35.44 66.17
CA ILE E 65 -38.48 -36.28 65.11
C ILE E 65 -37.57 -37.48 64.88
N CYS E 66 -36.29 -37.20 64.67
CA CYS E 66 -35.29 -38.22 64.57
C CYS E 66 -33.94 -37.59 64.75
N GLN E 67 -32.94 -38.44 64.68
CA GLN E 67 -31.58 -38.03 64.88
C GLN E 67 -30.99 -37.94 63.46
N VAL E 68 -29.97 -37.10 63.26
CA VAL E 68 -29.43 -36.85 61.92
C VAL E 68 -27.91 -36.74 61.98
N ALA E 69 -27.21 -37.31 60.99
CA ALA E 69 -25.75 -37.27 60.94
C ALA E 69 -25.16 -35.88 60.98
N GLU E 70 -24.26 -35.63 61.92
CA GLU E 70 -23.72 -34.32 62.14
C GLU E 70 -22.41 -34.20 61.40
N GLY E 71 -22.48 -33.82 60.12
CA GLY E 71 -21.26 -33.62 59.34
C GLY E 71 -20.42 -32.44 59.75
N ASP E 72 -19.14 -32.53 59.42
CA ASP E 72 -18.14 -31.55 59.85
C ASP E 72 -17.08 -31.46 58.77
N LYS E 73 -15.91 -30.89 59.09
CA LYS E 73 -14.95 -30.62 58.06
C LYS E 73 -14.56 -31.86 57.29
N GLU E 74 -14.26 -32.95 57.99
CA GLU E 74 -13.76 -34.14 57.31
C GLU E 74 -14.78 -34.72 56.33
N ASP E 75 -16.07 -34.50 56.60
CA ASP E 75 -17.12 -35.01 55.71
C ASP E 75 -17.27 -34.14 54.47
N VAL E 76 -17.23 -32.82 54.65
CA VAL E 76 -17.12 -31.91 53.52
C VAL E 76 -15.92 -32.27 52.65
N ASP E 77 -14.75 -32.53 53.23
CA ASP E 77 -13.56 -32.93 52.44
C ASP E 77 -13.85 -34.14 51.53
N LYS E 78 -14.56 -35.13 52.03
CA LYS E 78 -14.90 -36.30 51.25
C LYS E 78 -15.87 -35.95 50.12
N ALA E 79 -16.85 -35.08 50.41
CA ALA E 79 -17.86 -34.73 49.42
C ALA E 79 -17.21 -33.92 48.32
N VAL E 80 -16.24 -33.10 48.71
CA VAL E 80 -15.47 -32.33 47.74
C VAL E 80 -14.64 -33.25 46.87
N LYS E 81 -13.96 -34.23 47.44
CA LYS E 81 -13.18 -35.15 46.61
C LYS E 81 -14.05 -35.88 45.62
N ALA E 82 -15.23 -36.30 46.06
CA ALA E 82 -16.18 -37.01 45.20
C ALA E 82 -16.74 -36.12 44.09
N ALA E 83 -17.06 -34.89 44.45
CA ALA E 83 -17.52 -33.91 43.48
C ALA E 83 -16.46 -33.62 42.41
N ARG E 84 -15.23 -33.37 42.84
CA ARG E 84 -14.10 -33.11 41.93
C ARG E 84 -13.89 -34.27 40.94
N ALA E 85 -13.97 -35.51 41.43
CA ALA E 85 -13.77 -36.67 40.54
C ALA E 85 -14.93 -36.73 39.54
N ALA E 86 -16.13 -36.39 39.95
CA ALA E 86 -17.23 -36.40 38.97
C ALA E 86 -17.07 -35.30 37.91
N PHE E 87 -16.27 -34.28 38.21
CA PHE E 87 -16.10 -33.15 37.31
C PHE E 87 -14.86 -33.33 36.41
N GLN E 88 -14.19 -34.47 36.49
CA GLN E 88 -12.94 -34.67 35.71
C GLN E 88 -13.27 -34.74 34.25
N LEU E 89 -12.48 -34.04 33.45
CA LEU E 89 -12.60 -34.12 32.00
C LEU E 89 -12.66 -35.59 31.57
N GLY E 90 -13.60 -35.89 30.67
CA GLY E 90 -13.88 -37.26 30.25
C GLY E 90 -14.84 -38.08 31.11
N SER E 91 -15.40 -37.54 32.18
CA SER E 91 -16.32 -38.30 33.07
C SER E 91 -17.71 -38.35 32.45
N PRO E 92 -18.55 -39.28 32.94
CA PRO E 92 -19.93 -39.33 32.48
C PRO E 92 -20.59 -37.97 32.55
N TRP E 93 -20.48 -37.29 33.68
CA TRP E 93 -21.10 -35.97 33.86
C TRP E 93 -20.56 -34.94 32.89
N ARG E 94 -19.26 -34.89 32.66
CA ARG E 94 -18.68 -33.89 31.76
C ARG E 94 -18.95 -34.15 30.27
N ARG E 95 -19.04 -35.42 29.90
CA ARG E 95 -19.32 -35.82 28.52
C ARG E 95 -20.81 -35.87 28.18
N MET E 96 -21.66 -35.82 29.19
CA MET E 96 -23.08 -35.90 28.95
C MET E 96 -23.56 -34.73 28.05
N ASP E 97 -24.44 -35.03 27.10
CA ASP E 97 -25.04 -34.01 26.27
C ASP E 97 -25.78 -33.00 27.16
N ALA E 98 -25.63 -31.70 26.84
CA ALA E 98 -26.31 -30.67 27.60
C ALA E 98 -27.79 -30.96 27.70
N SER E 99 -28.40 -31.35 26.58
CA SER E 99 -29.82 -31.70 26.53
C SER E 99 -30.19 -32.81 27.50
N HIS E 100 -29.28 -33.77 27.69
CA HIS E 100 -29.53 -34.89 28.62
C HIS E 100 -29.49 -34.46 30.12
N ARG E 101 -28.70 -33.44 30.45
CA ARG E 101 -28.80 -32.79 31.79
C ARG E 101 -30.22 -32.27 32.03
N GLY E 102 -30.86 -31.79 30.97
CA GLY E 102 -32.26 -31.33 31.02
C GLY E 102 -33.25 -32.44 31.26
N ARG E 103 -32.99 -33.57 30.59
CA ARG E 103 -33.79 -34.74 30.77
C ARG E 103 -33.69 -35.19 32.23
N LEU E 104 -32.49 -35.18 32.79
CA LEU E 104 -32.29 -35.58 34.18
C LEU E 104 -33.01 -34.67 35.19
N LEU E 105 -32.92 -33.36 35.00
CA LEU E 105 -33.70 -32.42 35.81
C LEU E 105 -35.21 -32.62 35.69
N ASN E 106 -35.71 -32.87 34.47
CA ASN E 106 -37.13 -33.18 34.28
C ASN E 106 -37.55 -34.46 34.96
N ARG E 107 -36.71 -35.50 34.85
CA ARG E 107 -36.96 -36.75 35.52
C ARG E 107 -37.04 -36.52 37.04
N LEU E 108 -36.11 -35.76 37.57
CA LEU E 108 -36.15 -35.43 39.00
C LEU E 108 -37.44 -34.70 39.37
N ALA E 109 -37.85 -33.74 38.59
CA ALA E 109 -39.11 -33.06 38.91
C ALA E 109 -40.26 -34.07 38.91
N ASP E 110 -40.26 -34.98 37.94
CA ASP E 110 -41.33 -35.99 37.87
C ASP E 110 -41.35 -36.88 39.10
N LEU E 111 -40.18 -37.15 39.69
CA LEU E 111 -40.09 -37.95 40.91
C LEU E 111 -40.57 -37.17 42.12
N ILE E 112 -40.15 -35.92 42.22
CA ILE E 112 -40.64 -35.06 43.27
C ILE E 112 -42.16 -34.98 43.25
N GLU E 113 -42.75 -34.87 42.06
CA GLU E 113 -44.21 -34.75 41.92
C GLU E 113 -44.90 -36.03 42.41
N ARG E 114 -44.40 -37.18 42.01
CA ARG E 114 -44.92 -38.47 42.48
C ARG E 114 -44.96 -38.53 44.00
N ASP E 115 -43.90 -38.00 44.65
CA ASP E 115 -43.83 -37.99 46.11
C ASP E 115 -44.23 -36.65 46.75
N ARG E 116 -44.98 -35.83 46.01
CA ARG E 116 -45.32 -34.47 46.46
C ARG E 116 -46.05 -34.42 47.81
N THR E 117 -47.03 -35.29 48.01
CA THR E 117 -47.81 -35.20 49.23
C THR E 117 -46.99 -35.71 50.43
N TYR E 118 -46.15 -36.73 50.25
CA TYR E 118 -45.16 -37.08 51.26
C TYR E 118 -44.20 -35.93 51.60
N LEU E 119 -43.63 -35.29 50.58
CA LEU E 119 -42.64 -34.25 50.83
C LEU E 119 -43.27 -32.99 51.44
N ALA E 120 -44.52 -32.72 51.12
CA ALA E 120 -45.18 -31.56 51.70
C ALA E 120 -45.40 -31.76 53.22
N ALA E 121 -45.70 -33.00 53.61
CA ALA E 121 -45.98 -33.32 55.01
C ALA E 121 -44.71 -33.22 55.85
N LEU E 122 -43.66 -33.84 55.33
CA LEU E 122 -42.33 -33.79 55.91
C LEU E 122 -41.80 -32.37 56.01
N GLU E 123 -42.03 -31.55 55.00
CA GLU E 123 -41.63 -30.14 55.10
C GLU E 123 -42.32 -29.52 56.31
N THR E 124 -43.62 -29.70 56.39
CA THR E 124 -44.41 -29.13 57.48
C THR E 124 -44.01 -29.65 58.85
N LEU E 125 -43.81 -30.96 58.94
CA LEU E 125 -43.33 -31.58 60.15
C LEU E 125 -42.05 -30.93 60.67
N ASP E 126 -41.06 -30.75 59.80
CA ASP E 126 -39.74 -30.32 60.23
C ASP E 126 -39.64 -28.78 60.32
N ASN E 127 -40.39 -28.10 59.45
CA ASN E 127 -40.29 -26.64 59.34
C ASN E 127 -41.42 -25.87 60.04
N GLY E 128 -42.60 -26.47 60.07
CA GLY E 128 -43.74 -25.87 60.75
C GLY E 128 -44.70 -25.05 59.89
N LYS E 129 -44.43 -24.89 58.59
CA LYS E 129 -45.38 -24.14 57.75
C LYS E 129 -46.62 -24.98 57.44
N PRO E 130 -47.78 -24.32 57.27
CA PRO E 130 -49.01 -25.06 57.04
C PRO E 130 -48.87 -25.98 55.83
N TYR E 131 -49.33 -27.21 55.98
CA TYR E 131 -49.21 -28.22 54.95
C TYR E 131 -49.85 -27.83 53.62
N VAL E 132 -50.97 -27.09 53.66
CA VAL E 132 -51.61 -26.58 52.44
C VAL E 132 -50.62 -25.72 51.66
N ILE E 133 -49.83 -24.92 52.37
CA ILE E 133 -48.83 -24.05 51.76
C ILE E 133 -47.63 -24.84 51.26
N SER E 134 -47.22 -25.85 52.02
CA SER E 134 -46.19 -26.77 51.58
C SER E 134 -46.61 -27.40 50.26
N TYR E 135 -47.84 -27.87 50.24
CA TYR E 135 -48.31 -28.57 49.07
C TYR E 135 -48.47 -27.65 47.86
N LEU E 136 -49.16 -26.52 48.02
CA LEU E 136 -49.62 -25.72 46.88
C LEU E 136 -48.64 -24.65 46.50
N VAL E 137 -47.78 -24.24 47.41
CA VAL E 137 -46.79 -23.24 47.07
C VAL E 137 -45.38 -23.83 46.93
N ASP E 138 -44.78 -24.22 48.06
CA ASP E 138 -43.40 -24.69 48.04
C ASP E 138 -43.16 -25.77 46.99
N LEU E 139 -44.01 -26.78 46.98
CA LEU E 139 -43.77 -27.88 46.07
C LEU E 139 -44.09 -27.57 44.63
N ASP E 140 -45.17 -26.83 44.40
CA ASP E 140 -45.46 -26.30 43.10
C ASP E 140 -44.24 -25.55 42.56
N MET E 141 -43.69 -24.64 43.36
CA MET E 141 -42.55 -23.83 42.95
C MET E 141 -41.24 -24.62 42.75
N VAL E 142 -41.06 -25.69 43.50
CA VAL E 142 -39.96 -26.61 43.28
C VAL E 142 -40.06 -27.21 41.89
N LEU E 143 -41.21 -27.78 41.57
CA LEU E 143 -41.41 -28.40 40.26
C LEU E 143 -41.19 -27.38 39.15
N LYS E 144 -41.77 -26.21 39.32
CA LYS E 144 -41.61 -25.14 38.35
C LYS E 144 -40.14 -24.66 38.16
N CYS E 145 -39.40 -24.56 39.24
CA CYS E 145 -38.03 -24.14 39.18
C CYS E 145 -37.16 -25.17 38.45
N LEU E 146 -37.29 -26.44 38.83
CA LEU E 146 -36.51 -27.51 38.16
C LEU E 146 -36.89 -27.64 36.69
N ARG E 147 -38.18 -27.62 36.40
CA ARG E 147 -38.59 -27.70 35.02
C ARG E 147 -38.08 -26.50 34.22
N TYR E 148 -38.08 -25.32 34.82
CA TYR E 148 -37.57 -24.15 34.15
C TYR E 148 -36.08 -24.27 33.80
N TYR E 149 -35.26 -24.71 34.76
CA TYR E 149 -33.84 -24.82 34.53
C TYR E 149 -33.48 -26.01 33.64
N ALA E 150 -34.21 -27.11 33.75
CA ALA E 150 -34.07 -28.18 32.76
C ALA E 150 -34.04 -27.56 31.35
N GLY E 151 -34.89 -26.56 31.15
CA GLY E 151 -35.01 -25.90 29.86
C GLY E 151 -33.79 -25.14 29.43
N TRP E 152 -32.98 -24.70 30.39
CA TRP E 152 -31.82 -23.86 30.11
C TRP E 152 -30.61 -24.68 29.72
N ALA E 153 -30.67 -25.98 29.98
CA ALA E 153 -29.49 -26.85 29.94
C ALA E 153 -28.69 -26.70 28.67
N ASP E 154 -29.39 -26.66 27.53
CA ASP E 154 -28.74 -26.54 26.23
C ASP E 154 -28.97 -25.23 25.49
N LYS E 155 -29.20 -24.13 26.22
CA LYS E 155 -29.56 -22.84 25.57
C LYS E 155 -28.78 -21.64 26.04
N TYR E 156 -27.79 -21.85 26.91
CA TYR E 156 -27.02 -20.78 27.41
C TYR E 156 -25.75 -20.63 26.58
N HIS E 157 -25.93 -20.06 25.39
CA HIS E 157 -24.90 -19.90 24.40
C HIS E 157 -23.75 -19.00 24.79
N GLY E 158 -22.57 -19.33 24.26
CA GLY E 158 -21.47 -18.40 24.21
C GLY E 158 -21.60 -17.58 22.95
N LYS E 159 -20.52 -16.92 22.58
CA LYS E 159 -20.57 -15.95 21.50
C LYS E 159 -19.51 -16.20 20.47
N THR E 160 -19.82 -15.82 19.23
CA THR E 160 -18.79 -15.60 18.22
C THR E 160 -18.64 -14.08 18.07
N ILE E 161 -17.38 -13.66 17.96
CA ILE E 161 -16.97 -12.30 18.21
C ILE E 161 -16.12 -11.70 17.08
N PRO E 162 -16.63 -10.63 16.41
CA PRO E 162 -15.88 -9.94 15.34
C PRO E 162 -14.68 -9.09 15.81
N ILE E 163 -13.66 -9.74 16.33
CA ILE E 163 -12.43 -9.08 16.77
C ILE E 163 -11.64 -8.47 15.59
N ASP E 164 -10.83 -7.45 15.85
CA ASP E 164 -9.96 -6.86 14.83
C ASP E 164 -8.92 -7.86 14.33
N GLY E 165 -8.45 -7.68 13.10
CA GLY E 165 -7.40 -8.56 12.57
C GLY E 165 -7.87 -9.90 12.01
N ASP E 166 -6.90 -10.68 11.53
CA ASP E 166 -7.15 -11.99 10.95
C ASP E 166 -7.29 -13.13 11.97
N PHE E 167 -8.40 -13.08 12.70
CA PHE E 167 -8.65 -13.99 13.78
C PHE E 167 -10.12 -14.33 13.82
N PHE E 168 -10.41 -15.52 14.35
CA PHE E 168 -11.73 -15.94 14.68
C PHE E 168 -11.71 -16.09 16.20
N SER E 169 -12.61 -15.38 16.86
CA SER E 169 -12.67 -15.37 18.31
C SER E 169 -14.06 -15.79 18.80
N TYR E 170 -14.09 -16.65 19.82
CA TYR E 170 -15.35 -17.07 20.41
C TYR E 170 -15.25 -17.35 21.90
N THR E 171 -16.40 -17.50 22.55
CA THR E 171 -16.41 -17.84 23.95
C THR E 171 -17.13 -19.15 24.13
N ARG E 172 -16.61 -19.97 25.04
CA ARG E 172 -17.34 -21.14 25.54
C ARG E 172 -17.83 -20.80 26.92
N HIS E 173 -19.03 -21.25 27.25
CA HIS E 173 -19.55 -21.07 28.60
C HIS E 173 -19.36 -22.40 29.30
N GLU E 174 -18.30 -22.51 30.11
CA GLU E 174 -17.97 -23.75 30.77
C GLU E 174 -18.57 -23.69 32.16
N PRO E 175 -18.74 -24.84 32.82
CA PRO E 175 -19.17 -24.80 34.20
C PRO E 175 -18.05 -24.30 35.13
N VAL E 176 -18.44 -23.63 36.21
CA VAL E 176 -17.45 -23.08 37.09
C VAL E 176 -16.73 -24.17 37.89
N GLY E 177 -17.44 -25.26 38.22
CA GLY E 177 -16.81 -26.45 38.77
C GLY E 177 -17.48 -27.01 40.01
N VAL E 178 -16.70 -27.17 41.07
CA VAL E 178 -17.21 -27.62 42.36
C VAL E 178 -17.87 -26.47 43.10
N CYS E 179 -19.17 -26.59 43.35
CA CYS E 179 -19.99 -25.49 43.85
C CYS E 179 -20.51 -25.80 45.22
N GLY E 180 -20.09 -25.04 46.22
CA GLY E 180 -20.59 -25.20 47.55
C GLY E 180 -21.86 -24.37 47.73
N GLN E 181 -22.89 -25.01 48.25
CA GLN E 181 -24.21 -24.40 48.36
C GLN E 181 -24.72 -24.55 49.79
N ILE E 182 -24.89 -23.43 50.46
CA ILE E 182 -25.32 -23.41 51.85
C ILE E 182 -26.71 -22.85 51.90
N ILE E 183 -27.68 -23.70 52.18
CA ILE E 183 -29.07 -23.32 52.06
C ILE E 183 -29.78 -23.23 53.42
N PRO E 184 -30.67 -22.24 53.59
CA PRO E 184 -31.26 -21.91 54.88
C PRO E 184 -32.49 -22.77 55.21
N TRP E 185 -33.07 -22.50 56.38
CA TRP E 185 -34.17 -23.29 56.91
C TRP E 185 -35.60 -22.83 56.57
N ASN E 186 -35.77 -21.59 56.08
CA ASN E 186 -37.12 -21.01 55.93
C ASN E 186 -37.87 -21.56 54.73
N PHE E 187 -37.13 -21.86 53.65
CA PHE E 187 -37.67 -22.55 52.48
C PHE E 187 -36.73 -23.70 52.05
N PRO E 188 -36.81 -24.83 52.75
CA PRO E 188 -35.82 -25.91 52.54
C PRO E 188 -35.84 -26.51 51.14
N LEU E 189 -36.98 -26.99 50.71
CA LEU E 189 -37.10 -27.55 49.37
C LEU E 189 -36.90 -26.50 48.26
N LEU E 190 -37.50 -25.34 48.41
CA LEU E 190 -37.44 -24.36 47.35
C LEU E 190 -36.00 -23.85 47.14
N MET E 191 -35.29 -23.58 48.23
CA MET E 191 -33.91 -23.15 48.12
C MET E 191 -33.01 -24.23 47.56
N GLN E 192 -33.25 -25.47 47.93
CA GLN E 192 -32.50 -26.55 47.30
C GLN E 192 -32.71 -26.49 45.79
N ALA E 193 -33.98 -26.35 45.35
CA ALA E 193 -34.29 -26.31 43.92
C ALA E 193 -33.65 -25.09 43.21
N TRP E 194 -33.67 -23.91 43.84
CA TRP E 194 -33.03 -22.73 43.25
C TRP E 194 -31.52 -22.88 43.08
N LYS E 195 -30.89 -23.68 43.92
CA LYS E 195 -29.45 -23.84 43.80
C LYS E 195 -29.14 -24.95 42.80
N LEU E 196 -29.81 -26.09 42.92
CA LEU E 196 -29.55 -27.20 42.02
C LEU E 196 -29.87 -26.90 40.56
N GLY E 197 -31.00 -26.27 40.31
CA GLY E 197 -31.43 -26.02 38.95
C GLY E 197 -30.33 -25.40 38.11
N PRO E 198 -29.88 -24.20 38.48
CA PRO E 198 -28.92 -23.57 37.60
C PRO E 198 -27.60 -24.32 37.59
N ALA E 199 -27.24 -24.90 38.73
CA ALA E 199 -25.89 -25.48 38.86
C ALA E 199 -25.77 -26.71 38.01
N LEU E 200 -26.82 -27.49 38.01
CA LEU E 200 -26.83 -28.75 37.32
C LEU E 200 -27.14 -28.51 35.83
N ALA E 201 -27.97 -27.51 35.54
CA ALA E 201 -28.27 -27.17 34.17
C ALA E 201 -27.01 -26.76 33.43
N THR E 202 -26.06 -26.18 34.14
CA THR E 202 -24.83 -25.70 33.49
C THR E 202 -23.70 -26.72 33.55
N GLY E 203 -23.95 -27.89 34.09
CA GLY E 203 -22.95 -28.96 34.19
C GLY E 203 -21.98 -28.85 35.36
N ASN E 204 -22.35 -28.14 36.41
CA ASN E 204 -21.54 -28.06 37.63
C ASN E 204 -21.79 -29.30 38.49
N VAL E 205 -20.93 -29.49 39.48
CA VAL E 205 -21.16 -30.46 40.54
C VAL E 205 -21.32 -29.70 41.84
N VAL E 206 -22.07 -30.28 42.78
CA VAL E 206 -22.32 -29.60 44.05
C VAL E 206 -22.03 -30.39 45.34
N VAL E 207 -21.58 -29.60 46.33
CA VAL E 207 -21.54 -30.00 47.72
C VAL E 207 -22.48 -29.04 48.44
N MET E 208 -23.60 -29.57 48.90
CA MET E 208 -24.66 -28.77 49.47
C MET E 208 -24.69 -29.01 50.98
N LYS E 209 -24.77 -27.95 51.75
CA LYS E 209 -24.88 -28.03 53.20
C LYS E 209 -26.27 -27.58 53.56
N VAL E 210 -27.05 -28.43 54.20
CA VAL E 210 -28.42 -28.06 54.58
C VAL E 210 -28.52 -27.62 56.04
N ALA E 211 -29.60 -26.91 56.35
CA ALA E 211 -29.78 -26.33 57.67
C ALA E 211 -30.15 -27.40 58.67
N GLU E 212 -29.56 -27.29 59.86
CA GLU E 212 -29.82 -28.17 60.98
C GLU E 212 -31.29 -28.20 61.43
N GLN E 213 -31.96 -27.06 61.35
CA GLN E 213 -33.36 -27.00 61.73
C GLN E 213 -34.21 -27.84 60.76
N THR E 214 -33.81 -27.95 59.49
CA THR E 214 -34.66 -28.59 58.48
C THR E 214 -33.92 -29.46 57.47
N PRO E 215 -33.28 -30.56 57.92
CA PRO E 215 -32.46 -31.31 56.97
C PRO E 215 -33.19 -32.37 56.16
N LEU E 216 -34.36 -32.77 56.61
CA LEU E 216 -34.95 -34.02 56.16
C LEU E 216 -35.45 -34.03 54.72
N THR E 217 -36.17 -33.01 54.30
CA THR E 217 -36.72 -33.01 52.96
C THR E 217 -35.63 -33.06 51.89
N ALA E 218 -34.56 -32.31 52.13
CA ALA E 218 -33.42 -32.20 51.23
C ALA E 218 -32.70 -33.52 51.11
N LEU E 219 -32.67 -34.25 52.20
CA LEU E 219 -32.05 -35.57 52.22
C LEU E 219 -32.88 -36.55 51.46
N TYR E 220 -34.21 -36.50 51.63
CA TYR E 220 -35.07 -37.35 50.81
C TYR E 220 -34.86 -37.09 49.32
N VAL E 221 -34.78 -35.82 48.95
CA VAL E 221 -34.60 -35.44 47.55
C VAL E 221 -33.30 -35.99 46.96
N ALA E 222 -32.26 -36.11 47.78
CA ALA E 222 -31.02 -36.76 47.37
C ALA E 222 -31.27 -38.20 46.89
N ASN E 223 -32.15 -38.91 47.58
CA ASN E 223 -32.54 -40.25 47.19
C ASN E 223 -33.19 -40.20 45.80
N LEU E 224 -33.97 -39.16 45.53
CA LEU E 224 -34.61 -39.05 44.22
C LEU E 224 -33.59 -38.68 43.13
N ILE E 225 -32.54 -37.95 43.52
CA ILE E 225 -31.47 -37.59 42.60
C ILE E 225 -30.77 -38.85 42.13
N LYS E 226 -30.45 -39.75 43.06
CA LYS E 226 -29.95 -41.07 42.71
C LYS E 226 -30.91 -41.79 41.77
N GLU E 227 -32.17 -41.89 42.16
CA GLU E 227 -33.16 -42.58 41.35
C GLU E 227 -33.31 -41.99 39.94
N ALA E 228 -33.17 -40.67 39.79
CA ALA E 228 -33.27 -40.03 38.49
C ALA E 228 -32.13 -40.40 37.52
N GLY E 229 -30.99 -40.85 38.04
CA GLY E 229 -29.86 -41.23 37.20
C GLY E 229 -28.68 -40.27 37.18
N PHE E 230 -28.65 -39.30 38.08
CA PHE E 230 -27.49 -38.44 38.15
C PHE E 230 -26.27 -39.28 38.50
N PRO E 231 -25.12 -39.06 37.82
CA PRO E 231 -23.92 -39.84 38.17
C PRO E 231 -23.39 -39.53 39.58
N PRO E 232 -22.78 -40.52 40.22
CA PRO E 232 -22.27 -40.34 41.58
C PRO E 232 -21.26 -39.20 41.72
N GLY E 233 -21.43 -38.41 42.77
CA GLY E 233 -20.55 -37.30 43.05
C GLY E 233 -21.10 -35.98 42.51
N VAL E 234 -22.11 -36.06 41.65
CA VAL E 234 -22.60 -34.85 41.00
C VAL E 234 -23.34 -33.99 42.00
N VAL E 235 -24.10 -34.61 42.90
CA VAL E 235 -24.77 -33.93 44.01
C VAL E 235 -24.44 -34.63 45.31
N ASN E 236 -23.81 -33.90 46.23
CA ASN E 236 -23.48 -34.39 47.57
C ASN E 236 -24.08 -33.47 48.65
N ILE E 237 -24.70 -34.09 49.66
CA ILE E 237 -25.37 -33.35 50.73
C ILE E 237 -24.85 -33.71 52.11
N VAL E 238 -24.42 -32.68 52.83
CA VAL E 238 -23.93 -32.81 54.18
C VAL E 238 -24.85 -32.02 55.11
N PRO E 239 -25.67 -32.72 55.91
CA PRO E 239 -26.28 -32.02 57.05
C PRO E 239 -25.22 -31.82 58.12
N GLY E 240 -25.40 -30.81 58.96
CA GLY E 240 -24.39 -30.40 59.93
C GLY E 240 -24.67 -28.97 60.40
N PHE E 241 -23.79 -28.43 61.24
CA PHE E 241 -23.93 -27.08 61.81
C PHE E 241 -23.20 -26.05 60.97
N GLY E 242 -23.42 -24.76 61.26
CA GLY E 242 -22.88 -23.68 60.43
C GLY E 242 -21.38 -23.47 60.59
N PRO E 243 -20.93 -23.24 61.84
CA PRO E 243 -19.51 -22.98 62.11
C PRO E 243 -18.57 -24.16 61.77
N THR E 244 -19.11 -25.37 61.70
CA THR E 244 -18.34 -26.54 61.28
C THR E 244 -18.50 -26.81 59.76
N ALA E 245 -19.65 -27.31 59.33
CA ALA E 245 -19.78 -27.75 57.93
C ALA E 245 -19.82 -26.61 56.91
N GLY E 246 -20.60 -25.57 57.18
CA GLY E 246 -20.65 -24.40 56.29
C GLY E 246 -19.32 -23.69 56.14
N ALA E 247 -18.62 -23.46 57.24
CA ALA E 247 -17.27 -22.83 57.21
C ALA E 247 -16.26 -23.67 56.41
N ALA E 248 -16.31 -24.99 56.56
CA ALA E 248 -15.42 -25.85 55.80
C ALA E 248 -15.71 -25.71 54.30
N ILE E 249 -16.99 -25.64 53.91
CA ILE E 249 -17.31 -25.38 52.50
C ILE E 249 -16.71 -24.05 52.01
N ALA E 250 -16.96 -22.96 52.73
CA ALA E 250 -16.45 -21.65 52.29
C ALA E 250 -14.93 -21.53 52.31
N SER E 251 -14.26 -22.33 53.15
CA SER E 251 -12.79 -22.28 53.24
C SER E 251 -12.03 -23.30 52.39
N HIS E 252 -12.77 -24.21 51.75
CA HIS E 252 -12.11 -25.31 51.03
C HIS E 252 -11.28 -24.83 49.83
N GLU E 253 -10.05 -25.37 49.68
CA GLU E 253 -9.12 -24.94 48.61
C GLU E 253 -9.49 -25.46 47.22
N ASP E 254 -10.45 -26.38 47.16
CA ASP E 254 -10.83 -27.01 45.91
C ASP E 254 -12.32 -26.80 45.61
N VAL E 255 -12.94 -25.89 46.34
CA VAL E 255 -14.25 -25.42 45.98
C VAL E 255 -14.05 -24.19 45.11
N ASP E 256 -14.68 -24.22 43.94
CA ASP E 256 -14.50 -23.19 42.95
C ASP E 256 -15.43 -22.01 43.19
N LYS E 257 -16.56 -22.27 43.85
CA LYS E 257 -17.63 -21.31 43.95
C LYS E 257 -18.47 -21.66 45.16
N VAL E 258 -18.97 -20.62 45.84
CA VAL E 258 -19.84 -20.79 47.01
C VAL E 258 -21.06 -19.88 46.93
N ALA E 259 -22.20 -20.42 47.32
CA ALA E 259 -23.46 -19.71 47.28
C ALA E 259 -24.07 -19.83 48.64
N PHE E 260 -24.38 -18.69 49.25
CA PHE E 260 -24.88 -18.66 50.62
C PHE E 260 -26.14 -17.86 50.69
N THR E 261 -27.12 -18.41 51.40
CA THR E 261 -28.36 -17.71 51.68
C THR E 261 -28.54 -17.81 53.17
N GLY E 262 -28.60 -16.66 53.83
CA GLY E 262 -28.78 -16.61 55.28
C GLY E 262 -28.67 -15.17 55.77
N SER E 263 -28.16 -14.99 56.99
CA SER E 263 -28.05 -13.66 57.59
C SER E 263 -26.88 -12.87 57.02
N THR E 264 -26.98 -11.55 57.14
CA THR E 264 -25.93 -10.63 56.73
C THR E 264 -24.60 -10.82 57.48
N GLU E 265 -24.70 -11.06 58.79
CA GLU E 265 -23.50 -11.22 59.61
C GLU E 265 -22.71 -12.43 59.13
N ILE E 266 -23.43 -13.47 58.70
CA ILE E 266 -22.81 -14.72 58.27
C ILE E 266 -22.23 -14.59 56.87
N GLY E 267 -22.85 -13.75 56.06
CA GLY E 267 -22.32 -13.44 54.75
C GLY E 267 -20.90 -12.91 54.84
N ARG E 268 -20.67 -12.01 55.79
CA ARG E 268 -19.33 -11.46 55.96
C ARG E 268 -18.30 -12.53 56.29
N VAL E 269 -18.70 -13.57 57.01
CA VAL E 269 -17.79 -14.66 57.35
C VAL E 269 -17.47 -15.49 56.11
N ILE E 270 -18.49 -15.71 55.27
CA ILE E 270 -18.34 -16.42 53.98
C ILE E 270 -17.35 -15.68 53.07
N GLN E 271 -17.59 -14.40 52.82
CA GLN E 271 -16.73 -13.64 51.93
C GLN E 271 -15.30 -13.52 52.46
N VAL E 272 -15.12 -13.41 53.77
CA VAL E 272 -13.78 -13.37 54.36
C VAL E 272 -13.07 -14.71 54.12
N ALA E 273 -13.76 -15.82 54.35
CA ALA E 273 -13.17 -17.14 54.12
C ALA E 273 -12.77 -17.34 52.65
N ALA E 274 -13.61 -16.84 51.74
CA ALA E 274 -13.33 -16.99 50.32
C ALA E 274 -11.99 -16.35 49.98
N GLY E 275 -11.77 -15.17 50.53
CA GLY E 275 -10.53 -14.44 50.32
C GLY E 275 -9.32 -15.00 51.06
N SER E 276 -9.54 -15.56 52.24
CA SER E 276 -8.46 -16.21 52.99
C SER E 276 -7.99 -17.51 52.35
N SER E 277 -8.88 -18.18 51.61
CA SER E 277 -8.56 -19.47 51.03
C SER E 277 -8.12 -19.36 49.58
N ASN E 278 -9.01 -19.60 48.62
CA ASN E 278 -8.62 -19.73 47.22
C ASN E 278 -9.33 -18.74 46.26
N LEU E 279 -9.78 -17.59 46.76
CA LEU E 279 -10.48 -16.63 45.89
C LEU E 279 -11.59 -17.27 45.06
N LYS E 280 -12.30 -18.22 45.66
CA LYS E 280 -13.49 -18.78 45.07
C LYS E 280 -14.54 -17.69 44.81
N ARG E 281 -15.38 -17.92 43.80
CA ARG E 281 -16.44 -16.97 43.48
C ARG E 281 -17.59 -17.12 44.48
N VAL E 282 -18.27 -16.02 44.79
CA VAL E 282 -19.17 -15.95 45.93
C VAL E 282 -20.45 -15.26 45.56
N THR E 283 -21.59 -15.83 45.91
CA THR E 283 -22.86 -15.12 45.78
C THR E 283 -23.65 -15.32 47.06
N LEU E 284 -24.38 -14.28 47.43
CA LEU E 284 -24.96 -14.18 48.72
C LEU E 284 -26.37 -13.66 48.59
N GLU E 285 -27.33 -14.36 49.21
CA GLU E 285 -28.69 -13.88 49.43
C GLU E 285 -28.86 -13.64 50.93
N LEU E 286 -28.99 -12.39 51.36
CA LEU E 286 -28.93 -12.10 52.80
C LEU E 286 -30.24 -11.53 53.30
N GLY E 287 -30.19 -10.79 54.39
CA GLY E 287 -31.41 -10.27 54.99
C GLY E 287 -31.98 -9.05 54.28
N GLY E 288 -33.17 -8.64 54.72
CA GLY E 288 -33.75 -7.41 54.28
C GLY E 288 -34.55 -6.71 55.37
N LYS E 289 -34.85 -5.45 55.12
CA LYS E 289 -35.85 -4.72 55.88
C LYS E 289 -36.70 -3.99 54.86
N SER E 290 -37.51 -4.77 54.16
CA SER E 290 -38.13 -4.32 52.90
C SER E 290 -39.30 -3.36 53.11
N PRO E 291 -39.30 -2.21 52.43
CA PRO E 291 -40.38 -1.24 52.59
C PRO E 291 -41.55 -1.53 51.68
N ASN E 292 -42.76 -1.52 52.23
CA ASN E 292 -43.96 -1.67 51.46
C ASN E 292 -44.67 -0.29 51.50
N ILE E 293 -44.66 0.45 50.40
CA ILE E 293 -45.17 1.82 50.36
C ILE E 293 -46.61 1.85 49.84
N ILE E 294 -47.51 2.36 50.68
CA ILE E 294 -48.93 2.47 50.34
C ILE E 294 -49.31 3.95 50.10
N MET E 295 -49.63 4.29 48.85
CA MET E 295 -50.06 5.66 48.53
C MET E 295 -51.57 5.81 48.75
N SER E 296 -52.01 7.07 48.87
CA SER E 296 -53.40 7.38 49.22
C SER E 296 -54.41 6.94 48.16
N ASP E 297 -54.01 7.01 46.89
CA ASP E 297 -54.89 6.53 45.81
C ASP E 297 -54.97 5.00 45.64
N ALA E 298 -54.15 4.23 46.36
CA ALA E 298 -54.22 2.76 46.30
C ALA E 298 -55.62 2.22 46.55
N ASP E 299 -55.89 1.02 46.07
CA ASP E 299 -57.11 0.30 46.45
C ASP E 299 -56.88 -0.21 47.87
N MET E 300 -57.76 0.20 48.79
CA MET E 300 -57.62 -0.07 50.21
C MET E 300 -57.73 -1.54 50.60
N ASP E 301 -58.75 -2.24 50.12
CA ASP E 301 -58.94 -3.63 50.49
C ASP E 301 -57.74 -4.44 50.03
N TRP E 302 -57.41 -4.26 48.76
CA TRP E 302 -56.30 -4.97 48.17
C TRP E 302 -55.00 -4.66 48.90
N ALA E 303 -54.73 -3.38 49.18
CA ALA E 303 -53.47 -2.99 49.83
C ALA E 303 -53.32 -3.59 51.23
N VAL E 304 -54.45 -3.76 51.89
CA VAL E 304 -54.53 -4.25 53.25
C VAL E 304 -54.18 -5.72 53.24
N GLU E 305 -54.89 -6.46 52.41
CA GLU E 305 -54.67 -7.88 52.32
C GLU E 305 -53.23 -8.18 51.90
N GLN E 306 -52.70 -7.43 50.95
CA GLN E 306 -51.38 -7.73 50.43
C GLN E 306 -50.30 -7.33 51.42
N ALA E 307 -50.51 -6.21 52.12
CA ALA E 307 -49.57 -5.77 53.13
C ALA E 307 -49.52 -6.76 54.27
N HIS E 308 -50.66 -7.39 54.53
CA HIS E 308 -50.75 -8.43 55.51
C HIS E 308 -49.89 -9.64 55.09
N PHE E 309 -50.19 -10.17 53.91
CA PHE E 309 -49.46 -11.27 53.30
C PHE E 309 -47.98 -10.96 53.18
N ALA E 310 -47.66 -9.73 52.80
CA ALA E 310 -46.27 -9.31 52.63
C ALA E 310 -45.41 -9.46 53.90
N LEU E 311 -46.05 -9.34 55.07
CA LEU E 311 -45.34 -9.49 56.31
C LEU E 311 -45.47 -10.88 56.90
N PHE E 312 -46.69 -11.41 56.96
CA PHE E 312 -46.96 -12.63 57.74
C PHE E 312 -46.74 -13.95 57.00
N PHE E 313 -46.54 -13.93 55.68
CA PHE E 313 -46.34 -15.20 54.97
C PHE E 313 -45.18 -15.95 55.60
N ASN E 314 -45.36 -17.27 55.75
CA ASN E 314 -44.34 -18.16 56.30
C ASN E 314 -43.88 -17.76 57.70
N GLN E 315 -44.86 -17.46 58.56
CA GLN E 315 -44.60 -17.04 59.94
C GLN E 315 -43.63 -15.84 60.03
N GLY E 316 -43.65 -14.98 59.02
CA GLY E 316 -42.73 -13.84 58.94
C GLY E 316 -41.28 -14.20 58.66
N GLN E 317 -41.02 -15.44 58.26
CA GLN E 317 -39.66 -15.93 58.07
C GLN E 317 -39.21 -15.84 56.60
N CYS E 318 -39.35 -14.64 56.04
CA CYS E 318 -38.89 -14.35 54.71
C CYS E 318 -37.87 -13.24 54.76
N CYS E 319 -36.80 -13.41 54.01
CA CYS E 319 -35.74 -12.42 53.88
C CYS E 319 -36.31 -11.10 53.28
N CYS E 320 -37.37 -11.22 52.50
CA CYS E 320 -37.92 -10.11 51.75
C CYS E 320 -39.29 -9.62 52.29
N ALA E 321 -39.59 -9.92 53.56
CA ALA E 321 -40.88 -9.57 54.18
C ALA E 321 -41.08 -8.07 54.21
N GLY E 322 -42.32 -7.64 53.99
CA GLY E 322 -42.68 -6.21 54.00
C GLY E 322 -42.79 -5.74 55.44
N SER E 323 -41.64 -5.46 56.02
CA SER E 323 -41.49 -5.24 57.44
C SER E 323 -41.34 -3.76 57.81
N ARG E 324 -41.33 -2.85 56.84
CA ARG E 324 -41.62 -1.44 57.10
C ARG E 324 -42.72 -1.02 56.16
N THR E 325 -43.96 -1.12 56.62
CA THR E 325 -45.12 -0.69 55.86
C THR E 325 -45.36 0.83 56.00
N PHE E 326 -44.85 1.61 55.03
CA PHE E 326 -45.07 3.06 54.99
C PHE E 326 -46.43 3.35 54.40
N VAL E 327 -47.18 4.20 55.09
CA VAL E 327 -48.54 4.53 54.66
C VAL E 327 -48.71 6.03 54.66
N GLN E 328 -49.36 6.54 53.61
CA GLN E 328 -49.55 7.96 53.46
C GLN E 328 -50.56 8.44 54.51
N GLU E 329 -50.25 9.56 55.15
CA GLU E 329 -51.07 10.15 56.23
C GLU E 329 -52.58 10.20 56.01
N ASP E 330 -53.04 10.54 54.81
CA ASP E 330 -54.50 10.61 54.55
C ASP E 330 -55.25 9.30 54.74
N ILE E 331 -54.58 8.17 54.62
CA ILE E 331 -55.28 6.88 54.75
C ILE E 331 -54.81 6.07 55.93
N TYR E 332 -53.89 6.64 56.72
CA TYR E 332 -53.13 5.95 57.77
C TYR E 332 -54.00 5.33 58.84
N ASP E 333 -54.91 6.13 59.40
CA ASP E 333 -55.83 5.64 60.43
C ASP E 333 -56.61 4.44 59.92
N GLU E 334 -57.29 4.60 58.79
CA GLU E 334 -58.14 3.53 58.22
C GLU E 334 -57.35 2.28 57.85
N PHE E 335 -56.14 2.48 57.31
CA PHE E 335 -55.27 1.38 56.98
C PHE E 335 -54.88 0.58 58.26
N VAL E 336 -54.43 1.31 59.29
CA VAL E 336 -54.04 0.71 60.56
C VAL E 336 -55.22 -0.08 61.11
N GLU E 337 -56.38 0.58 61.15
CA GLU E 337 -57.62 -0.04 61.63
C GLU E 337 -57.87 -1.39 60.97
N ARG E 338 -57.89 -1.43 59.64
CA ARG E 338 -58.14 -2.69 58.90
C ARG E 338 -57.00 -3.71 59.01
N SER E 339 -55.76 -3.22 59.05
CA SER E 339 -54.58 -4.06 59.21
C SER E 339 -54.57 -4.76 60.56
N VAL E 340 -54.92 -4.03 61.61
CA VAL E 340 -55.09 -4.61 62.95
C VAL E 340 -56.19 -5.67 62.96
N ALA E 341 -57.37 -5.33 62.46
CA ALA E 341 -58.49 -6.26 62.46
C ALA E 341 -58.16 -7.54 61.70
N ARG E 342 -57.36 -7.41 60.64
CA ARG E 342 -56.95 -8.58 59.84
C ARG E 342 -55.89 -9.42 60.55
N ALA E 343 -54.97 -8.75 61.24
CA ALA E 343 -53.96 -9.47 62.00
C ALA E 343 -54.64 -10.22 63.15
N LYS E 344 -55.66 -9.60 63.74
CA LYS E 344 -56.48 -10.29 64.77
C LYS E 344 -57.23 -11.52 64.32
N SER E 345 -57.50 -11.67 63.02
CA SER E 345 -58.30 -12.81 62.54
C SER E 345 -57.45 -13.96 62.01
N ARG E 346 -56.14 -13.79 62.08
CA ARG E 346 -55.23 -14.74 61.47
C ARG E 346 -55.13 -15.99 62.34
N VAL E 347 -55.51 -17.12 61.77
CA VAL E 347 -55.56 -18.37 62.53
C VAL E 347 -54.17 -18.99 62.72
N VAL E 348 -53.66 -18.87 63.95
CA VAL E 348 -52.46 -19.55 64.41
C VAL E 348 -52.89 -20.93 64.90
N GLY E 349 -52.15 -21.99 64.54
CA GLY E 349 -52.47 -23.34 65.03
C GLY E 349 -51.66 -24.47 64.42
N ASN E 350 -52.16 -25.69 64.60
CA ASN E 350 -51.58 -26.90 64.06
C ASN E 350 -51.43 -26.70 62.56
N PRO E 351 -50.20 -26.79 62.05
CA PRO E 351 -50.03 -26.62 60.60
C PRO E 351 -50.73 -27.69 59.73
N PHE E 352 -51.06 -28.84 60.29
CA PHE E 352 -51.80 -29.84 59.51
C PHE E 352 -53.31 -29.59 59.51
N ASP E 353 -53.77 -28.57 60.21
CA ASP E 353 -55.18 -28.21 60.13
C ASP E 353 -55.36 -27.26 58.95
N SER E 354 -56.28 -27.57 58.05
CA SER E 354 -56.44 -26.77 56.84
C SER E 354 -56.93 -25.35 57.12
N LYS E 355 -57.54 -25.12 58.28
CA LYS E 355 -57.86 -23.76 58.69
C LYS E 355 -56.63 -22.93 59.02
N THR E 356 -55.51 -23.56 59.36
CA THR E 356 -54.37 -22.80 59.91
C THR E 356 -53.64 -21.96 58.86
N GLU E 357 -53.51 -20.68 59.14
CA GLU E 357 -52.75 -19.76 58.30
C GLU E 357 -51.33 -19.51 58.84
N GLN E 358 -51.14 -19.63 60.15
CA GLN E 358 -49.83 -19.42 60.76
C GLN E 358 -49.45 -20.62 61.60
N GLY E 359 -48.34 -21.25 61.24
CA GLY E 359 -47.74 -22.30 62.07
C GLY E 359 -46.78 -21.71 63.09
N PRO E 360 -45.89 -22.52 63.64
CA PRO E 360 -44.95 -21.99 64.62
C PRO E 360 -43.68 -21.45 64.00
N GLN E 361 -42.90 -20.72 64.78
CA GLN E 361 -41.55 -20.37 64.37
C GLN E 361 -40.71 -21.65 64.30
N VAL E 362 -39.52 -21.56 63.71
CA VAL E 362 -38.76 -22.73 63.32
C VAL E 362 -38.08 -23.43 64.49
N ASP E 363 -37.68 -22.68 65.51
CA ASP E 363 -37.03 -23.27 66.67
C ASP E 363 -37.03 -22.32 67.85
N GLU E 364 -36.59 -22.83 69.00
CA GLU E 364 -36.57 -22.09 70.25
C GLU E 364 -35.72 -20.81 70.17
N THR E 365 -34.57 -20.87 69.47
CA THR E 365 -33.72 -19.69 69.32
C THR E 365 -34.48 -18.55 68.65
N GLN E 366 -35.14 -18.86 67.54
CA GLN E 366 -35.89 -17.86 66.78
C GLN E 366 -37.08 -17.33 67.58
N PHE E 367 -37.76 -18.26 68.24
CA PHE E 367 -38.85 -17.97 69.17
C PHE E 367 -38.49 -16.87 70.17
N LYS E 368 -37.38 -17.07 70.89
CA LYS E 368 -36.93 -16.12 71.90
C LYS E 368 -36.48 -14.79 71.29
N LYS E 369 -35.84 -14.86 70.13
CA LYS E 369 -35.31 -13.65 69.51
C LYS E 369 -36.47 -12.72 69.11
N ILE E 370 -37.52 -13.30 68.55
CA ILE E 370 -38.65 -12.52 68.11
C ILE E 370 -39.29 -11.80 69.30
N LEU E 371 -39.58 -12.56 70.35
CA LEU E 371 -40.12 -11.99 71.59
C LEU E 371 -39.25 -10.85 72.09
N GLY E 372 -37.93 -11.02 72.04
CA GLY E 372 -37.02 -9.97 72.46
C GLY E 372 -37.17 -8.69 71.67
N TYR E 373 -37.49 -8.84 70.38
CA TYR E 373 -37.74 -7.70 69.49
C TYR E 373 -39.08 -7.05 69.80
N ILE E 374 -40.11 -7.86 70.02
CA ILE E 374 -41.39 -7.30 70.40
C ILE E 374 -41.20 -6.40 71.63
N ASN E 375 -40.65 -6.95 72.70
CA ASN E 375 -40.39 -6.19 73.93
C ASN E 375 -39.64 -4.89 73.72
N THR E 376 -38.64 -4.92 72.84
CA THR E 376 -37.88 -3.73 72.48
C THR E 376 -38.78 -2.67 71.86
N GLY E 377 -39.75 -3.09 71.05
CA GLY E 377 -40.70 -2.18 70.42
C GLY E 377 -41.55 -1.41 71.41
N LYS E 378 -42.10 -2.10 72.40
CA LYS E 378 -42.84 -1.42 73.47
C LYS E 378 -41.92 -0.40 74.12
N GLN E 379 -40.79 -0.88 74.65
CA GLN E 379 -39.86 -0.06 75.45
C GLN E 379 -39.38 1.22 74.73
N GLU E 380 -39.31 1.20 73.40
CA GLU E 380 -38.88 2.38 72.64
C GLU E 380 -40.04 3.31 72.26
N GLY E 381 -41.26 2.91 72.61
CA GLY E 381 -42.40 3.79 72.51
C GLY E 381 -43.21 3.60 71.25
N ALA E 382 -42.93 2.55 70.50
CA ALA E 382 -43.82 2.15 69.42
C ALA E 382 -45.13 1.73 70.07
N LYS E 383 -46.22 1.92 69.36
CA LYS E 383 -47.57 1.63 69.87
C LYS E 383 -47.97 0.20 69.53
N LEU E 384 -48.03 -0.66 70.53
CA LEU E 384 -48.46 -2.03 70.28
C LEU E 384 -49.97 -2.10 70.11
N LEU E 385 -50.41 -2.44 68.90
CA LEU E 385 -51.84 -2.42 68.52
C LEU E 385 -52.52 -3.77 68.56
N CYS E 386 -51.76 -4.85 68.45
CA CYS E 386 -52.28 -6.18 68.80
C CYS E 386 -51.17 -7.19 68.99
N GLY E 387 -51.56 -8.38 69.46
CA GLY E 387 -50.61 -9.42 69.85
C GLY E 387 -49.55 -8.94 70.84
N GLY E 388 -48.31 -9.34 70.59
CA GLY E 388 -47.18 -8.95 71.43
C GLY E 388 -46.58 -10.08 72.26
N GLY E 389 -47.19 -11.26 72.24
CA GLY E 389 -46.79 -12.35 73.13
C GLY E 389 -46.79 -13.74 72.53
N ILE E 390 -46.72 -14.74 73.41
CA ILE E 390 -46.78 -16.15 73.01
C ILE E 390 -48.24 -16.49 72.76
N ALA E 391 -48.49 -17.31 71.77
CA ALA E 391 -49.83 -17.52 71.23
C ALA E 391 -50.41 -18.88 71.55
N ALA E 392 -49.61 -19.76 72.14
CA ALA E 392 -50.08 -21.06 72.62
C ALA E 392 -49.08 -21.64 73.63
N ASP E 393 -49.48 -22.71 74.31
CA ASP E 393 -48.64 -23.35 75.33
C ASP E 393 -47.58 -24.25 74.71
N ARG E 394 -47.97 -25.00 73.66
CA ARG E 394 -47.16 -26.05 73.07
C ARG E 394 -46.62 -25.60 71.71
N GLY E 395 -45.32 -25.78 71.47
CA GLY E 395 -44.68 -25.37 70.21
C GLY E 395 -44.42 -23.87 70.13
N TYR E 396 -43.64 -23.45 69.14
CA TYR E 396 -43.11 -22.10 69.12
C TYR E 396 -44.04 -21.10 68.43
N PHE E 397 -45.27 -21.00 68.91
CA PHE E 397 -46.27 -20.15 68.26
C PHE E 397 -46.23 -18.75 68.83
N ILE E 398 -46.17 -17.75 67.96
CA ILE E 398 -46.16 -16.35 68.37
C ILE E 398 -47.39 -15.64 67.80
N GLN E 399 -47.94 -14.70 68.55
CA GLN E 399 -49.15 -14.10 68.04
C GLN E 399 -48.82 -12.98 67.06
N PRO E 400 -49.60 -12.90 65.98
CA PRO E 400 -49.49 -11.84 65.01
C PRO E 400 -49.45 -10.47 65.71
N THR E 401 -48.39 -9.72 65.46
CA THR E 401 -48.13 -8.51 66.20
C THR E 401 -48.01 -7.31 65.25
N VAL E 402 -48.65 -6.19 65.62
CA VAL E 402 -48.65 -4.98 64.82
C VAL E 402 -48.26 -3.76 65.66
N PHE E 403 -47.20 -3.06 65.28
CA PHE E 403 -46.75 -1.85 65.94
C PHE E 403 -47.04 -0.65 65.05
N GLY E 404 -47.64 0.38 65.66
CA GLY E 404 -48.06 1.60 64.99
C GLY E 404 -47.22 2.79 65.38
N ASP E 405 -47.31 3.85 64.62
CA ASP E 405 -46.53 5.06 64.89
C ASP E 405 -45.05 4.76 65.11
N VAL E 406 -44.53 3.86 64.28
CA VAL E 406 -43.14 3.48 64.33
C VAL E 406 -42.28 4.54 63.64
N GLN E 407 -41.08 4.76 64.17
CA GLN E 407 -40.17 5.78 63.65
C GLN E 407 -38.90 5.15 63.09
N ASP E 408 -38.27 5.85 62.15
CA ASP E 408 -37.09 5.35 61.45
C ASP E 408 -35.88 5.03 62.34
N GLY E 409 -35.76 5.70 63.48
CA GLY E 409 -34.63 5.48 64.40
C GLY E 409 -34.78 4.31 65.36
N MET E 410 -35.99 3.72 65.43
CA MET E 410 -36.27 2.59 66.31
C MET E 410 -35.65 1.27 65.84
N THR E 411 -35.38 0.41 66.79
CA THR E 411 -34.74 -0.86 66.53
C THR E 411 -35.61 -1.79 65.69
N ILE E 412 -36.92 -1.80 65.90
CA ILE E 412 -37.80 -2.67 65.10
C ILE E 412 -38.10 -2.15 63.70
N ALA E 413 -37.61 -0.95 63.39
CA ALA E 413 -37.66 -0.36 62.06
C ALA E 413 -36.36 -0.57 61.31
N LYS E 414 -35.28 -0.86 62.01
CA LYS E 414 -33.98 -1.02 61.39
C LYS E 414 -33.64 -2.49 61.22
N GLU E 415 -33.73 -3.25 62.32
CA GLU E 415 -33.22 -4.62 62.36
C GLU E 415 -34.23 -5.67 61.92
N GLU E 416 -33.74 -6.65 61.17
CA GLU E 416 -34.56 -7.75 60.67
C GLU E 416 -35.08 -8.63 61.80
N ILE E 417 -36.41 -8.74 61.90
CA ILE E 417 -37.03 -9.47 63.00
C ILE E 417 -37.24 -10.94 62.63
N PHE E 418 -37.76 -11.19 61.45
CA PHE E 418 -37.95 -12.56 60.93
C PHE E 418 -39.07 -13.28 61.68
N GLY E 419 -40.12 -12.53 62.01
CA GLY E 419 -41.29 -13.13 62.64
C GLY E 419 -42.51 -12.31 62.31
N PRO E 420 -43.66 -12.69 62.85
CA PRO E 420 -44.91 -12.02 62.57
C PRO E 420 -45.07 -10.69 63.32
N VAL E 421 -44.21 -9.73 62.98
CA VAL E 421 -44.23 -8.47 63.65
C VAL E 421 -44.28 -7.35 62.61
N MET E 422 -45.42 -6.65 62.54
CA MET E 422 -45.68 -5.63 61.51
C MET E 422 -45.40 -4.22 62.02
N GLN E 423 -44.60 -3.47 61.27
CA GLN E 423 -44.35 -2.08 61.59
C GLN E 423 -45.12 -1.23 60.61
N ILE E 424 -45.87 -0.26 61.12
CA ILE E 424 -46.58 0.67 60.25
C ILE E 424 -46.03 2.05 60.47
N LEU E 425 -45.56 2.70 59.40
CA LEU E 425 -45.00 4.04 59.49
C LEU E 425 -45.84 4.99 58.64
N LYS E 426 -45.82 6.25 59.05
CA LYS E 426 -46.61 7.30 58.43
C LYS E 426 -45.67 8.20 57.62
N PHE E 427 -46.13 8.62 56.45
CA PHE E 427 -45.38 9.60 55.66
C PHE E 427 -46.33 10.55 54.92
N LYS E 428 -45.79 11.68 54.48
CA LYS E 428 -46.57 12.69 53.78
C LYS E 428 -46.30 12.68 52.26
N THR E 429 -45.06 12.97 51.87
CA THR E 429 -44.70 13.10 50.46
C THR E 429 -43.93 11.92 49.90
N ILE E 430 -44.08 11.75 48.59
CA ILE E 430 -43.43 10.70 47.85
C ILE E 430 -41.92 10.93 47.81
N GLU E 431 -41.49 12.18 47.84
CA GLU E 431 -40.06 12.50 47.91
C GLU E 431 -39.52 12.01 49.27
N GLU E 432 -40.27 12.30 50.32
CA GLU E 432 -39.90 11.93 51.69
C GLU E 432 -39.70 10.42 51.80
N VAL E 433 -40.69 9.69 51.29
CA VAL E 433 -40.79 8.27 51.54
C VAL E 433 -39.72 7.49 50.77
N VAL E 434 -39.30 8.00 49.63
CA VAL E 434 -38.24 7.37 48.87
C VAL E 434 -36.96 7.43 49.68
N GLY E 435 -36.70 8.61 50.23
CA GLY E 435 -35.48 8.83 50.97
C GLY E 435 -35.41 7.91 52.16
N ARG E 436 -36.57 7.76 52.80
CA ARG E 436 -36.66 6.93 53.99
C ARG E 436 -36.61 5.45 53.62
N ALA E 437 -37.26 5.07 52.54
CA ALA E 437 -37.22 3.69 52.09
C ALA E 437 -35.80 3.30 51.79
N ASN E 438 -35.04 4.19 51.18
CA ASN E 438 -33.63 3.88 50.87
C ASN E 438 -32.62 4.11 52.00
N ASN E 439 -33.08 4.60 53.14
CA ASN E 439 -32.15 4.92 54.25
C ASN E 439 -31.93 3.66 55.08
N SER E 440 -31.11 2.76 54.56
CA SER E 440 -30.97 1.39 55.09
C SER E 440 -29.79 0.72 54.42
N THR E 441 -29.05 -0.08 55.16
CA THR E 441 -27.98 -0.91 54.58
C THR E 441 -28.55 -2.11 53.83
N TYR E 442 -29.85 -2.38 54.01
CA TYR E 442 -30.56 -3.45 53.29
C TYR E 442 -31.22 -2.96 51.98
N GLY E 443 -31.40 -3.87 51.03
CA GLY E 443 -32.07 -3.54 49.77
C GLY E 443 -32.45 -4.77 48.97
N LEU E 444 -33.31 -5.59 49.54
CA LEU E 444 -33.62 -6.89 48.95
C LEU E 444 -34.84 -6.77 48.07
N ALA E 445 -35.91 -6.25 48.63
CA ALA E 445 -37.14 -6.04 47.90
C ALA E 445 -37.82 -4.76 48.39
N ALA E 446 -38.95 -4.46 47.78
CA ALA E 446 -39.73 -3.30 48.08
C ALA E 446 -41.03 -3.45 47.31
N ALA E 447 -42.01 -2.64 47.67
CA ALA E 447 -43.29 -2.67 46.99
C ALA E 447 -43.96 -1.31 47.01
N VAL E 448 -44.91 -1.14 46.10
CA VAL E 448 -45.64 0.09 45.95
C VAL E 448 -47.06 -0.24 45.55
N PHE E 449 -48.01 0.39 46.25
CA PHE E 449 -49.41 0.23 45.94
C PHE E 449 -49.99 1.59 45.60
N THR E 450 -50.56 1.68 44.40
CA THR E 450 -51.06 2.93 43.82
C THR E 450 -51.79 2.59 42.52
N LYS E 451 -52.74 3.43 42.13
CA LYS E 451 -53.38 3.30 40.83
C LYS E 451 -52.72 4.25 39.85
N ASP E 452 -51.89 5.17 40.34
CA ASP E 452 -51.27 6.16 39.47
C ASP E 452 -50.09 5.59 38.73
N LEU E 453 -50.16 5.72 37.40
CA LEU E 453 -49.09 5.30 36.52
C LEU E 453 -47.80 5.95 36.89
N ASP E 454 -47.81 7.28 37.02
CA ASP E 454 -46.59 8.04 37.15
C ASP E 454 -45.89 7.76 38.49
N LYS E 455 -46.66 7.50 39.53
CA LYS E 455 -46.12 7.23 40.86
C LYS E 455 -45.47 5.87 40.90
N ALA E 456 -46.16 4.84 40.39
CA ALA E 456 -45.56 3.51 40.21
C ALA E 456 -44.22 3.60 39.50
N ASN E 457 -44.16 4.33 38.40
CA ASN E 457 -42.94 4.34 37.60
C ASN E 457 -41.81 5.10 38.26
N TYR E 458 -42.17 6.18 38.93
CA TYR E 458 -41.21 6.97 39.67
C TYR E 458 -40.55 6.15 40.80
N LEU E 459 -41.41 5.48 41.58
CA LEU E 459 -40.95 4.71 42.72
C LEU E 459 -40.21 3.45 42.33
N SER E 460 -40.74 2.69 41.39
CA SER E 460 -40.06 1.49 40.94
C SER E 460 -38.64 1.82 40.47
N GLN E 461 -38.44 3.01 39.91
CA GLN E 461 -37.13 3.44 39.47
C GLN E 461 -36.25 3.92 40.63
N ALA E 462 -36.84 4.61 41.61
CA ALA E 462 -36.08 5.29 42.66
C ALA E 462 -35.69 4.38 43.84
N LEU E 463 -36.48 3.34 44.08
CA LEU E 463 -36.18 2.39 45.17
C LEU E 463 -34.89 1.61 44.94
N GLN E 464 -34.08 1.55 45.98
CA GLN E 464 -32.86 0.79 45.97
C GLN E 464 -33.07 -0.64 46.46
N ALA E 465 -33.68 -1.48 45.61
CA ALA E 465 -33.98 -2.85 45.95
C ALA E 465 -33.97 -3.76 44.73
N GLY E 466 -33.53 -5.01 44.91
CA GLY E 466 -33.34 -5.94 43.81
C GLY E 466 -34.63 -6.33 43.11
N THR E 467 -35.73 -6.35 43.86
CA THR E 467 -37.05 -6.62 43.29
C THR E 467 -38.03 -5.56 43.80
N VAL E 468 -38.71 -4.88 42.87
CA VAL E 468 -39.80 -3.99 43.27
C VAL E 468 -41.12 -4.54 42.77
N TRP E 469 -42.05 -4.84 43.68
CA TRP E 469 -43.38 -5.32 43.30
C TRP E 469 -44.30 -4.13 43.20
N VAL E 470 -45.23 -4.16 42.26
CA VAL E 470 -46.19 -3.08 42.11
C VAL E 470 -47.57 -3.67 42.27
N ASN E 471 -48.34 -3.20 43.25
CA ASN E 471 -49.69 -3.75 43.52
C ASN E 471 -49.72 -5.25 43.74
N CYS E 472 -48.64 -5.79 44.27
CA CYS E 472 -48.57 -7.21 44.63
C CYS E 472 -47.40 -7.37 45.59
N TYR E 473 -47.18 -8.59 46.07
CA TYR E 473 -46.03 -8.87 46.94
C TYR E 473 -45.71 -10.36 46.92
N ASP E 474 -44.44 -10.72 47.10
CA ASP E 474 -44.02 -12.13 47.02
C ASP E 474 -44.57 -12.82 45.77
N VAL E 475 -44.51 -12.13 44.65
CA VAL E 475 -44.75 -12.79 43.37
C VAL E 475 -43.40 -13.24 42.84
N PHE E 476 -43.20 -14.55 42.83
CA PHE E 476 -41.95 -15.15 42.42
C PHE E 476 -42.19 -15.98 41.16
N GLY E 477 -41.23 -15.92 40.25
CA GLY E 477 -41.20 -16.82 39.12
C GLY E 477 -39.80 -17.29 38.81
N ALA E 478 -39.67 -18.58 38.49
CA ALA E 478 -38.37 -19.10 38.07
C ALA E 478 -37.77 -18.27 36.92
N GLN E 479 -38.63 -17.60 36.14
CA GLN E 479 -38.20 -16.76 35.04
C GLN E 479 -37.60 -15.41 35.46
N SER E 480 -37.95 -14.88 36.62
CA SER E 480 -37.48 -13.52 36.98
C SER E 480 -36.43 -13.55 38.07
N PRO E 481 -35.35 -12.78 37.91
CA PRO E 481 -34.29 -12.87 38.89
C PRO E 481 -34.67 -12.25 40.21
N PHE E 482 -33.85 -12.57 41.22
CA PHE E 482 -34.09 -12.16 42.57
C PHE E 482 -32.78 -12.08 43.31
N GLY E 483 -32.60 -11.02 44.08
CA GLY E 483 -31.41 -10.85 44.90
C GLY E 483 -31.29 -9.43 45.37
N GLY E 484 -30.18 -9.10 46.01
CA GLY E 484 -30.10 -7.87 46.78
C GLY E 484 -29.22 -6.77 46.24
N TYR E 485 -29.60 -5.53 46.58
CA TYR E 485 -28.70 -4.38 46.57
C TYR E 485 -27.99 -4.28 47.92
N LYS E 486 -26.88 -3.54 47.92
CA LYS E 486 -26.18 -3.24 49.16
C LYS E 486 -25.86 -4.50 49.96
N MET E 487 -26.24 -4.54 51.23
CA MET E 487 -25.88 -5.66 52.10
C MET E 487 -26.97 -6.69 52.21
N SER E 488 -27.95 -6.65 51.31
CA SER E 488 -28.88 -7.77 51.17
C SER E 488 -28.35 -8.84 50.22
N GLY E 489 -27.22 -8.59 49.58
CA GLY E 489 -26.54 -9.65 48.85
C GLY E 489 -25.71 -9.19 47.68
N SER E 490 -25.20 -10.16 46.93
CA SER E 490 -24.65 -9.91 45.60
C SER E 490 -24.91 -11.11 44.71
N GLY E 491 -25.20 -10.84 43.46
CA GLY E 491 -25.59 -11.87 42.54
C GLY E 491 -27.09 -11.99 42.51
N ARG E 492 -27.57 -12.78 41.55
CA ARG E 492 -28.98 -13.03 41.42
C ARG E 492 -29.25 -14.49 41.27
N GLU E 493 -30.42 -14.88 41.73
CA GLU E 493 -30.92 -16.21 41.53
C GLU E 493 -32.15 -16.13 40.64
N LEU E 494 -32.49 -17.24 40.02
CA LEU E 494 -33.61 -17.33 39.09
C LEU E 494 -33.34 -16.63 37.75
N GLY E 495 -34.19 -16.95 36.78
CA GLY E 495 -34.01 -16.45 35.44
C GLY E 495 -32.73 -16.91 34.78
N GLU E 496 -32.43 -16.27 33.67
CA GLU E 496 -31.17 -16.47 32.97
C GLU E 496 -30.01 -16.00 33.83
N TYR E 497 -30.25 -14.96 34.62
CA TYR E 497 -29.27 -14.35 35.49
C TYR E 497 -28.69 -15.36 36.47
N GLY E 498 -29.55 -16.25 36.98
CA GLY E 498 -29.12 -17.33 37.82
C GLY E 498 -28.02 -18.24 37.27
N LEU E 499 -27.82 -18.22 35.96
CA LEU E 499 -26.82 -19.08 35.34
C LEU E 499 -25.45 -18.46 35.38
N GLN E 500 -25.41 -17.13 35.37
CA GLN E 500 -24.18 -16.38 35.24
C GLN E 500 -23.11 -16.78 36.24
N ALA E 501 -23.51 -16.90 37.51
CA ALA E 501 -22.58 -17.22 38.58
C ALA E 501 -22.08 -18.66 38.50
N TYR E 502 -22.78 -19.51 37.76
CA TYR E 502 -22.40 -20.92 37.60
C TYR E 502 -21.65 -21.19 36.30
N THR E 503 -21.25 -20.11 35.64
CA THR E 503 -20.61 -20.20 34.34
C THR E 503 -19.23 -19.59 34.38
N GLU E 504 -18.26 -20.27 33.76
CA GLU E 504 -16.91 -19.72 33.64
C GLU E 504 -16.63 -19.53 32.15
N VAL E 505 -16.21 -18.32 31.80
CA VAL E 505 -16.04 -17.92 30.42
C VAL E 505 -14.62 -18.13 29.91
N LYS E 506 -14.49 -18.87 28.83
CA LYS E 506 -13.22 -19.06 28.15
C LYS E 506 -13.31 -18.46 26.76
N THR E 507 -12.35 -17.60 26.44
CA THR E 507 -12.20 -17.06 25.10
C THR E 507 -11.18 -17.87 24.35
N VAL E 508 -11.50 -18.24 23.11
CA VAL E 508 -10.59 -18.94 22.21
C VAL E 508 -10.43 -18.02 21.01
N THR E 509 -9.18 -17.68 20.69
CA THR E 509 -8.89 -16.79 19.59
C THR E 509 -7.88 -17.43 18.67
N VAL E 510 -8.32 -17.71 17.46
CA VAL E 510 -7.59 -18.49 16.47
C VAL E 510 -7.13 -17.56 15.33
N LYS E 511 -5.85 -17.70 14.94
CA LYS E 511 -5.32 -17.10 13.71
C LYS E 511 -5.96 -17.74 12.46
N VAL E 512 -6.43 -16.92 11.53
CA VAL E 512 -7.00 -17.45 10.30
C VAL E 512 -6.28 -16.80 9.13
N PRO E 513 -6.29 -17.45 7.96
CA PRO E 513 -5.54 -16.91 6.83
C PRO E 513 -6.00 -15.50 6.38
N GLN E 514 -7.30 -15.26 6.35
CA GLN E 514 -7.84 -13.93 6.05
C GLN E 514 -9.26 -13.74 6.56
N LYS E 515 -9.44 -12.78 7.45
CA LYS E 515 -10.75 -12.53 8.02
C LYS E 515 -11.57 -11.77 7.02
N ASN E 516 -12.79 -12.24 6.79
CA ASN E 516 -13.82 -11.53 6.06
C ASN E 516 -15.11 -11.53 6.87
N SER E 517 -15.84 -10.42 6.82
CA SER E 517 -17.13 -10.31 7.47
C SER E 517 -18.06 -11.45 6.99
N ALA F 24 4.77 4.61 10.50
CA ALA F 24 4.58 6.08 10.30
C ALA F 24 4.46 6.81 11.65
N VAL F 25 5.51 6.74 12.47
CA VAL F 25 5.51 7.21 13.86
C VAL F 25 6.14 8.62 13.99
N PRO F 26 5.42 9.60 14.59
CA PRO F 26 6.00 10.94 14.73
C PRO F 26 7.08 10.98 15.79
N ALA F 27 8.09 11.78 15.56
CA ALA F 27 9.25 11.84 16.44
C ALA F 27 8.80 12.28 17.84
N PRO F 28 9.31 11.61 18.88
CA PRO F 28 8.93 11.88 20.25
C PRO F 28 9.72 13.02 20.90
N ASN F 29 9.03 13.82 21.70
CA ASN F 29 9.72 14.67 22.67
C ASN F 29 10.29 13.76 23.74
N GLN F 30 11.61 13.70 23.85
CA GLN F 30 12.23 12.80 24.83
C GLN F 30 12.20 13.32 26.26
N GLN F 31 11.92 14.61 26.46
CA GLN F 31 11.76 15.16 27.80
C GLN F 31 10.42 15.86 27.93
N PRO F 32 9.32 15.09 27.87
CA PRO F 32 8.01 15.71 27.95
C PRO F 32 7.77 16.30 29.31
N GLU F 33 7.10 17.45 29.30
CA GLU F 33 6.74 18.18 30.50
C GLU F 33 5.54 17.52 31.17
N VAL F 34 5.57 17.52 32.49
CA VAL F 34 4.48 17.02 33.28
C VAL F 34 3.61 18.20 33.73
N PHE F 35 2.30 18.07 33.52
CA PHE F 35 1.30 19.09 33.88
C PHE F 35 0.46 18.71 35.07
N CYS F 36 0.25 17.41 35.26
CA CYS F 36 -0.67 16.94 36.27
C CYS F 36 0.07 16.00 37.19
N ASN F 37 0.04 16.30 38.49
CA ASN F 37 0.75 15.50 39.46
C ASN F 37 0.09 15.49 40.83
N GLN F 38 -1.21 15.73 40.85
CA GLN F 38 -1.94 15.87 42.09
C GLN F 38 -3.15 14.93 42.11
N ILE F 39 -3.96 15.04 43.15
CA ILE F 39 -5.17 14.26 43.32
C ILE F 39 -6.36 14.89 42.58
N PHE F 40 -7.14 14.05 41.89
CA PHE F 40 -8.20 14.52 41.01
C PHE F 40 -9.55 14.10 41.58
N ILE F 41 -10.32 15.07 42.06
CA ILE F 41 -11.64 14.84 42.66
C ILE F 41 -12.54 16.04 42.25
N ASN F 42 -13.76 15.76 41.80
CA ASN F 42 -14.68 16.80 41.32
C ASN F 42 -14.08 17.71 40.24
N ASN F 43 -13.42 17.09 39.26
CA ASN F 43 -12.74 17.80 38.17
C ASN F 43 -11.75 18.88 38.61
N GLU F 44 -11.23 18.74 39.83
CA GLU F 44 -10.30 19.70 40.40
C GLU F 44 -9.07 18.97 40.91
N TRP F 45 -7.91 19.60 40.75
CA TRP F 45 -6.67 19.10 41.31
C TRP F 45 -6.51 19.55 42.76
N HIS F 46 -6.23 18.58 43.63
CA HIS F 46 -5.93 18.82 45.04
C HIS F 46 -4.58 18.22 45.42
N ASP F 47 -3.93 18.89 46.37
CA ASP F 47 -2.88 18.28 47.19
C ASP F 47 -3.47 17.29 48.20
N ALA F 48 -2.59 16.43 48.72
CA ALA F 48 -2.96 15.54 49.78
C ALA F 48 -3.24 16.39 51.03
N VAL F 49 -4.28 16.04 51.77
CA VAL F 49 -4.50 16.61 53.10
C VAL F 49 -3.18 16.69 53.91
N SER F 50 -2.37 15.65 53.84
CA SER F 50 -1.10 15.62 54.55
C SER F 50 -0.03 16.55 53.95
N ARG F 51 -0.23 17.01 52.72
CA ARG F 51 0.75 17.77 51.96
C ARG F 51 1.98 16.93 51.56
N LYS F 52 1.92 15.61 51.76
CA LYS F 52 3.04 14.74 51.36
C LYS F 52 3.07 14.42 49.86
N THR F 53 4.27 14.20 49.34
CA THR F 53 4.48 13.77 47.97
C THR F 53 5.48 12.64 47.89
N PHE F 54 5.41 11.86 46.81
CA PHE F 54 6.37 10.81 46.52
C PHE F 54 6.96 11.03 45.13
N PRO F 55 8.21 10.62 44.93
CA PRO F 55 8.81 10.73 43.60
C PRO F 55 8.33 9.65 42.64
N THR F 56 8.16 9.98 41.36
CA THR F 56 8.08 8.92 40.35
C THR F 56 9.35 8.99 39.53
N VAL F 57 9.88 7.82 39.20
CA VAL F 57 11.20 7.68 38.59
C VAL F 57 11.16 7.25 37.11
N ASN F 58 12.13 7.74 36.37
CA ASN F 58 12.34 7.31 35.00
C ASN F 58 13.25 6.07 35.02
N PRO F 59 12.67 4.89 34.71
CA PRO F 59 13.41 3.65 34.85
C PRO F 59 14.58 3.48 33.88
N SER F 60 14.61 4.27 32.81
CA SER F 60 15.72 4.23 31.89
C SER F 60 16.96 4.93 32.46
N THR F 61 16.77 5.90 33.36
CA THR F 61 17.88 6.69 33.89
C THR F 61 18.11 6.48 35.38
N GLY F 62 17.06 6.05 36.09
CA GLY F 62 17.11 5.93 37.52
C GLY F 62 16.90 7.26 38.21
N GLU F 63 16.61 8.32 37.44
CA GLU F 63 16.40 9.65 38.02
C GLU F 63 14.91 9.98 38.23
N VAL F 64 14.65 10.84 39.21
CA VAL F 64 13.30 11.33 39.52
C VAL F 64 12.78 12.23 38.42
N ILE F 65 11.58 11.89 37.94
CA ILE F 65 10.90 12.69 36.94
C ILE F 65 10.31 13.92 37.58
N CYS F 66 9.49 13.71 38.61
CA CYS F 66 8.86 14.80 39.38
C CYS F 66 8.23 14.23 40.65
N GLN F 67 7.71 15.13 41.51
CA GLN F 67 6.94 14.74 42.72
C GLN F 67 5.45 14.63 42.41
N VAL F 68 4.75 13.79 43.17
CA VAL F 68 3.32 13.56 42.97
C VAL F 68 2.66 13.51 44.33
N ALA F 69 1.43 14.00 44.43
CA ALA F 69 0.68 13.97 45.68
C ALA F 69 0.45 12.55 46.14
N GLU F 70 0.75 12.32 47.42
CA GLU F 70 0.58 11.01 48.05
C GLU F 70 -0.76 10.89 48.78
N GLY F 71 -1.77 10.46 48.05
CA GLY F 71 -3.10 10.30 48.63
C GLY F 71 -3.12 9.20 49.68
N ASP F 72 -4.00 9.34 50.67
CA ASP F 72 -4.15 8.39 51.73
C ASP F 72 -5.63 8.20 52.00
N LYS F 73 -5.95 7.49 53.08
CA LYS F 73 -7.31 7.28 53.56
C LYS F 73 -8.19 8.52 53.52
N GLU F 74 -7.69 9.66 53.99
CA GLU F 74 -8.49 10.89 54.06
C GLU F 74 -8.80 11.42 52.68
N ASP F 75 -7.84 11.27 51.77
CA ASP F 75 -8.05 11.68 50.38
C ASP F 75 -9.06 10.75 49.65
N VAL F 76 -9.00 9.44 49.95
CA VAL F 76 -9.97 8.50 49.39
C VAL F 76 -11.36 8.79 49.92
N ASP F 77 -11.45 9.21 51.17
CA ASP F 77 -12.75 9.57 51.74
C ASP F 77 -13.41 10.71 50.98
N LYS F 78 -12.62 11.68 50.54
CA LYS F 78 -13.15 12.82 49.77
C LYS F 78 -13.58 12.38 48.37
N ALA F 79 -12.78 11.52 47.76
CA ALA F 79 -13.09 10.96 46.44
C ALA F 79 -14.42 10.23 46.45
N VAL F 80 -14.61 9.38 47.46
CA VAL F 80 -15.84 8.62 47.61
C VAL F 80 -17.03 9.51 47.91
N LYS F 81 -16.86 10.56 48.71
CA LYS F 81 -17.98 11.50 48.91
C LYS F 81 -18.38 12.17 47.58
N ALA F 82 -17.38 12.65 46.85
CA ALA F 82 -17.61 13.25 45.54
C ALA F 82 -18.38 12.33 44.57
N ALA F 83 -17.99 11.05 44.54
CA ALA F 83 -18.54 10.08 43.61
C ALA F 83 -19.97 9.74 43.97
N ARG F 84 -20.18 9.59 45.27
CA ARG F 84 -21.50 9.35 45.80
C ARG F 84 -22.41 10.52 45.46
N ALA F 85 -21.94 11.76 45.63
CA ALA F 85 -22.79 12.91 45.29
C ALA F 85 -23.15 12.86 43.80
N ALA F 86 -22.11 12.63 42.97
CA ALA F 86 -22.29 12.60 41.51
C ALA F 86 -23.23 11.46 41.01
N PHE F 87 -23.39 10.42 41.83
CA PHE F 87 -24.18 9.24 41.46
C PHE F 87 -25.58 9.26 42.06
N GLN F 88 -25.90 10.27 42.84
CA GLN F 88 -27.24 10.40 43.42
C GLN F 88 -28.31 10.55 42.34
N LEU F 89 -29.43 9.88 42.59
CA LEU F 89 -30.60 9.97 41.77
C LEU F 89 -30.96 11.44 41.55
N GLY F 90 -31.34 11.79 40.33
CA GLY F 90 -31.60 13.18 39.93
C GLY F 90 -30.37 13.97 39.49
N SER F 91 -29.19 13.39 39.57
CA SER F 91 -27.98 14.15 39.21
C SER F 91 -27.78 14.21 37.68
N PRO F 92 -27.00 15.21 37.23
CA PRO F 92 -26.63 15.27 35.84
C PRO F 92 -26.20 13.90 35.30
N TRP F 93 -25.27 13.24 35.98
CA TRP F 93 -24.77 11.93 35.51
C TRP F 93 -25.85 10.86 35.47
N ARG F 94 -26.77 10.83 36.43
CA ARG F 94 -27.80 9.80 36.44
C ARG F 94 -28.95 10.05 35.47
N ARG F 95 -29.27 11.31 35.23
CA ARG F 95 -30.39 11.72 34.36
C ARG F 95 -29.99 11.75 32.90
N MET F 96 -28.68 11.78 32.67
CA MET F 96 -28.10 11.85 31.35
C MET F 96 -28.53 10.66 30.45
N ASP F 97 -28.78 10.94 29.18
CA ASP F 97 -29.11 9.90 28.24
C ASP F 97 -27.93 8.96 28.11
N ALA F 98 -28.22 7.67 28.10
CA ALA F 98 -27.19 6.67 27.86
C ALA F 98 -26.42 6.99 26.60
N SER F 99 -27.16 7.36 25.54
CA SER F 99 -26.55 7.68 24.26
C SER F 99 -25.51 8.73 24.45
N HIS F 100 -25.80 9.69 25.33
CA HIS F 100 -24.92 10.79 25.60
C HIS F 100 -23.67 10.38 26.40
N ARG F 101 -23.78 9.37 27.26
CA ARG F 101 -22.57 8.75 27.85
C ARG F 101 -21.66 8.21 26.76
N GLY F 102 -22.25 7.68 25.70
CA GLY F 102 -21.48 7.25 24.54
C GLY F 102 -20.73 8.40 23.90
N ARG F 103 -21.38 9.55 23.78
CA ARG F 103 -20.76 10.72 23.16
C ARG F 103 -19.54 11.17 23.95
N LEU F 104 -19.67 11.20 25.27
CA LEU F 104 -18.60 11.66 26.15
C LEU F 104 -17.38 10.79 26.07
N LEU F 105 -17.59 9.49 25.98
CA LEU F 105 -16.47 8.56 25.81
C LEU F 105 -15.80 8.76 24.46
N ASN F 106 -16.60 8.97 23.42
CA ASN F 106 -16.03 9.26 22.12
C ASN F 106 -15.22 10.54 22.10
N ARG F 107 -15.76 11.55 22.79
CA ARG F 107 -15.05 12.81 22.94
C ARG F 107 -13.72 12.57 23.67
N LEU F 108 -13.75 11.82 24.77
CA LEU F 108 -12.50 11.49 25.47
C LEU F 108 -11.52 10.81 24.54
N ALA F 109 -12.00 9.87 23.72
CA ALA F 109 -11.11 9.20 22.76
C ALA F 109 -10.45 10.16 21.78
N ASP F 110 -11.22 11.13 21.29
CA ASP F 110 -10.66 12.17 20.40
C ASP F 110 -9.59 13.02 21.06
N LEU F 111 -9.81 13.40 22.30
CA LEU F 111 -8.80 14.19 23.02
C LEU F 111 -7.50 13.41 23.21
N ILE F 112 -7.66 12.13 23.55
CA ILE F 112 -6.50 11.24 23.67
C ILE F 112 -5.78 11.10 22.33
N GLU F 113 -6.54 10.99 21.25
CA GLU F 113 -5.93 10.86 19.91
C GLU F 113 -5.20 12.15 19.50
N ARG F 114 -5.81 13.30 19.74
CA ARG F 114 -5.13 14.57 19.59
C ARG F 114 -3.79 14.58 20.37
N ASP F 115 -3.81 14.15 21.64
CA ASP F 115 -2.59 14.18 22.47
C ASP F 115 -1.79 12.86 22.43
N ARG F 116 -2.09 12.03 21.44
CA ARG F 116 -1.44 10.72 21.32
C ARG F 116 0.10 10.76 21.38
N THR F 117 0.70 11.71 20.67
CA THR F 117 2.15 11.77 20.57
C THR F 117 2.75 12.06 21.94
N TYR F 118 2.08 12.94 22.69
CA TYR F 118 2.54 13.35 23.99
C TYR F 118 2.39 12.24 25.03
N LEU F 119 1.20 11.68 25.09
CA LEU F 119 0.95 10.57 26.01
C LEU F 119 1.90 9.40 25.75
N ALA F 120 2.08 9.03 24.51
CA ALA F 120 2.93 7.88 24.22
C ALA F 120 4.34 8.10 24.73
N ALA F 121 4.81 9.34 24.75
CA ALA F 121 6.16 9.66 25.20
C ALA F 121 6.22 9.70 26.72
N LEU F 122 5.15 10.19 27.31
CA LEU F 122 5.02 10.27 28.76
C LEU F 122 4.88 8.87 29.34
N GLU F 123 4.17 8.00 28.62
CA GLU F 123 4.10 6.60 29.01
C GLU F 123 5.52 6.01 29.03
N THR F 124 6.28 6.24 27.98
CA THR F 124 7.64 5.70 27.83
C THR F 124 8.59 6.24 28.91
N LEU F 125 8.47 7.53 29.18
CA LEU F 125 9.26 8.19 30.22
C LEU F 125 9.05 7.58 31.61
N ASP F 126 7.78 7.38 31.97
CA ASP F 126 7.41 6.92 33.31
C ASP F 126 7.48 5.40 33.46
N ASN F 127 7.19 4.68 32.40
CA ASN F 127 7.07 3.22 32.49
C ASN F 127 8.26 2.44 31.95
N GLY F 128 8.95 2.97 30.94
CA GLY F 128 10.10 2.30 30.32
C GLY F 128 9.87 1.64 28.97
N LYS F 129 8.63 1.48 28.54
CA LYS F 129 8.38 0.72 27.33
C LYS F 129 8.75 1.52 26.10
N PRO F 130 9.22 0.84 25.03
CA PRO F 130 9.59 1.50 23.79
C PRO F 130 8.52 2.45 23.24
N TYR F 131 8.93 3.66 22.87
CA TYR F 131 7.97 4.69 22.44
C TYR F 131 7.19 4.23 21.23
N VAL F 132 7.86 3.57 20.31
CA VAL F 132 7.21 3.00 19.13
C VAL F 132 6.04 2.08 19.54
N ILE F 133 6.23 1.32 20.63
CA ILE F 133 5.19 0.42 21.13
C ILE F 133 4.10 1.20 21.83
N SER F 134 4.45 2.15 22.68
CA SER F 134 3.46 3.03 23.31
C SER F 134 2.55 3.65 22.29
N TYR F 135 3.16 4.12 21.21
CA TYR F 135 2.43 4.85 20.20
C TYR F 135 1.53 3.93 19.39
N LEU F 136 2.14 2.90 18.82
CA LEU F 136 1.43 2.01 17.89
C LEU F 136 0.54 0.96 18.57
N VAL F 137 0.88 0.55 19.78
CA VAL F 137 0.13 -0.52 20.42
C VAL F 137 -0.73 0.04 21.53
N ASP F 138 -0.10 0.59 22.54
CA ASP F 138 -0.80 0.98 23.75
C ASP F 138 -1.85 2.04 23.48
N LEU F 139 -1.47 3.11 22.80
CA LEU F 139 -2.46 4.16 22.54
C LEU F 139 -3.54 3.77 21.54
N ASP F 140 -3.16 2.95 20.56
CA ASP F 140 -4.13 2.37 19.63
C ASP F 140 -5.21 1.59 20.36
N MET F 141 -4.79 0.80 21.35
CA MET F 141 -5.73 -0.03 22.08
C MET F 141 -6.49 0.81 23.07
N VAL F 142 -5.90 1.88 23.60
CA VAL F 142 -6.65 2.76 24.49
C VAL F 142 -7.86 3.32 23.72
N LEU F 143 -7.57 3.90 22.56
CA LEU F 143 -8.60 4.48 21.68
C LEU F 143 -9.68 3.47 21.30
N LYS F 144 -9.24 2.26 20.90
CA LYS F 144 -10.17 1.18 20.52
C LYS F 144 -11.12 0.75 21.63
N CYS F 145 -10.57 0.68 22.83
CA CYS F 145 -11.31 0.26 23.97
C CYS F 145 -12.36 1.29 24.34
N LEU F 146 -11.97 2.56 24.45
CA LEU F 146 -12.92 3.63 24.75
C LEU F 146 -14.03 3.73 23.71
N ARG F 147 -13.66 3.64 22.44
CA ARG F 147 -14.64 3.70 21.35
C ARG F 147 -15.51 2.47 21.32
N TYR F 148 -14.95 1.33 21.71
CA TYR F 148 -15.72 0.12 21.77
C TYR F 148 -16.81 0.29 22.81
N TYR F 149 -16.41 0.69 24.01
CA TYR F 149 -17.33 0.85 25.10
C TYR F 149 -18.31 2.04 24.94
N ALA F 150 -17.93 3.09 24.21
CA ALA F 150 -18.93 4.12 23.88
C ALA F 150 -20.16 3.54 23.18
N GLY F 151 -19.94 2.56 22.31
CA GLY F 151 -21.02 1.87 21.60
C GLY F 151 -21.98 1.07 22.47
N TRP F 152 -21.51 0.62 23.64
CA TRP F 152 -22.36 -0.18 24.59
C TRP F 152 -23.28 0.66 25.48
N ALA F 153 -22.95 1.95 25.63
CA ALA F 153 -23.65 2.83 26.56
C ALA F 153 -25.16 2.71 26.55
N ASP F 154 -25.75 2.53 25.36
CA ASP F 154 -27.21 2.48 25.21
C ASP F 154 -27.70 1.18 24.57
N LYS F 155 -26.99 0.07 24.77
CA LYS F 155 -27.35 -1.21 24.14
C LYS F 155 -27.33 -2.41 25.09
N TYR F 156 -27.18 -2.17 26.38
CA TYR F 156 -27.11 -3.25 27.35
C TYR F 156 -28.51 -3.46 27.95
N HIS F 157 -29.39 -4.02 27.14
CA HIS F 157 -30.77 -4.18 27.53
C HIS F 157 -31.00 -5.08 28.74
N GLY F 158 -31.97 -4.68 29.55
CA GLY F 158 -32.65 -5.64 30.39
C GLY F 158 -33.67 -6.42 29.59
N LYS F 159 -34.58 -7.08 30.29
CA LYS F 159 -35.46 -8.07 29.68
C LYS F 159 -36.89 -7.86 30.11
N THR F 160 -37.83 -8.32 29.28
CA THR F 160 -39.19 -8.47 29.67
C THR F 160 -39.43 -9.96 29.67
N ILE F 161 -40.12 -10.42 30.69
CA ILE F 161 -40.02 -11.77 31.13
C ILE F 161 -41.41 -12.29 31.24
N PRO F 162 -41.67 -13.46 30.66
CA PRO F 162 -43.01 -14.04 30.60
C PRO F 162 -43.31 -14.91 31.83
N ILE F 163 -43.56 -14.23 32.94
CA ILE F 163 -43.80 -14.86 34.22
C ILE F 163 -45.23 -15.45 34.29
N ASP F 164 -45.46 -16.45 35.14
CA ASP F 164 -46.80 -17.01 35.31
C ASP F 164 -47.77 -16.05 35.97
N GLY F 165 -49.06 -16.32 35.80
CA GLY F 165 -50.10 -15.51 36.39
C GLY F 165 -50.20 -14.13 35.75
N ASP F 166 -51.06 -13.30 36.33
CA ASP F 166 -51.40 -12.02 35.74
C ASP F 166 -50.45 -10.96 36.19
N PHE F 167 -49.24 -11.04 35.65
CA PHE F 167 -48.17 -10.06 35.93
C PHE F 167 -47.37 -9.71 34.68
N PHE F 168 -46.75 -8.54 34.73
CA PHE F 168 -45.80 -8.10 33.75
C PHE F 168 -44.54 -7.96 34.55
N SER F 169 -43.52 -8.73 34.19
CA SER F 169 -42.24 -8.62 34.86
C SER F 169 -41.15 -8.21 33.87
N TYR F 170 -40.28 -7.33 34.32
CA TYR F 170 -39.13 -6.95 33.54
C TYR F 170 -37.96 -6.65 34.45
N THR F 171 -36.80 -6.43 33.84
CA THR F 171 -35.59 -6.11 34.55
C THR F 171 -35.03 -4.83 33.97
N ARG F 172 -34.43 -4.04 34.85
CA ARG F 172 -33.67 -2.86 34.48
C ARG F 172 -32.25 -3.17 34.84
N HIS F 173 -31.33 -2.77 34.00
CA HIS F 173 -29.94 -2.91 34.29
C HIS F 173 -29.49 -1.57 34.81
N GLU F 174 -29.30 -1.45 36.13
CA GLU F 174 -28.88 -0.19 36.74
C GLU F 174 -27.38 -0.21 37.01
N PRO F 175 -26.77 0.98 37.18
CA PRO F 175 -25.34 0.92 37.44
C PRO F 175 -25.13 0.39 38.83
N VAL F 176 -23.92 -0.05 39.15
CA VAL F 176 -23.70 -0.70 40.45
C VAL F 176 -23.45 0.38 41.51
N GLY F 177 -22.79 1.47 41.14
CA GLY F 177 -22.68 2.65 41.99
C GLY F 177 -21.26 3.18 42.04
N VAL F 178 -20.71 3.34 43.24
CA VAL F 178 -19.37 3.85 43.39
C VAL F 178 -18.42 2.68 43.27
N CYS F 179 -17.55 2.73 42.26
CA CYS F 179 -16.67 1.64 41.92
C CYS F 179 -15.23 2.05 42.18
N GLY F 180 -14.57 1.35 43.09
CA GLY F 180 -13.17 1.56 43.35
C GLY F 180 -12.38 0.75 42.34
N GLN F 181 -11.34 1.35 41.79
CA GLN F 181 -10.59 0.69 40.72
C GLN F 181 -9.12 0.88 40.97
N ILE F 182 -8.44 -0.23 41.23
CA ILE F 182 -7.03 -0.20 41.51
C ILE F 182 -6.34 -0.79 40.29
N ILE F 183 -5.48 0.00 39.65
CA ILE F 183 -4.81 -0.47 38.44
C ILE F 183 -3.29 -0.55 38.59
N PRO F 184 -2.66 -1.45 37.83
CA PRO F 184 -1.25 -1.72 37.97
C PRO F 184 -0.40 -0.80 37.08
N TRP F 185 0.91 -0.96 37.22
CA TRP F 185 1.91 -0.19 36.52
C TRP F 185 2.35 -0.76 35.18
N ASN F 186 1.96 -1.98 34.85
CA ASN F 186 2.52 -2.57 33.64
C ASN F 186 1.90 -2.00 32.35
N PHE F 187 0.60 -1.77 32.35
CA PHE F 187 -0.06 -1.13 31.21
C PHE F 187 -0.94 0.03 31.71
N PRO F 188 -0.29 1.12 32.16
CA PRO F 188 -1.01 2.17 32.92
C PRO F 188 -2.20 2.77 32.17
N LEU F 189 -1.99 3.24 30.94
CA LEU F 189 -3.07 3.80 30.13
C LEU F 189 -4.15 2.82 29.71
N LEU F 190 -3.72 1.64 29.28
CA LEU F 190 -4.65 0.69 28.70
C LEU F 190 -5.53 0.14 29.81
N MET F 191 -4.96 -0.09 31.00
CA MET F 191 -5.75 -0.56 32.14
C MET F 191 -6.70 0.53 32.62
N GLN F 192 -6.24 1.77 32.62
CA GLN F 192 -7.15 2.86 32.93
C GLN F 192 -8.37 2.75 32.00
N ALA F 193 -8.11 2.61 30.70
CA ALA F 193 -9.20 2.52 29.74
C ALA F 193 -10.09 1.28 29.97
N TRP F 194 -9.47 0.11 30.14
CA TRP F 194 -10.23 -1.13 30.40
C TRP F 194 -11.22 -0.96 31.55
N LYS F 195 -10.85 -0.16 32.53
CA LYS F 195 -11.68 0.06 33.70
C LYS F 195 -12.73 1.14 33.45
N LEU F 196 -12.32 2.33 32.99
CA LEU F 196 -13.29 3.42 32.78
C LEU F 196 -14.36 3.11 31.73
N GLY F 197 -13.95 2.40 30.67
CA GLY F 197 -14.84 2.07 29.57
C GLY F 197 -16.16 1.49 30.04
N PRO F 198 -16.13 0.28 30.62
CA PRO F 198 -17.38 -0.34 31.00
C PRO F 198 -18.08 0.35 32.14
N ALA F 199 -17.30 0.94 33.01
CA ALA F 199 -17.82 1.56 34.20
C ALA F 199 -18.67 2.77 33.78
N LEU F 200 -18.13 3.59 32.88
CA LEU F 200 -18.82 4.84 32.48
C LEU F 200 -19.92 4.54 31.48
N ALA F 201 -19.70 3.56 30.62
CA ALA F 201 -20.71 3.19 29.64
C ALA F 201 -21.99 2.73 30.34
N THR F 202 -21.85 2.21 31.57
CA THR F 202 -23.01 1.70 32.32
C THR F 202 -23.55 2.76 33.30
N GLY F 203 -22.92 3.94 33.34
CA GLY F 203 -23.39 5.05 34.15
C GLY F 203 -23.02 4.92 35.62
N ASN F 204 -21.88 4.28 35.92
CA ASN F 204 -21.31 4.27 37.27
C ASN F 204 -20.39 5.47 37.45
N VAL F 205 -19.87 5.62 38.66
CA VAL F 205 -18.86 6.60 38.96
C VAL F 205 -17.66 5.89 39.55
N VAL F 206 -16.45 6.41 39.32
CA VAL F 206 -15.27 5.73 39.80
C VAL F 206 -14.35 6.52 40.71
N VAL F 207 -13.74 5.78 41.64
CA VAL F 207 -12.59 6.25 42.41
C VAL F 207 -11.45 5.32 42.09
N MET F 208 -10.47 5.84 41.38
CA MET F 208 -9.44 5.06 40.79
C MET F 208 -8.15 5.34 41.51
N LYS F 209 -7.44 4.27 41.87
CA LYS F 209 -6.13 4.34 42.47
C LYS F 209 -5.10 3.91 41.44
N VAL F 210 -4.13 4.77 41.13
CA VAL F 210 -3.12 4.41 40.15
C VAL F 210 -1.77 4.11 40.80
N ALA F 211 -1.00 3.24 40.14
CA ALA F 211 0.22 2.71 40.73
C ALA F 211 1.29 3.80 40.86
N GLU F 212 2.03 3.72 41.95
CA GLU F 212 3.03 4.72 42.31
C GLU F 212 4.15 4.79 41.27
N GLN F 213 4.41 3.67 40.59
CA GLN F 213 5.48 3.61 39.61
C GLN F 213 5.16 4.38 38.33
N THR F 214 3.87 4.48 37.99
CA THR F 214 3.43 5.04 36.73
C THR F 214 2.17 5.90 36.91
N PRO F 215 2.22 6.95 37.76
CA PRO F 215 1.01 7.71 37.99
C PRO F 215 0.69 8.74 36.91
N LEU F 216 1.68 9.14 36.11
CA LEU F 216 1.59 10.38 35.33
C LEU F 216 0.61 10.37 34.15
N THR F 217 0.63 9.31 33.36
CA THR F 217 -0.27 9.24 32.21
C THR F 217 -1.73 9.23 32.62
N ALA F 218 -2.08 8.47 33.64
CA ALA F 218 -3.48 8.43 34.05
C ALA F 218 -3.98 9.79 34.55
N LEU F 219 -3.08 10.56 35.16
CA LEU F 219 -3.41 11.88 35.68
C LEU F 219 -3.64 12.90 34.58
N TYR F 220 -2.79 12.87 33.54
CA TYR F 220 -3.00 13.74 32.40
C TYR F 220 -4.34 13.43 31.74
N VAL F 221 -4.69 12.15 31.67
CA VAL F 221 -5.94 11.71 31.10
C VAL F 221 -7.12 12.28 31.87
N ALA F 222 -6.99 12.46 33.18
CA ALA F 222 -8.07 13.07 33.97
C ALA F 222 -8.37 14.49 33.51
N ASN F 223 -7.34 15.18 33.02
CA ASN F 223 -7.49 16.49 32.44
C ASN F 223 -8.34 16.50 31.18
N LEU F 224 -8.17 15.46 30.37
CA LEU F 224 -8.98 15.28 29.16
C LEU F 224 -10.39 14.87 29.51
N ILE F 225 -10.56 14.10 30.58
CA ILE F 225 -11.88 13.72 31.09
C ILE F 225 -12.68 14.96 31.47
N LYS F 226 -12.01 15.93 32.08
CA LYS F 226 -12.65 17.19 32.43
C LYS F 226 -13.03 17.90 31.14
N GLU F 227 -12.04 18.05 30.25
CA GLU F 227 -12.20 18.74 28.98
C GLU F 227 -13.33 18.11 28.18
N ALA F 228 -13.44 16.79 28.24
CA ALA F 228 -14.47 16.06 27.52
C ALA F 228 -15.87 16.46 27.95
N GLY F 229 -16.01 16.96 29.18
CA GLY F 229 -17.33 17.38 29.69
C GLY F 229 -18.01 16.35 30.60
N PHE F 230 -17.23 15.46 31.22
CA PHE F 230 -17.81 14.56 32.22
C PHE F 230 -18.14 15.39 33.44
N PRO F 231 -19.32 15.16 34.06
CA PRO F 231 -19.66 15.90 35.24
C PRO F 231 -18.65 15.67 36.36
N PRO F 232 -18.41 16.70 37.18
CA PRO F 232 -17.45 16.54 38.28
C PRO F 232 -17.84 15.38 39.23
N GLY F 233 -16.87 14.60 39.67
CA GLY F 233 -17.11 13.48 40.56
C GLY F 233 -17.46 12.14 39.89
N VAL F 234 -17.64 12.14 38.58
CA VAL F 234 -17.93 10.91 37.89
C VAL F 234 -16.65 10.09 37.91
N VAL F 235 -15.52 10.75 37.63
CA VAL F 235 -14.22 10.06 37.69
C VAL F 235 -13.30 10.77 38.65
N ASN F 236 -12.82 10.05 39.65
CA ASN F 236 -11.87 10.56 40.64
C ASN F 236 -10.62 9.71 40.71
N ILE F 237 -9.45 10.36 40.69
CA ILE F 237 -8.18 9.65 40.64
C ILE F 237 -7.26 10.04 41.81
N VAL F 238 -6.92 9.02 42.62
CA VAL F 238 -6.08 9.18 43.80
C VAL F 238 -4.78 8.41 43.61
N PRO F 239 -3.70 9.13 43.29
CA PRO F 239 -2.41 8.49 43.29
C PRO F 239 -1.93 8.26 44.73
N GLY F 240 -1.16 7.20 44.96
CA GLY F 240 -0.66 6.88 46.29
C GLY F 240 -0.16 5.44 46.40
N PHE F 241 0.13 4.99 47.62
CA PHE F 241 0.59 3.62 47.87
C PHE F 241 -0.59 2.69 48.16
N GLY F 242 -0.40 1.39 47.91
CA GLY F 242 -1.48 0.40 48.00
C GLY F 242 -1.96 0.13 49.41
N PRO F 243 -1.03 -0.17 50.33
CA PRO F 243 -1.37 -0.38 51.73
C PRO F 243 -2.24 0.76 52.31
N THR F 244 -2.02 1.98 51.84
CA THR F 244 -2.76 3.14 52.35
C THR F 244 -3.99 3.39 51.50
N ALA F 245 -3.78 3.89 50.29
CA ALA F 245 -4.89 4.35 49.47
C ALA F 245 -5.69 3.19 48.91
N GLY F 246 -5.00 2.22 48.31
CA GLY F 246 -5.65 1.01 47.83
C GLY F 246 -6.48 0.30 48.89
N ALA F 247 -5.90 0.09 50.06
CA ALA F 247 -6.61 -0.56 51.17
C ALA F 247 -7.81 0.28 51.61
N ALA F 248 -7.66 1.60 51.63
CA ALA F 248 -8.81 2.46 52.03
C ALA F 248 -10.01 2.29 51.08
N ILE F 249 -9.72 2.11 49.80
CA ILE F 249 -10.77 1.86 48.83
C ILE F 249 -11.43 0.51 49.11
N ALA F 250 -10.64 -0.53 49.34
CA ALA F 250 -11.21 -1.89 49.49
C ALA F 250 -12.08 -1.99 50.73
N SER F 251 -11.73 -1.20 51.75
CA SER F 251 -12.40 -1.19 53.05
C SER F 251 -13.62 -0.26 53.20
N HIS F 252 -13.76 0.71 52.30
CA HIS F 252 -14.68 1.81 52.50
C HIS F 252 -16.12 1.31 52.55
N GLU F 253 -16.90 1.87 53.46
CA GLU F 253 -18.29 1.42 53.69
C GLU F 253 -19.27 2.00 52.67
N ASP F 254 -18.80 2.90 51.79
CA ASP F 254 -19.64 3.51 50.77
C ASP F 254 -19.22 3.22 49.30
N VAL F 255 -18.22 2.38 49.12
CA VAL F 255 -17.82 1.88 47.81
C VAL F 255 -18.59 0.59 47.51
N ASP F 256 -19.32 0.58 46.41
CA ASP F 256 -20.22 -0.54 46.09
C ASP F 256 -19.54 -1.70 45.39
N LYS F 257 -18.42 -1.43 44.74
CA LYS F 257 -17.73 -2.45 43.99
C LYS F 257 -16.25 -2.11 43.94
N VAL F 258 -15.39 -3.14 43.91
CA VAL F 258 -13.98 -2.89 43.70
C VAL F 258 -13.45 -3.80 42.62
N ALA F 259 -12.53 -3.26 41.82
CA ALA F 259 -11.88 -4.00 40.75
C ALA F 259 -10.40 -3.83 40.98
N PHE F 260 -9.69 -4.94 41.04
CA PHE F 260 -8.28 -4.92 41.37
C PHE F 260 -7.52 -5.76 40.38
N THR F 261 -6.44 -5.19 39.86
CA THR F 261 -5.49 -5.89 39.02
C THR F 261 -4.09 -5.77 39.64
N GLY F 262 -3.42 -6.89 39.80
CA GLY F 262 -2.18 -6.94 40.53
C GLY F 262 -1.85 -8.38 40.91
N SER F 263 -1.15 -8.53 42.03
CA SER F 263 -0.67 -9.86 42.42
C SER F 263 -1.76 -10.66 43.09
N THR F 264 -1.59 -11.98 42.99
CA THR F 264 -2.48 -12.91 43.65
C THR F 264 -2.50 -12.64 45.15
N GLU F 265 -1.31 -12.52 45.73
CA GLU F 265 -1.16 -12.23 47.15
C GLU F 265 -2.04 -11.06 47.60
N ILE F 266 -2.03 -9.97 46.84
CA ILE F 266 -2.77 -8.76 47.20
C ILE F 266 -4.27 -8.96 46.92
N GLY F 267 -4.59 -9.70 45.87
CA GLY F 267 -5.96 -10.08 45.60
C GLY F 267 -6.65 -10.61 46.84
N ARG F 268 -5.97 -11.51 47.55
CA ARG F 268 -6.52 -12.06 48.80
C ARG F 268 -6.85 -10.94 49.78
N VAL F 269 -5.92 -10.02 49.96
CA VAL F 269 -6.10 -8.92 50.90
C VAL F 269 -7.36 -8.14 50.57
N ILE F 270 -7.63 -7.95 49.28
CA ILE F 270 -8.78 -7.19 48.79
C ILE F 270 -10.09 -7.91 49.08
N GLN F 271 -10.14 -9.21 48.77
CA GLN F 271 -11.38 -9.94 49.01
C GLN F 271 -11.70 -9.98 50.51
N VAL F 272 -10.68 -10.09 51.36
CA VAL F 272 -10.87 -10.06 52.81
C VAL F 272 -11.38 -8.69 53.25
N ALA F 273 -10.75 -7.62 52.76
CA ALA F 273 -11.23 -6.26 53.06
C ALA F 273 -12.69 -6.04 52.65
N ALA F 274 -13.10 -6.61 51.51
CA ALA F 274 -14.49 -6.45 51.04
C ALA F 274 -15.50 -7.18 51.94
N GLY F 275 -15.07 -8.31 52.48
CA GLY F 275 -15.92 -9.10 53.38
C GLY F 275 -16.10 -8.49 54.76
N SER F 276 -15.01 -7.97 55.32
CA SER F 276 -15.01 -7.30 56.62
C SER F 276 -15.79 -5.98 56.61
N SER F 277 -15.86 -5.32 55.45
CA SER F 277 -16.52 -4.03 55.35
C SER F 277 -17.99 -4.19 54.97
N ASN F 278 -18.34 -3.89 53.73
CA ASN F 278 -19.76 -3.76 53.35
C ASN F 278 -20.22 -4.72 52.26
N LEU F 279 -19.52 -5.84 52.11
CA LEU F 279 -19.90 -6.85 51.12
C LEU F 279 -19.98 -6.26 49.70
N LYS F 280 -19.03 -5.36 49.41
CA LYS F 280 -18.91 -4.77 48.09
C LYS F 280 -18.59 -5.87 47.09
N ARG F 281 -19.06 -5.73 45.86
CA ARG F 281 -18.81 -6.73 44.83
C ARG F 281 -17.34 -6.62 44.44
N VAL F 282 -16.73 -7.74 44.03
CA VAL F 282 -15.30 -7.80 43.76
C VAL F 282 -15.01 -8.49 42.42
N THR F 283 -14.12 -7.92 41.61
CA THR F 283 -13.52 -8.65 40.48
C THR F 283 -12.01 -8.50 40.53
N LEU F 284 -11.32 -9.55 40.10
CA LEU F 284 -9.89 -9.65 40.25
C LEU F 284 -9.23 -10.19 38.99
N GLU F 285 -8.14 -9.53 38.58
CA GLU F 285 -7.25 -10.03 37.52
C GLU F 285 -5.89 -10.14 38.19
N LEU F 286 -5.37 -11.35 38.31
CA LEU F 286 -4.16 -11.60 39.11
C LEU F 286 -3.05 -12.20 38.25
N GLY F 287 -2.02 -12.80 38.86
CA GLY F 287 -0.93 -13.34 38.08
C GLY F 287 -1.26 -14.51 37.15
N GLY F 288 -0.27 -14.87 36.34
CA GLY F 288 -0.31 -16.07 35.54
C GLY F 288 1.05 -16.77 35.40
N LYS F 289 1.00 -18.01 34.95
CA LYS F 289 2.19 -18.76 34.58
C LYS F 289 1.76 -19.56 33.38
N SER F 290 1.46 -18.82 32.32
CA SER F 290 0.68 -19.31 31.20
C SER F 290 1.52 -20.22 30.29
N PRO F 291 0.95 -21.37 29.92
CA PRO F 291 1.70 -22.31 29.13
C PRO F 291 1.53 -22.04 27.64
N ASN F 292 2.66 -22.03 26.93
CA ASN F 292 2.65 -21.93 25.49
C ASN F 292 3.07 -23.28 24.93
N ILE F 293 2.10 -24.03 24.42
CA ILE F 293 2.33 -25.40 23.93
C ILE F 293 2.67 -25.44 22.43
N ILE F 294 3.84 -25.95 22.09
CA ILE F 294 4.25 -26.07 20.71
C ILE F 294 4.23 -27.53 20.23
N MET F 295 3.30 -27.87 19.36
CA MET F 295 3.23 -29.24 18.84
C MET F 295 4.27 -29.40 17.73
N SER F 296 4.63 -30.64 17.42
CA SER F 296 5.66 -30.93 16.44
C SER F 296 5.22 -30.62 15.03
N ASP F 297 3.91 -30.55 14.78
CA ASP F 297 3.47 -30.15 13.45
C ASP F 297 3.25 -28.64 13.29
N ALA F 298 3.65 -27.85 14.27
CA ALA F 298 3.51 -26.38 14.15
C ALA F 298 4.41 -25.82 13.08
N ASP F 299 4.09 -24.61 12.65
CA ASP F 299 4.98 -23.82 11.81
C ASP F 299 6.15 -23.33 12.68
N MET F 300 7.35 -23.84 12.42
CA MET F 300 8.48 -23.59 13.30
C MET F 300 8.83 -22.11 13.41
N ASP F 301 8.90 -21.39 12.30
CA ASP F 301 9.30 -19.97 12.33
C ASP F 301 8.29 -19.09 13.01
N TRP F 302 7.03 -19.28 12.66
CA TRP F 302 5.90 -18.59 13.31
C TRP F 302 5.89 -18.88 14.81
N ALA F 303 6.10 -20.14 15.17
CA ALA F 303 6.09 -20.55 16.58
C ALA F 303 7.26 -19.93 17.30
N VAL F 304 8.43 -19.92 16.68
CA VAL F 304 9.60 -19.34 17.31
C VAL F 304 9.37 -17.85 17.55
N GLU F 305 8.79 -17.17 16.58
CA GLU F 305 8.62 -15.72 16.66
C GLU F 305 7.47 -15.37 17.61
N GLN F 306 6.39 -16.15 17.63
CA GLN F 306 5.29 -15.87 18.55
C GLN F 306 5.63 -16.25 19.98
N ALA F 307 6.43 -17.31 20.17
CA ALA F 307 6.87 -17.69 21.53
C ALA F 307 7.77 -16.64 22.13
N HIS F 308 8.58 -16.04 21.27
CA HIS F 308 9.46 -14.95 21.65
C HIS F 308 8.65 -13.73 22.07
N PHE F 309 7.69 -13.35 21.24
CA PHE F 309 6.79 -12.25 21.54
C PHE F 309 6.04 -12.55 22.84
N ALA F 310 5.57 -13.79 22.94
CA ALA F 310 4.70 -14.20 24.04
C ALA F 310 5.36 -13.97 25.38
N LEU F 311 6.68 -14.12 25.43
CA LEU F 311 7.39 -13.95 26.68
C LEU F 311 7.95 -12.55 26.86
N PHE F 312 8.68 -12.06 25.86
CA PHE F 312 9.47 -10.82 26.01
C PHE F 312 8.68 -9.52 25.84
N PHE F 313 7.40 -9.59 25.52
CA PHE F 313 6.65 -8.38 25.23
C PHE F 313 6.51 -7.56 26.50
N ASN F 314 6.73 -6.25 26.38
CA ASN F 314 6.61 -5.33 27.49
C ASN F 314 7.60 -5.65 28.63
N GLN F 315 8.80 -6.04 28.23
CA GLN F 315 9.88 -6.35 29.17
C GLN F 315 9.55 -7.54 30.09
N GLY F 316 8.68 -8.43 29.60
CA GLY F 316 8.25 -9.63 30.34
C GLY F 316 7.19 -9.35 31.36
N GLN F 317 6.75 -8.10 31.39
CA GLN F 317 5.83 -7.66 32.44
C GLN F 317 4.37 -7.76 31.98
N CYS F 318 3.97 -8.97 31.64
CA CYS F 318 2.58 -9.26 31.39
C CYS F 318 2.12 -10.36 32.31
N CYS F 319 0.94 -10.15 32.88
CA CYS F 319 0.20 -11.16 33.64
C CYS F 319 0.06 -12.46 32.84
N CYS F 320 -0.17 -12.33 31.55
CA CYS F 320 -0.41 -13.48 30.69
C CYS F 320 0.79 -13.88 29.85
N ALA F 321 2.02 -13.53 30.29
CA ALA F 321 3.24 -13.90 29.56
C ALA F 321 3.32 -15.41 29.38
N GLY F 322 3.81 -15.84 28.22
CA GLY F 322 3.93 -17.26 27.91
C GLY F 322 5.20 -17.74 28.55
N SER F 323 5.12 -17.93 29.87
CA SER F 323 6.30 -18.15 30.70
C SER F 323 6.65 -19.63 30.85
N ARG F 324 5.81 -20.51 30.33
CA ARG F 324 6.11 -21.94 30.30
C ARG F 324 5.91 -22.42 28.87
N THR F 325 7.02 -22.50 28.16
CA THR F 325 7.04 -22.85 26.76
C THR F 325 7.29 -24.35 26.61
N PHE F 326 6.20 -25.11 26.48
CA PHE F 326 6.24 -26.57 26.28
C PHE F 326 6.46 -26.88 24.81
N VAL F 327 7.53 -27.61 24.50
CA VAL F 327 7.85 -27.94 23.13
C VAL F 327 7.96 -29.47 22.97
N GLN F 328 7.31 -30.02 21.93
CA GLN F 328 7.31 -31.47 21.72
CA GLN F 328 7.29 -31.46 21.73
C GLN F 328 8.72 -31.93 21.41
N GLU F 329 9.08 -33.09 21.94
CA GLU F 329 10.45 -33.56 21.91
C GLU F 329 11.10 -33.66 20.53
N ASP F 330 10.33 -34.03 19.51
CA ASP F 330 10.87 -34.11 18.15
C ASP F 330 11.42 -32.78 17.57
N ILE F 331 10.93 -31.64 18.06
CA ILE F 331 11.38 -30.33 17.59
C ILE F 331 12.10 -29.50 18.66
N TYR F 332 12.32 -30.11 19.81
CA TYR F 332 12.86 -29.38 20.96
C TYR F 332 14.26 -28.76 20.73
N ASP F 333 15.20 -29.49 20.12
CA ASP F 333 16.57 -28.94 19.94
C ASP F 333 16.54 -27.77 18.97
N GLU F 334 15.80 -27.97 17.87
CA GLU F 334 15.67 -26.96 16.83
C GLU F 334 14.97 -25.71 17.38
N PHE F 335 13.90 -25.92 18.12
CA PHE F 335 13.18 -24.80 18.71
C PHE F 335 14.04 -24.02 19.69
N VAL F 336 14.69 -24.74 20.60
CA VAL F 336 15.59 -24.08 21.56
C VAL F 336 16.67 -23.28 20.82
N GLU F 337 17.33 -23.93 19.86
CA GLU F 337 18.36 -23.25 19.06
C GLU F 337 17.87 -21.91 18.49
N ARG F 338 16.73 -21.94 17.80
CA ARG F 338 16.19 -20.74 17.15
C ARG F 338 15.75 -19.67 18.15
N SER F 339 15.17 -20.07 19.26
CA SER F 339 14.74 -19.15 20.30
C SER F 339 15.92 -18.41 20.90
N VAL F 340 17.01 -19.12 21.10
CA VAL F 340 18.22 -18.52 21.66
C VAL F 340 18.75 -17.45 20.71
N ALA F 341 18.81 -17.82 19.43
CA ALA F 341 19.27 -16.92 18.41
C ALA F 341 18.46 -15.62 18.42
N ARG F 342 17.14 -15.78 18.34
CA ARG F 342 16.21 -14.67 18.35
C ARG F 342 16.37 -13.80 19.62
N ALA F 343 16.52 -14.43 20.78
CA ALA F 343 16.75 -13.67 22.02
C ALA F 343 18.06 -12.91 21.96
N LYS F 344 19.11 -13.52 21.44
CA LYS F 344 20.40 -12.82 21.35
C LYS F 344 20.31 -11.58 20.47
N SER F 345 19.44 -11.59 19.47
CA SER F 345 19.32 -10.46 18.53
C SER F 345 18.51 -9.29 19.09
N ARG F 346 17.74 -9.57 20.13
CA ARG F 346 16.79 -8.61 20.71
C ARG F 346 17.55 -7.39 21.20
N VAL F 347 17.19 -6.26 20.64
CA VAL F 347 17.88 -5.02 20.97
C VAL F 347 17.34 -4.42 22.27
N VAL F 348 18.21 -4.30 23.27
CA VAL F 348 17.88 -3.70 24.55
C VAL F 348 18.54 -2.35 24.63
N GLY F 349 17.78 -1.30 24.96
CA GLY F 349 18.35 0.04 25.08
C GLY F 349 17.36 1.13 25.42
N ASN F 350 17.77 2.37 25.11
CA ASN F 350 16.93 3.56 25.30
C ASN F 350 15.58 3.39 24.56
N PRO F 351 14.46 3.48 25.30
CA PRO F 351 13.17 3.19 24.70
C PRO F 351 12.67 4.25 23.70
N PHE F 352 13.32 5.42 23.65
CA PHE F 352 13.01 6.39 22.62
C PHE F 352 13.78 6.17 21.32
N ASP F 353 14.77 5.28 21.32
CA ASP F 353 15.53 5.01 20.10
C ASP F 353 14.73 4.04 19.28
N SER F 354 14.54 4.34 18.01
CA SER F 354 13.63 3.57 17.18
C SER F 354 14.09 2.12 16.89
N LYS F 355 15.35 1.77 17.16
CA LYS F 355 15.80 0.39 16.96
C LYS F 355 15.53 -0.49 18.18
N THR F 356 15.17 0.13 19.31
CA THR F 356 15.04 -0.57 20.58
C THR F 356 13.76 -1.43 20.72
N GLU F 357 13.95 -2.73 20.93
CA GLU F 357 12.87 -3.70 21.14
C GLU F 357 12.45 -3.79 22.61
N GLN F 358 13.41 -3.62 23.50
CA GLN F 358 13.18 -3.80 24.92
C GLN F 358 13.72 -2.65 25.74
N GLY F 359 12.87 -2.04 26.55
CA GLY F 359 13.33 -1.05 27.52
C GLY F 359 13.78 -1.66 28.84
N PRO F 360 13.85 -0.85 29.92
CA PRO F 360 14.17 -1.35 31.24
C PRO F 360 12.91 -1.89 31.93
N GLN F 361 13.09 -2.58 33.06
CA GLN F 361 11.97 -3.00 33.90
C GLN F 361 11.54 -1.74 34.60
N VAL F 362 10.51 -1.84 35.42
CA VAL F 362 9.75 -0.66 35.82
C VAL F 362 10.43 0.08 36.97
N ASP F 363 11.12 -0.66 37.82
CA ASP F 363 11.73 -0.06 39.01
C ASP F 363 12.78 -1.00 39.58
N GLU F 364 13.41 -0.56 40.68
CA GLU F 364 14.52 -1.29 41.29
C GLU F 364 14.06 -2.60 41.94
N THR F 365 12.90 -2.56 42.59
CA THR F 365 12.32 -3.76 43.19
C THR F 365 12.15 -4.87 42.14
N GLN F 366 11.48 -4.58 41.03
CA GLN F 366 11.34 -5.56 39.96
C GLN F 366 12.69 -6.04 39.42
N PHE F 367 13.56 -5.07 39.17
CA PHE F 367 14.90 -5.30 38.70
C PHE F 367 15.58 -6.39 39.52
N LYS F 368 15.67 -6.17 40.83
CA LYS F 368 16.37 -7.09 41.71
C LYS F 368 15.69 -8.46 41.81
N LYS F 369 14.36 -8.42 41.91
CA LYS F 369 13.53 -9.62 42.01
C LYS F 369 13.78 -10.57 40.84
N ILE F 370 13.86 -10.01 39.66
CA ILE F 370 14.10 -10.77 38.43
C ILE F 370 15.51 -11.35 38.45
N LEU F 371 16.50 -10.55 38.83
CA LEU F 371 17.85 -11.09 38.98
C LEU F 371 17.90 -12.22 40.01
N GLY F 372 17.11 -12.10 41.09
CA GLY F 372 16.95 -13.19 42.03
C GLY F 372 16.52 -14.48 41.36
N TYR F 373 15.48 -14.39 40.52
CA TYR F 373 14.90 -15.57 39.87
C TYR F 373 15.88 -16.18 38.89
N ILE F 374 16.65 -15.33 38.21
CA ILE F 374 17.73 -15.83 37.32
C ILE F 374 18.74 -16.66 38.12
N ASN F 375 19.18 -16.13 39.27
CA ASN F 375 20.05 -16.89 40.18
C ASN F 375 19.46 -18.22 40.60
N THR F 376 18.18 -18.20 40.98
CA THR F 376 17.44 -19.40 41.40
C THR F 376 17.40 -20.44 40.26
N GLY F 377 17.14 -20.00 39.05
CA GLY F 377 17.14 -20.90 37.91
C GLY F 377 18.48 -21.61 37.71
N LYS F 378 19.58 -20.85 37.82
CA LYS F 378 20.93 -21.43 37.72
C LYS F 378 21.10 -22.46 38.80
N GLN F 379 20.81 -22.02 40.02
CA GLN F 379 21.08 -22.81 41.20
C GLN F 379 20.29 -24.12 41.27
N GLU F 380 19.06 -24.13 40.76
CA GLU F 380 18.24 -25.34 40.83
C GLU F 380 18.31 -26.19 39.54
N GLY F 381 19.34 -25.93 38.71
CA GLY F 381 19.73 -26.87 37.67
C GLY F 381 19.15 -26.65 36.28
N ALA F 382 18.46 -25.53 36.05
CA ALA F 382 18.05 -25.15 34.71
C ALA F 382 19.28 -24.83 33.87
N LYS F 383 19.18 -25.00 32.56
CA LYS F 383 20.30 -24.73 31.69
C LYS F 383 20.20 -23.30 31.18
N LEU F 384 21.18 -22.47 31.49
CA LEU F 384 21.19 -21.07 31.07
C LEU F 384 21.76 -20.93 29.66
N LEU F 385 20.93 -20.61 28.68
CA LEU F 385 21.37 -20.62 27.28
C LEU F 385 21.76 -19.23 26.72
N CYS F 386 21.25 -18.17 27.33
CA CYS F 386 21.72 -16.84 27.00
C CYS F 386 21.21 -15.84 28.01
N GLY F 387 21.75 -14.63 27.99
CA GLY F 387 21.44 -13.64 29.01
C GLY F 387 21.96 -14.06 30.37
N GLY F 388 21.20 -13.77 31.42
CA GLY F 388 21.59 -14.02 32.79
C GLY F 388 22.00 -12.80 33.60
N GLY F 389 22.25 -11.67 32.95
CA GLY F 389 22.83 -10.51 33.65
C GLY F 389 22.21 -9.15 33.37
N ILE F 390 22.77 -8.14 34.03
CA ILE F 390 22.34 -6.76 33.87
C ILE F 390 22.86 -6.29 32.53
N ALA F 391 22.06 -5.49 31.82
CA ALA F 391 22.33 -5.13 30.42
C ALA F 391 22.77 -3.68 30.19
N ALA F 392 22.84 -2.88 31.25
CA ALA F 392 23.37 -1.52 31.16
C ALA F 392 23.81 -1.01 32.52
N ASP F 393 24.70 -0.03 32.50
CA ASP F 393 25.22 0.63 33.70
C ASP F 393 24.21 1.47 34.48
N ARG F 394 23.21 1.97 33.76
CA ARG F 394 22.30 2.98 34.26
C ARG F 394 20.87 2.53 33.93
N GLY F 395 19.98 2.59 34.91
CA GLY F 395 18.59 2.18 34.70
C GLY F 395 18.36 0.71 35.05
N TYR F 396 17.24 0.14 34.61
CA TYR F 396 16.87 -1.19 35.09
C TYR F 396 16.78 -2.18 33.96
N PHE F 397 17.87 -2.29 33.23
CA PHE F 397 17.94 -3.09 32.02
C PHE F 397 18.45 -4.50 32.30
N ILE F 398 17.77 -5.50 31.74
CA ILE F 398 18.14 -6.90 31.95
C ILE F 398 18.27 -7.65 30.63
N GLN F 399 19.37 -8.39 30.47
CA GLN F 399 19.54 -9.16 29.25
C GLN F 399 18.37 -10.13 29.09
N PRO F 400 17.83 -10.23 27.89
CA PRO F 400 16.90 -11.30 27.54
C PRO F 400 17.50 -12.67 27.83
N THR F 401 16.87 -13.41 28.72
CA THR F 401 17.44 -14.60 29.29
C THR F 401 16.58 -15.80 28.93
N VAL F 402 17.23 -16.88 28.53
CA VAL F 402 16.51 -18.13 28.20
C VAL F 402 17.09 -19.33 28.92
N PHE F 403 16.21 -20.08 29.58
CA PHE F 403 16.57 -21.31 30.27
C PHE F 403 15.98 -22.50 29.52
N GLY F 404 16.83 -23.49 29.22
CA GLY F 404 16.39 -24.78 28.68
C GLY F 404 16.35 -25.85 29.76
N ASP F 405 15.85 -27.02 29.38
CA ASP F 405 15.74 -28.20 30.25
C ASP F 405 15.13 -27.87 31.60
N VAL F 406 14.08 -27.05 31.57
CA VAL F 406 13.36 -26.67 32.77
C VAL F 406 12.38 -27.79 33.10
N GLN F 407 12.22 -28.05 34.40
CA GLN F 407 11.31 -29.07 34.93
C GLN F 407 10.18 -28.43 35.71
N ASP F 408 9.04 -29.12 35.79
CA ASP F 408 7.82 -28.58 36.43
C ASP F 408 8.01 -28.20 37.90
N GLY F 409 8.81 -28.98 38.62
CA GLY F 409 9.08 -28.71 40.04
C GLY F 409 10.01 -27.53 40.36
N MET F 410 10.75 -27.02 39.37
CA MET F 410 11.63 -25.89 39.60
C MET F 410 10.84 -24.62 39.91
N THR F 411 11.38 -23.80 40.80
CA THR F 411 10.86 -22.48 41.13
C THR F 411 10.51 -21.59 39.94
N ILE F 412 11.38 -21.54 38.94
CA ILE F 412 11.14 -20.68 37.79
C ILE F 412 10.05 -21.23 36.88
N ALA F 413 9.72 -22.51 37.03
CA ALA F 413 8.61 -23.09 36.32
C ALA F 413 7.31 -22.83 37.07
N LYS F 414 7.36 -22.37 38.31
CA LYS F 414 6.15 -22.23 39.14
C LYS F 414 5.71 -20.80 39.47
N GLU F 415 6.66 -19.90 39.63
CA GLU F 415 6.39 -18.58 40.17
C GLU F 415 6.49 -17.55 39.06
N GLU F 416 5.56 -16.62 39.04
CA GLU F 416 5.55 -15.56 38.03
C GLU F 416 6.80 -14.74 38.17
N ILE F 417 7.60 -14.65 37.12
CA ILE F 417 8.88 -13.92 37.18
C ILE F 417 8.68 -12.46 36.81
N PHE F 418 7.88 -12.22 35.76
CA PHE F 418 7.45 -10.86 35.37
C PHE F 418 8.61 -10.06 34.74
N GLY F 419 9.44 -10.78 34.00
CA GLY F 419 10.66 -10.21 33.44
C GLY F 419 11.06 -10.97 32.21
N PRO F 420 12.18 -10.58 31.59
CA PRO F 420 12.53 -11.19 30.32
C PRO F 420 13.30 -12.51 30.50
N VAL F 421 12.61 -13.50 31.07
CA VAL F 421 13.21 -14.80 31.34
C VAL F 421 12.32 -15.90 30.79
N MET F 422 12.82 -16.61 29.77
CA MET F 422 12.06 -17.64 29.09
C MET F 422 12.39 -19.06 29.58
N GLN F 423 11.36 -19.83 29.92
CA GLN F 423 11.47 -21.23 30.35
C GLN F 423 11.00 -22.10 29.23
N ILE F 424 11.83 -23.05 28.82
CA ILE F 424 11.45 -23.96 27.75
C ILE F 424 11.45 -25.38 28.31
N LEU F 425 10.31 -26.06 28.21
CA LEU F 425 10.15 -27.41 28.76
C LEU F 425 9.90 -28.37 27.62
N LYS F 426 10.26 -29.63 27.83
CA LYS F 426 10.13 -30.68 26.84
C LYS F 426 8.95 -31.57 27.21
N PHE F 427 8.17 -31.99 26.22
CA PHE F 427 7.14 -32.98 26.45
C PHE F 427 6.99 -33.96 25.29
N LYS F 428 6.29 -35.05 25.53
CA LYS F 428 6.11 -36.05 24.51
C LYS F 428 4.70 -36.11 23.95
N THR F 429 3.69 -36.29 24.80
CA THR F 429 2.33 -36.53 24.33
C THR F 429 1.38 -35.41 24.68
N ILE F 430 0.32 -35.35 23.90
CA ILE F 430 -0.70 -34.34 24.05
C ILE F 430 -1.49 -34.50 25.35
N GLU F 431 -1.69 -35.73 25.81
CA GLU F 431 -2.38 -35.96 27.09
C GLU F 431 -1.48 -35.50 28.22
N GLU F 432 -0.21 -35.85 28.11
CA GLU F 432 0.77 -35.45 29.10
C GLU F 432 0.78 -33.93 29.29
N VAL F 433 0.77 -33.16 28.20
CA VAL F 433 1.01 -31.71 28.30
C VAL F 433 -0.20 -30.97 28.87
N VAL F 434 -1.40 -31.47 28.58
CA VAL F 434 -2.64 -30.94 29.17
C VAL F 434 -2.50 -31.00 30.67
N GLY F 435 -2.17 -32.19 31.16
CA GLY F 435 -1.98 -32.43 32.60
C GLY F 435 -1.00 -31.44 33.22
N ARG F 436 0.16 -31.34 32.63
CA ARG F 436 1.23 -30.46 33.10
C ARG F 436 0.85 -28.98 32.95
N ALA F 437 0.25 -28.59 31.83
CA ALA F 437 -0.18 -27.20 31.63
C ALA F 437 -1.21 -26.79 32.69
N ASN F 438 -2.17 -27.67 32.94
CA ASN F 438 -3.20 -27.39 33.94
C ASN F 438 -2.74 -27.55 35.37
N ASN F 439 -1.60 -28.22 35.61
CA ASN F 439 -1.10 -28.39 36.98
C ASN F 439 -0.51 -27.10 37.54
N SER F 440 -1.39 -26.22 37.99
CA SER F 440 -1.00 -24.90 38.45
C SER F 440 -2.19 -24.27 39.11
N THR F 441 -1.93 -23.42 40.08
CA THR F 441 -3.00 -22.66 40.73
C THR F 441 -3.42 -21.48 39.87
N TYR F 442 -2.67 -21.22 38.82
CA TYR F 442 -2.98 -20.13 37.89
C TYR F 442 -3.71 -20.65 36.67
N GLY F 443 -4.40 -19.77 35.96
CA GLY F 443 -5.06 -20.12 34.71
C GLY F 443 -5.64 -18.90 34.00
N LEU F 444 -4.76 -17.95 33.72
CA LEU F 444 -5.16 -16.71 33.04
C LEU F 444 -5.23 -16.91 31.52
N ALA F 445 -4.16 -17.49 30.95
CA ALA F 445 -4.10 -17.70 29.51
C ALA F 445 -3.35 -18.97 29.15
N ALA F 446 -3.47 -19.36 27.88
CA ALA F 446 -2.65 -20.43 27.31
C ALA F 446 -2.61 -20.29 25.79
N ALA F 447 -1.68 -20.99 25.16
CA ALA F 447 -1.64 -21.02 23.71
C ALA F 447 -1.27 -22.39 23.19
N VAL F 448 -1.64 -22.64 21.94
CA VAL F 448 -1.38 -23.90 21.26
C VAL F 448 -0.92 -23.57 19.86
N PHE F 449 0.22 -24.10 19.45
CA PHE F 449 0.72 -23.93 18.10
C PHE F 449 0.65 -25.30 17.41
N THR F 450 -0.21 -25.40 16.39
CA THR F 450 -0.36 -26.65 15.63
C THR F 450 -1.10 -26.37 14.33
N LYS F 451 -0.86 -27.19 13.32
CA LYS F 451 -1.64 -27.14 12.09
C LYS F 451 -2.87 -28.08 12.13
N ASP F 452 -2.89 -28.99 13.09
CA ASP F 452 -3.92 -30.03 13.13
C ASP F 452 -5.21 -29.51 13.81
N LEU F 453 -6.30 -29.51 13.08
CA LEU F 453 -7.62 -29.13 13.60
C LEU F 453 -7.96 -29.82 14.91
N ASP F 454 -7.82 -31.13 14.96
CA ASP F 454 -8.18 -31.92 16.14
C ASP F 454 -7.37 -31.63 17.39
N LYS F 455 -6.09 -31.37 17.23
CA LYS F 455 -5.24 -31.09 18.37
C LYS F 455 -5.57 -29.72 18.94
N ALA F 456 -5.80 -28.74 18.07
CA ALA F 456 -6.19 -27.40 18.52
C ALA F 456 -7.48 -27.46 19.30
N ASN F 457 -8.47 -28.20 18.80
CA ASN F 457 -9.75 -28.33 19.48
C ASN F 457 -9.68 -29.10 20.76
N TYR F 458 -8.95 -30.20 20.78
CA TYR F 458 -8.73 -30.96 22.00
C TYR F 458 -8.12 -30.10 23.11
N LEU F 459 -7.07 -29.35 22.78
CA LEU F 459 -6.36 -28.56 23.78
C LEU F 459 -7.14 -27.33 24.22
N SER F 460 -7.83 -26.69 23.29
CA SER F 460 -8.55 -25.46 23.60
C SER F 460 -9.73 -25.77 24.51
N GLN F 461 -10.24 -26.99 24.42
CA GLN F 461 -11.25 -27.44 25.38
C GLN F 461 -10.64 -27.81 26.73
N ALA F 462 -9.50 -28.47 26.71
CA ALA F 462 -8.98 -29.11 27.89
C ALA F 462 -8.16 -28.16 28.79
N LEU F 463 -7.63 -27.09 28.23
CA LEU F 463 -6.81 -26.21 29.05
C LEU F 463 -7.70 -25.38 29.95
N GLN F 464 -7.28 -25.23 31.22
CA GLN F 464 -8.06 -24.52 32.20
C GLN F 464 -7.54 -23.11 32.22
N ALA F 465 -7.96 -22.31 31.26
CA ALA F 465 -7.46 -20.97 31.13
C ALA F 465 -8.53 -20.06 30.61
N GLY F 466 -8.43 -18.80 30.98
CA GLY F 466 -9.44 -17.83 30.62
C GLY F 466 -9.44 -17.49 29.16
N THR F 467 -8.26 -17.44 28.58
CA THR F 467 -8.12 -17.21 27.14
C THR F 467 -7.19 -18.26 26.58
N VAL F 468 -7.53 -18.84 25.43
CA VAL F 468 -6.65 -19.77 24.77
C VAL F 468 -6.44 -19.29 23.37
N TRP F 469 -5.22 -18.88 23.06
CA TRP F 469 -4.84 -18.47 21.72
C TRP F 469 -4.38 -19.68 20.93
N VAL F 470 -4.87 -19.80 19.70
CA VAL F 470 -4.46 -20.85 18.79
C VAL F 470 -3.62 -20.23 17.67
N ASN F 471 -2.35 -20.67 17.58
CA ASN F 471 -1.40 -20.17 16.59
C ASN F 471 -1.25 -18.66 16.60
N CYS F 472 -1.32 -18.07 17.79
CA CYS F 472 -1.07 -16.65 17.99
C CYS F 472 -0.87 -16.45 19.49
N TYR F 473 -0.69 -15.22 19.93
CA TYR F 473 -0.53 -14.94 21.37
C TYR F 473 -0.74 -13.46 21.62
N ASP F 474 -1.22 -13.11 22.80
CA ASP F 474 -1.38 -11.71 23.20
C ASP F 474 -2.16 -10.96 22.12
N VAL F 475 -3.18 -11.62 21.57
CA VAL F 475 -4.11 -11.01 20.67
C VAL F 475 -5.25 -10.57 21.53
N PHE F 476 -5.34 -9.25 21.73
CA PHE F 476 -6.44 -8.66 22.49
C PHE F 476 -7.38 -7.89 21.59
N GLY F 477 -8.62 -7.84 21.98
CA GLY F 477 -9.60 -7.06 21.27
C GLY F 477 -10.63 -6.67 22.29
N ALA F 478 -10.91 -5.38 22.33
CA ALA F 478 -11.96 -4.85 23.17
C ALA F 478 -13.24 -5.69 23.15
N GLN F 479 -13.44 -6.44 22.07
CA GLN F 479 -14.66 -7.23 21.84
C GLN F 479 -14.64 -8.58 22.59
N SER F 480 -13.44 -9.12 22.83
CA SER F 480 -13.29 -10.45 23.40
C SER F 480 -12.89 -10.39 24.88
N PRO F 481 -13.63 -11.12 25.74
CA PRO F 481 -13.34 -11.03 27.15
C PRO F 481 -12.01 -11.64 27.56
N PHE F 482 -11.61 -11.32 28.78
CA PHE F 482 -10.31 -11.71 29.31
C PHE F 482 -10.35 -11.66 30.84
N GLY F 483 -9.82 -12.69 31.46
CA GLY F 483 -9.86 -12.86 32.92
C GLY F 483 -9.47 -14.28 33.25
N GLY F 484 -9.28 -14.57 34.54
CA GLY F 484 -8.65 -15.83 34.93
C GLY F 484 -9.56 -16.92 35.45
N TYR F 485 -9.11 -18.17 35.24
CA TYR F 485 -9.58 -19.35 36.02
C TYR F 485 -8.78 -19.41 37.32
N LYS F 486 -9.27 -20.21 38.27
CA LYS F 486 -8.53 -20.55 39.48
C LYS F 486 -8.10 -19.29 40.24
N MET F 487 -6.82 -19.17 40.55
CA MET F 487 -6.33 -18.08 41.36
C MET F 487 -5.70 -16.95 40.51
N SER F 488 -5.98 -17.00 39.20
CA SER F 488 -5.59 -15.93 38.30
C SER F 488 -6.63 -14.82 38.33
N GLY F 489 -7.80 -15.12 38.90
CA GLY F 489 -8.77 -14.07 39.19
C GLY F 489 -10.21 -14.53 39.05
N SER F 490 -11.14 -13.57 39.08
CA SER F 490 -12.57 -13.84 38.84
C SER F 490 -13.23 -12.65 38.17
N GLY F 491 -14.26 -12.96 37.38
CA GLY F 491 -14.87 -11.98 36.50
C GLY F 491 -14.07 -11.81 35.21
N ARG F 492 -14.64 -11.05 34.28
CA ARG F 492 -14.00 -10.84 32.99
C ARG F 492 -13.97 -9.37 32.66
N GLU F 493 -12.90 -8.97 32.00
CA GLU F 493 -12.84 -7.66 31.40
C GLU F 493 -13.02 -7.77 29.90
N LEU F 494 -13.44 -6.66 29.30
CA LEU F 494 -13.63 -6.54 27.88
C LEU F 494 -14.90 -7.26 27.40
N GLY F 495 -15.28 -6.99 26.16
CA GLY F 495 -16.51 -7.51 25.56
C GLY F 495 -17.80 -7.10 26.25
N GLU F 496 -18.88 -7.76 25.86
CA GLU F 496 -20.15 -7.62 26.57
C GLU F 496 -20.02 -8.00 28.05
N TYR F 497 -19.28 -9.08 28.29
CA TYR F 497 -19.02 -9.61 29.62
C TYR F 497 -18.49 -8.55 30.58
N GLY F 498 -17.66 -7.65 30.09
CA GLY F 498 -17.10 -6.60 30.95
C GLY F 498 -18.12 -5.67 31.59
N LEU F 499 -19.34 -5.67 31.07
CA LEU F 499 -20.42 -4.85 31.61
C LEU F 499 -21.09 -5.50 32.80
N GLN F 500 -21.07 -6.83 32.86
CA GLN F 500 -21.80 -7.60 33.89
C GLN F 500 -21.52 -7.17 35.34
N ALA F 501 -20.24 -6.99 35.65
CA ALA F 501 -19.85 -6.65 37.00
C ALA F 501 -20.10 -5.17 37.35
N TYR F 502 -20.41 -4.38 36.35
CA TYR F 502 -20.73 -2.96 36.57
C TYR F 502 -22.23 -2.72 36.52
N THR F 503 -23.01 -3.81 36.52
CA THR F 503 -24.46 -3.73 36.39
C THR F 503 -25.16 -4.36 37.55
N GLU F 504 -26.10 -3.63 38.12
CA GLU F 504 -26.93 -4.13 39.17
C GLU F 504 -28.30 -4.34 38.56
N VAL F 505 -28.85 -5.53 38.78
CA VAL F 505 -30.08 -5.95 38.16
C VAL F 505 -31.24 -5.76 39.10
N LYS F 506 -32.34 -5.21 38.60
CA LYS F 506 -33.57 -4.97 39.37
C LYS F 506 -34.71 -5.55 38.63
N THR F 507 -35.50 -6.35 39.31
CA THR F 507 -36.71 -6.86 38.74
C THR F 507 -37.89 -6.03 39.17
N VAL F 508 -38.77 -5.72 38.22
CA VAL F 508 -39.98 -5.04 38.56
C VAL F 508 -41.09 -5.92 38.09
N THR F 509 -41.97 -6.31 39.02
CA THR F 509 -43.06 -7.21 38.69
C THR F 509 -44.38 -6.56 39.08
N VAL F 510 -45.25 -6.42 38.09
CA VAL F 510 -46.43 -5.57 38.17
C VAL F 510 -47.70 -6.38 37.99
N LYS F 511 -48.63 -6.29 38.94
CA LYS F 511 -49.96 -6.86 38.73
C LYS F 511 -50.65 -6.19 37.52
N VAL F 512 -51.36 -6.97 36.71
CA VAL F 512 -52.07 -6.47 35.54
C VAL F 512 -53.43 -7.15 35.44
N PRO F 513 -54.42 -6.49 34.82
CA PRO F 513 -55.77 -7.07 34.82
C PRO F 513 -55.83 -8.47 34.22
N GLN F 514 -55.14 -8.72 33.11
CA GLN F 514 -55.17 -10.05 32.49
C GLN F 514 -54.00 -10.26 31.57
N LYS F 515 -53.11 -11.17 31.93
CA LYS F 515 -51.95 -11.48 31.09
C LYS F 515 -52.39 -12.33 29.89
N ASN F 516 -52.00 -11.86 28.71
CA ASN F 516 -52.14 -12.65 27.50
C ASN F 516 -50.77 -12.71 26.88
N SER F 517 -50.49 -13.77 26.13
CA SER F 517 -49.21 -13.91 25.48
C SER F 517 -48.91 -12.62 24.69
N ALA G 24 -30.68 -51.88 19.52
CA ALA G 24 -31.80 -52.30 20.43
C ALA G 24 -33.13 -51.72 19.93
N VAL G 25 -33.61 -52.25 18.82
CA VAL G 25 -34.83 -51.77 18.17
C VAL G 25 -35.95 -52.79 18.35
N PRO G 26 -37.11 -52.36 18.85
CA PRO G 26 -38.26 -53.27 18.95
C PRO G 26 -38.71 -53.78 17.57
N ALA G 27 -39.33 -54.95 17.54
CA ALA G 27 -39.77 -55.53 16.28
C ALA G 27 -41.01 -54.77 15.76
N PRO G 28 -41.00 -54.41 14.47
CA PRO G 28 -42.05 -53.61 13.90
C PRO G 28 -43.27 -54.43 13.57
N ASN G 29 -44.44 -53.80 13.66
CA ASN G 29 -45.65 -54.32 13.03
C ASN G 29 -45.64 -53.83 11.58
N GLN G 30 -45.50 -54.76 10.63
CA GLN G 30 -45.31 -54.37 9.25
C GLN G 30 -46.60 -54.04 8.51
N GLN G 31 -47.75 -54.32 9.12
CA GLN G 31 -49.02 -53.89 8.57
C GLN G 31 -49.72 -53.10 9.66
N PRO G 32 -49.12 -51.96 10.05
CA PRO G 32 -49.73 -51.21 11.12
C PRO G 32 -51.10 -50.72 10.69
N GLU G 33 -52.01 -50.59 11.65
CA GLU G 33 -53.37 -50.17 11.37
C GLU G 33 -53.42 -48.64 11.33
N VAL G 34 -54.26 -48.11 10.45
CA VAL G 34 -54.46 -46.68 10.36
C VAL G 34 -55.70 -46.28 11.11
N PHE G 35 -55.56 -45.29 11.97
CA PHE G 35 -56.68 -44.79 12.77
C PHE G 35 -57.17 -43.40 12.33
N CYS G 36 -56.32 -42.59 11.71
CA CYS G 36 -56.67 -41.21 11.39
C CYS G 36 -56.35 -40.91 9.94
N ASN G 37 -57.35 -40.43 9.21
CA ASN G 37 -57.19 -40.15 7.81
C ASN G 37 -58.12 -39.02 7.37
N GLN G 38 -58.41 -38.12 8.28
CA GLN G 38 -59.38 -37.08 8.00
C GLN G 38 -58.78 -35.73 8.32
N ILE G 39 -59.55 -34.67 8.11
CA ILE G 39 -59.14 -33.31 8.45
C ILE G 39 -59.31 -33.03 9.94
N PHE G 40 -58.28 -32.46 10.56
CA PHE G 40 -58.27 -32.20 11.99
C PHE G 40 -58.48 -30.70 12.31
N ILE G 41 -59.66 -30.36 12.81
CA ILE G 41 -59.97 -28.97 13.16
C ILE G 41 -60.73 -28.91 14.45
N ASN G 42 -60.28 -28.05 15.36
CA ASN G 42 -60.87 -27.91 16.69
C ASN G 42 -60.87 -29.23 17.42
N ASN G 43 -59.73 -29.91 17.38
CA ASN G 43 -59.56 -31.21 18.05
C ASN G 43 -60.58 -32.26 17.66
N GLU G 44 -61.15 -32.15 16.46
CA GLU G 44 -62.17 -33.09 15.98
C GLU G 44 -61.84 -33.47 14.56
N TRP G 45 -62.26 -34.67 14.17
CA TRP G 45 -62.05 -35.18 12.82
C TRP G 45 -63.21 -34.84 11.89
N HIS G 46 -62.88 -34.26 10.73
CA HIS G 46 -63.88 -33.86 9.72
C HIS G 46 -63.51 -34.42 8.34
N ASP G 47 -64.52 -34.88 7.60
CA ASP G 47 -64.38 -35.14 6.17
C ASP G 47 -64.33 -33.81 5.46
N ALA G 48 -63.78 -33.80 4.24
CA ALA G 48 -63.70 -32.58 3.45
C ALA G 48 -65.12 -32.17 3.12
N VAL G 49 -65.31 -30.87 2.90
CA VAL G 49 -66.62 -30.33 2.56
C VAL G 49 -67.14 -31.01 1.31
N SER G 50 -66.23 -31.25 0.36
CA SER G 50 -66.54 -31.96 -0.89
C SER G 50 -66.73 -33.48 -0.77
N ARG G 51 -66.40 -34.06 0.37
CA ARG G 51 -66.32 -35.53 0.56
C ARG G 51 -65.34 -36.27 -0.35
N LYS G 52 -64.51 -35.53 -1.05
CA LYS G 52 -63.43 -36.12 -1.82
C LYS G 52 -62.36 -36.70 -0.90
N THR G 53 -61.68 -37.72 -1.43
CA THR G 53 -60.55 -38.36 -0.79
C THR G 53 -59.46 -38.66 -1.82
N PHE G 54 -58.25 -38.91 -1.34
CA PHE G 54 -57.21 -39.38 -2.23
C PHE G 54 -56.54 -40.61 -1.61
N PRO G 55 -56.08 -41.54 -2.46
CA PRO G 55 -55.34 -42.68 -1.94
C PRO G 55 -53.96 -42.23 -1.52
N THR G 56 -53.43 -42.81 -0.46
CA THR G 56 -52.00 -42.67 -0.21
C THR G 56 -51.43 -44.05 -0.34
N VAL G 57 -50.23 -44.12 -0.92
CA VAL G 57 -49.62 -45.35 -1.39
C VAL G 57 -48.37 -45.75 -0.58
N ASN G 58 -48.17 -47.06 -0.47
CA ASN G 58 -46.98 -47.60 0.13
C ASN G 58 -45.96 -47.73 -0.98
N PRO G 59 -44.88 -46.95 -0.92
CA PRO G 59 -43.95 -46.91 -2.04
C PRO G 59 -43.11 -48.19 -2.20
N SER G 60 -43.07 -49.03 -1.20
CA SER G 60 -42.37 -50.31 -1.33
C SER G 60 -43.14 -51.31 -2.21
N THR G 61 -44.47 -51.24 -2.19
CA THR G 61 -45.35 -52.18 -2.90
C THR G 61 -46.09 -51.53 -4.08
N GLY G 62 -46.19 -50.20 -4.06
CA GLY G 62 -46.99 -49.51 -5.05
C GLY G 62 -48.48 -49.65 -4.85
N GLU G 63 -48.91 -50.22 -3.73
CA GLU G 63 -50.32 -50.39 -3.41
C GLU G 63 -50.87 -49.31 -2.45
N VAL G 64 -52.16 -49.02 -2.60
CA VAL G 64 -52.89 -48.12 -1.72
C VAL G 64 -52.96 -48.67 -0.29
N ILE G 65 -52.67 -47.78 0.67
CA ILE G 65 -52.79 -48.09 2.09
C ILE G 65 -54.20 -47.74 2.53
N CYS G 66 -54.62 -46.51 2.24
CA CYS G 66 -55.98 -46.05 2.56
C CYS G 66 -56.30 -44.73 1.86
N GLN G 67 -57.56 -44.32 2.00
CA GLN G 67 -58.00 -43.03 1.52
C GLN G 67 -57.88 -42.00 2.65
N VAL G 68 -57.66 -40.75 2.27
CA VAL G 68 -57.49 -39.67 3.20
C VAL G 68 -58.31 -38.50 2.69
N ALA G 69 -58.98 -37.79 3.59
CA ALA G 69 -59.81 -36.64 3.24
C ALA G 69 -59.03 -35.62 2.42
N GLU G 70 -59.64 -35.15 1.32
CA GLU G 70 -59.00 -34.18 0.41
C GLU G 70 -59.41 -32.70 0.63
N GLY G 71 -58.71 -32.05 1.56
CA GLY G 71 -58.99 -30.66 1.88
C GLY G 71 -58.68 -29.71 0.74
N ASP G 72 -59.52 -28.69 0.60
CA ASP G 72 -59.39 -27.67 -0.45
C ASP G 72 -59.59 -26.31 0.22
N LYS G 73 -59.87 -25.29 -0.58
CA LYS G 73 -59.99 -23.93 -0.09
C LYS G 73 -60.95 -23.81 1.08
N GLU G 74 -62.11 -24.45 0.98
CA GLU G 74 -63.16 -24.30 2.00
C GLU G 74 -62.77 -24.96 3.30
N ASP G 75 -61.97 -26.02 3.23
CA ASP G 75 -61.52 -26.71 4.44
C ASP G 75 -60.46 -25.86 5.15
N VAL G 76 -59.49 -25.35 4.40
CA VAL G 76 -58.56 -24.37 4.92
C VAL G 76 -59.29 -23.18 5.59
N ASP G 77 -60.37 -22.69 4.99
CA ASP G 77 -61.16 -21.61 5.62
C ASP G 77 -61.67 -22.00 7.01
N LYS G 78 -62.21 -23.21 7.13
CA LYS G 78 -62.64 -23.68 8.45
C LYS G 78 -61.48 -23.73 9.43
N ALA G 79 -60.33 -24.23 8.99
CA ALA G 79 -59.15 -24.35 9.85
C ALA G 79 -58.70 -22.98 10.28
N VAL G 80 -58.63 -22.06 9.34
CA VAL G 80 -58.19 -20.72 9.66
C VAL G 80 -59.16 -20.06 10.65
N LYS G 81 -60.46 -20.31 10.52
CA LYS G 81 -61.40 -19.68 11.43
C LYS G 81 -61.28 -20.22 12.83
N ALA G 82 -61.06 -21.53 12.92
CA ALA G 82 -60.89 -22.19 14.20
C ALA G 82 -59.60 -21.74 14.92
N ALA G 83 -58.53 -21.59 14.14
CA ALA G 83 -57.28 -21.08 14.65
C ALA G 83 -57.42 -19.65 15.14
N ARG G 84 -58.06 -18.80 14.35
CA ARG G 84 -58.27 -17.41 14.76
C ARG G 84 -59.07 -17.34 16.07
N ALA G 85 -60.11 -18.18 16.21
CA ALA G 85 -60.93 -18.12 17.45
C ALA G 85 -60.05 -18.42 18.67
N ALA G 86 -59.27 -19.51 18.56
CA ALA G 86 -58.38 -19.96 19.61
C ALA G 86 -57.28 -18.96 19.94
N PHE G 87 -56.94 -18.12 18.97
CA PHE G 87 -55.96 -17.03 19.18
C PHE G 87 -56.57 -15.75 19.79
N GLN G 88 -57.87 -15.74 20.07
CA GLN G 88 -58.52 -14.50 20.57
C GLN G 88 -58.04 -14.12 21.94
N LEU G 89 -57.87 -12.82 22.13
CA LEU G 89 -57.42 -12.25 23.38
C LEU G 89 -58.40 -12.75 24.47
N GLY G 90 -57.85 -13.33 25.55
CA GLY G 90 -58.68 -13.94 26.61
C GLY G 90 -59.00 -15.43 26.44
N SER G 91 -58.63 -16.03 25.31
CA SER G 91 -58.85 -17.47 25.13
C SER G 91 -57.94 -18.28 26.06
N PRO G 92 -58.28 -19.56 26.29
CA PRO G 92 -57.38 -20.40 27.09
C PRO G 92 -55.95 -20.36 26.56
N TRP G 93 -55.77 -20.54 25.26
CA TRP G 93 -54.42 -20.52 24.70
C TRP G 93 -53.69 -19.20 24.94
N ARG G 94 -54.38 -18.06 24.87
CA ARG G 94 -53.69 -16.77 25.04
C ARG G 94 -53.39 -16.46 26.52
N ARG G 95 -54.26 -16.93 27.39
CA ARG G 95 -54.11 -16.73 28.84
C ARG G 95 -53.16 -17.69 29.55
N MET G 96 -52.98 -18.88 28.98
CA MET G 96 -52.10 -19.91 29.53
C MET G 96 -50.68 -19.40 29.76
N ASP G 97 -50.13 -19.67 30.94
CA ASP G 97 -48.76 -19.31 31.26
C ASP G 97 -47.79 -19.90 30.25
N ALA G 98 -46.71 -19.17 29.99
CA ALA G 98 -45.76 -19.59 29.01
C ALA G 98 -45.17 -20.95 29.40
N SER G 99 -44.88 -21.12 30.68
CA SER G 99 -44.32 -22.36 31.21
C SER G 99 -45.23 -23.57 30.94
N HIS G 100 -46.55 -23.34 30.93
CA HIS G 100 -47.51 -24.39 30.65
C HIS G 100 -47.55 -24.76 29.15
N ARG G 101 -47.34 -23.81 28.27
CA ARG G 101 -47.10 -24.19 26.87
C ARG G 101 -45.95 -25.21 26.82
N GLY G 102 -44.90 -24.98 27.59
CA GLY G 102 -43.79 -25.93 27.67
C GLY G 102 -44.18 -27.28 28.28
N ARG G 103 -44.97 -27.27 29.35
CA ARG G 103 -45.48 -28.56 29.88
C ARG G 103 -46.23 -29.30 28.79
N LEU G 104 -47.00 -28.59 27.99
CA LEU G 104 -47.82 -29.27 26.97
C LEU G 104 -46.98 -29.95 25.91
N LEU G 105 -45.95 -29.24 25.47
CA LEU G 105 -45.01 -29.77 24.50
C LEU G 105 -44.30 -31.00 25.04
N ASN G 106 -43.94 -30.98 26.31
CA ASN G 106 -43.30 -32.11 26.94
C ASN G 106 -44.22 -33.30 27.03
N ARG G 107 -45.48 -33.05 27.37
CA ARG G 107 -46.50 -34.08 27.40
C ARG G 107 -46.62 -34.72 26.00
N LEU G 108 -46.74 -33.89 24.96
CA LEU G 108 -46.81 -34.40 23.59
C LEU G 108 -45.61 -35.30 23.29
N ALA G 109 -44.42 -34.85 23.69
CA ALA G 109 -43.24 -35.63 23.49
C ALA G 109 -43.36 -36.97 24.21
N ASP G 110 -43.86 -36.94 25.44
CA ASP G 110 -44.04 -38.19 26.17
C ASP G 110 -45.00 -39.15 25.49
N LEU G 111 -46.05 -38.63 24.86
CA LEU G 111 -47.04 -39.52 24.20
C LEU G 111 -46.47 -40.12 22.92
N ILE G 112 -45.68 -39.32 22.22
CA ILE G 112 -44.99 -39.76 21.02
C ILE G 112 -43.99 -40.85 21.38
N GLU G 113 -43.30 -40.69 22.52
CA GLU G 113 -42.38 -41.72 23.00
C GLU G 113 -43.12 -43.00 23.36
N ARG G 114 -44.28 -42.89 24.00
CA ARG G 114 -45.13 -44.07 24.23
C ARG G 114 -45.50 -44.79 22.93
N ASP G 115 -45.81 -44.05 21.87
CA ASP G 115 -46.19 -44.68 20.59
C ASP G 115 -45.05 -44.74 19.55
N ARG G 116 -43.81 -44.78 20.01
CA ARG G 116 -42.66 -44.69 19.11
C ARG G 116 -42.63 -45.81 18.04
N THR G 117 -42.73 -47.05 18.51
CA THR G 117 -42.64 -48.24 17.68
C THR G 117 -43.68 -48.17 16.56
N TYR G 118 -44.93 -47.88 16.94
CA TYR G 118 -46.04 -47.67 16.01
C TYR G 118 -45.76 -46.57 14.99
N LEU G 119 -45.48 -45.37 15.47
CA LEU G 119 -45.23 -44.26 14.58
C LEU G 119 -44.04 -44.52 13.65
N ALA G 120 -43.00 -45.15 14.16
CA ALA G 120 -41.87 -45.51 13.30
C ALA G 120 -42.34 -46.41 12.16
N ALA G 121 -43.23 -47.35 12.47
CA ALA G 121 -43.68 -48.34 11.49
C ALA G 121 -44.56 -47.68 10.43
N LEU G 122 -45.36 -46.73 10.87
CA LEU G 122 -46.23 -45.98 10.01
C LEU G 122 -45.46 -45.04 9.10
N GLU G 123 -44.43 -44.38 9.61
CA GLU G 123 -43.52 -43.57 8.75
C GLU G 123 -42.95 -44.42 7.61
N THR G 124 -42.39 -45.58 7.95
CA THR G 124 -41.82 -46.50 6.97
C THR G 124 -42.83 -46.94 5.94
N LEU G 125 -44.02 -47.31 6.39
CA LEU G 125 -45.06 -47.80 5.50
C LEU G 125 -45.49 -46.74 4.46
N ASP G 126 -45.69 -45.49 4.88
CA ASP G 126 -46.18 -44.40 4.00
C ASP G 126 -45.07 -43.70 3.22
N ASN G 127 -43.88 -43.64 3.81
CA ASN G 127 -42.75 -42.89 3.25
C ASN G 127 -41.66 -43.77 2.64
N GLY G 128 -41.56 -45.00 3.11
CA GLY G 128 -40.61 -45.97 2.58
C GLY G 128 -39.23 -46.02 3.20
N LYS G 129 -38.91 -45.11 4.13
CA LYS G 129 -37.60 -45.15 4.75
C LYS G 129 -37.46 -46.37 5.67
N PRO G 130 -36.21 -46.87 5.80
CA PRO G 130 -36.00 -48.06 6.59
C PRO G 130 -36.46 -47.84 8.04
N TYR G 131 -37.20 -48.81 8.57
CA TYR G 131 -37.73 -48.77 9.93
C TYR G 131 -36.66 -48.52 11.02
N VAL G 132 -35.51 -49.13 10.87
CA VAL G 132 -34.43 -48.89 11.83
C VAL G 132 -34.09 -47.39 11.93
N ILE G 133 -34.16 -46.69 10.79
CA ILE G 133 -33.83 -45.28 10.72
C ILE G 133 -34.99 -44.45 11.22
N SER G 134 -36.22 -44.85 10.90
CA SER G 134 -37.42 -44.22 11.47
C SER G 134 -37.35 -44.21 12.97
N TYR G 135 -37.04 -45.36 13.54
CA TYR G 135 -37.08 -45.54 14.98
C TYR G 135 -35.91 -44.82 15.65
N LEU G 136 -34.69 -45.12 15.22
CA LEU G 136 -33.50 -44.55 15.86
C LEU G 136 -33.16 -43.11 15.48
N VAL G 137 -33.48 -42.66 14.27
CA VAL G 137 -33.06 -41.32 13.86
C VAL G 137 -34.26 -40.38 13.86
N ASP G 138 -35.24 -40.60 12.97
CA ASP G 138 -36.38 -39.68 12.84
C ASP G 138 -37.11 -39.43 14.17
N LEU G 139 -37.53 -40.49 14.84
CA LEU G 139 -38.36 -40.34 16.05
C LEU G 139 -37.58 -39.86 17.26
N ASP G 140 -36.30 -40.20 17.28
CA ASP G 140 -35.37 -39.70 18.28
C ASP G 140 -35.27 -38.17 18.15
N MET G 141 -35.15 -37.72 16.91
CA MET G 141 -34.96 -36.31 16.66
C MET G 141 -36.26 -35.50 16.90
N VAL G 142 -37.41 -36.10 16.57
CA VAL G 142 -38.74 -35.56 16.91
C VAL G 142 -38.83 -35.25 18.42
N LEU G 143 -38.59 -36.28 19.21
CA LEU G 143 -38.61 -36.16 20.66
C LEU G 143 -37.70 -35.03 21.12
N LYS G 144 -36.46 -35.02 20.63
CA LYS G 144 -35.48 -34.02 21.01
C LYS G 144 -35.85 -32.61 20.59
N CYS G 145 -36.56 -32.47 19.48
CA CYS G 145 -36.95 -31.18 18.96
C CYS G 145 -38.05 -30.58 19.84
N LEU G 146 -39.07 -31.40 20.14
CA LEU G 146 -40.18 -30.95 20.97
C LEU G 146 -39.71 -30.66 22.37
N ARG G 147 -38.92 -31.57 22.93
CA ARG G 147 -38.33 -31.30 24.24
C ARG G 147 -37.51 -30.03 24.27
N TYR G 148 -36.72 -29.79 23.22
CA TYR G 148 -35.91 -28.60 23.16
C TYR G 148 -36.76 -27.32 23.19
N TYR G 149 -37.79 -27.28 22.33
CA TYR G 149 -38.65 -26.11 22.16
C TYR G 149 -39.59 -25.91 23.35
N ALA G 150 -39.98 -27.00 23.99
CA ALA G 150 -40.71 -26.89 25.25
C ALA G 150 -39.93 -26.00 26.21
N GLY G 151 -38.59 -26.14 26.22
CA GLY G 151 -37.73 -25.29 27.03
C GLY G 151 -37.72 -23.81 26.69
N TRP G 152 -38.09 -23.45 25.45
CA TRP G 152 -38.02 -22.06 25.00
C TRP G 152 -39.27 -21.28 25.36
N ALA G 153 -40.35 -22.01 25.67
CA ALA G 153 -41.66 -21.41 25.87
C ALA G 153 -41.64 -20.16 26.74
N ASP G 154 -40.86 -20.17 27.83
CA ASP G 154 -40.82 -19.04 28.78
C ASP G 154 -39.47 -18.34 28.88
N LYS G 155 -38.62 -18.46 27.86
CA LYS G 155 -37.29 -17.88 27.90
C LYS G 155 -36.95 -16.94 26.78
N TYR G 156 -37.87 -16.66 25.87
CA TYR G 156 -37.58 -15.77 24.75
C TYR G 156 -37.98 -14.31 25.11
N HIS G 157 -37.17 -13.70 25.94
CA HIS G 157 -37.40 -12.37 26.48
C HIS G 157 -37.46 -11.28 25.45
N GLY G 158 -38.26 -10.26 25.71
CA GLY G 158 -38.13 -8.98 25.05
C GLY G 158 -37.05 -8.18 25.75
N LYS G 159 -37.05 -6.87 25.52
CA LYS G 159 -36.00 -6.01 26.00
C LYS G 159 -36.54 -4.80 26.73
N THR G 160 -35.74 -4.28 27.67
CA THR G 160 -35.97 -2.94 28.22
C THR G 160 -34.82 -2.10 27.71
N ILE G 161 -35.16 -0.88 27.32
CA ILE G 161 -34.38 -0.14 26.35
C ILE G 161 -34.10 1.24 26.88
N PRO G 162 -32.82 1.60 26.95
CA PRO G 162 -32.45 2.92 27.46
C PRO G 162 -32.61 4.07 26.44
N ILE G 163 -33.83 4.30 25.98
CA ILE G 163 -34.14 5.39 25.05
C ILE G 163 -33.84 6.79 25.64
N ASP G 164 -33.57 7.77 24.76
CA ASP G 164 -33.33 9.18 25.20
C ASP G 164 -34.57 9.82 25.82
N GLY G 165 -34.37 10.77 26.72
CA GLY G 165 -35.48 11.54 27.29
C GLY G 165 -36.20 10.81 28.41
N ASP G 166 -37.23 11.45 28.92
CA ASP G 166 -37.95 10.97 30.09
C ASP G 166 -39.00 9.91 29.74
N PHE G 167 -38.48 8.76 29.28
CA PHE G 167 -39.34 7.66 28.86
C PHE G 167 -38.84 6.32 29.39
N PHE G 168 -39.77 5.42 29.57
CA PHE G 168 -39.42 4.04 29.82
C PHE G 168 -39.87 3.33 28.56
N SER G 169 -38.92 2.70 27.85
CA SER G 169 -39.26 1.95 26.66
C SER G 169 -38.88 0.47 26.79
N TYR G 170 -39.77 -0.40 26.31
CA TYR G 170 -39.52 -1.84 26.27
C TYR G 170 -40.20 -2.52 25.08
N THR G 171 -39.84 -3.78 24.85
CA THR G 171 -40.50 -4.61 23.85
C THR G 171 -41.13 -5.86 24.46
N ARG G 172 -42.30 -6.23 23.94
CA ARG G 172 -42.89 -7.54 24.20
C ARG G 172 -42.68 -8.37 22.95
N HIS G 173 -42.35 -9.63 23.16
CA HIS G 173 -42.32 -10.59 22.08
C HIS G 173 -43.66 -11.31 22.06
N GLU G 174 -44.49 -10.95 21.09
CA GLU G 174 -45.82 -11.50 20.97
C GLU G 174 -45.87 -12.61 19.92
N PRO G 175 -46.88 -13.47 20.00
CA PRO G 175 -47.05 -14.41 18.91
C PRO G 175 -47.46 -13.72 17.60
N VAL G 176 -46.98 -14.25 16.48
CA VAL G 176 -47.24 -13.64 15.18
C VAL G 176 -48.71 -13.86 14.77
N GLY G 177 -49.29 -14.98 15.19
CA GLY G 177 -50.71 -15.21 15.00
C GLY G 177 -51.00 -16.55 14.37
N VAL G 178 -51.81 -16.53 13.32
CA VAL G 178 -52.19 -17.73 12.61
C VAL G 178 -51.09 -18.07 11.63
N CYS G 179 -50.53 -19.27 11.77
CA CYS G 179 -49.38 -19.69 10.99
C CYS G 179 -49.78 -20.85 10.13
N GLY G 180 -49.66 -20.68 8.82
CA GLY G 180 -49.78 -21.76 7.87
C GLY G 180 -48.44 -22.42 7.71
N GLN G 181 -48.44 -23.75 7.67
CA GLN G 181 -47.20 -24.53 7.65
C GLN G 181 -47.38 -25.65 6.67
N ILE G 182 -46.60 -25.63 5.60
CA ILE G 182 -46.76 -26.58 4.53
C ILE G 182 -45.54 -27.46 4.60
N ILE G 183 -45.77 -28.72 4.94
CA ILE G 183 -44.64 -29.60 5.22
C ILE G 183 -44.48 -30.73 4.21
N PRO G 184 -43.22 -31.02 3.86
CA PRO G 184 -42.91 -31.91 2.77
C PRO G 184 -43.06 -33.36 3.17
N TRP G 185 -42.72 -34.26 2.24
CA TRP G 185 -42.89 -35.70 2.44
C TRP G 185 -41.60 -36.39 2.82
N ASN G 186 -40.46 -35.70 2.72
CA ASN G 186 -39.18 -36.41 2.86
C ASN G 186 -38.84 -36.77 4.31
N PHE G 187 -39.18 -35.88 5.24
CA PHE G 187 -39.16 -36.20 6.68
C PHE G 187 -40.48 -35.78 7.32
N PRO G 188 -41.53 -36.59 7.16
CA PRO G 188 -42.86 -36.15 7.53
C PRO G 188 -42.96 -35.79 9.00
N LEU G 189 -42.58 -36.71 9.89
CA LEU G 189 -42.63 -36.47 11.35
C LEU G 189 -41.72 -35.37 11.86
N LEU G 190 -40.45 -35.44 11.46
CA LEU G 190 -39.44 -34.50 11.95
C LEU G 190 -39.75 -33.06 11.54
N MET G 191 -40.23 -32.89 10.31
CA MET G 191 -40.64 -31.55 9.83
C MET G 191 -41.86 -31.05 10.57
N GLN G 192 -42.77 -31.95 10.94
CA GLN G 192 -43.91 -31.53 11.71
C GLN G 192 -43.40 -30.96 13.04
N ALA G 193 -42.46 -31.67 13.64
CA ALA G 193 -41.87 -31.24 14.90
C ALA G 193 -41.10 -29.93 14.74
N TRP G 194 -40.35 -29.76 13.67
CA TRP G 194 -39.58 -28.50 13.49
C TRP G 194 -40.45 -27.26 13.44
N LYS G 195 -41.71 -27.44 13.04
CA LYS G 195 -42.61 -26.34 12.81
C LYS G 195 -43.47 -26.14 14.03
N LEU G 196 -44.09 -27.22 14.53
CA LEU G 196 -44.89 -27.12 15.77
C LEU G 196 -44.08 -26.60 16.96
N GLY G 197 -42.87 -27.10 17.13
CA GLY G 197 -42.00 -26.71 18.23
C GLY G 197 -41.98 -25.20 18.46
N PRO G 198 -41.35 -24.45 17.55
CA PRO G 198 -41.23 -23.01 17.73
C PRO G 198 -42.54 -22.27 17.71
N ALA G 199 -43.48 -22.72 16.88
CA ALA G 199 -44.77 -22.03 16.73
C ALA G 199 -45.56 -22.12 18.03
N LEU G 200 -45.66 -23.33 18.56
CA LEU G 200 -46.34 -23.53 19.84
C LEU G 200 -45.55 -23.01 21.04
N ALA G 201 -44.23 -23.08 20.98
CA ALA G 201 -43.44 -22.56 22.07
C ALA G 201 -43.69 -21.07 22.25
N THR G 202 -44.01 -20.36 21.17
CA THR G 202 -44.20 -18.93 21.22
C THR G 202 -45.68 -18.54 21.25
N GLY G 203 -46.55 -19.53 21.42
CA GLY G 203 -47.97 -19.26 21.60
C GLY G 203 -48.75 -18.90 20.34
N ASN G 204 -48.24 -19.31 19.19
CA ASN G 204 -48.97 -19.14 17.93
C ASN G 204 -49.95 -20.25 17.81
N VAL G 205 -50.83 -20.12 16.84
CA VAL G 205 -51.77 -21.18 16.45
C VAL G 205 -51.44 -21.57 15.02
N VAL G 206 -51.77 -22.78 14.64
CA VAL G 206 -51.24 -23.39 13.44
C VAL G 206 -52.34 -23.96 12.55
N VAL G 207 -52.22 -23.74 11.25
CA VAL G 207 -52.92 -24.55 10.27
C VAL G 207 -51.84 -25.23 9.40
N MET G 208 -51.85 -26.55 9.42
CA MET G 208 -50.76 -27.31 8.85
C MET G 208 -51.26 -28.08 7.64
N LYS G 209 -50.51 -27.99 6.56
CA LYS G 209 -50.80 -28.71 5.36
C LYS G 209 -49.77 -29.82 5.19
N VAL G 210 -50.20 -31.06 5.34
CA VAL G 210 -49.31 -32.21 5.19
C VAL G 210 -49.31 -32.74 3.77
N ALA G 211 -48.19 -33.34 3.37
CA ALA G 211 -47.99 -33.73 1.99
C ALA G 211 -48.85 -34.94 1.72
N GLU G 212 -49.33 -35.01 0.48
CA GLU G 212 -50.24 -36.05 -0.01
C GLU G 212 -49.56 -37.41 -0.11
N GLN G 213 -48.25 -37.42 -0.23
CA GLN G 213 -47.52 -38.68 -0.28
C GLN G 213 -47.44 -39.31 1.09
N THR G 214 -47.43 -38.50 2.14
CA THR G 214 -47.05 -38.99 3.46
C THR G 214 -47.85 -38.31 4.56
N PRO G 215 -49.20 -38.41 4.50
CA PRO G 215 -49.99 -37.64 5.46
C PRO G 215 -50.29 -38.35 6.76
N LEU G 216 -50.00 -39.64 6.85
CA LEU G 216 -50.58 -40.47 7.89
C LEU G 216 -50.00 -40.27 9.30
N THR G 217 -48.67 -40.19 9.41
CA THR G 217 -48.05 -40.03 10.71
C THR G 217 -48.44 -38.69 11.33
N ALA G 218 -48.50 -37.64 10.51
CA ALA G 218 -48.86 -36.31 11.05
C ALA G 218 -50.31 -36.23 11.55
N LEU G 219 -51.18 -37.04 10.95
CA LEU G 219 -52.55 -37.12 11.39
C LEU G 219 -52.65 -37.89 12.70
N TYR G 220 -51.90 -38.96 12.83
CA TYR G 220 -51.86 -39.63 14.13
C TYR G 220 -51.37 -38.71 15.26
N VAL G 221 -50.35 -37.92 14.98
CA VAL G 221 -49.81 -37.01 15.98
C VAL G 221 -50.84 -35.91 16.37
N ALA G 222 -51.73 -35.55 15.45
CA ALA G 222 -52.83 -34.67 15.82
C ALA G 222 -53.69 -35.27 16.93
N ASN G 223 -53.89 -36.58 16.86
CA ASN G 223 -54.63 -37.29 17.91
C ASN G 223 -53.96 -37.22 19.29
N LEU G 224 -52.64 -37.24 19.32
CA LEU G 224 -51.89 -37.09 20.57
C LEU G 224 -51.85 -35.65 21.02
N ILE G 225 -51.93 -34.72 20.08
CA ILE G 225 -52.04 -33.29 20.42
C ILE G 225 -53.33 -33.04 21.20
N LYS G 226 -54.42 -33.63 20.76
CA LYS G 226 -55.66 -33.70 21.56
C LYS G 226 -55.45 -34.32 22.95
N GLU G 227 -54.94 -35.56 22.97
CA GLU G 227 -54.65 -36.25 24.24
C GLU G 227 -53.78 -35.43 25.18
N ALA G 228 -52.79 -34.73 24.66
CA ALA G 228 -51.89 -33.91 25.47
C ALA G 228 -52.60 -32.76 26.19
N GLY G 229 -53.75 -32.32 25.66
CA GLY G 229 -54.52 -31.25 26.30
C GLY G 229 -54.41 -29.87 25.69
N PHE G 230 -53.89 -29.77 24.46
CA PHE G 230 -53.91 -28.51 23.70
C PHE G 230 -55.36 -28.07 23.41
N PRO G 231 -55.65 -26.78 23.65
CA PRO G 231 -57.01 -26.28 23.40
C PRO G 231 -57.42 -26.36 21.94
N PRO G 232 -58.69 -26.62 21.70
CA PRO G 232 -59.13 -26.83 20.32
C PRO G 232 -58.81 -25.62 19.42
N GLY G 233 -58.38 -25.92 18.20
CA GLY G 233 -58.06 -24.86 17.27
C GLY G 233 -56.61 -24.40 17.33
N VAL G 234 -55.87 -24.76 18.37
CA VAL G 234 -54.47 -24.35 18.44
C VAL G 234 -53.66 -25.04 17.31
N VAL G 235 -53.86 -26.35 17.11
CA VAL G 235 -53.27 -27.06 15.95
C VAL G 235 -54.36 -27.63 15.03
N ASN G 236 -54.35 -27.25 13.77
CA ASN G 236 -55.31 -27.81 12.81
C ASN G 236 -54.58 -28.36 11.61
N ILE G 237 -55.03 -29.50 11.12
CA ILE G 237 -54.29 -30.21 10.07
C ILE G 237 -55.20 -30.58 8.91
N VAL G 238 -54.82 -30.08 7.74
CA VAL G 238 -55.56 -30.27 6.50
C VAL G 238 -54.68 -31.01 5.49
N PRO G 239 -54.86 -32.34 5.35
CA PRO G 239 -54.23 -33.00 4.21
C PRO G 239 -54.92 -32.56 2.92
N GLY G 240 -54.22 -32.65 1.80
CA GLY G 240 -54.79 -32.30 0.51
C GLY G 240 -53.66 -32.01 -0.47
N PHE G 241 -53.99 -31.35 -1.57
CA PHE G 241 -53.00 -31.08 -2.61
C PHE G 241 -52.46 -29.66 -2.49
N GLY G 242 -51.26 -29.44 -3.04
CA GLY G 242 -50.56 -28.15 -2.95
C GLY G 242 -51.23 -27.05 -3.75
N PRO G 243 -51.55 -27.33 -5.03
CA PRO G 243 -52.22 -26.29 -5.83
C PRO G 243 -53.62 -25.87 -5.30
N THR G 244 -54.25 -26.73 -4.49
CA THR G 244 -55.53 -26.41 -3.88
C THR G 244 -55.37 -25.92 -2.43
N ALA G 245 -55.08 -26.85 -1.51
CA ALA G 245 -54.95 -26.50 -0.09
C ALA G 245 -53.75 -25.61 0.16
N GLY G 246 -52.62 -25.97 -0.43
CA GLY G 246 -51.36 -25.23 -0.20
C GLY G 246 -51.49 -23.79 -0.59
N ALA G 247 -52.03 -23.58 -1.79
CA ALA G 247 -52.27 -22.23 -2.31
C ALA G 247 -53.28 -21.43 -1.50
N ALA G 248 -54.31 -22.10 -0.98
CA ALA G 248 -55.35 -21.43 -0.20
C ALA G 248 -54.74 -20.88 1.09
N ILE G 249 -53.85 -21.66 1.70
CA ILE G 249 -53.14 -21.19 2.87
C ILE G 249 -52.31 -19.96 2.51
N ALA G 250 -51.47 -20.08 1.49
CA ALA G 250 -50.58 -19.00 1.07
C ALA G 250 -51.30 -17.70 0.72
N SER G 251 -52.55 -17.82 0.29
CA SER G 251 -53.34 -16.69 -0.22
C SER G 251 -54.37 -16.14 0.75
N HIS G 252 -54.49 -16.74 1.91
CA HIS G 252 -55.60 -16.46 2.81
C HIS G 252 -55.39 -15.12 3.48
N GLU G 253 -56.46 -14.31 3.54
CA GLU G 253 -56.37 -12.92 4.06
C GLU G 253 -56.20 -12.85 5.57
N ASP G 254 -56.52 -13.92 6.29
CA ASP G 254 -56.38 -13.97 7.75
C ASP G 254 -55.24 -14.86 8.26
N VAL G 255 -54.43 -15.41 7.36
CA VAL G 255 -53.23 -16.15 7.77
C VAL G 255 -52.13 -15.14 7.88
N ASP G 256 -51.43 -15.15 9.01
CA ASP G 256 -50.46 -14.08 9.35
C ASP G 256 -49.04 -14.38 8.87
N LYS G 257 -48.75 -15.67 8.79
CA LYS G 257 -47.41 -16.14 8.48
C LYS G 257 -47.47 -17.47 7.77
N VAL G 258 -46.65 -17.65 6.75
CA VAL G 258 -46.56 -18.92 6.09
C VAL G 258 -45.12 -19.39 6.09
N ALA G 259 -44.97 -20.67 6.34
CA ALA G 259 -43.69 -21.34 6.30
C ALA G 259 -43.85 -22.54 5.39
N PHE G 260 -42.92 -22.69 4.45
CA PHE G 260 -42.99 -23.73 3.45
C PHE G 260 -41.63 -24.35 3.24
N THR G 261 -41.65 -25.65 3.00
CA THR G 261 -40.46 -26.42 2.70
C THR G 261 -40.81 -27.27 1.47
N GLY G 262 -39.90 -27.29 0.50
CA GLY G 262 -40.15 -27.88 -0.81
C GLY G 262 -39.24 -27.33 -1.90
N SER G 263 -39.69 -27.38 -3.16
CA SER G 263 -38.84 -27.01 -4.28
C SER G 263 -38.75 -25.50 -4.40
N THR G 264 -37.64 -25.03 -4.97
CA THR G 264 -37.45 -23.59 -5.20
C THR G 264 -38.55 -23.01 -6.07
N GLU G 265 -39.03 -23.78 -7.04
CA GLU G 265 -40.13 -23.36 -7.94
C GLU G 265 -41.41 -22.98 -7.20
N ILE G 266 -41.81 -23.79 -6.22
CA ILE G 266 -43.08 -23.61 -5.52
C ILE G 266 -42.94 -22.47 -4.50
N GLY G 267 -41.76 -22.38 -3.87
CA GLY G 267 -41.40 -21.25 -3.04
C GLY G 267 -41.74 -19.92 -3.68
N ARG G 268 -41.47 -19.83 -4.98
CA ARG G 268 -41.79 -18.61 -5.71
C ARG G 268 -43.27 -18.37 -5.77
N VAL G 269 -44.05 -19.43 -5.92
CA VAL G 269 -45.51 -19.28 -5.96
C VAL G 269 -46.02 -18.76 -4.62
N ILE G 270 -45.40 -19.26 -3.57
CA ILE G 270 -45.75 -18.91 -2.21
C ILE G 270 -45.46 -17.43 -1.93
N GLN G 271 -44.27 -16.95 -2.26
CA GLN G 271 -43.96 -15.57 -1.95
C GLN G 271 -44.75 -14.59 -2.83
N VAL G 272 -45.12 -14.99 -4.03
CA VAL G 272 -46.05 -14.20 -4.86
C VAL G 272 -47.45 -14.14 -4.24
N ALA G 273 -47.91 -15.29 -3.75
CA ALA G 273 -49.21 -15.37 -3.10
C ALA G 273 -49.30 -14.53 -1.81
N ALA G 274 -48.17 -14.41 -1.11
CA ALA G 274 -48.14 -13.65 0.12
C ALA G 274 -48.25 -12.18 -0.19
N GLY G 275 -47.42 -11.70 -1.11
CA GLY G 275 -47.52 -10.34 -1.57
C GLY G 275 -48.82 -9.99 -2.29
N SER G 276 -49.43 -10.94 -3.00
CA SER G 276 -50.71 -10.70 -3.69
C SER G 276 -51.91 -10.56 -2.74
N SER G 277 -51.79 -11.09 -1.52
CA SER G 277 -52.90 -11.11 -0.59
C SER G 277 -52.70 -10.07 0.52
N ASN G 278 -52.22 -10.49 1.71
CA ASN G 278 -52.16 -9.63 2.90
C ASN G 278 -50.76 -9.39 3.46
N LEU G 279 -49.73 -9.53 2.63
CA LEU G 279 -48.33 -9.34 3.05
C LEU G 279 -47.93 -10.17 4.25
N LYS G 280 -48.52 -11.36 4.39
CA LYS G 280 -48.11 -12.29 5.44
C LYS G 280 -46.59 -12.48 5.44
N ARG G 281 -46.06 -12.86 6.60
CA ARG G 281 -44.63 -13.10 6.72
C ARG G 281 -44.33 -14.48 6.11
N VAL G 282 -43.12 -14.64 5.57
CA VAL G 282 -42.77 -15.82 4.77
C VAL G 282 -41.43 -16.36 5.17
N THR G 283 -41.36 -17.66 5.44
CA THR G 283 -40.08 -18.36 5.53
C THR G 283 -40.09 -19.59 4.67
N LEU G 284 -38.97 -19.82 4.01
CA LEU G 284 -38.85 -20.80 2.94
C LEU G 284 -37.64 -21.68 3.16
N GLU G 285 -37.85 -22.99 3.11
CA GLU G 285 -36.76 -23.95 3.12
C GLU G 285 -36.82 -24.65 1.79
N LEU G 286 -35.86 -24.38 0.91
CA LEU G 286 -35.97 -24.89 -0.45
C LEU G 286 -34.95 -26.00 -0.77
N GLY G 287 -34.61 -26.20 -2.03
CA GLY G 287 -33.66 -27.22 -2.38
C GLY G 287 -32.23 -26.74 -2.31
N GLY G 288 -31.31 -27.64 -2.61
CA GLY G 288 -29.92 -27.31 -2.70
C GLY G 288 -29.22 -28.24 -3.65
N LYS G 289 -27.96 -27.92 -3.93
CA LYS G 289 -27.06 -28.78 -4.65
C LYS G 289 -25.73 -28.68 -3.89
N SER G 290 -25.73 -29.21 -2.68
CA SER G 290 -24.66 -28.92 -1.73
C SER G 290 -23.32 -29.60 -2.07
N PRO G 291 -22.22 -28.83 -1.99
CA PRO G 291 -20.86 -29.32 -2.24
C PRO G 291 -20.18 -29.93 -1.02
N ASN G 292 -19.64 -31.15 -1.18
CA ASN G 292 -18.89 -31.87 -0.18
C ASN G 292 -17.42 -31.93 -0.66
N ILE G 293 -16.54 -31.19 0.02
CA ILE G 293 -15.18 -30.94 -0.46
C ILE G 293 -14.16 -31.77 0.32
N ILE G 294 -13.48 -32.69 -0.37
CA ILE G 294 -12.54 -33.60 0.26
C ILE G 294 -11.13 -33.16 -0.11
N MET G 295 -10.37 -32.62 0.85
CA MET G 295 -8.96 -32.24 0.59
C MET G 295 -8.05 -33.49 0.64
N SER G 296 -6.84 -33.40 0.08
CA SER G 296 -5.95 -34.57 0.02
C SER G 296 -5.48 -35.07 1.38
N ASP G 297 -5.51 -34.21 2.39
CA ASP G 297 -5.07 -34.58 3.74
C ASP G 297 -6.21 -35.09 4.66
N ALA G 298 -7.38 -35.34 4.11
CA ALA G 298 -8.46 -35.91 4.90
C ALA G 298 -8.18 -37.35 5.25
N ASP G 299 -8.86 -37.81 6.29
CA ASP G 299 -8.87 -39.22 6.66
C ASP G 299 -9.68 -39.94 5.60
N MET G 300 -9.02 -40.80 4.83
CA MET G 300 -9.65 -41.41 3.66
C MET G 300 -10.87 -42.27 4.02
N ASP G 301 -10.73 -43.19 4.97
CA ASP G 301 -11.85 -44.07 5.30
C ASP G 301 -13.06 -43.32 5.86
N TRP G 302 -12.79 -42.38 6.76
CA TRP G 302 -13.83 -41.52 7.33
C TRP G 302 -14.50 -40.70 6.23
N ALA G 303 -13.71 -40.08 5.36
CA ALA G 303 -14.26 -39.24 4.30
C ALA G 303 -15.18 -40.03 3.34
N VAL G 304 -14.75 -41.25 3.00
CA VAL G 304 -15.49 -42.10 2.07
C VAL G 304 -16.85 -42.45 2.64
N GLU G 305 -16.85 -42.88 3.89
CA GLU G 305 -18.07 -43.31 4.57
C GLU G 305 -19.01 -42.12 4.77
N GLN G 306 -18.46 -40.94 5.10
CA GLN G 306 -19.33 -39.75 5.29
C GLN G 306 -19.91 -39.22 3.97
N ALA G 307 -19.12 -39.25 2.89
CA ALA G 307 -19.56 -38.79 1.57
C ALA G 307 -20.72 -39.64 1.06
N HIS G 308 -20.61 -40.92 1.38
CA HIS G 308 -21.62 -41.89 1.06
C HIS G 308 -22.89 -41.56 1.83
N PHE G 309 -22.77 -41.47 3.14
CA PHE G 309 -23.85 -40.99 3.98
C PHE G 309 -24.45 -39.66 3.45
N ALA G 310 -23.58 -38.69 3.26
CA ALA G 310 -23.96 -37.35 2.88
C ALA G 310 -24.96 -37.35 1.73
N LEU G 311 -24.80 -38.31 0.81
CA LEU G 311 -25.63 -38.35 -0.39
C LEU G 311 -26.80 -39.32 -0.31
N PHE G 312 -26.56 -40.53 0.18
CA PHE G 312 -27.53 -41.61 0.06
C PHE G 312 -28.50 -41.63 1.21
N PHE G 313 -28.20 -40.90 2.28
CA PHE G 313 -29.09 -40.97 3.42
C PHE G 313 -30.51 -40.62 2.96
N ASN G 314 -31.47 -41.39 3.47
CA ASN G 314 -32.89 -41.19 3.21
C ASN G 314 -33.23 -41.30 1.71
N GLN G 315 -32.63 -42.27 1.04
CA GLN G 315 -32.86 -42.54 -0.37
C GLN G 315 -32.47 -41.36 -1.25
N GLY G 316 -31.51 -40.56 -0.80
CA GLY G 316 -31.07 -39.37 -1.54
C GLY G 316 -32.02 -38.19 -1.45
N GLN G 317 -33.08 -38.34 -0.66
CA GLN G 317 -34.16 -37.36 -0.59
C GLN G 317 -33.98 -36.36 0.56
N CYS G 318 -32.87 -35.63 0.51
CA CYS G 318 -32.55 -34.57 1.43
C CYS G 318 -32.18 -33.32 0.64
N CYS G 319 -32.88 -32.23 0.93
CA CYS G 319 -32.53 -30.91 0.42
C CYS G 319 -31.03 -30.57 0.56
N CYS G 320 -30.41 -31.03 1.64
CA CYS G 320 -28.99 -30.75 1.85
C CYS G 320 -28.04 -31.92 1.48
N ALA G 321 -28.49 -32.82 0.61
CA ALA G 321 -27.63 -33.95 0.15
C ALA G 321 -26.30 -33.44 -0.36
N GLY G 322 -25.20 -34.11 0.01
CA GLY G 322 -23.88 -33.81 -0.60
C GLY G 322 -23.82 -34.38 -2.02
N SER G 323 -24.39 -33.64 -2.96
CA SER G 323 -24.62 -34.09 -4.33
C SER G 323 -23.59 -33.53 -5.30
N ARG G 324 -22.62 -32.76 -4.80
CA ARG G 324 -21.42 -32.48 -5.57
C ARG G 324 -20.24 -32.74 -4.69
N THR G 325 -19.63 -33.90 -4.88
CA THR G 325 -18.50 -34.32 -4.10
C THR G 325 -17.23 -33.92 -4.83
N PHE G 326 -16.66 -32.79 -4.44
CA PHE G 326 -15.37 -32.36 -4.98
C PHE G 326 -14.20 -33.09 -4.32
N VAL G 327 -13.41 -33.83 -5.10
CA VAL G 327 -12.28 -34.56 -4.55
C VAL G 327 -10.98 -34.05 -5.14
N GLN G 328 -9.99 -33.74 -4.29
CA GLN G 328 -8.72 -33.23 -4.79
CA GLN G 328 -8.71 -33.23 -4.80
C GLN G 328 -7.97 -34.28 -5.63
N GLU G 329 -7.33 -33.83 -6.68
CA GLU G 329 -6.81 -34.73 -7.74
C GLU G 329 -5.89 -35.85 -7.26
N ASP G 330 -5.02 -35.55 -6.31
CA ASP G 330 -4.09 -36.51 -5.75
C ASP G 330 -4.74 -37.71 -5.04
N ILE G 331 -5.97 -37.60 -4.56
CA ILE G 331 -6.65 -38.75 -3.91
C ILE G 331 -7.89 -39.21 -4.67
N TYR G 332 -8.10 -38.66 -5.87
CA TYR G 332 -9.30 -38.94 -6.64
C TYR G 332 -9.52 -40.43 -6.93
N ASP G 333 -8.54 -41.09 -7.53
CA ASP G 333 -8.74 -42.49 -7.97
C ASP G 333 -9.06 -43.40 -6.79
N GLU G 334 -8.25 -43.32 -5.74
CA GLU G 334 -8.50 -44.10 -4.54
C GLU G 334 -9.93 -43.84 -4.03
N PHE G 335 -10.28 -42.56 -3.88
CA PHE G 335 -11.57 -42.18 -3.31
C PHE G 335 -12.75 -42.69 -4.14
N VAL G 336 -12.65 -42.56 -5.45
CA VAL G 336 -13.67 -43.07 -6.34
C VAL G 336 -13.83 -44.57 -6.17
N GLU G 337 -12.69 -45.28 -6.21
CA GLU G 337 -12.67 -46.75 -6.05
CA GLU G 337 -12.70 -46.74 -6.05
C GLU G 337 -13.38 -47.18 -4.77
N ARG G 338 -13.05 -46.53 -3.66
CA ARG G 338 -13.67 -46.89 -2.37
C ARG G 338 -15.14 -46.48 -2.31
N SER G 339 -15.46 -45.32 -2.86
CA SER G 339 -16.86 -44.89 -2.98
C SER G 339 -17.68 -45.87 -3.78
N VAL G 340 -17.12 -46.34 -4.90
CA VAL G 340 -17.84 -47.33 -5.72
C VAL G 340 -18.08 -48.66 -4.98
N ALA G 341 -17.08 -49.14 -4.26
CA ALA G 341 -17.26 -50.35 -3.46
C ALA G 341 -18.34 -50.15 -2.39
N ARG G 342 -18.35 -48.97 -1.75
CA ARG G 342 -19.33 -48.71 -0.71
C ARG G 342 -20.72 -48.61 -1.33
N ALA G 343 -20.81 -47.90 -2.44
CA ALA G 343 -22.06 -47.88 -3.20
C ALA G 343 -22.54 -49.29 -3.53
N LYS G 344 -21.65 -50.12 -4.07
CA LYS G 344 -22.06 -51.49 -4.47
C LYS G 344 -22.56 -52.34 -3.31
N SER G 345 -22.05 -52.10 -2.11
CA SER G 345 -22.45 -52.90 -0.95
C SER G 345 -23.78 -52.46 -0.28
N ARG G 346 -24.30 -51.31 -0.66
CA ARG G 346 -25.48 -50.75 -0.01
C ARG G 346 -26.72 -51.57 -0.27
N VAL G 347 -27.38 -52.05 0.77
CA VAL G 347 -28.49 -52.97 0.55
C VAL G 347 -29.82 -52.25 0.28
N VAL G 348 -30.33 -52.46 -0.93
CA VAL G 348 -31.64 -51.97 -1.34
C VAL G 348 -32.63 -53.10 -1.15
N GLY G 349 -33.76 -52.80 -0.51
CA GLY G 349 -34.82 -53.80 -0.30
C GLY G 349 -35.94 -53.34 0.62
N ASN G 350 -36.69 -54.31 1.15
CA ASN G 350 -37.82 -54.05 2.04
C ASN G 350 -37.41 -53.32 3.33
N PRO G 351 -37.95 -52.11 3.56
CA PRO G 351 -37.47 -51.23 4.63
C PRO G 351 -37.72 -51.73 6.05
N PHE G 352 -38.64 -52.68 6.19
CA PHE G 352 -38.85 -53.37 7.46
C PHE G 352 -37.83 -54.46 7.73
N ASP G 353 -36.98 -54.79 6.77
CA ASP G 353 -35.97 -55.82 6.96
C ASP G 353 -34.79 -55.13 7.60
N SER G 354 -34.33 -55.62 8.75
CA SER G 354 -33.21 -54.98 9.46
C SER G 354 -31.90 -54.84 8.65
N LYS G 355 -31.73 -55.57 7.55
CA LYS G 355 -30.53 -55.44 6.75
C LYS G 355 -30.64 -54.33 5.71
N THR G 356 -31.85 -53.87 5.44
CA THR G 356 -32.06 -52.87 4.40
C THR G 356 -31.44 -51.51 4.80
N GLU G 357 -30.52 -51.00 3.97
CA GLU G 357 -30.01 -49.64 4.13
C GLU G 357 -30.83 -48.61 3.35
N GLN G 358 -31.55 -49.07 2.33
CA GLN G 358 -32.24 -48.18 1.40
C GLN G 358 -33.59 -48.74 0.93
N GLY G 359 -34.64 -48.00 1.23
CA GLY G 359 -35.98 -48.32 0.76
C GLY G 359 -36.20 -47.69 -0.60
N PRO G 360 -37.45 -47.54 -1.00
CA PRO G 360 -37.81 -46.96 -2.29
C PRO G 360 -37.83 -45.43 -2.30
N GLN G 361 -37.93 -44.85 -3.50
CA GLN G 361 -38.29 -43.45 -3.60
C GLN G 361 -39.77 -43.31 -3.18
N VAL G 362 -40.19 -42.08 -2.94
CA VAL G 362 -41.47 -41.80 -2.28
C VAL G 362 -42.68 -42.04 -3.20
N ASP G 363 -42.52 -41.82 -4.51
CA ASP G 363 -43.64 -42.03 -5.45
C ASP G 363 -43.16 -42.20 -6.88
N GLU G 364 -44.11 -42.45 -7.79
CA GLU G 364 -43.79 -42.69 -9.19
C GLU G 364 -43.17 -41.47 -9.89
N THR G 365 -43.64 -40.29 -9.57
CA THR G 365 -43.16 -39.07 -10.18
C THR G 365 -41.68 -38.83 -9.88
N GLN G 366 -41.30 -39.02 -8.62
CA GLN G 366 -39.91 -38.90 -8.20
C GLN G 366 -39.05 -39.97 -8.84
N PHE G 367 -39.52 -41.21 -8.74
CA PHE G 367 -38.94 -42.39 -9.40
C PHE G 367 -38.57 -42.08 -10.86
N LYS G 368 -39.55 -41.67 -11.65
CA LYS G 368 -39.34 -41.35 -13.07
C LYS G 368 -38.35 -40.23 -13.31
N LYS G 369 -38.48 -39.17 -12.54
CA LYS G 369 -37.65 -37.98 -12.70
C LYS G 369 -36.18 -38.35 -12.47
N ILE G 370 -35.93 -39.22 -11.49
CA ILE G 370 -34.58 -39.63 -11.14
C ILE G 370 -33.97 -40.44 -12.27
N LEU G 371 -34.74 -41.37 -12.80
CA LEU G 371 -34.27 -42.12 -13.95
C LEU G 371 -33.90 -41.20 -15.12
N GLY G 372 -34.71 -40.16 -15.34
CA GLY G 372 -34.45 -39.18 -16.39
C GLY G 372 -33.13 -38.46 -16.23
N TYR G 373 -32.76 -38.17 -14.99
CA TYR G 373 -31.50 -37.49 -14.69
C TYR G 373 -30.31 -38.42 -14.87
N ILE G 374 -30.46 -39.66 -14.42
CA ILE G 374 -29.44 -40.69 -14.66
C ILE G 374 -29.15 -40.85 -16.14
N ASN G 375 -30.21 -40.88 -16.95
CA ASN G 375 -30.07 -40.94 -18.41
C ASN G 375 -29.42 -39.71 -19.03
N THR G 376 -29.71 -38.55 -18.48
CA THR G 376 -29.03 -37.32 -18.89
C THR G 376 -27.53 -37.38 -18.55
N GLY G 377 -27.18 -37.95 -17.40
CA GLY G 377 -25.76 -38.04 -17.00
C GLY G 377 -24.95 -38.90 -17.95
N LYS G 378 -25.52 -40.06 -18.32
CA LYS G 378 -24.94 -40.96 -19.35
C LYS G 378 -24.75 -40.23 -20.67
N GLN G 379 -25.83 -39.59 -21.11
CA GLN G 379 -25.84 -38.82 -22.37
C GLN G 379 -24.80 -37.70 -22.42
N GLU G 380 -24.57 -37.04 -21.29
CA GLU G 380 -23.74 -35.84 -21.31
C GLU G 380 -22.26 -36.14 -21.11
N GLY G 381 -21.96 -37.43 -20.93
CA GLY G 381 -20.58 -37.92 -20.95
C GLY G 381 -20.00 -38.09 -19.55
N ALA G 382 -20.86 -38.21 -18.55
CA ALA G 382 -20.39 -38.51 -17.23
C ALA G 382 -20.14 -40.02 -17.19
N LYS G 383 -19.11 -40.42 -16.44
CA LYS G 383 -18.70 -41.81 -16.38
C LYS G 383 -19.59 -42.52 -15.36
N LEU G 384 -20.44 -43.44 -15.83
CA LEU G 384 -21.28 -44.20 -14.91
C LEU G 384 -20.45 -45.32 -14.29
N LEU G 385 -20.28 -45.30 -12.97
CA LEU G 385 -19.42 -46.25 -12.29
C LEU G 385 -20.17 -47.39 -11.62
N CYS G 386 -21.42 -47.17 -11.21
CA CYS G 386 -22.29 -48.29 -10.82
C CYS G 386 -23.75 -47.91 -10.75
N GLY G 387 -24.59 -48.91 -10.58
CA GLY G 387 -26.04 -48.71 -10.57
C GLY G 387 -26.49 -48.21 -11.92
N GLY G 388 -27.39 -47.23 -11.89
CA GLY G 388 -27.89 -46.58 -13.10
C GLY G 388 -29.26 -47.02 -13.57
N GLY G 389 -29.96 -47.82 -12.77
CA GLY G 389 -31.28 -48.32 -13.17
C GLY G 389 -32.16 -48.74 -12.02
N ILE G 390 -33.29 -49.36 -12.39
CA ILE G 390 -34.33 -49.74 -11.46
C ILE G 390 -33.82 -50.91 -10.60
N ALA G 391 -34.17 -50.94 -9.31
CA ALA G 391 -33.65 -51.94 -8.38
C ALA G 391 -34.68 -52.97 -7.89
N ALA G 392 -35.92 -52.84 -8.35
CA ALA G 392 -36.91 -53.88 -8.07
C ALA G 392 -38.02 -53.88 -9.10
N ASP G 393 -38.63 -55.05 -9.28
CA ASP G 393 -39.79 -55.21 -10.14
C ASP G 393 -41.03 -54.53 -9.56
N ARG G 394 -41.00 -54.25 -8.25
CA ARG G 394 -42.15 -53.78 -7.48
CA ARG G 394 -42.15 -53.72 -7.53
C ARG G 394 -41.72 -52.62 -6.59
N GLY G 395 -42.50 -51.54 -6.52
CA GLY G 395 -42.16 -50.38 -5.67
C GLY G 395 -41.31 -49.36 -6.41
N TYR G 396 -40.79 -48.34 -5.73
CA TYR G 396 -40.05 -47.28 -6.44
C TYR G 396 -38.56 -47.30 -6.08
N PHE G 397 -37.95 -48.47 -6.23
CA PHE G 397 -36.58 -48.70 -5.84
C PHE G 397 -35.63 -48.33 -6.96
N ILE G 398 -34.57 -47.61 -6.62
CA ILE G 398 -33.53 -47.24 -7.58
C ILE G 398 -32.16 -47.66 -7.05
N GLN G 399 -31.32 -48.13 -7.95
CA GLN G 399 -29.99 -48.63 -7.62
C GLN G 399 -29.11 -47.47 -7.19
N PRO G 400 -28.30 -47.68 -6.14
CA PRO G 400 -27.31 -46.69 -5.76
C PRO G 400 -26.35 -46.41 -6.92
N THR G 401 -26.35 -45.17 -7.38
CA THR G 401 -25.69 -44.82 -8.61
C THR G 401 -24.61 -43.82 -8.40
N VAL G 402 -23.49 -43.99 -9.07
CA VAL G 402 -22.34 -43.10 -8.88
C VAL G 402 -21.74 -42.70 -10.22
N PHE G 403 -21.62 -41.39 -10.42
CA PHE G 403 -21.02 -40.84 -11.63
C PHE G 403 -19.65 -40.22 -11.32
N GLY G 404 -18.65 -40.59 -12.10
CA GLY G 404 -17.34 -39.95 -12.03
C GLY G 404 -17.09 -38.98 -13.17
N ASP G 405 -15.98 -38.27 -13.06
CA ASP G 405 -15.55 -37.29 -14.06
C ASP G 405 -16.69 -36.32 -14.44
N VAL G 406 -17.47 -35.93 -13.45
CA VAL G 406 -18.55 -34.97 -13.67
C VAL G 406 -18.00 -33.55 -13.81
N GLN G 407 -18.50 -32.81 -14.80
CA GLN G 407 -18.10 -31.43 -15.06
C GLN G 407 -19.17 -30.44 -14.61
N ASP G 408 -18.77 -29.20 -14.39
CA ASP G 408 -19.64 -28.20 -13.77
C ASP G 408 -20.85 -27.85 -14.63
N GLY G 409 -20.67 -27.85 -15.95
CA GLY G 409 -21.75 -27.53 -16.85
C GLY G 409 -22.72 -28.67 -17.10
N MET G 410 -22.53 -29.83 -16.48
CA MET G 410 -23.45 -30.93 -16.70
C MET G 410 -24.74 -30.76 -15.92
N THR G 411 -25.84 -31.18 -16.50
CA THR G 411 -27.14 -31.13 -15.88
C THR G 411 -27.13 -31.76 -14.51
N ILE G 412 -26.53 -32.94 -14.39
CA ILE G 412 -26.47 -33.62 -13.08
C ILE G 412 -25.61 -32.89 -12.04
N ALA G 413 -24.70 -32.04 -12.48
CA ALA G 413 -23.95 -31.16 -11.58
C ALA G 413 -24.71 -29.88 -11.21
N LYS G 414 -25.85 -29.61 -11.85
CA LYS G 414 -26.54 -28.34 -11.64
C LYS G 414 -27.94 -28.47 -11.03
N GLU G 415 -28.68 -29.49 -11.41
CA GLU G 415 -30.05 -29.63 -10.94
C GLU G 415 -30.15 -30.60 -9.78
N GLU G 416 -31.06 -30.32 -8.86
CA GLU G 416 -31.31 -31.14 -7.69
C GLU G 416 -31.99 -32.43 -8.13
N ILE G 417 -31.31 -33.56 -7.95
CA ILE G 417 -31.84 -34.86 -8.36
C ILE G 417 -32.76 -35.46 -7.29
N PHE G 418 -32.33 -35.40 -6.03
CA PHE G 418 -33.17 -35.83 -4.91
C PHE G 418 -33.34 -37.35 -4.93
N GLY G 419 -32.26 -38.04 -5.28
CA GLY G 419 -32.29 -39.49 -5.47
C GLY G 419 -30.92 -40.03 -5.15
N PRO G 420 -30.75 -41.35 -5.16
CA PRO G 420 -29.49 -41.94 -4.77
C PRO G 420 -28.48 -41.88 -5.90
N VAL G 421 -28.02 -40.68 -6.24
CA VAL G 421 -27.16 -40.50 -7.39
C VAL G 421 -26.01 -39.59 -6.98
N MET G 422 -24.80 -40.14 -6.92
CA MET G 422 -23.63 -39.37 -6.52
C MET G 422 -22.91 -38.73 -7.68
N GLN G 423 -22.54 -37.46 -7.55
CA GLN G 423 -21.65 -36.80 -8.52
C GLN G 423 -20.26 -36.59 -7.92
N ILE G 424 -19.23 -37.15 -8.56
CA ILE G 424 -17.86 -36.94 -8.11
C ILE G 424 -17.06 -36.11 -9.08
N LEU G 425 -16.63 -34.94 -8.63
CA LEU G 425 -15.87 -34.00 -9.42
C LEU G 425 -14.47 -33.91 -8.85
N LYS G 426 -13.53 -33.55 -9.72
CA LYS G 426 -12.12 -33.51 -9.42
C LYS G 426 -11.67 -32.06 -9.39
N PHE G 427 -10.79 -31.72 -8.46
CA PHE G 427 -10.25 -30.34 -8.41
C PHE G 427 -8.78 -30.29 -8.02
N LYS G 428 -8.10 -29.19 -8.32
CA LYS G 428 -6.68 -29.07 -7.94
C LYS G 428 -6.45 -28.17 -6.75
N THR G 429 -6.87 -26.89 -6.85
CA THR G 429 -6.57 -25.92 -5.78
C THR G 429 -7.75 -25.53 -4.88
N ILE G 430 -7.42 -25.14 -3.65
CA ILE G 430 -8.43 -24.71 -2.69
C ILE G 430 -9.18 -23.47 -3.17
N GLU G 431 -8.47 -22.61 -3.90
CA GLU G 431 -9.04 -21.39 -4.43
C GLU G 431 -9.99 -21.69 -5.58
N GLU G 432 -9.62 -22.65 -6.41
CA GLU G 432 -10.47 -23.15 -7.49
C GLU G 432 -11.79 -23.69 -6.95
N VAL G 433 -11.70 -24.59 -5.97
CA VAL G 433 -12.87 -25.31 -5.52
C VAL G 433 -13.85 -24.38 -4.78
N VAL G 434 -13.33 -23.40 -4.05
CA VAL G 434 -14.19 -22.34 -3.50
C VAL G 434 -15.14 -21.79 -4.57
N GLY G 435 -14.56 -21.31 -5.67
CA GLY G 435 -15.32 -20.70 -6.77
C GLY G 435 -16.35 -21.65 -7.38
N ARG G 436 -15.95 -22.89 -7.59
CA ARG G 436 -16.84 -23.83 -8.24
C ARG G 436 -17.95 -24.24 -7.29
N ALA G 437 -17.59 -24.37 -6.03
CA ALA G 437 -18.54 -24.75 -5.04
C ALA G 437 -19.62 -23.66 -4.91
N ASN G 438 -19.23 -22.39 -5.05
CA ASN G 438 -20.17 -21.26 -4.85
C ASN G 438 -20.87 -20.84 -6.14
N ASN G 439 -20.46 -21.42 -7.26
CA ASN G 439 -21.06 -21.06 -8.53
C ASN G 439 -22.37 -21.80 -8.72
N SER G 440 -23.39 -21.36 -8.01
CA SER G 440 -24.65 -22.09 -7.93
C SER G 440 -25.62 -21.07 -7.40
N THR G 441 -26.89 -21.18 -7.80
CA THR G 441 -27.97 -20.38 -7.21
C THR G 441 -28.45 -20.95 -5.87
N TYR G 442 -28.04 -22.18 -5.57
CA TYR G 442 -28.34 -22.84 -4.29
C TYR G 442 -27.27 -22.58 -3.22
N GLY G 443 -27.62 -22.77 -1.97
CA GLY G 443 -26.71 -22.47 -0.86
C GLY G 443 -27.23 -22.95 0.48
N LEU G 444 -27.69 -24.19 0.52
CA LEU G 444 -28.29 -24.71 1.74
C LEU G 444 -27.20 -25.22 2.68
N ALA G 445 -26.33 -26.07 2.16
CA ALA G 445 -25.30 -26.64 2.99
C ALA G 445 -24.02 -26.87 2.23
N ALA G 446 -23.00 -27.30 2.96
CA ALA G 446 -21.68 -27.54 2.44
C ALA G 446 -20.88 -28.30 3.48
N ALA G 447 -19.77 -28.91 3.02
CA ALA G 447 -18.92 -29.69 3.89
C ALA G 447 -17.49 -29.68 3.37
N VAL G 448 -16.57 -29.89 4.32
CA VAL G 448 -15.15 -29.82 4.10
C VAL G 448 -14.56 -30.94 4.91
N PHE G 449 -13.75 -31.79 4.28
CA PHE G 449 -13.03 -32.83 4.99
C PHE G 449 -11.54 -32.59 4.89
N THR G 450 -10.92 -32.33 6.03
CA THR G 450 -9.51 -32.01 6.07
C THR G 450 -9.03 -32.11 7.51
N LYS G 451 -7.74 -32.36 7.68
CA LYS G 451 -7.08 -32.32 9.00
C LYS G 451 -6.47 -30.97 9.27
N ASP G 452 -6.37 -30.12 8.25
CA ASP G 452 -5.68 -28.85 8.41
C ASP G 452 -6.61 -27.75 8.96
N LEU G 453 -6.21 -27.16 10.08
CA LEU G 453 -6.92 -26.04 10.68
C LEU G 453 -7.19 -24.89 9.69
N ASP G 454 -6.13 -24.41 9.05
CA ASP G 454 -6.24 -23.27 8.13
C ASP G 454 -7.17 -23.52 6.94
N LYS G 455 -7.14 -24.71 6.38
CA LYS G 455 -8.01 -25.00 5.26
C LYS G 455 -9.48 -25.08 5.70
N ALA G 456 -9.74 -25.70 6.85
CA ALA G 456 -11.08 -25.76 7.38
C ALA G 456 -11.65 -24.35 7.65
N ASN G 457 -10.86 -23.44 8.21
CA ASN G 457 -11.35 -22.07 8.46
C ASN G 457 -11.47 -21.23 7.19
N TYR G 458 -10.57 -21.45 6.23
CA TYR G 458 -10.64 -20.77 4.93
C TYR G 458 -11.98 -21.11 4.27
N LEU G 459 -12.24 -22.41 4.15
CA LEU G 459 -13.38 -22.90 3.43
C LEU G 459 -14.69 -22.65 4.14
N SER G 460 -14.76 -22.87 5.45
CA SER G 460 -16.01 -22.64 6.19
C SER G 460 -16.39 -21.14 6.20
N GLN G 461 -15.41 -20.27 6.11
CA GLN G 461 -15.73 -18.86 5.92
C GLN G 461 -16.19 -18.55 4.49
N ALA G 462 -15.58 -19.17 3.50
CA ALA G 462 -15.73 -18.74 2.11
C ALA G 462 -16.94 -19.34 1.42
N LEU G 463 -17.33 -20.51 1.89
CA LEU G 463 -18.46 -21.20 1.32
C LEU G 463 -19.75 -20.44 1.62
N GLN G 464 -20.53 -20.20 0.57
CA GLN G 464 -21.75 -19.44 0.64
C GLN G 464 -22.88 -20.41 0.90
N ALA G 465 -22.97 -20.87 2.14
CA ALA G 465 -23.98 -21.84 2.50
C ALA G 465 -24.45 -21.67 3.93
N GLY G 466 -25.69 -22.07 4.16
CA GLY G 466 -26.32 -21.89 5.43
C GLY G 466 -25.74 -22.68 6.56
N THR G 467 -25.30 -23.91 6.25
CA THR G 467 -24.62 -24.79 7.19
C THR G 467 -23.34 -25.32 6.55
N VAL G 468 -22.22 -25.28 7.27
CA VAL G 468 -21.00 -25.85 6.79
C VAL G 468 -20.56 -26.92 7.80
N TRP G 469 -20.54 -28.18 7.37
CA TRP G 469 -20.07 -29.26 8.20
C TRP G 469 -18.57 -29.45 7.98
N VAL G 470 -17.81 -29.70 9.04
CA VAL G 470 -16.36 -29.90 8.93
C VAL G 470 -16.04 -31.31 9.46
N ASN G 471 -15.50 -32.17 8.60
CA ASN G 471 -15.27 -33.61 8.89
C ASN G 471 -16.48 -34.34 9.42
N CYS G 472 -17.64 -33.94 8.93
CA CYS G 472 -18.89 -34.66 9.21
C CYS G 472 -19.92 -34.22 8.17
N TYR G 473 -21.14 -34.73 8.26
CA TYR G 473 -22.22 -34.31 7.37
C TYR G 473 -23.54 -34.74 8.01
N ASP G 474 -24.61 -34.02 7.69
CA ASP G 474 -25.97 -34.30 8.22
C ASP G 474 -25.98 -34.40 9.75
N VAL G 475 -25.20 -33.55 10.40
CA VAL G 475 -25.25 -33.46 11.83
C VAL G 475 -26.20 -32.34 12.19
N PHE G 476 -27.38 -32.72 12.65
CA PHE G 476 -28.43 -31.79 13.02
C PHE G 476 -28.64 -31.85 14.54
N GLY G 477 -28.88 -30.70 15.14
CA GLY G 477 -29.24 -30.60 16.53
C GLY G 477 -30.32 -29.56 16.61
N ALA G 478 -31.34 -29.84 17.42
CA ALA G 478 -32.38 -28.87 17.69
C ALA G 478 -31.79 -27.51 18.08
N GLN G 479 -30.59 -27.51 18.67
CA GLN G 479 -29.93 -26.28 19.15
C GLN G 479 -29.36 -25.40 18.05
N SER G 480 -28.95 -26.00 16.93
CA SER G 480 -28.26 -25.28 15.84
C SER G 480 -29.19 -24.95 14.69
N PRO G 481 -29.18 -23.70 14.24
CA PRO G 481 -30.08 -23.31 13.17
C PRO G 481 -29.65 -23.87 11.83
N PHE G 482 -30.59 -23.95 10.90
CA PHE G 482 -30.40 -24.53 9.61
C PHE G 482 -31.27 -23.77 8.63
N GLY G 483 -30.72 -23.41 7.47
CA GLY G 483 -31.51 -22.83 6.40
C GLY G 483 -30.60 -22.33 5.31
N GLY G 484 -31.20 -21.77 4.25
CA GLY G 484 -30.47 -21.44 3.01
C GLY G 484 -29.95 -20.03 2.79
N TYR G 485 -28.79 -19.95 2.14
CA TYR G 485 -28.37 -18.77 1.40
C TYR G 485 -29.00 -18.81 0.01
N LYS G 486 -28.98 -17.66 -0.66
CA LYS G 486 -29.46 -17.53 -2.03
C LYS G 486 -30.85 -18.14 -2.23
N MET G 487 -31.01 -19.02 -3.20
CA MET G 487 -32.34 -19.48 -3.52
C MET G 487 -32.62 -20.81 -2.89
N SER G 488 -31.78 -21.21 -1.94
CA SER G 488 -32.11 -22.37 -1.11
C SER G 488 -33.08 -22.03 0.02
N GLY G 489 -33.48 -20.78 0.15
CA GLY G 489 -34.50 -20.42 1.13
C GLY G 489 -34.22 -19.11 1.80
N SER G 490 -35.07 -18.77 2.76
CA SER G 490 -34.85 -17.60 3.59
C SER G 490 -35.42 -17.84 5.00
N GLY G 491 -34.73 -17.28 5.98
CA GLY G 491 -35.00 -17.57 7.38
C GLY G 491 -34.28 -18.83 7.83
N ARG G 492 -34.34 -19.08 9.12
CA ARG G 492 -33.74 -20.24 9.72
C ARG G 492 -34.75 -20.96 10.57
N GLU G 493 -34.67 -22.28 10.56
CA GLU G 493 -35.35 -23.10 11.54
C GLU G 493 -34.33 -23.62 12.57
N LEU G 494 -34.85 -24.07 13.70
CA LEU G 494 -34.08 -24.67 14.79
C LEU G 494 -33.35 -23.62 15.62
N GLY G 495 -32.95 -24.01 16.82
CA GLY G 495 -32.26 -23.11 17.72
C GLY G 495 -33.13 -21.92 18.13
N GLU G 496 -32.48 -20.98 18.80
CA GLU G 496 -33.09 -19.70 19.14
C GLU G 496 -33.61 -18.98 17.88
N TYR G 497 -32.79 -18.98 16.84
CA TYR G 497 -33.15 -18.37 15.56
C TYR G 497 -34.52 -18.82 15.03
N GLY G 498 -34.87 -20.09 15.19
CA GLY G 498 -36.18 -20.57 14.77
C GLY G 498 -37.36 -19.82 15.37
N LEU G 499 -37.12 -19.11 16.47
CA LEU G 499 -38.22 -18.42 17.17
C LEU G 499 -38.55 -17.09 16.53
N GLN G 500 -37.59 -16.53 15.81
CA GLN G 500 -37.66 -15.15 15.32
C GLN G 500 -38.84 -14.94 14.40
N ALA G 501 -39.05 -15.89 13.50
CA ALA G 501 -40.08 -15.79 12.48
C ALA G 501 -41.48 -16.00 13.07
N TYR G 502 -41.52 -16.47 14.32
CA TYR G 502 -42.76 -16.77 14.99
C TYR G 502 -43.13 -15.70 16.00
N THR G 503 -42.44 -14.58 15.94
CA THR G 503 -42.60 -13.53 16.94
C THR G 503 -42.91 -12.20 16.28
N GLU G 504 -43.92 -11.50 16.78
CA GLU G 504 -44.18 -10.12 16.37
C GLU G 504 -43.75 -9.20 17.50
N VAL G 505 -42.91 -8.23 17.20
CA VAL G 505 -42.31 -7.37 18.21
C VAL G 505 -43.15 -6.11 18.38
N LYS G 506 -43.49 -5.81 19.63
CA LYS G 506 -44.22 -4.60 19.98
C LYS G 506 -43.36 -3.78 20.91
N THR G 507 -43.25 -2.50 20.62
CA THR G 507 -42.54 -1.58 21.48
C THR G 507 -43.54 -0.72 22.20
N VAL G 508 -43.34 -0.57 23.51
CA VAL G 508 -44.18 0.25 24.35
C VAL G 508 -43.29 1.30 24.98
N THR G 509 -43.61 2.57 24.72
CA THR G 509 -42.81 3.67 25.20
C THR G 509 -43.70 4.58 26.07
N VAL G 510 -43.29 4.78 27.31
CA VAL G 510 -44.12 5.43 28.29
C VAL G 510 -43.44 6.64 28.85
N LYS G 511 -44.17 7.74 28.87
CA LYS G 511 -43.70 8.97 29.51
C LYS G 511 -43.55 8.74 31.01
N VAL G 512 -42.40 9.09 31.58
CA VAL G 512 -42.19 8.96 33.02
C VAL G 512 -41.77 10.31 33.59
N PRO G 513 -42.04 10.51 34.90
CA PRO G 513 -41.69 11.78 35.53
C PRO G 513 -40.22 12.11 35.39
N GLN G 514 -39.34 11.12 35.52
CA GLN G 514 -37.89 11.40 35.37
C GLN G 514 -37.04 10.16 35.17
N LYS G 515 -36.45 10.03 33.99
CA LYS G 515 -35.55 8.91 33.69
C LYS G 515 -34.20 9.04 34.45
N ASN G 516 -33.82 7.98 35.17
CA ASN G 516 -32.48 7.82 35.71
C ASN G 516 -31.92 6.50 35.26
N SER G 517 -30.64 6.48 34.98
CA SER G 517 -29.93 5.25 34.65
C SER G 517 -30.28 4.16 35.68
N ALA H 24 -31.88 27.50 19.92
CA ALA H 24 -30.70 28.32 19.51
C ALA H 24 -30.38 28.12 18.02
N VAL H 25 -31.44 28.09 17.21
CA VAL H 25 -31.35 27.63 15.81
C VAL H 25 -30.62 28.64 14.90
N PRO H 26 -29.56 28.19 14.21
CA PRO H 26 -28.86 29.09 13.28
C PRO H 26 -29.73 29.54 12.09
N ALA H 27 -29.44 30.74 11.59
CA ALA H 27 -30.24 31.33 10.54
C ALA H 27 -30.07 30.54 9.24
N PRO H 28 -31.18 30.12 8.63
CA PRO H 28 -31.06 29.33 7.42
C PRO H 28 -30.60 30.18 6.26
N ASN H 29 -29.91 29.56 5.32
CA ASN H 29 -29.82 30.12 3.98
C ASN H 29 -31.07 29.64 3.22
N GLN H 30 -31.91 30.57 2.82
CA GLN H 30 -33.24 30.24 2.31
C GLN H 30 -33.23 29.82 0.85
N GLN H 31 -32.09 30.02 0.20
CA GLN H 31 -31.90 29.57 -1.17
C GLN H 31 -30.57 28.85 -1.17
N PRO H 32 -30.51 27.69 -0.51
CA PRO H 32 -29.26 26.96 -0.45
C PRO H 32 -28.90 26.44 -1.83
N GLU H 33 -27.61 26.44 -2.12
CA GLU H 33 -27.08 26.03 -3.40
C GLU H 33 -27.09 24.51 -3.49
N VAL H 34 -27.32 24.01 -4.70
CA VAL H 34 -27.25 22.59 -4.96
C VAL H 34 -25.90 22.25 -5.59
N PHE H 35 -25.20 21.27 -5.02
CA PHE H 35 -23.92 20.80 -5.53
C PHE H 35 -24.00 19.41 -6.19
N CYS H 36 -24.94 18.58 -5.73
CA CYS H 36 -25.04 17.17 -6.14
C CYS H 36 -26.43 16.87 -6.69
N ASN H 37 -26.46 16.45 -7.95
CA ASN H 37 -27.72 16.19 -8.63
C ASN H 37 -27.60 15.08 -9.67
N GLN H 38 -26.69 14.15 -9.45
CA GLN H 38 -26.47 13.05 -10.37
C GLN H 38 -26.54 11.71 -9.69
N ILE H 39 -26.27 10.66 -10.45
CA ILE H 39 -26.21 9.30 -9.96
C ILE H 39 -24.83 9.02 -9.32
N PHE H 40 -24.85 8.43 -8.12
CA PHE H 40 -23.63 8.13 -7.35
C PHE H 40 -23.31 6.64 -7.36
N ILE H 41 -22.24 6.28 -8.08
CA ILE H 41 -21.77 4.91 -8.20
C ILE H 41 -20.26 4.89 -8.09
N ASN H 42 -19.73 3.98 -7.26
CA ASN H 42 -18.29 3.89 -7.07
C ASN H 42 -17.63 5.18 -6.66
N ASN H 43 -18.31 5.92 -5.79
CA ASN H 43 -17.81 7.20 -5.28
C ASN H 43 -17.63 8.23 -6.38
N GLU H 44 -18.32 8.06 -7.51
CA GLU H 44 -18.19 9.00 -8.63
C GLU H 44 -19.58 9.45 -9.04
N TRP H 45 -19.64 10.63 -9.65
CA TRP H 45 -20.92 11.18 -10.13
C TRP H 45 -21.15 10.88 -11.61
N HIS H 46 -22.38 10.48 -11.94
CA HIS H 46 -22.68 10.09 -13.30
C HIS H 46 -24.02 10.60 -13.72
N ASP H 47 -24.14 11.02 -14.97
CA ASP H 47 -25.44 11.17 -15.59
C ASP H 47 -26.06 9.80 -15.83
N ALA H 48 -27.37 9.79 -16.01
CA ALA H 48 -28.07 8.59 -16.43
C ALA H 48 -27.54 8.17 -17.78
N VAL H 49 -27.56 6.88 -18.08
CA VAL H 49 -27.19 6.36 -19.40
C VAL H 49 -28.00 7.09 -20.48
N SER H 50 -29.29 7.31 -20.22
CA SER H 50 -30.17 8.04 -21.17
C SER H 50 -29.94 9.56 -21.21
N ARG H 51 -29.20 10.09 -20.25
CA ARG H 51 -29.03 11.54 -20.05
C ARG H 51 -30.26 12.26 -19.55
N LYS H 52 -31.33 11.54 -19.25
CA LYS H 52 -32.56 12.16 -18.80
C LYS H 52 -32.36 12.84 -17.46
N THR H 53 -33.10 13.91 -17.26
CA THR H 53 -33.15 14.59 -15.99
C THR H 53 -34.61 14.84 -15.69
N PHE H 54 -34.94 15.00 -14.43
CA PHE H 54 -36.29 15.38 -14.04
C PHE H 54 -36.17 16.57 -13.10
N PRO H 55 -37.16 17.47 -13.14
CA PRO H 55 -37.13 18.60 -12.24
C PRO H 55 -37.59 18.22 -10.85
N THR H 56 -36.96 18.78 -9.83
CA THR H 56 -37.45 18.63 -8.46
C THR H 56 -38.01 20.00 -8.00
N VAL H 57 -39.15 19.96 -7.32
CA VAL H 57 -39.98 21.12 -7.08
C VAL H 57 -40.00 21.51 -5.61
N ASN H 58 -39.84 22.82 -5.36
CA ASN H 58 -40.06 23.43 -4.03
C ASN H 58 -41.55 23.52 -3.73
N PRO H 59 -42.08 22.62 -2.87
CA PRO H 59 -43.52 22.60 -2.70
C PRO H 59 -44.11 23.82 -1.95
N SER H 60 -43.27 24.72 -1.45
CA SER H 60 -43.76 25.99 -0.89
C SER H 60 -44.02 27.06 -1.96
N THR H 61 -43.35 26.96 -3.11
CA THR H 61 -43.44 27.96 -4.18
C THR H 61 -44.02 27.40 -5.48
N GLY H 62 -43.94 26.08 -5.66
CA GLY H 62 -44.42 25.47 -6.88
C GLY H 62 -43.38 25.55 -7.97
N GLU H 63 -42.19 25.99 -7.60
CA GLU H 63 -41.15 26.34 -8.57
C GLU H 63 -40.10 25.25 -8.59
N VAL H 64 -39.53 25.03 -9.76
CA VAL H 64 -38.40 24.13 -9.94
C VAL H 64 -37.15 24.63 -9.20
N ILE H 65 -36.50 23.73 -8.46
CA ILE H 65 -35.24 24.03 -7.77
C ILE H 65 -34.08 23.82 -8.73
N CYS H 66 -34.04 22.63 -9.31
CA CYS H 66 -33.03 22.28 -10.28
C CYS H 66 -33.44 20.95 -10.93
N GLN H 67 -32.63 20.46 -11.84
CA GLN H 67 -32.88 19.16 -12.45
C GLN H 67 -31.97 18.12 -11.81
N VAL H 68 -32.36 16.86 -11.93
CA VAL H 68 -31.61 15.75 -11.34
C VAL H 68 -31.57 14.59 -12.31
N ALA H 69 -30.40 13.97 -12.47
CA ALA H 69 -30.26 12.76 -13.29
C ALA H 69 -31.39 11.77 -12.95
N GLU H 70 -32.00 11.20 -13.99
CA GLU H 70 -33.12 10.28 -13.83
C GLU H 70 -32.70 8.83 -14.14
N GLY H 71 -32.28 8.12 -13.11
CA GLY H 71 -31.85 6.74 -13.30
C GLY H 71 -32.97 5.81 -13.67
N ASP H 72 -32.64 4.79 -14.44
CA ASP H 72 -33.60 3.76 -14.83
C ASP H 72 -32.91 2.40 -14.60
N LYS H 73 -33.37 1.39 -15.31
CA LYS H 73 -32.88 0.03 -15.20
C LYS H 73 -31.37 -0.09 -15.47
N GLU H 74 -30.87 0.54 -16.52
CA GLU H 74 -29.45 0.43 -16.88
C GLU H 74 -28.52 1.03 -15.81
N ASP H 75 -29.01 2.03 -15.08
CA ASP H 75 -28.23 2.70 -14.05
C ASP H 75 -28.22 1.87 -12.74
N VAL H 76 -29.36 1.27 -12.42
CA VAL H 76 -29.45 0.31 -11.34
C VAL H 76 -28.47 -0.85 -11.58
N ASP H 77 -28.52 -1.44 -12.78
CA ASP H 77 -27.59 -2.53 -13.16
C ASP H 77 -26.12 -2.15 -12.95
N LYS H 78 -25.74 -0.91 -13.28
CA LYS H 78 -24.36 -0.47 -13.03
C LYS H 78 -24.08 -0.40 -11.54
N ALA H 79 -25.08 0.11 -10.82
CA ALA H 79 -25.01 0.27 -9.38
C ALA H 79 -24.89 -1.08 -8.68
N VAL H 80 -25.68 -2.03 -9.13
CA VAL H 80 -25.65 -3.36 -8.53
C VAL H 80 -24.29 -4.02 -8.82
N LYS H 81 -23.78 -3.85 -10.04
CA LYS H 81 -22.46 -4.40 -10.40
C LYS H 81 -21.35 -3.82 -9.54
N ALA H 82 -21.39 -2.53 -9.26
CA ALA H 82 -20.37 -1.90 -8.43
C ALA H 82 -20.41 -2.44 -7.01
N ALA H 83 -21.64 -2.57 -6.49
CA ALA H 83 -21.89 -3.05 -5.15
C ALA H 83 -21.41 -4.50 -4.99
N ARG H 84 -21.86 -5.35 -5.89
CA ARG H 84 -21.41 -6.70 -5.91
C ARG H 84 -19.90 -6.77 -5.89
N ALA H 85 -19.21 -5.95 -6.68
CA ALA H 85 -17.74 -6.00 -6.73
C ALA H 85 -17.13 -5.57 -5.39
N ALA H 86 -17.72 -4.55 -4.77
CA ALA H 86 -17.28 -4.06 -3.48
C ALA H 86 -17.50 -5.07 -2.36
N PHE H 87 -18.44 -5.98 -2.56
CA PHE H 87 -18.73 -7.07 -1.62
C PHE H 87 -17.94 -8.38 -1.87
N GLN H 88 -17.01 -8.40 -2.82
CA GLN H 88 -16.31 -9.66 -3.12
C GLN H 88 -15.35 -9.98 -1.98
N LEU H 89 -15.34 -11.26 -1.64
CA LEU H 89 -14.46 -11.76 -0.61
C LEU H 89 -13.05 -11.28 -0.94
N GLY H 90 -12.35 -10.81 0.07
CA GLY H 90 -11.05 -10.24 -0.13
C GLY H 90 -11.07 -8.76 -0.47
N SER H 91 -12.24 -8.16 -0.67
CA SER H 91 -12.29 -6.72 -0.95
C SER H 91 -11.96 -5.89 0.30
N PRO H 92 -11.66 -4.62 0.10
CA PRO H 92 -11.39 -3.79 1.27
C PRO H 92 -12.57 -3.75 2.24
N TRP H 93 -13.80 -3.71 1.73
CA TRP H 93 -14.97 -3.64 2.61
C TRP H 93 -15.16 -4.94 3.35
N ARG H 94 -14.85 -6.06 2.72
CA ARG H 94 -15.03 -7.37 3.37
C ARG H 94 -14.00 -7.67 4.44
N ARG H 95 -12.76 -7.25 4.21
CA ARG H 95 -11.63 -7.50 5.12
C ARG H 95 -11.52 -6.46 6.21
N MET H 96 -12.22 -5.35 6.06
CA MET H 96 -12.22 -4.29 7.06
C MET H 96 -12.66 -4.78 8.43
N ASP H 97 -11.91 -4.42 9.47
CA ASP H 97 -12.36 -4.71 10.83
C ASP H 97 -13.74 -4.12 11.10
N ALA H 98 -14.59 -4.90 11.77
CA ALA H 98 -15.91 -4.44 12.13
C ALA H 98 -15.86 -3.12 12.88
N SER H 99 -14.89 -2.97 13.77
CA SER H 99 -14.75 -1.76 14.56
C SER H 99 -14.52 -0.54 13.68
N HIS H 100 -13.81 -0.74 12.58
CA HIS H 100 -13.52 0.33 11.65
C HIS H 100 -14.74 0.72 10.80
N ARG H 101 -15.67 -0.21 10.59
CA ARG H 101 -16.94 0.19 10.02
C ARG H 101 -17.62 1.20 10.94
N GLY H 102 -17.44 1.02 12.25
CA GLY H 102 -17.99 1.93 13.23
C GLY H 102 -17.36 3.30 13.17
N ARG H 103 -16.05 3.32 12.98
CA ARG H 103 -15.34 4.58 12.85
CA ARG H 103 -15.35 4.58 12.84
C ARG H 103 -15.89 5.36 11.63
N LEU H 104 -16.08 4.67 10.51
CA LEU H 104 -16.57 5.31 9.30
C LEU H 104 -17.96 5.86 9.47
N LEU H 105 -18.84 5.09 10.12
CA LEU H 105 -20.17 5.61 10.40
C LEU H 105 -20.10 6.85 11.30
N ASN H 106 -19.23 6.84 12.30
CA ASN H 106 -19.04 8.01 13.15
C ASN H 106 -18.45 9.18 12.42
N ARG H 107 -17.54 8.94 11.49
CA ARG H 107 -16.97 10.02 10.68
C ARG H 107 -18.06 10.63 9.83
N LEU H 108 -18.91 9.78 9.25
CA LEU H 108 -20.06 10.26 8.49
C LEU H 108 -20.96 11.14 9.34
N ALA H 109 -21.26 10.70 10.55
CA ALA H 109 -22.06 11.53 11.44
C ALA H 109 -21.40 12.91 11.70
N ASP H 110 -20.10 12.93 11.90
CA ASP H 110 -19.39 14.19 12.14
C ASP H 110 -19.46 15.12 10.96
N LEU H 111 -19.30 14.58 9.76
CA LEU H 111 -19.38 15.42 8.58
C LEU H 111 -20.80 15.98 8.42
N ILE H 112 -21.83 15.16 8.71
CA ILE H 112 -23.21 15.65 8.66
C ILE H 112 -23.48 16.73 9.69
N GLU H 113 -22.85 16.60 10.86
CA GLU H 113 -22.95 17.62 11.91
C GLU H 113 -22.28 18.93 11.48
N ARG H 114 -21.11 18.83 10.83
CA ARG H 114 -20.46 20.00 10.29
C ARG H 114 -21.40 20.77 9.35
N ASP H 115 -22.07 20.04 8.44
CA ASP H 115 -22.95 20.65 7.45
C ASP H 115 -24.42 20.58 7.83
N ARG H 116 -24.70 20.51 9.13
CA ARG H 116 -26.07 20.48 9.60
C ARG H 116 -26.99 21.63 9.14
N THR H 117 -26.47 22.86 9.16
CA THR H 117 -27.29 24.03 8.86
C THR H 117 -27.73 24.04 7.41
N TYR H 118 -26.75 23.84 6.54
CA TYR H 118 -27.00 23.64 5.14
C TYR H 118 -27.98 22.50 4.83
N LEU H 119 -27.78 21.34 5.45
CA LEU H 119 -28.64 20.18 5.20
C LEU H 119 -30.07 20.41 5.69
N ALA H 120 -30.22 21.08 6.82
CA ALA H 120 -31.57 21.37 7.28
C ALA H 120 -32.31 22.30 6.31
N ALA H 121 -31.58 23.23 5.73
CA ALA H 121 -32.18 24.21 4.82
C ALA H 121 -32.63 23.53 3.53
N LEU H 122 -31.76 22.63 3.06
CA LEU H 122 -32.00 21.90 1.84
C LEU H 122 -33.15 20.93 2.02
N GLU H 123 -33.22 20.26 3.17
CA GLU H 123 -34.36 19.39 3.46
C GLU H 123 -35.64 20.19 3.38
N THR H 124 -35.65 21.37 4.02
CA THR H 124 -36.82 22.24 4.04
C THR H 124 -37.22 22.67 2.63
N LEU H 125 -36.26 23.14 1.85
CA LEU H 125 -36.49 23.60 0.49
C LEU H 125 -37.20 22.56 -0.38
N ASP H 126 -36.73 21.31 -0.30
CA ASP H 126 -37.15 20.23 -1.20
C ASP H 126 -38.39 19.49 -0.67
N ASN H 127 -38.50 19.38 0.66
CA ASN H 127 -39.63 18.65 1.31
C ASN H 127 -40.76 19.54 1.86
N GLY H 128 -40.39 20.73 2.34
CA GLY H 128 -41.35 21.69 2.82
C GLY H 128 -41.54 21.77 4.33
N LYS H 129 -40.99 20.81 5.07
CA LYS H 129 -41.08 20.90 6.52
C LYS H 129 -40.40 22.14 7.08
N PRO H 130 -40.93 22.65 8.21
CA PRO H 130 -40.36 23.86 8.85
C PRO H 130 -38.89 23.65 9.20
N TYR H 131 -38.09 24.65 8.88
CA TYR H 131 -36.65 24.58 9.07
C TYR H 131 -36.27 24.30 10.51
N VAL H 132 -37.02 24.86 11.44
CA VAL H 132 -36.81 24.61 12.86
C VAL H 132 -36.90 23.10 13.16
N ILE H 133 -37.85 22.43 12.54
CA ILE H 133 -38.06 21.01 12.70
C ILE H 133 -36.96 20.23 11.97
N SER H 134 -36.68 20.58 10.72
CA SER H 134 -35.51 20.02 10.01
C SER H 134 -34.26 20.04 10.88
N TYR H 135 -33.98 21.21 11.46
CA TYR H 135 -32.75 21.39 12.21
C TYR H 135 -32.70 20.60 13.52
N LEU H 136 -33.75 20.72 14.32
CA LEU H 136 -33.76 20.23 15.71
C LEU H 136 -34.25 18.81 15.85
N VAL H 137 -35.14 18.38 14.95
CA VAL H 137 -35.69 17.03 15.03
C VAL H 137 -34.98 16.13 14.02
N ASP H 138 -35.18 16.35 12.73
CA ASP H 138 -34.64 15.43 11.72
C ASP H 138 -33.13 15.31 11.75
N LEU H 139 -32.41 16.41 11.61
CA LEU H 139 -30.96 16.31 11.62
C LEU H 139 -30.43 15.70 12.93
N ASP H 140 -31.04 16.06 14.05
CA ASP H 140 -30.69 15.50 15.34
C ASP H 140 -30.84 13.98 15.32
N MET H 141 -31.97 13.53 14.80
CA MET H 141 -32.29 12.12 14.79
C MET H 141 -31.36 11.37 13.85
N VAL H 142 -30.95 12.01 12.76
CA VAL H 142 -30.00 11.43 11.83
C VAL H 142 -28.66 11.17 12.51
N LEU H 143 -28.15 12.17 13.22
CA LEU H 143 -26.85 12.04 13.89
C LEU H 143 -26.89 10.92 14.91
N LYS H 144 -28.02 10.81 15.59
CA LYS H 144 -28.17 9.85 16.67
C LYS H 144 -28.26 8.45 16.16
N CYS H 145 -28.92 8.29 15.03
CA CYS H 145 -29.16 7.02 14.44
C CYS H 145 -27.87 6.45 13.86
N LEU H 146 -27.17 7.26 13.10
CA LEU H 146 -25.85 6.86 12.59
C LEU H 146 -24.88 6.53 13.71
N ARG H 147 -24.87 7.39 14.73
CA ARG H 147 -23.97 7.17 15.87
C ARG H 147 -24.34 5.93 16.64
N TYR H 148 -25.63 5.64 16.70
CA TYR H 148 -26.10 4.50 17.39
C TYR H 148 -25.66 3.26 16.63
N TYR H 149 -25.94 3.19 15.33
CA TYR H 149 -25.54 2.01 14.58
C TYR H 149 -24.05 1.91 14.44
N ALA H 150 -23.34 3.01 14.56
CA ALA H 150 -21.89 2.91 14.59
C ALA H 150 -21.42 1.93 15.71
N GLY H 151 -22.03 2.04 16.87
CA GLY H 151 -21.73 1.17 18.00
C GLY H 151 -22.06 -0.30 17.85
N TRP H 152 -23.01 -0.64 16.99
CA TRP H 152 -23.38 -2.03 16.77
C TRP H 152 -22.42 -2.80 15.87
N ALA H 153 -21.54 -2.08 15.18
CA ALA H 153 -20.74 -2.65 14.14
C ALA H 153 -19.98 -3.91 14.56
N ASP H 154 -19.35 -3.88 15.76
CA ASP H 154 -18.53 -4.98 16.26
C ASP H 154 -19.12 -5.70 17.49
N LYS H 155 -20.46 -5.71 17.61
CA LYS H 155 -21.14 -6.25 18.79
C LYS H 155 -22.30 -7.18 18.48
N TYR H 156 -22.59 -7.43 17.21
CA TYR H 156 -23.71 -8.27 16.89
C TYR H 156 -23.23 -9.71 16.79
N HIS H 157 -23.11 -10.35 17.93
CA HIS H 157 -22.47 -11.66 18.06
C HIS H 157 -23.26 -12.82 17.49
N GLY H 158 -22.54 -13.83 17.03
CA GLY H 158 -23.13 -15.12 16.74
C GLY H 158 -23.05 -15.91 18.02
N LYS H 159 -23.20 -17.23 17.93
CA LYS H 159 -23.35 -18.04 19.11
C LYS H 159 -22.44 -19.25 19.09
N THR H 160 -22.03 -19.72 20.26
CA THR H 160 -21.51 -21.08 20.40
C THR H 160 -22.61 -21.92 21.06
N ILE H 161 -22.75 -23.16 20.61
CA ILE H 161 -23.97 -23.90 20.83
C ILE H 161 -23.68 -25.31 21.33
N PRO H 162 -24.36 -25.74 22.40
CA PRO H 162 -24.08 -27.03 23.02
C PRO H 162 -24.88 -28.16 22.37
N ILE H 163 -24.57 -28.41 21.11
CA ILE H 163 -25.19 -29.48 20.33
C ILE H 163 -24.83 -30.86 20.91
N ASP H 164 -25.70 -31.83 20.69
CA ASP H 164 -25.47 -33.21 21.12
C ASP H 164 -24.27 -33.79 20.39
N GLY H 165 -23.65 -34.78 20.99
CA GLY H 165 -22.60 -35.58 20.34
C GLY H 165 -21.25 -34.89 20.40
N ASP H 166 -20.26 -35.48 19.75
CA ASP H 166 -18.90 -34.93 19.71
C ASP H 166 -18.72 -33.94 18.59
N PHE H 167 -19.25 -32.75 18.84
CA PHE H 167 -19.24 -31.70 17.88
C PHE H 167 -19.14 -30.38 18.60
N PHE H 168 -18.51 -29.44 17.91
CA PHE H 168 -18.48 -28.05 18.28
C PHE H 168 -19.27 -27.32 17.20
N SER H 169 -20.32 -26.61 17.62
CA SER H 169 -21.22 -25.90 16.72
C SER H 169 -21.23 -24.43 17.10
N TYR H 170 -21.23 -23.57 16.08
CA TYR H 170 -21.33 -22.17 16.27
C TYR H 170 -21.99 -21.55 15.04
N THR H 171 -22.46 -20.31 15.20
CA THR H 171 -23.03 -19.54 14.12
C THR H 171 -22.20 -18.30 13.86
N ARG H 172 -22.06 -17.95 12.60
CA ARG H 172 -21.47 -16.69 12.20
C ARG H 172 -22.60 -15.82 11.68
N HIS H 173 -22.52 -14.53 12.00
CA HIS H 173 -23.47 -13.54 11.50
C HIS H 173 -22.80 -12.81 10.36
N GLU H 174 -23.15 -13.17 9.13
CA GLU H 174 -22.52 -12.61 7.95
C GLU H 174 -23.44 -11.55 7.34
N PRO H 175 -22.92 -10.65 6.50
CA PRO H 175 -23.79 -9.69 5.85
C PRO H 175 -24.66 -10.35 4.78
N VAL H 176 -25.90 -9.90 4.66
CA VAL H 176 -26.84 -10.47 3.69
C VAL H 176 -26.35 -10.22 2.26
N GLY H 177 -25.72 -9.07 2.01
CA GLY H 177 -25.01 -8.78 0.76
C GLY H 177 -25.45 -7.48 0.11
N VAL H 178 -25.93 -7.56 -1.13
CA VAL H 178 -26.38 -6.39 -1.85
C VAL H 178 -27.83 -6.11 -1.47
N CYS H 179 -28.03 -4.93 -0.87
CA CYS H 179 -29.29 -4.52 -0.30
C CYS H 179 -29.84 -3.35 -1.07
N GLY H 180 -30.99 -3.56 -1.70
CA GLY H 180 -31.71 -2.52 -2.37
C GLY H 180 -32.58 -1.84 -1.33
N GLN H 181 -32.51 -0.51 -1.29
CA GLN H 181 -33.19 0.29 -0.27
C GLN H 181 -33.95 1.42 -0.93
N ILE H 182 -35.26 1.41 -0.71
CA ILE H 182 -36.14 2.34 -1.38
C ILE H 182 -36.73 3.24 -0.32
N ILE H 183 -36.36 4.51 -0.36
CA ILE H 183 -36.74 5.40 0.72
C ILE H 183 -37.71 6.49 0.26
N PRO H 184 -38.63 6.90 1.17
CA PRO H 184 -39.75 7.75 0.84
C PRO H 184 -39.44 9.25 1.01
N TRP H 185 -40.48 10.06 0.77
CA TRP H 185 -40.28 11.50 0.72
CA TRP H 185 -40.42 11.51 0.68
C TRP H 185 -40.59 12.20 2.02
N ASN H 186 -41.27 11.52 2.95
CA ASN H 186 -41.70 12.21 4.18
C ASN H 186 -40.58 12.58 5.14
N PHE H 187 -39.61 11.71 5.31
CA PHE H 187 -38.44 12.02 6.17
C PHE H 187 -37.19 11.62 5.44
N PRO H 188 -36.77 12.44 4.48
CA PRO H 188 -35.79 11.95 3.53
C PRO H 188 -34.43 11.63 4.18
N LEU H 189 -33.89 12.51 5.02
CA LEU H 189 -32.59 12.24 5.67
C LEU H 189 -32.66 11.15 6.72
N LEU H 190 -33.73 11.17 7.49
CA LEU H 190 -33.88 10.25 8.59
C LEU H 190 -34.03 8.80 8.12
N MET H 191 -34.84 8.60 7.10
CA MET H 191 -35.04 7.27 6.53
C MET H 191 -33.78 6.76 5.86
N GLN H 192 -33.07 7.63 5.15
CA GLN H 192 -31.77 7.30 4.61
C GLN H 192 -30.87 6.82 5.73
N ALA H 193 -30.85 7.51 6.85
CA ALA H 193 -30.02 7.10 8.00
C ALA H 193 -30.51 5.80 8.64
N TRP H 194 -31.84 5.60 8.75
CA TRP H 194 -32.43 4.34 9.26
C TRP H 194 -32.06 3.09 8.45
N LYS H 195 -31.80 3.25 7.16
CA LYS H 195 -31.41 2.13 6.32
C LYS H 195 -29.89 1.95 6.34
N LEU H 196 -29.15 3.03 6.08
CA LEU H 196 -27.67 2.97 6.05
C LEU H 196 -27.04 2.45 7.32
N GLY H 197 -27.43 3.02 8.44
CA GLY H 197 -26.91 2.61 9.72
C GLY H 197 -26.77 1.10 9.85
N PRO H 198 -27.88 0.38 9.91
CA PRO H 198 -27.75 -1.06 10.16
C PRO H 198 -27.09 -1.84 9.03
N ALA H 199 -27.33 -1.41 7.80
CA ALA H 199 -26.83 -2.18 6.68
C ALA H 199 -25.31 -2.09 6.66
N LEU H 200 -24.79 -0.88 6.84
CA LEU H 200 -23.35 -0.70 6.83
C LEU H 200 -22.71 -1.25 8.10
N ALA H 201 -23.40 -1.15 9.23
CA ALA H 201 -22.84 -1.64 10.49
C ALA H 201 -22.60 -3.15 10.42
N THR H 202 -23.42 -3.83 9.63
CA THR H 202 -23.30 -5.25 9.48
C THR H 202 -22.43 -5.64 8.28
N GLY H 203 -21.80 -4.68 7.61
CA GLY H 203 -20.94 -5.00 6.46
C GLY H 203 -21.62 -5.25 5.10
N ASN H 204 -22.87 -4.83 4.93
CA ASN H 204 -23.51 -4.97 3.65
C ASN H 204 -23.07 -3.87 2.72
N VAL H 205 -23.45 -4.02 1.44
CA VAL H 205 -23.37 -2.95 0.45
C VAL H 205 -24.77 -2.60 -0.02
N VAL H 206 -24.90 -1.42 -0.58
CA VAL H 206 -26.17 -0.78 -0.70
C VAL H 206 -26.37 -0.13 -2.06
N VAL H 207 -27.53 -0.39 -2.66
CA VAL H 207 -28.01 0.38 -3.77
C VAL H 207 -29.29 1.06 -3.31
N MET H 208 -29.23 2.38 -3.19
CA MET H 208 -30.30 3.18 -2.64
C MET H 208 -31.07 3.98 -3.71
N LYS H 209 -32.39 3.84 -3.69
CA LYS H 209 -33.26 4.62 -4.54
C LYS H 209 -34.01 5.67 -3.70
N VAL H 210 -33.72 6.93 -3.95
CA VAL H 210 -34.33 8.03 -3.22
C VAL H 210 -35.51 8.55 -3.99
N ALA H 211 -36.38 9.26 -3.31
CA ALA H 211 -37.64 9.68 -3.90
C ALA H 211 -37.48 10.85 -4.86
N GLU H 212 -38.26 10.82 -5.92
CA GLU H 212 -38.25 11.87 -6.92
C GLU H 212 -38.66 13.24 -6.34
N GLN H 213 -39.49 13.24 -5.31
CA GLN H 213 -39.94 14.46 -4.68
C GLN H 213 -38.83 15.11 -3.90
N THR H 214 -38.01 14.28 -3.26
CA THR H 214 -37.02 14.76 -2.30
C THR H 214 -35.64 14.10 -2.49
N PRO H 215 -35.00 14.31 -3.64
CA PRO H 215 -33.77 13.54 -3.78
C PRO H 215 -32.53 14.26 -3.30
N LEU H 216 -32.59 15.56 -3.09
CA LEU H 216 -31.36 16.35 -3.01
C LEU H 216 -30.47 16.11 -1.77
N THR H 217 -31.08 16.03 -0.61
CA THR H 217 -30.27 15.84 0.59
C THR H 217 -29.53 14.51 0.54
N ALA H 218 -30.19 13.45 0.08
CA ALA H 218 -29.56 12.15 0.00
C ALA H 218 -28.31 12.17 -0.85
N LEU H 219 -28.37 12.90 -1.95
CA LEU H 219 -27.24 12.98 -2.87
C LEU H 219 -26.09 13.74 -2.27
N TYR H 220 -26.37 14.79 -1.52
CA TYR H 220 -25.31 15.53 -0.85
C TYR H 220 -24.64 14.66 0.23
N VAL H 221 -25.45 13.90 0.94
CA VAL H 221 -24.93 12.93 1.92
C VAL H 221 -24.01 11.89 1.28
N ALA H 222 -24.25 11.56 0.01
CA ALA H 222 -23.37 10.63 -0.71
C ALA H 222 -22.01 11.25 -0.87
N ASN H 223 -21.99 12.54 -1.12
CA ASN H 223 -20.73 13.27 -1.17
C ASN H 223 -19.92 13.17 0.14
N LEU H 224 -20.61 13.17 1.28
CA LEU H 224 -19.97 13.03 2.57
C LEU H 224 -19.55 11.58 2.80
N ILE H 225 -20.31 10.64 2.25
CA ILE H 225 -19.95 9.23 2.32
C ILE H 225 -18.55 9.00 1.72
N LYS H 226 -18.32 9.57 0.56
CA LYS H 226 -17.03 9.58 -0.08
C LYS H 226 -15.96 10.24 0.79
N GLU H 227 -16.31 11.37 1.39
CA GLU H 227 -15.38 12.15 2.20
C GLU H 227 -15.02 11.42 3.51
N ALA H 228 -15.97 10.65 4.03
CA ALA H 228 -15.72 9.86 5.21
C ALA H 228 -14.70 8.73 4.97
N GLY H 229 -14.59 8.25 3.74
CA GLY H 229 -13.62 7.21 3.40
C GLY H 229 -14.18 5.81 3.18
N PHE H 230 -15.48 5.69 2.97
CA PHE H 230 -16.05 4.39 2.62
C PHE H 230 -15.51 3.97 1.25
N PRO H 231 -15.17 2.69 1.08
CA PRO H 231 -14.68 2.21 -0.20
C PRO H 231 -15.68 2.38 -1.33
N PRO H 232 -15.19 2.58 -2.57
CA PRO H 232 -16.08 2.78 -3.71
C PRO H 232 -17.05 1.63 -3.89
N GLY H 233 -18.32 1.94 -4.12
CA GLY H 233 -19.33 0.91 -4.43
C GLY H 233 -20.03 0.34 -3.21
N VAL H 234 -19.54 0.65 -2.01
CA VAL H 234 -20.25 0.28 -0.79
C VAL H 234 -21.61 0.97 -0.66
N VAL H 235 -21.67 2.26 -0.97
CA VAL H 235 -22.95 2.95 -1.03
C VAL H 235 -23.15 3.54 -2.40
N ASN H 236 -24.24 3.16 -3.07
CA ASN H 236 -24.58 3.68 -4.39
C ASN H 236 -25.99 4.26 -4.39
N ILE H 237 -26.16 5.44 -4.95
CA ILE H 237 -27.44 6.13 -4.87
C ILE H 237 -27.96 6.48 -6.24
N VAL H 238 -29.16 5.98 -6.55
CA VAL H 238 -29.79 6.20 -7.85
C VAL H 238 -31.08 6.95 -7.65
N PRO H 239 -31.11 8.27 -7.98
CA PRO H 239 -32.38 8.96 -7.99
C PRO H 239 -33.20 8.53 -9.20
N GLY H 240 -34.51 8.67 -9.14
CA GLY H 240 -35.36 8.28 -10.27
C GLY H 240 -36.74 7.95 -9.78
N PHE H 241 -37.58 7.45 -10.69
CA PHE H 241 -38.97 7.14 -10.38
C PHE H 241 -39.14 5.67 -9.97
N GLY H 242 -40.23 5.39 -9.25
CA GLY H 242 -40.47 4.10 -8.62
C GLY H 242 -40.77 2.99 -9.60
N PRO H 243 -41.71 3.24 -10.53
CA PRO H 243 -41.98 2.17 -11.50
C PRO H 243 -40.75 1.75 -12.34
N THR H 244 -39.78 2.64 -12.49
CA THR H 244 -38.59 2.37 -13.29
C THR H 244 -37.41 1.91 -12.43
N ALA H 245 -36.83 2.83 -11.67
CA ALA H 245 -35.65 2.53 -10.84
C ALA H 245 -35.99 1.61 -9.65
N GLY H 246 -37.12 1.87 -9.01
CA GLY H 246 -37.56 1.10 -7.85
C GLY H 246 -37.87 -0.34 -8.21
N ALA H 247 -38.61 -0.52 -9.30
CA ALA H 247 -38.98 -1.85 -9.79
C ALA H 247 -37.73 -2.62 -10.24
N ALA H 248 -36.82 -1.93 -10.89
CA ALA H 248 -35.56 -2.51 -11.32
C ALA H 248 -34.79 -3.13 -10.16
N ILE H 249 -34.71 -2.41 -9.04
CA ILE H 249 -34.07 -2.95 -7.82
C ILE H 249 -34.82 -4.15 -7.25
N ALA H 250 -36.15 -4.05 -7.24
CA ALA H 250 -36.96 -5.09 -6.61
C ALA H 250 -36.96 -6.40 -7.39
N SER H 251 -36.67 -6.32 -8.68
CA SER H 251 -36.65 -7.46 -9.61
C SER H 251 -35.27 -7.94 -9.99
N HIS H 252 -34.22 -7.28 -9.48
CA HIS H 252 -32.88 -7.59 -9.93
C HIS H 252 -32.45 -8.98 -9.46
N GLU H 253 -31.78 -9.74 -10.35
CA GLU H 253 -31.38 -11.11 -10.02
C GLU H 253 -30.21 -11.20 -9.04
N ASP H 254 -29.52 -10.09 -8.80
CA ASP H 254 -28.33 -10.11 -7.99
C ASP H 254 -28.43 -9.17 -6.78
N VAL H 255 -29.64 -8.74 -6.46
CA VAL H 255 -29.90 -8.06 -5.20
C VAL H 255 -30.46 -9.09 -4.23
N ASP H 256 -29.84 -9.17 -3.04
CA ASP H 256 -30.15 -10.21 -2.05
C ASP H 256 -31.28 -9.84 -1.10
N LYS H 257 -31.54 -8.55 -0.97
CA LYS H 257 -32.40 -8.02 0.04
C LYS H 257 -32.95 -6.66 -0.41
N VAL H 258 -34.24 -6.45 -0.17
CA VAL H 258 -34.83 -5.16 -0.47
C VAL H 258 -35.58 -4.66 0.73
N ALA H 259 -35.41 -3.38 1.04
CA ALA H 259 -36.16 -2.70 2.09
C ALA H 259 -36.94 -1.59 1.43
N PHE H 260 -38.22 -1.49 1.77
CA PHE H 260 -39.06 -0.48 1.20
C PHE H 260 -39.91 0.16 2.29
N THR H 261 -40.02 1.48 2.24
CA THR H 261 -40.94 2.22 3.06
C THR H 261 -41.82 3.01 2.12
N GLY H 262 -43.14 3.01 2.38
CA GLY H 262 -44.08 3.65 1.48
C GLY H 262 -45.48 3.13 1.70
N SER H 263 -46.26 3.04 0.62
CA SER H 263 -47.68 2.71 0.75
C SER H 263 -47.88 1.20 0.69
N THR H 264 -48.97 0.75 1.29
CA THR H 264 -49.30 -0.66 1.37
C THR H 264 -49.40 -1.28 -0.01
N GLU H 265 -50.03 -0.58 -0.96
CA GLU H 265 -50.20 -1.14 -2.30
C GLU H 265 -48.87 -1.29 -3.05
N ILE H 266 -47.95 -0.34 -2.92
CA ILE H 266 -46.63 -0.51 -3.53
C ILE H 266 -45.86 -1.63 -2.79
N GLY H 267 -46.15 -1.83 -1.52
CA GLY H 267 -45.54 -2.94 -0.78
C GLY H 267 -45.80 -4.33 -1.35
N ARG H 268 -47.01 -4.51 -1.85
CA ARG H 268 -47.40 -5.75 -2.50
C ARG H 268 -46.67 -5.94 -3.81
N VAL H 269 -46.44 -4.82 -4.46
CA VAL H 269 -45.77 -4.86 -5.73
C VAL H 269 -44.34 -5.37 -5.49
N ILE H 270 -43.73 -4.88 -4.42
CA ILE H 270 -42.36 -5.21 -4.08
C ILE H 270 -42.26 -6.66 -3.68
N GLN H 271 -43.20 -7.14 -2.87
CA GLN H 271 -43.11 -8.51 -2.38
C GLN H 271 -43.37 -9.51 -3.50
N VAL H 272 -44.28 -9.16 -4.41
CA VAL H 272 -44.55 -9.97 -5.61
C VAL H 272 -43.29 -10.02 -6.50
N ALA H 273 -42.67 -8.88 -6.76
CA ALA H 273 -41.42 -8.83 -7.54
C ALA H 273 -40.29 -9.68 -6.94
N ALA H 274 -40.21 -9.75 -5.61
CA ALA H 274 -39.21 -10.60 -4.95
C ALA H 274 -39.42 -12.10 -5.19
N GLY H 275 -40.69 -12.50 -5.18
CA GLY H 275 -41.07 -13.88 -5.48
C GLY H 275 -40.95 -14.21 -6.96
N SER H 276 -41.30 -13.26 -7.82
CA SER H 276 -41.12 -13.40 -9.26
C SER H 276 -39.66 -13.51 -9.71
N SER H 277 -38.74 -12.98 -8.91
CA SER H 277 -37.34 -12.90 -9.30
C SER H 277 -36.49 -13.98 -8.60
N ASN H 278 -35.73 -13.61 -7.55
CA ASN H 278 -34.68 -14.51 -6.94
C ASN H 278 -34.83 -14.79 -5.45
N LEU H 279 -36.07 -14.67 -4.96
CA LEU H 279 -36.42 -14.81 -3.54
C LEU H 279 -35.54 -13.99 -2.61
N LYS H 280 -35.22 -12.78 -3.03
CA LYS H 280 -34.55 -11.85 -2.15
C LYS H 280 -35.41 -11.65 -0.91
N ARG H 281 -34.74 -11.30 0.18
CA ARG H 281 -35.38 -11.06 1.44
C ARG H 281 -36.08 -9.68 1.37
N VAL H 282 -37.25 -9.56 2.00
CA VAL H 282 -38.03 -8.35 1.99
C VAL H 282 -38.37 -7.80 3.38
N THR H 283 -38.21 -6.50 3.60
CA THR H 283 -38.84 -5.84 4.73
C THR H 283 -39.55 -4.61 4.25
N LEU H 284 -40.60 -4.25 4.99
CA LEU H 284 -41.56 -3.27 4.56
C LEU H 284 -42.03 -2.47 5.79
N GLU H 285 -42.12 -1.16 5.62
CA GLU H 285 -42.76 -0.27 6.58
C GLU H 285 -43.78 0.48 5.75
N LEU H 286 -45.06 0.20 5.96
CA LEU H 286 -46.10 0.68 5.08
C LEU H 286 -47.00 1.64 5.82
N GLY H 287 -48.26 1.76 5.40
CA GLY H 287 -49.15 2.75 5.98
C GLY H 287 -49.74 2.40 7.34
N GLY H 288 -50.44 3.36 7.91
CA GLY H 288 -51.11 3.18 9.18
C GLY H 288 -52.40 3.97 9.23
N LYS H 289 -53.28 3.55 10.14
CA LYS H 289 -54.45 4.30 10.54
C LYS H 289 -54.51 4.23 12.08
N SER H 290 -53.48 4.82 12.68
CA SER H 290 -53.19 4.64 14.09
C SER H 290 -54.23 5.27 15.06
N PRO H 291 -54.75 4.47 16.01
CA PRO H 291 -55.64 5.03 17.01
C PRO H 291 -54.90 5.74 18.16
N ASN H 292 -55.38 6.93 18.52
CA ASN H 292 -54.96 7.66 19.71
C ASN H 292 -56.14 7.69 20.71
N ILE H 293 -56.03 6.89 21.77
CA ILE H 293 -57.09 6.72 22.76
C ILE H 293 -56.92 7.59 24.02
N ILE H 294 -57.87 8.49 24.23
CA ILE H 294 -57.85 9.41 25.37
C ILE H 294 -58.94 8.97 26.34
N MET H 295 -58.50 8.49 27.52
CA MET H 295 -59.39 8.13 28.65
C MET H 295 -59.87 9.39 29.41
N SER H 296 -61.03 9.30 30.09
CA SER H 296 -61.60 10.43 30.85
C SER H 296 -60.73 10.94 31.99
N ASP H 297 -59.84 10.11 32.53
CA ASP H 297 -58.91 10.55 33.57
C ASP H 297 -57.58 11.11 33.06
N ALA H 298 -57.44 11.34 31.76
CA ALA H 298 -56.19 11.87 31.24
C ALA H 298 -56.04 13.34 31.56
N ASP H 299 -54.79 13.79 31.64
CA ASP H 299 -54.52 15.20 31.83
C ASP H 299 -54.93 15.91 30.53
N MET H 300 -56.00 16.69 30.62
CA MET H 300 -56.66 17.27 29.43
C MET H 300 -55.75 18.15 28.58
N ASP H 301 -55.00 19.04 29.19
CA ASP H 301 -54.14 19.95 28.44
C ASP H 301 -53.05 19.19 27.71
N TRP H 302 -52.49 18.21 28.41
CA TRP H 302 -51.43 17.41 27.85
C TRP H 302 -52.01 16.57 26.68
N ALA H 303 -53.18 16.00 26.88
CA ALA H 303 -53.82 15.14 25.85
C ALA H 303 -54.19 15.87 24.56
N VAL H 304 -54.64 17.11 24.72
CA VAL H 304 -55.09 17.91 23.62
C VAL H 304 -53.89 18.37 22.80
N GLU H 305 -52.84 18.79 23.48
CA GLU H 305 -51.62 19.20 22.83
C GLU H 305 -50.90 18.04 22.14
N GLN H 306 -51.02 16.82 22.66
CA GLN H 306 -50.30 15.68 22.06
C GLN H 306 -51.09 15.05 20.95
N ALA H 307 -52.42 15.01 21.08
CA ALA H 307 -53.28 14.57 19.98
C ALA H 307 -53.13 15.48 18.77
N HIS H 308 -52.91 16.76 19.03
CA HIS H 308 -52.69 17.70 17.98
C HIS H 308 -51.36 17.40 17.26
N PHE H 309 -50.31 17.23 18.04
CA PHE H 309 -49.01 16.82 17.53
C PHE H 309 -49.06 15.46 16.78
N ALA H 310 -49.79 14.51 17.34
CA ALA H 310 -49.86 13.17 16.79
C ALA H 310 -50.47 13.13 15.39
N LEU H 311 -51.38 14.07 15.12
CA LEU H 311 -52.02 14.11 13.80
C LEU H 311 -51.27 15.03 12.88
N PHE H 312 -50.97 16.23 13.36
CA PHE H 312 -50.51 17.28 12.48
C PHE H 312 -49.02 17.33 12.24
N PHE H 313 -48.23 16.52 12.89
CA PHE H 313 -46.76 16.69 12.74
C PHE H 313 -46.35 16.34 11.32
N ASN H 314 -45.40 17.08 10.78
CA ASN H 314 -44.88 16.85 9.43
C ASN H 314 -46.01 16.95 8.39
N GLN H 315 -46.82 17.97 8.57
CA GLN H 315 -47.93 18.23 7.71
C GLN H 315 -48.86 17.03 7.60
N GLY H 316 -48.97 16.23 8.65
CA GLY H 316 -49.80 15.02 8.63
C GLY H 316 -49.17 13.85 7.86
N GLN H 317 -47.93 14.02 7.43
CA GLN H 317 -47.31 13.06 6.52
C GLN H 317 -46.46 12.07 7.29
N CYS H 318 -47.12 11.34 8.16
CA CYS H 318 -46.47 10.32 8.93
C CYS H 318 -47.29 9.06 8.80
N CYS H 319 -46.62 7.96 8.45
CA CYS H 319 -47.21 6.65 8.44
C CYS H 319 -47.90 6.33 9.78
N CYS H 320 -47.27 6.75 10.88
CA CYS H 320 -47.80 6.48 12.23
C CYS H 320 -48.70 7.58 12.81
N ALA H 321 -49.20 8.49 11.99
CA ALA H 321 -49.99 9.60 12.48
C ALA H 321 -51.28 9.16 13.24
N GLY H 322 -51.59 9.86 14.32
CA GLY H 322 -52.73 9.54 15.16
C GLY H 322 -53.96 10.06 14.47
N SER H 323 -54.45 9.26 13.54
CA SER H 323 -55.43 9.70 12.58
C SER H 323 -56.81 9.16 12.92
N ARG H 324 -56.91 8.46 14.05
CA ARG H 324 -58.18 8.19 14.70
C ARG H 324 -58.05 8.53 16.18
N THR H 325 -58.52 9.72 16.58
CA THR H 325 -58.57 10.15 17.99
C THR H 325 -59.88 9.70 18.68
N PHE H 326 -59.78 8.63 19.48
CA PHE H 326 -60.90 8.11 20.28
C PHE H 326 -60.88 8.83 21.60
N VAL H 327 -61.99 9.48 21.94
CA VAL H 327 -62.09 10.28 23.17
C VAL H 327 -63.28 9.76 23.92
N GLN H 328 -63.10 9.49 25.21
CA GLN H 328 -64.18 8.94 26.05
C GLN H 328 -65.28 10.00 26.27
N GLU H 329 -66.54 9.55 26.29
CA GLU H 329 -67.71 10.44 26.16
C GLU H 329 -67.81 11.56 27.20
N ASP H 330 -67.42 11.25 28.42
CA ASP H 330 -67.40 12.22 29.50
C ASP H 330 -66.50 13.45 29.25
N ILE H 331 -65.49 13.34 28.40
CA ILE H 331 -64.63 14.50 28.13
C ILE H 331 -64.63 14.95 26.66
N TYR H 332 -65.54 14.40 25.87
CA TYR H 332 -65.56 14.60 24.43
C TYR H 332 -65.74 16.08 24.08
N ASP H 333 -66.84 16.68 24.54
CA ASP H 333 -67.17 18.06 24.16
C ASP H 333 -66.03 19.01 24.44
N GLU H 334 -65.45 18.91 25.63
CA GLU H 334 -64.34 19.81 25.98
C GLU H 334 -63.09 19.56 25.15
N PHE H 335 -62.83 18.27 24.90
CA PHE H 335 -61.66 17.87 24.16
C PHE H 335 -61.76 18.36 22.73
N VAL H 336 -62.90 18.07 22.10
CA VAL H 336 -63.22 18.58 20.77
C VAL H 336 -63.05 20.08 20.73
N GLU H 337 -63.67 20.76 21.69
CA GLU H 337 -63.69 22.20 21.68
C GLU H 337 -62.26 22.72 21.71
N ARG H 338 -61.44 22.16 22.59
CA ARG H 338 -60.04 22.57 22.69
C ARG H 338 -59.22 22.18 21.46
N SER H 339 -59.53 21.03 20.86
CA SER H 339 -58.82 20.57 19.66
C SER H 339 -59.00 21.53 18.51
N VAL H 340 -60.26 21.87 18.27
CA VAL H 340 -60.68 22.85 17.25
C VAL H 340 -59.96 24.17 17.41
N ALA H 341 -59.90 24.68 18.64
CA ALA H 341 -59.19 25.94 18.88
C ALA H 341 -57.70 25.82 18.59
N ARG H 342 -57.12 24.68 18.95
CA ARG H 342 -55.68 24.48 18.75
C ARG H 342 -55.39 24.37 17.25
N ALA H 343 -56.23 23.62 16.55
CA ALA H 343 -56.18 23.58 15.08
C ALA H 343 -56.28 24.97 14.42
N LYS H 344 -57.17 25.84 14.92
CA LYS H 344 -57.32 27.18 14.33
C LYS H 344 -56.13 28.08 14.58
N SER H 345 -55.42 27.86 15.67
CA SER H 345 -54.26 28.69 15.97
C SER H 345 -52.98 28.23 15.24
N ARG H 346 -53.03 27.07 14.56
CA ARG H 346 -51.85 26.50 13.93
C ARG H 346 -51.37 27.33 12.74
N VAL H 347 -50.13 27.80 12.83
CA VAL H 347 -49.58 28.70 11.83
C VAL H 347 -49.10 27.95 10.59
N VAL H 348 -49.84 28.13 9.50
CA VAL H 348 -49.52 27.58 8.17
C VAL H 348 -48.73 28.60 7.38
N GLY H 349 -47.60 28.23 6.79
CA GLY H 349 -46.90 29.26 6.00
C GLY H 349 -45.51 28.92 5.53
N ASN H 350 -44.74 29.95 5.26
CA ASN H 350 -43.34 29.81 4.85
C ASN H 350 -42.54 28.99 5.87
N PRO H 351 -42.09 27.79 5.48
CA PRO H 351 -41.37 26.94 6.44
C PRO H 351 -40.03 27.51 6.94
N PHE H 352 -39.51 28.51 6.24
CA PHE H 352 -38.29 29.17 6.68
C PHE H 352 -38.56 30.25 7.72
N ASP H 353 -39.82 30.46 8.05
CA ASP H 353 -40.21 31.46 9.02
C ASP H 353 -40.30 30.75 10.36
N SER H 354 -39.58 31.26 11.35
CA SER H 354 -39.54 30.62 12.66
C SER H 354 -40.90 30.44 13.30
N LYS H 355 -41.89 31.27 12.97
CA LYS H 355 -43.25 31.12 13.54
C LYS H 355 -44.04 29.97 12.91
N THR H 356 -43.58 29.48 11.76
CA THR H 356 -44.38 28.52 11.01
C THR H 356 -44.35 27.15 11.68
N GLU H 357 -45.54 26.61 11.91
CA GLU H 357 -45.71 25.28 12.45
C GLU H 357 -45.92 24.26 11.31
N GLN H 358 -46.59 24.69 10.24
CA GLN H 358 -47.01 23.79 9.16
C GLN H 358 -46.68 24.33 7.79
N GLY H 359 -45.89 23.55 7.06
CA GLY H 359 -45.50 23.88 5.68
C GLY H 359 -46.50 23.30 4.70
N PRO H 360 -46.14 23.27 3.41
CA PRO H 360 -47.06 22.70 2.43
C PRO H 360 -46.96 21.20 2.45
N GLN H 361 -47.88 20.55 1.74
CA GLN H 361 -47.78 19.15 1.46
C GLN H 361 -46.65 18.97 0.43
N VAL H 362 -46.22 17.73 0.23
CA VAL H 362 -45.00 17.46 -0.50
C VAL H 362 -45.15 17.73 -1.99
N ASP H 363 -46.34 17.50 -2.53
CA ASP H 363 -46.54 17.73 -3.96
C ASP H 363 -47.99 17.79 -4.34
N GLU H 364 -48.24 18.02 -5.63
CA GLU H 364 -49.60 18.15 -6.15
C GLU H 364 -50.42 16.89 -6.00
N THR H 365 -49.81 15.73 -6.20
CA THR H 365 -50.56 14.48 -6.14
C THR H 365 -51.15 14.28 -4.74
N GLN H 366 -50.34 14.49 -3.71
CA GLN H 366 -50.84 14.42 -2.30
C GLN H 366 -51.86 15.51 -1.97
N PHE H 367 -51.56 16.73 -2.39
CA PHE H 367 -52.46 17.86 -2.26
C PHE H 367 -53.85 17.51 -2.75
N LYS H 368 -53.94 16.94 -3.96
CA LYS H 368 -55.23 16.61 -4.55
C LYS H 368 -55.90 15.47 -3.80
N LYS H 369 -55.08 14.53 -3.34
CA LYS H 369 -55.59 13.38 -2.62
C LYS H 369 -56.21 13.83 -1.29
N ILE H 370 -55.55 14.74 -0.62
CA ILE H 370 -56.10 15.29 0.63
C ILE H 370 -57.42 16.02 0.41
N LEU H 371 -57.49 16.86 -0.60
CA LEU H 371 -58.74 17.55 -0.92
C LEU H 371 -59.86 16.57 -1.25
N GLY H 372 -59.51 15.48 -1.92
CA GLY H 372 -60.49 14.40 -2.16
C GLY H 372 -61.05 13.80 -0.87
N TYR H 373 -60.15 13.54 0.08
CA TYR H 373 -60.53 12.91 1.35
C TYR H 373 -61.36 13.85 2.24
N ILE H 374 -60.97 15.12 2.28
CA ILE H 374 -61.76 16.13 2.97
C ILE H 374 -63.20 16.13 2.44
N ASN H 375 -63.35 16.19 1.12
CA ASN H 375 -64.68 16.17 0.53
C ASN H 375 -65.47 14.89 0.79
N THR H 376 -64.78 13.75 0.71
CA THR H 376 -65.36 12.45 1.09
C THR H 376 -65.93 12.47 2.50
N GLY H 377 -65.20 13.06 3.46
CA GLY H 377 -65.68 13.19 4.83
C GLY H 377 -66.96 14.01 4.97
N LYS H 378 -67.00 15.16 4.32
CA LYS H 378 -68.22 15.98 4.26
C LYS H 378 -69.38 15.22 3.67
N GLN H 379 -69.12 14.43 2.64
CA GLN H 379 -70.17 13.71 1.91
C GLN H 379 -70.72 12.50 2.66
N GLU H 380 -69.95 11.92 3.57
CA GLU H 380 -70.45 10.76 4.33
C GLU H 380 -70.94 11.07 5.75
N GLY H 381 -71.08 12.35 6.07
CA GLY H 381 -71.75 12.77 7.31
C GLY H 381 -70.85 13.02 8.53
N ALA H 382 -69.54 13.18 8.34
CA ALA H 382 -68.72 13.64 9.45
C ALA H 382 -68.95 15.14 9.56
N LYS H 383 -68.74 15.68 10.75
CA LYS H 383 -69.00 17.08 11.01
C LYS H 383 -67.68 17.85 10.86
N LEU H 384 -67.62 18.73 9.86
CA LEU H 384 -66.46 19.59 9.68
C LEU H 384 -66.50 20.69 10.73
N LEU H 385 -65.44 20.79 11.52
CA LEU H 385 -65.40 21.71 12.64
C LEU H 385 -64.54 22.92 12.33
N CYS H 386 -63.53 22.76 11.49
CA CYS H 386 -62.74 23.88 10.99
C CYS H 386 -61.93 23.41 9.80
N GLY H 387 -61.30 24.34 9.11
CA GLY H 387 -60.49 24.05 7.91
C GLY H 387 -61.36 23.56 6.76
N GLY H 388 -60.89 22.56 6.05
CA GLY H 388 -61.66 21.97 4.96
C GLY H 388 -61.28 22.48 3.59
N GLY H 389 -60.28 23.34 3.51
CA GLY H 389 -59.87 23.88 2.22
C GLY H 389 -58.40 24.25 2.07
N ILE H 390 -58.14 24.89 0.96
CA ILE H 390 -56.80 25.25 0.56
C ILE H 390 -56.43 26.44 1.42
N ALA H 391 -55.20 26.45 1.94
CA ALA H 391 -54.75 27.49 2.86
C ALA H 391 -54.01 28.65 2.18
N ALA H 392 -53.46 28.43 0.99
CA ALA H 392 -52.67 29.48 0.34
C ALA H 392 -52.71 29.40 -1.17
N ASP H 393 -52.10 30.41 -1.79
CA ASP H 393 -52.12 30.51 -3.23
C ASP H 393 -51.04 29.66 -3.89
N ARG H 394 -49.78 29.96 -3.56
CA ARG H 394 -48.65 29.26 -4.16
C ARG H 394 -48.41 28.01 -3.33
N GLY H 395 -47.73 27.04 -3.91
CA GLY H 395 -47.35 25.84 -3.17
C GLY H 395 -48.54 24.96 -2.88
N TYR H 396 -48.39 24.04 -1.93
CA TYR H 396 -49.41 23.01 -1.69
C TYR H 396 -49.87 23.02 -0.22
N PHE H 397 -50.34 24.18 0.21
CA PHE H 397 -50.78 24.36 1.59
C PHE H 397 -52.26 24.02 1.77
N ILE H 398 -52.57 23.29 2.84
CA ILE H 398 -53.93 22.87 3.17
C ILE H 398 -54.25 23.33 4.59
N GLN H 399 -55.51 23.71 4.82
CA GLN H 399 -55.89 24.20 6.14
C GLN H 399 -55.95 23.03 7.10
N PRO H 400 -55.41 23.22 8.32
CA PRO H 400 -55.64 22.25 9.36
C PRO H 400 -57.12 21.94 9.44
N THR H 401 -57.47 20.67 9.28
CA THR H 401 -58.86 20.28 9.24
C THR H 401 -59.18 19.28 10.34
N VAL H 402 -60.34 19.45 10.95
CA VAL H 402 -60.80 18.61 12.05
C VAL H 402 -62.24 18.22 11.85
N PHE H 403 -62.51 16.92 11.86
CA PHE H 403 -63.84 16.36 11.79
C PHE H 403 -64.21 15.75 13.12
N GLY H 404 -65.48 15.89 13.51
CA GLY H 404 -66.01 15.29 14.72
C GLY H 404 -67.14 14.36 14.38
N ASP H 405 -67.61 13.64 15.38
CA ASP H 405 -68.70 12.69 15.21
C ASP H 405 -68.37 11.74 14.07
N VAL H 406 -67.13 11.28 14.07
CA VAL H 406 -66.66 10.33 13.09
C VAL H 406 -67.02 8.89 13.50
N GLN H 407 -67.59 8.13 12.57
CA GLN H 407 -67.97 6.74 12.80
C GLN H 407 -66.96 5.78 12.17
N ASP H 408 -66.94 4.54 12.63
CA ASP H 408 -66.01 3.53 12.17
C ASP H 408 -66.21 3.16 10.71
N GLY H 409 -67.45 3.16 10.26
CA GLY H 409 -67.79 2.78 8.89
C GLY H 409 -67.27 3.76 7.86
N MET H 410 -67.00 4.99 8.27
CA MET H 410 -66.59 6.00 7.34
C MET H 410 -65.20 5.76 6.77
N THR H 411 -65.10 5.99 5.46
CA THR H 411 -63.85 5.95 4.75
C THR H 411 -62.76 6.81 5.37
N ILE H 412 -63.06 8.01 5.85
CA ILE H 412 -62.03 8.84 6.49
C ILE H 412 -61.58 8.26 7.82
N ALA H 413 -62.36 7.34 8.35
CA ALA H 413 -61.96 6.60 9.51
C ALA H 413 -61.20 5.32 9.14
N LYS H 414 -61.12 4.96 7.87
CA LYS H 414 -60.50 3.68 7.51
C LYS H 414 -59.19 3.83 6.75
N GLU H 415 -59.07 4.86 5.91
CA GLU H 415 -57.97 4.94 4.95
C GLU H 415 -57.03 6.06 5.32
N GLU H 416 -55.77 5.86 4.97
CA GLU H 416 -54.69 6.77 5.31
C GLU H 416 -54.86 8.03 4.49
N ILE H 417 -55.06 9.16 5.15
CA ILE H 417 -55.18 10.43 4.46
C ILE H 417 -53.80 11.08 4.18
N PHE H 418 -52.86 10.98 5.13
CA PHE H 418 -51.51 11.53 4.97
C PHE H 418 -51.47 13.06 4.83
N GLY H 419 -52.36 13.73 5.56
CA GLY H 419 -52.45 15.18 5.50
C GLY H 419 -53.02 15.71 6.79
N PRO H 420 -53.10 17.04 6.94
CA PRO H 420 -53.55 17.68 8.17
C PRO H 420 -55.05 17.56 8.44
N VAL H 421 -55.51 16.34 8.64
CA VAL H 421 -56.95 16.09 8.77
C VAL H 421 -57.17 15.16 9.96
N MET H 422 -57.80 15.67 11.00
CA MET H 422 -57.96 14.93 12.26
C MET H 422 -59.34 14.34 12.34
N GLN H 423 -59.44 13.05 12.69
CA GLN H 423 -60.74 12.42 12.93
C GLN H 423 -60.96 12.25 14.42
N ILE H 424 -62.09 12.75 14.93
CA ILE H 424 -62.39 12.56 16.35
C ILE H 424 -63.61 11.66 16.50
N LEU H 425 -63.38 10.51 17.14
CA LEU H 425 -64.41 9.51 17.42
C LEU H 425 -64.70 9.46 18.94
N LYS H 426 -65.90 9.04 19.29
CA LYS H 426 -66.36 9.06 20.67
C LYS H 426 -66.61 7.63 21.10
N PHE H 427 -66.28 7.31 22.36
CA PHE H 427 -66.50 5.97 22.91
C PHE H 427 -66.90 5.96 24.37
N LYS H 428 -67.52 4.88 24.79
CA LYS H 428 -67.89 4.72 26.21
C LYS H 428 -66.86 3.90 27.02
N THR H 429 -66.66 2.63 26.64
CA THR H 429 -65.89 1.71 27.49
C THR H 429 -64.54 1.25 26.91
N ILE H 430 -63.65 0.87 27.81
CA ILE H 430 -62.34 0.36 27.46
C ILE H 430 -62.40 -0.94 26.64
N GLU H 431 -63.42 -1.77 26.89
CA GLU H 431 -63.61 -3.01 26.12
C GLU H 431 -64.00 -2.68 24.68
N GLU H 432 -65.00 -1.81 24.53
CA GLU H 432 -65.46 -1.27 23.24
C GLU H 432 -64.32 -0.67 22.39
N VAL H 433 -63.55 0.23 22.96
CA VAL H 433 -62.55 0.94 22.17
C VAL H 433 -61.38 0.04 21.70
N VAL H 434 -61.15 -1.07 22.42
CA VAL H 434 -60.14 -2.05 22.02
C VAL H 434 -60.58 -2.73 20.75
N GLY H 435 -61.83 -3.17 20.72
CA GLY H 435 -62.40 -3.76 19.51
C GLY H 435 -62.33 -2.81 18.32
N ARG H 436 -62.68 -1.56 18.57
CA ARG H 436 -62.77 -0.56 17.52
C ARG H 436 -61.38 -0.11 17.06
N ALA H 437 -60.45 0.08 17.97
CA ALA H 437 -59.10 0.41 17.58
C ALA H 437 -58.41 -0.73 16.78
N ASN H 438 -58.70 -1.99 17.14
CA ASN H 438 -58.07 -3.10 16.45
C ASN H 438 -58.75 -3.51 15.15
N ASN H 439 -59.95 -2.99 14.87
CA ASN H 439 -60.69 -3.37 13.67
C ASN H 439 -60.18 -2.58 12.47
N SER H 440 -59.11 -3.08 11.87
CA SER H 440 -58.37 -2.36 10.85
C SER H 440 -57.35 -3.33 10.29
N THR H 441 -57.07 -3.20 9.01
CA THR H 441 -56.01 -3.97 8.39
C THR H 441 -54.64 -3.32 8.63
N TYR H 442 -54.64 -2.14 9.25
CA TYR H 442 -53.40 -1.48 9.68
C TYR H 442 -53.10 -1.74 11.14
N GLY H 443 -51.83 -1.58 11.50
CA GLY H 443 -51.38 -1.75 12.88
C GLY H 443 -49.93 -1.27 13.05
N LEU H 444 -49.65 -0.03 12.66
CA LEU H 444 -48.31 0.47 12.74
C LEU H 444 -48.01 0.97 14.16
N ALA H 445 -48.94 1.75 14.69
CA ALA H 445 -48.78 2.41 15.97
C ALA H 445 -50.12 2.58 16.72
N ALA H 446 -50.01 3.13 17.92
CA ALA H 446 -51.15 3.43 18.73
C ALA H 446 -50.69 4.18 19.98
N ALA H 447 -51.64 4.81 20.65
CA ALA H 447 -51.34 5.54 21.88
C ALA H 447 -52.53 5.54 22.84
N VAL H 448 -52.21 5.76 24.11
CA VAL H 448 -53.16 5.72 25.19
C VAL H 448 -52.85 6.86 26.10
N PHE H 449 -53.86 7.65 26.43
CA PHE H 449 -53.68 8.75 27.40
C PHE H 449 -54.54 8.49 28.61
N THR H 450 -53.87 8.38 29.75
CA THR H 450 -54.51 8.04 31.03
C THR H 450 -53.53 8.20 32.18
N LYS H 451 -54.07 8.39 33.38
CA LYS H 451 -53.28 8.40 34.59
C LYS H 451 -53.29 7.03 35.28
N ASP H 452 -54.13 6.12 34.81
CA ASP H 452 -54.39 4.85 35.50
C ASP H 452 -53.43 3.75 35.03
N LEU H 453 -52.82 3.06 35.99
CA LEU H 453 -51.81 2.06 35.72
C LEU H 453 -52.41 0.88 34.96
N ASP H 454 -53.55 0.41 35.43
CA ASP H 454 -54.18 -0.79 34.90
C ASP H 454 -54.83 -0.57 33.54
N LYS H 455 -55.28 0.65 33.27
CA LYS H 455 -55.82 0.94 31.94
C LYS H 455 -54.70 1.00 30.91
N ALA H 456 -53.59 1.66 31.26
CA ALA H 456 -52.42 1.68 30.37
C ALA H 456 -51.93 0.26 30.04
N ASN H 457 -51.84 -0.60 31.04
CA ASN H 457 -51.32 -1.95 30.83
C ASN H 457 -52.32 -2.83 30.10
N TYR H 458 -53.61 -2.70 30.40
CA TYR H 458 -54.63 -3.43 29.66
C TYR H 458 -54.57 -3.12 28.15
N LEU H 459 -54.65 -1.84 27.81
CA LEU H 459 -54.65 -1.37 26.42
C LEU H 459 -53.32 -1.58 25.70
N SER H 460 -52.20 -1.28 26.34
CA SER H 460 -50.92 -1.51 25.69
C SER H 460 -50.72 -3.00 25.33
N GLN H 461 -51.42 -3.90 26.00
CA GLN H 461 -51.27 -5.29 25.67
C GLN H 461 -52.23 -5.66 24.55
N ALA H 462 -53.42 -5.10 24.59
CA ALA H 462 -54.49 -5.51 23.69
C ALA H 462 -54.40 -4.90 22.29
N LEU H 463 -53.74 -3.76 22.19
CA LEU H 463 -53.67 -3.05 20.92
C LEU H 463 -52.77 -3.81 19.96
N GLN H 464 -53.26 -4.02 18.73
CA GLN H 464 -52.50 -4.75 17.73
C GLN H 464 -51.71 -3.75 16.89
N ALA H 465 -50.58 -3.35 17.44
CA ALA H 465 -49.79 -2.28 16.86
C ALA H 465 -48.37 -2.51 17.27
N GLY H 466 -47.42 -2.18 16.40
CA GLY H 466 -46.01 -2.43 16.65
C GLY H 466 -45.39 -1.47 17.63
N THR H 467 -46.02 -0.32 17.80
CA THR H 467 -45.60 0.67 18.80
C THR H 467 -46.83 1.19 19.52
N VAL H 468 -46.78 1.13 20.84
CA VAL H 468 -47.81 1.76 21.64
C VAL H 468 -47.13 2.82 22.51
N TRP H 469 -47.59 4.06 22.37
CA TRP H 469 -47.15 5.17 23.20
C TRP H 469 -48.14 5.38 24.35
N VAL H 470 -47.62 5.62 25.56
CA VAL H 470 -48.46 5.84 26.71
C VAL H 470 -48.18 7.24 27.23
N ASN H 471 -49.21 8.08 27.22
CA ASN H 471 -49.11 9.52 27.53
C ASN H 471 -48.05 10.25 26.78
N CYS H 472 -47.82 9.85 25.53
CA CYS H 472 -46.96 10.58 24.61
C CYS H 472 -47.33 10.13 23.18
N TYR H 473 -46.66 10.70 22.17
CA TYR H 473 -46.80 10.27 20.80
C TYR H 473 -45.54 10.55 20.02
N ASP H 474 -45.27 9.77 18.97
CA ASP H 474 -44.12 10.03 18.07
C ASP H 474 -42.80 10.21 18.82
N VAL H 475 -42.58 9.36 19.81
CA VAL H 475 -41.34 9.33 20.55
C VAL H 475 -40.53 8.20 19.96
N PHE H 476 -39.51 8.57 19.18
CA PHE H 476 -38.64 7.62 18.53
C PHE H 476 -37.27 7.68 19.14
N GLY H 477 -36.63 6.53 19.16
CA GLY H 477 -35.25 6.43 19.60
C GLY H 477 -34.60 5.37 18.75
N ALA H 478 -33.37 5.64 18.33
CA ALA H 478 -32.60 4.71 17.55
C ALA H 478 -32.51 3.34 18.24
N GLN H 479 -32.58 3.34 19.57
CA GLN H 479 -32.52 2.12 20.37
C GLN H 479 -33.77 1.24 20.31
N SER H 480 -34.91 1.80 19.93
CA SER H 480 -36.19 1.11 20.07
C SER H 480 -36.82 0.72 18.75
N PRO H 481 -37.19 -0.56 18.60
CA PRO H 481 -37.61 -0.95 17.28
C PRO H 481 -38.94 -0.30 16.90
N PHE H 482 -39.20 -0.27 15.61
CA PHE H 482 -40.38 0.34 15.06
C PHE H 482 -40.77 -0.40 13.81
N GLY H 483 -42.06 -0.69 13.66
CA GLY H 483 -42.60 -1.39 12.49
C GLY H 483 -44.03 -1.83 12.67
N GLY H 484 -44.61 -2.46 11.65
CA GLY H 484 -46.04 -2.72 11.60
C GLY H 484 -46.49 -4.12 11.92
N TYR H 485 -47.67 -4.20 12.54
CA TYR H 485 -48.48 -5.41 12.58
C TYR H 485 -49.32 -5.44 11.33
N LYS H 486 -49.83 -6.62 10.98
CA LYS H 486 -50.78 -6.80 9.88
C LYS H 486 -50.24 -6.27 8.54
N MET H 487 -51.01 -5.43 7.84
CA MET H 487 -50.59 -4.88 6.56
C MET H 487 -49.89 -3.50 6.66
N SER H 488 -49.45 -3.15 7.87
CA SER H 488 -48.64 -1.95 8.05
C SER H 488 -47.14 -2.22 7.85
N GLY H 489 -46.79 -3.48 7.60
CA GLY H 489 -45.44 -3.83 7.18
C GLY H 489 -45.02 -5.20 7.65
N SER H 490 -43.74 -5.50 7.52
CA SER H 490 -43.15 -6.67 8.17
C SER H 490 -41.67 -6.46 8.43
N GLY H 491 -41.22 -6.95 9.57
CA GLY H 491 -39.88 -6.66 10.02
C GLY H 491 -39.89 -5.38 10.83
N ARG H 492 -38.73 -5.10 11.42
CA ARG H 492 -38.57 -3.99 12.34
C ARG H 492 -37.33 -3.22 11.95
N GLU H 493 -37.45 -1.89 12.01
CA GLU H 493 -36.29 -1.04 11.87
C GLU H 493 -35.91 -0.54 13.24
N LEU H 494 -34.68 -0.07 13.35
CA LEU H 494 -34.11 0.47 14.57
C LEU H 494 -33.81 -0.57 15.64
N GLY H 495 -32.88 -0.21 16.52
CA GLY H 495 -32.53 -1.02 17.67
C GLY H 495 -31.75 -2.23 17.20
N GLU H 496 -31.63 -3.23 18.08
CA GLU H 496 -30.94 -4.44 17.73
C GLU H 496 -31.72 -5.17 16.65
N TYR H 497 -33.05 -5.13 16.77
CA TYR H 497 -33.97 -5.76 15.84
C TYR H 497 -33.71 -5.34 14.40
N GLY H 498 -33.42 -4.06 14.19
CA GLY H 498 -33.03 -3.57 12.86
C GLY H 498 -31.83 -4.26 12.20
N LEU H 499 -31.02 -4.97 12.96
CA LEU H 499 -29.88 -5.65 12.40
C LEU H 499 -30.28 -7.00 11.84
N GLN H 500 -31.35 -7.57 12.35
CA GLN H 500 -31.75 -8.93 11.99
C GLN H 500 -31.88 -9.18 10.48
N ALA H 501 -32.49 -8.25 9.77
CA ALA H 501 -32.77 -8.44 8.36
C ALA H 501 -31.54 -8.17 7.47
N TYR H 502 -30.51 -7.54 8.04
CA TYR H 502 -29.30 -7.26 7.31
C TYR H 502 -28.24 -8.33 7.55
N THR H 503 -28.63 -9.40 8.24
CA THR H 503 -27.74 -10.48 8.64
C THR H 503 -28.13 -11.82 8.05
N GLU H 504 -27.13 -12.54 7.53
CA GLU H 504 -27.30 -13.91 7.08
C GLU H 504 -26.55 -14.84 8.06
N VAL H 505 -27.27 -15.82 8.58
CA VAL H 505 -26.78 -16.72 9.60
C VAL H 505 -26.20 -18.00 8.99
N LYS H 506 -24.98 -18.32 9.39
CA LYS H 506 -24.31 -19.52 8.91
C LYS H 506 -23.96 -20.35 10.10
N THR H 507 -24.30 -21.63 10.05
CA THR H 507 -23.93 -22.56 11.09
C THR H 507 -22.71 -23.33 10.65
N VAL H 508 -21.74 -23.44 11.56
CA VAL H 508 -20.59 -24.25 11.34
C VAL H 508 -20.57 -25.29 12.42
N THR H 509 -20.54 -26.57 12.02
CA THR H 509 -20.60 -27.67 12.93
C THR H 509 -19.44 -28.64 12.63
N VAL H 510 -18.53 -28.76 13.59
CA VAL H 510 -17.23 -29.40 13.41
C VAL H 510 -17.11 -30.65 14.25
N LYS H 511 -16.65 -31.76 13.67
CA LYS H 511 -16.38 -32.98 14.44
C LYS H 511 -15.19 -32.77 15.38
N VAL H 512 -15.36 -33.10 16.66
CA VAL H 512 -14.23 -33.02 17.64
C VAL H 512 -13.93 -34.37 18.28
N PRO H 513 -12.73 -34.51 18.88
CA PRO H 513 -12.36 -35.86 19.33
C PRO H 513 -13.24 -36.33 20.48
N GLN H 514 -13.43 -35.48 21.48
CA GLN H 514 -14.36 -35.76 22.58
C GLN H 514 -14.96 -34.48 23.19
N LYS H 515 -16.28 -34.39 23.16
CA LYS H 515 -16.99 -33.21 23.70
C LYS H 515 -17.09 -33.25 25.21
N ASN H 516 -16.78 -32.13 25.85
CA ASN H 516 -16.99 -31.98 27.27
C ASN H 516 -17.70 -30.64 27.50
N SER H 517 -18.56 -30.60 28.49
CA SER H 517 -19.23 -29.37 28.88
C SER H 517 -18.22 -28.24 29.12
NA NA I . 38.90 1.81 -64.49
C1 EDO J . 14.55 -4.25 -23.48
O1 EDO J . 14.17 -3.12 -24.27
C2 EDO J . 16.07 -4.34 -23.32
O2 EDO J . 16.62 -3.05 -23.06
C1 EDO K . 46.41 -11.99 -52.92
O1 EDO K . 47.77 -12.45 -53.02
C2 EDO K . 45.89 -11.75 -54.32
O2 EDO K . 45.81 -13.00 -55.00
C GAI L . 15.33 -1.55 -36.41
N1 GAI L . 15.52 -1.07 -37.64
N2 GAI L . 14.24 -2.13 -36.14
N3 GAI L . 16.27 -1.42 -35.47
C GAI M . 46.65 12.53 -40.44
N1 GAI M . 45.59 12.27 -39.66
N2 GAI M . 47.84 12.75 -39.88
N3 GAI M . 46.51 12.56 -41.70
C2 6ZE N . 40.35 13.31 -50.25
C4 6ZE N . 40.95 11.34 -48.80
C8 6ZE N . 44.46 12.55 -48.42
C11 6ZE N . 38.13 13.54 -51.13
C13 6ZE N . 38.63 11.54 -49.67
C14 6ZE N . 36.23 11.87 -50.67
C15 6ZE N . 35.36 12.69 -49.73
C16 6ZE N . 34.06 12.01 -49.45
O18 6ZE N . 37.31 14.15 -51.82
O10 6ZE N . 39.42 13.99 -50.99
C12 6ZE N . 37.67 12.30 -50.48
C17 6ZE N . 38.24 10.27 -48.98
C3 6ZE N . 40.01 12.05 -49.55
C5 6ZE N . 42.21 11.87 -48.72
C9 6ZE N . 43.49 11.49 -48.05
C20 6ZE N . 43.56 10.22 -47.23
C19 6ZE N . 45.90 12.83 -48.14
O7 6ZE N . 43.82 13.46 -49.22
C6 6ZE N . 42.57 13.12 -49.41
C1 6ZE N . 41.64 13.81 -50.16
NA NA O . -10.18 26.23 -34.90
C1 EDO P . 36.78 29.21 -32.67
O1 EDO P . 36.15 27.95 -32.36
C2 EDO P . 37.93 28.94 -33.61
O2 EDO P . 37.54 27.85 -34.49
C1 EDO Q . 46.85 22.74 -27.66
O1 EDO Q . 46.01 22.99 -26.52
C2 EDO Q . 46.08 21.94 -28.71
O2 EDO Q . 45.17 21.08 -28.02
C GAI R . 25.99 27.83 -40.26
N1 GAI R . 26.83 28.36 -41.17
N2 GAI R . 24.82 27.46 -40.59
N3 GAI R . 26.42 27.67 -39.00
C2 6ZE S . 0.29 12.90 -27.53
C4 6ZE S . 1.45 14.63 -26.14
C8 6ZE S . -0.04 13.31 -22.98
C11 6ZE S . 0.60 12.88 -29.90
C13 6ZE S . 1.83 14.66 -28.59
C14 6ZE S . 2.12 14.56 -31.19
C15 6ZE S . 3.54 14.02 -31.35
C16 6ZE S . 4.06 14.31 -32.75
O18 6ZE S . 0.31 12.32 -30.98
O10 6ZE S . 0.06 12.38 -28.76
C12 6ZE S . 1.52 14.04 -29.89
C17 6ZE S . 2.76 15.84 -28.47
C3 6ZE S . 1.21 14.08 -27.39
C5 6ZE S . 0.83 14.04 -25.06
C9 6ZE S . 0.86 14.33 -23.61
C20 6ZE S . 1.71 15.50 -23.16
C19 6ZE S . -0.47 13.03 -21.57
O7 6ZE S . -0.56 12.47 -23.98
C6 6ZE S . -0.08 12.87 -25.16
C1 6ZE S . -0.33 12.32 -26.41
NA NA T . 51.24 -18.85 -4.76
C GAI U . 50.18 15.41 -17.04
N1 GAI U . 51.29 16.12 -17.22
N2 GAI U . 49.27 15.36 -18.02
N3 GAI U . 50.01 14.80 -15.95
C2 6ZE V . 34.84 -11.76 -9.73
C4 6ZE V . 35.71 -11.65 -12.06
C8 6ZE V . 33.26 -14.21 -13.25
C11 6ZE V . 35.84 -10.36 -8.02
C13 6ZE V . 36.77 -10.20 -10.34
C14 6ZE V . 37.80 -8.71 -8.41
C15 6ZE V . 37.08 -7.36 -8.44
C16 6ZE V . 37.99 -6.20 -8.08
O18 6ZE V . 35.81 -10.03 -6.82
O10 6ZE V . 34.93 -11.29 -8.44
C12 6ZE V . 36.82 -9.76 -8.93
C17 6ZE V . 37.72 -9.65 -11.38
C3 6ZE V . 35.77 -11.21 -10.75
C5 6ZE V . 34.76 -12.60 -12.36
C9 6ZE V . 34.38 -13.31 -13.60
C20 6ZE V . 35.13 -12.99 -14.84
C19 6ZE V . 32.44 -15.17 -14.04
O7 6ZE V . 33.01 -14.04 -11.90
C6 6ZE V . 33.82 -13.16 -11.37
C1 6ZE V . 33.88 -12.73 -10.05
NA NA W . 35.49 38.80 8.51
C1 EDO X . 17.38 43.03 1.30
O1 EDO X . 16.43 42.03 1.68
C2 EDO X . 18.13 43.37 2.57
O2 EDO X . 18.37 42.16 3.28
C GAI Y . 28.90 -12.04 -20.07
N1 GAI Y . 28.91 -10.71 -20.27
N2 GAI Y . 29.62 -12.57 -19.17
N3 GAI Y . 28.13 -12.81 -20.85
C GAI Z . 23.32 6.36 -2.84
N1 GAI Z . 24.36 6.95 -2.26
N2 GAI Z . 22.75 5.29 -2.25
N3 GAI Z . 22.89 6.81 -3.92
C GAI AA . 41.55 30.06 1.34
N1 GAI AA . 41.06 31.15 0.93
N2 GAI AA . 40.99 29.41 2.37
N3 GAI AA . 42.62 29.55 0.74
C GAI BA . 33.70 35.46 -18.93
N1 GAI BA . 33.32 36.45 -19.74
N2 GAI BA . 34.31 35.69 -17.84
N3 GAI BA . 33.45 34.19 -19.29
C2 6ZE CA . 39.52 33.51 -8.91
C4 6ZE CA . 37.08 33.44 -9.50
C8 6ZE CA . 37.40 36.42 -11.75
C11 6ZE CA . 40.45 31.87 -7.37
C13 6ZE CA . 37.98 31.73 -7.94
C14 6ZE CA . 39.04 30.00 -6.27
C15 6ZE CA . 39.10 28.74 -7.14
C16 6ZE CA . 38.84 27.48 -6.34
O18 6ZE CA . 41.43 31.44 -6.75
O10 6ZE CA . 40.57 32.96 -8.20
C12 6ZE CA . 39.14 31.20 -7.18
C17 6ZE CA . 36.63 31.11 -7.78
C3 6ZE CA . 38.16 32.90 -8.80
C5 6ZE CA . 37.32 34.54 -10.31
C9 6ZE CA . 36.48 35.39 -11.18
C20 6ZE CA . 35.01 35.06 -11.32
C19 6ZE CA . 37.24 37.57 -12.71
O7 6ZE CA . 38.66 36.20 -11.23
C6 6ZE CA . 38.65 35.15 -10.42
C1 6ZE CA . 39.72 34.64 -9.72
NA NA DA . -37.10 -28.94 62.72
C1 EDO EA . -13.05 -26.23 21.75
O1 EDO EA . -12.50 -24.92 21.93
C2 EDO EA . -14.23 -26.13 20.81
O2 EDO EA . -15.25 -25.36 21.44
C1 EDO FA . -4.28 -21.83 3.95
O1 EDO FA . -4.08 -20.51 4.44
C2 EDO FA . -5.57 -21.85 3.14
O2 EDO FA . -5.25 -22.16 1.80
C GAI GA . -13.60 -25.45 34.56
N1 GAI GA . -13.76 -24.96 35.79
N2 GAI GA . -12.60 -26.16 34.26
N3 GAI GA . -14.51 -25.17 33.62
C GAI HA . -5.98 -7.92 17.26
N1 GAI HA . -5.21 -7.61 18.31
N2 GAI HA . -5.50 -8.06 16.09
N3 GAI HA . -7.29 -8.09 17.47
C GAI IA . -21.33 -20.70 58.42
N1 GAI IA . -21.62 -20.32 59.67
N2 GAI IA . -20.10 -20.49 57.94
N3 GAI IA . -22.22 -21.26 57.70
C2 6ZE JA . -40.20 -15.86 49.94
C4 6ZE JA . -40.54 -17.74 48.31
C8 6ZE JA . -44.18 -16.95 48.01
C11 6ZE JA . -38.02 -15.40 50.88
C13 6ZE JA . -38.25 -17.31 49.25
C14 6ZE JA . -35.91 -16.80 50.32
C15 6ZE JA . -35.09 -16.02 49.30
C16 6ZE JA . -33.73 -15.69 49.85
O18 6ZE JA . -37.35 -14.67 51.64
O10 6ZE JA . -39.36 -15.14 50.75
C12 6ZE JA . -37.39 -16.51 50.15
C17 6ZE JA . -37.67 -18.46 48.47
C3 6ZE JA . -39.69 -17.00 49.13
C5 6ZE JA . -41.86 -17.37 48.28
C9 6ZE JA . -43.08 -17.85 47.58
C20 6ZE JA . -43.00 -19.02 46.64
C19 6ZE JA . -45.65 -16.89 47.70
O7 6ZE JA . -43.66 -16.03 48.90
C6 6ZE JA . -42.36 -16.23 49.06
C1 6ZE JA . -41.54 -15.51 49.88
NA NA KA . 8.14 5.64 37.11
C1 EDO LA . -38.83 2.85 35.01
O1 EDO LA . -39.94 3.67 35.38
C2 EDO LA . -39.26 1.38 34.90
O2 EDO LA . -39.41 0.84 36.22
C1 EDO MA . 0.70 18.67 25.05
O1 EDO MA . 0.84 18.91 26.45
C2 EDO MA . -0.65 18.00 24.85
O2 EDO MA . -0.78 17.52 23.51
C GAI NA . -27.70 1.53 42.29
N1 GAI NA . -28.32 2.23 43.24
N2 GAI NA . -26.57 1.01 42.54
N3 GAI NA . -28.28 1.34 41.09
C2 6ZE OA . -0.75 -7.87 27.78
C4 6ZE OA . -2.15 -6.19 26.52
C8 6ZE OA . -0.43 -6.99 23.29
C11 6ZE OA . -1.04 -8.22 30.14
C13 6ZE OA . -2.52 -6.49 29.02
C14 6ZE OA . -2.76 -6.94 31.58
C15 6ZE OA . -3.88 -7.97 31.78
C16 6ZE OA . -4.75 -7.60 32.96
O18 6ZE OA . -0.69 -8.81 31.17
O10 6ZE OA . -0.43 -8.50 28.96
C12 6ZE OA . -2.11 -7.21 30.24
C17 6ZE OA . -3.62 -5.46 29.10
C3 6ZE OA . -1.83 -6.82 27.74
C5 6ZE OA . -1.44 -6.55 25.39
C9 6ZE OA . -1.47 -6.17 23.96
C20 6ZE OA . -2.45 -5.12 23.52
C19 6ZE OA . 0.11 -7.12 21.89
O7 6ZE OA . 0.15 -7.79 24.24
C6 6ZE OA . -0.38 -7.57 25.43
C1 6ZE OA . -0.06 -8.21 26.61
NA NA PA . -47.20 -42.75 0.39
C1 EDO QA . -48.28 -4.39 28.58
O1 EDO QA . -47.31 -3.47 28.06
C2 EDO QA . -47.62 -5.15 29.72
O2 EDO QA . -46.63 -6.01 29.17
C1 EDO RA . -11.52 -17.49 2.40
O1 EDO RA . -12.19 -17.63 3.67
C2 EDO RA . -10.48 -16.38 2.46
O2 EDO RA . -9.56 -16.68 3.52
C1 EDO SA . -49.76 -53.00 1.05
O1 EDO SA . -48.60 -52.98 0.18
C2 EDO SA . -50.15 -51.60 1.52
O2 EDO SA . -49.18 -51.15 2.48
C GAI TA . -50.60 -10.32 17.35
N1 GAI TA . -51.63 -9.57 17.76
N2 GAI TA . -49.53 -10.42 18.14
N3 GAI TA . -50.65 -10.90 16.23
C GAI UA . -36.77 10.90 22.35
N1 GAI UA . -36.76 11.70 23.41
N2 GAI UA . -36.16 9.79 22.35
N3 GAI UA . -37.42 11.28 21.25
C GAI VA . -51.24 -47.53 19.16
N1 GAI VA . -51.61 -46.70 20.02
N2 GAI VA . -50.73 -48.70 19.52
N3 GAI VA . -51.34 -47.22 17.88
C2 6ZE WA . -31.73 -34.27 6.46
C4 6ZE WA . -32.62 -34.49 8.80
C8 6ZE WA . -29.91 -36.91 9.72
C11 6ZE WA . -32.82 -32.82 4.85
C13 6ZE WA . -33.80 -32.97 7.19
C14 6ZE WA . -34.92 -31.41 5.40
C15 6ZE WA . -34.48 -30.04 5.92
C16 6ZE WA . -35.22 -28.91 5.23
O18 6ZE WA . -32.84 -32.35 3.69
O10 6ZE WA . -31.83 -33.71 5.23
C12 6ZE WA . -33.85 -32.41 5.82
C17 6ZE WA . -34.82 -32.60 8.23
C3 6ZE WA . -32.72 -33.93 7.53
C5 6ZE WA . -31.57 -35.36 9.03
C9 6ZE WA . -31.12 -36.16 10.19
C20 6ZE WA . -31.90 -36.06 11.47
C19 6ZE WA . -28.95 -37.89 10.34
O7 6ZE WA . -29.69 -36.57 8.41
C6 6ZE WA . -30.61 -35.71 7.98
C1 6ZE WA . -30.70 -35.18 6.72
NA NA XA . -39.47 18.60 -3.91
C GAI YA . -23.03 -13.70 2.13
N1 GAI YA . -24.06 -13.08 1.76
N2 GAI YA . -22.49 -14.66 1.39
N3 GAI YA . -22.48 -13.39 3.30
C2 6ZE ZA . -42.54 9.96 12.13
C4 6ZE ZA . -40.11 10.30 12.67
C8 6ZE ZA . -40.90 12.70 15.44
C11 6ZE ZA . -43.17 8.47 10.33
C13 6ZE ZA . -40.71 8.76 10.81
C14 6ZE ZA . -41.48 7.16 8.88
C15 6ZE ZA . -41.93 5.76 9.27
C16 6ZE ZA . -40.82 4.78 9.15
O18 6ZE ZA . -44.10 7.96 9.65
O10 6ZE ZA . -43.48 9.34 11.36
C12 6ZE ZA . -41.77 8.13 10.01
C17 6ZE ZA . -39.26 8.44 10.54
C3 6ZE ZA . -41.08 9.68 11.89
C5 6ZE ZA . -40.53 11.16 13.65
C9 6ZE ZA . -39.83 11.97 14.67
C20 6ZE ZA . -38.33 11.89 14.64
C19 6ZE ZA . -40.90 13.67 16.60
O7 6ZE ZA . -42.11 12.31 14.92
C6 6ZE ZA . -41.95 11.46 13.91
C1 6ZE ZA . -42.92 10.84 13.13
#